data_5LSD
#
_entry.id   5LSD
#
_entity_poly.entity_id   1
_entity_poly.type   'polypeptide(L)'
_entity_poly.pdbx_seq_one_letter_code
;SSTHPVFHMGEFSVCDSVSVWVGDKTTATDIKGKEVTVLAEVNINNSVFRQYFFETKCRASNPVESGCRGIDSKHWNSYC
TTTHTFVKALTTDEKQAAWRFIRIDTACVCVLSRKATR
;
_entity_poly.pdbx_strand_id   A,B
#
# COMPACT_ATOMS: atom_id res chain seq x y z
N SER A 1 28.51 -18.87 -8.91
CA SER A 1 27.57 -20.01 -8.85
C SER A 1 26.23 -19.62 -9.46
N SER A 2 25.68 -20.50 -10.29
CA SER A 2 24.41 -20.24 -10.95
C SER A 2 23.26 -20.91 -10.20
N THR A 3 23.48 -21.22 -8.94
CA THR A 3 22.48 -21.88 -8.12
C THR A 3 21.50 -20.88 -7.51
N HIS A 4 21.05 -19.95 -8.33
CA HIS A 4 20.07 -18.95 -7.90
C HIS A 4 19.15 -18.58 -9.06
N PRO A 5 17.88 -19.00 -9.00
CA PRO A 5 16.90 -18.68 -10.04
C PRO A 5 16.27 -17.30 -9.84
N VAL A 6 17.12 -16.33 -9.47
CA VAL A 6 16.68 -14.97 -9.18
C VAL A 6 15.57 -15.00 -8.13
N PHE A 7 15.83 -15.76 -7.06
CA PHE A 7 14.86 -16.01 -5.99
C PHE A 7 13.65 -16.80 -6.52
N HIS A 8 12.86 -16.13 -7.34
CA HIS A 8 11.68 -16.73 -7.95
C HIS A 8 11.47 -16.09 -9.32
N MET A 9 12.54 -16.09 -10.11
CA MET A 9 12.60 -15.44 -11.43
C MET A 9 12.01 -14.03 -11.37
N GLY A 10 12.29 -13.34 -10.28
CA GLY A 10 11.74 -12.02 -10.04
C GLY A 10 11.67 -11.73 -8.56
N GLU A 11 10.53 -11.17 -8.11
CA GLU A 11 10.27 -10.88 -6.70
C GLU A 11 11.11 -9.69 -6.20
N PHE A 12 12.39 -9.66 -6.57
CA PHE A 12 13.26 -8.54 -6.23
C PHE A 12 12.72 -7.27 -6.88
N SER A 13 12.84 -6.16 -6.18
CA SER A 13 12.34 -4.90 -6.69
C SER A 13 13.46 -3.87 -6.79
N VAL A 14 13.17 -2.71 -7.34
CA VAL A 14 14.15 -1.63 -7.48
C VAL A 14 14.65 -1.19 -6.10
N CYS A 15 13.81 -1.34 -5.11
CA CYS A 15 14.13 -0.97 -3.74
C CYS A 15 13.67 -2.09 -2.81
N ASP A 16 14.29 -2.17 -1.63
CA ASP A 16 13.95 -3.21 -0.66
C ASP A 16 12.95 -2.68 0.35
N SER A 17 11.76 -3.27 0.34
CA SER A 17 10.70 -2.86 1.24
C SER A 17 10.38 -3.96 2.24
N VAL A 18 9.96 -3.57 3.43
CA VAL A 18 9.57 -4.51 4.45
C VAL A 18 8.14 -4.25 4.91
N SER A 19 7.27 -5.21 4.71
CA SER A 19 5.86 -5.06 5.07
C SER A 19 5.58 -5.84 6.36
N VAL A 20 5.21 -5.12 7.40
CA VAL A 20 4.96 -5.73 8.70
C VAL A 20 3.53 -5.48 9.14
N TRP A 21 2.90 -6.50 9.70
CA TRP A 21 1.57 -6.34 10.25
C TRP A 21 1.69 -5.97 11.72
N VAL A 22 1.63 -4.67 11.97
CA VAL A 22 1.85 -4.13 13.30
C VAL A 22 0.56 -4.09 14.09
N GLY A 23 0.60 -4.62 15.30
CA GLY A 23 -0.53 -4.51 16.19
C GLY A 23 -0.17 -3.68 17.40
N ASP A 24 1.13 -3.49 17.61
CA ASP A 24 1.63 -2.78 18.78
C ASP A 24 1.74 -1.29 18.49
N LYS A 25 0.99 -0.82 17.51
CA LYS A 25 0.95 0.58 17.19
C LYS A 25 0.09 1.29 18.22
N THR A 26 0.71 2.12 19.05
CA THR A 26 0.00 2.75 20.15
C THR A 26 -0.44 4.17 19.80
N THR A 27 0.14 4.74 18.77
CA THR A 27 -0.17 6.10 18.36
C THR A 27 -0.13 6.24 16.85
N ALA A 28 -1.08 6.99 16.32
CA ALA A 28 -1.12 7.28 14.90
C ALA A 28 -1.85 8.59 14.67
N THR A 29 -1.54 9.25 13.57
CA THR A 29 -2.15 10.53 13.26
C THR A 29 -3.33 10.34 12.33
N ASP A 30 -4.51 10.76 12.77
CA ASP A 30 -5.71 10.75 11.94
C ASP A 30 -5.56 11.75 10.80
N ILE A 31 -6.38 11.58 9.77
CA ILE A 31 -6.31 12.41 8.57
C ILE A 31 -6.54 13.89 8.90
N LYS A 32 -7.25 14.15 10.00
CA LYS A 32 -7.54 15.51 10.42
C LYS A 32 -6.37 16.10 11.19
N GLY A 33 -5.34 15.29 11.40
CA GLY A 33 -4.15 15.75 12.09
C GLY A 33 -4.23 15.50 13.58
N LYS A 34 -5.03 14.51 13.97
CA LYS A 34 -5.21 14.19 15.37
C LYS A 34 -4.33 12.99 15.74
N GLU A 35 -3.42 13.20 16.68
CA GLU A 35 -2.59 12.10 17.17
C GLU A 35 -3.41 11.29 18.16
N VAL A 36 -3.71 10.06 17.80
CA VAL A 36 -4.61 9.24 18.58
C VAL A 36 -3.93 7.95 19.01
N THR A 37 -4.46 7.38 20.09
CA THR A 37 -3.96 6.14 20.61
C THR A 37 -4.62 4.96 19.90
N VAL A 38 -3.80 4.16 19.25
CA VAL A 38 -4.29 3.05 18.46
C VAL A 38 -4.41 1.79 19.31
N LEU A 39 -5.49 1.06 19.10
CA LEU A 39 -5.73 -0.17 19.83
C LEU A 39 -5.35 -1.37 18.98
N ALA A 40 -4.69 -2.34 19.59
CA ALA A 40 -4.27 -3.55 18.88
C ALA A 40 -5.49 -4.38 18.49
N GLU A 41 -6.53 -4.24 19.29
CA GLU A 41 -7.78 -4.96 19.07
C GLU A 41 -8.92 -3.97 19.12
N VAL A 42 -9.89 -4.14 18.24
CA VAL A 42 -11.01 -3.21 18.18
C VAL A 42 -12.12 -3.67 19.11
N ASN A 43 -12.39 -2.86 20.12
CA ASN A 43 -13.47 -3.13 21.05
C ASN A 43 -14.65 -2.22 20.73
N ILE A 44 -15.63 -2.78 20.03
CA ILE A 44 -16.81 -2.00 19.66
C ILE A 44 -17.80 -1.98 20.82
N ASN A 45 -18.57 -3.05 20.96
CA ASN A 45 -19.46 -3.21 22.10
C ASN A 45 -19.17 -4.52 22.80
N ASN A 46 -19.49 -5.61 22.12
CA ASN A 46 -19.23 -6.94 22.66
C ASN A 46 -18.51 -7.79 21.61
N SER A 47 -17.66 -7.14 20.82
CA SER A 47 -16.93 -7.82 19.77
C SER A 47 -15.50 -7.29 19.70
N VAL A 48 -14.54 -8.19 19.81
CA VAL A 48 -13.13 -7.82 19.79
C VAL A 48 -12.43 -8.47 18.60
N PHE A 49 -11.89 -7.64 17.71
CA PHE A 49 -11.18 -8.15 16.54
C PHE A 49 -9.75 -7.64 16.52
N ARG A 50 -8.81 -8.52 16.22
CA ARG A 50 -7.41 -8.13 16.08
C ARG A 50 -7.20 -7.52 14.70
N GLN A 51 -7.05 -6.21 14.65
CA GLN A 51 -7.05 -5.50 13.38
C GLN A 51 -5.68 -5.54 12.69
N TYR A 52 -4.63 -5.10 13.38
CA TYR A 52 -3.28 -5.02 12.82
C TYR A 52 -3.21 -4.02 11.65
N PHE A 53 -1.99 -3.60 11.32
CA PHE A 53 -1.77 -2.69 10.20
C PHE A 53 -0.60 -3.15 9.35
N PHE A 54 -0.80 -3.19 8.05
CA PHE A 54 0.27 -3.57 7.14
C PHE A 54 1.13 -2.35 6.81
N GLU A 55 2.22 -2.20 7.55
CA GLU A 55 3.11 -1.07 7.34
C GLU A 55 4.32 -1.51 6.54
N THR A 56 4.41 -0.99 5.32
CA THR A 56 5.51 -1.32 4.43
C THR A 56 6.54 -0.19 4.44
N LYS A 57 7.65 -0.45 5.11
CA LYS A 57 8.69 0.55 5.28
C LYS A 57 9.85 0.28 4.35
N CYS A 58 10.71 1.27 4.18
CA CYS A 58 11.89 1.13 3.35
C CYS A 58 13.04 0.57 4.17
N ARG A 59 13.53 -0.60 3.76
CA ARG A 59 14.68 -1.21 4.41
C ARG A 59 15.93 -0.40 4.10
N ALA A 60 15.92 0.22 2.93
CA ALA A 60 17.00 1.09 2.50
C ALA A 60 16.41 2.23 1.68
N SER A 61 16.87 3.44 1.95
CA SER A 61 16.42 4.61 1.20
C SER A 61 17.12 4.67 -0.15
N ASN A 62 18.26 4.01 -0.21
CA ASN A 62 19.04 3.88 -1.43
C ASN A 62 19.74 2.52 -1.44
N PRO A 63 19.14 1.51 -2.10
CA PRO A 63 19.72 0.16 -2.17
C PRO A 63 21.13 0.18 -2.73
N VAL A 64 21.38 1.10 -3.65
CA VAL A 64 22.72 1.30 -4.19
C VAL A 64 23.17 2.73 -3.95
N GLU A 65 24.46 2.94 -3.89
CA GLU A 65 25.03 4.26 -3.60
C GLU A 65 24.98 5.15 -4.85
N SER A 66 23.75 5.50 -5.24
CA SER A 66 23.51 6.33 -6.41
C SER A 66 22.01 6.55 -6.58
N GLY A 67 21.23 5.55 -6.21
CA GLY A 67 19.78 5.65 -6.30
C GLY A 67 19.12 4.30 -6.08
N CYS A 68 18.51 3.76 -7.12
CA CYS A 68 17.88 2.45 -7.04
C CYS A 68 18.57 1.49 -8.00
N ARG A 69 18.39 0.19 -7.77
CA ARG A 69 19.04 -0.85 -8.57
C ARG A 69 18.51 -0.86 -9.98
N GLY A 70 19.42 -0.89 -10.95
CA GLY A 70 19.01 -0.93 -12.35
C GLY A 70 18.88 0.45 -12.96
N ILE A 71 18.55 1.43 -12.14
CA ILE A 71 18.32 2.79 -12.60
C ILE A 71 19.62 3.45 -13.04
N ASP A 72 19.57 4.12 -14.19
CA ASP A 72 20.69 4.93 -14.64
C ASP A 72 20.83 6.15 -13.74
N SER A 73 21.69 6.03 -12.75
CA SER A 73 21.81 7.05 -11.71
C SER A 73 22.60 8.26 -12.21
N LYS A 74 22.89 8.30 -13.50
CA LYS A 74 23.57 9.43 -14.10
C LYS A 74 22.56 10.45 -14.59
N HIS A 75 21.47 9.95 -15.16
CA HIS A 75 20.40 10.80 -15.66
C HIS A 75 19.25 10.85 -14.66
N TRP A 76 19.11 9.78 -13.90
CA TRP A 76 18.02 9.68 -12.95
C TRP A 76 18.56 9.56 -11.53
N ASN A 77 18.15 10.48 -10.68
CA ASN A 77 18.41 10.39 -9.25
C ASN A 77 17.23 9.71 -8.59
N SER A 78 17.51 8.77 -7.71
CA SER A 78 16.46 7.94 -7.14
C SER A 78 16.58 7.86 -5.63
N TYR A 79 15.45 7.72 -4.97
CA TYR A 79 15.42 7.41 -3.55
C TYR A 79 14.07 6.79 -3.19
N CYS A 80 14.08 5.97 -2.16
CA CYS A 80 12.89 5.24 -1.74
C CYS A 80 12.06 6.06 -0.76
N THR A 81 10.87 6.43 -1.19
CA THR A 81 9.94 7.20 -0.38
C THR A 81 8.85 6.29 0.18
N THR A 82 8.65 6.33 1.47
CA THR A 82 7.61 5.55 2.09
C THR A 82 6.29 6.30 2.04
N THR A 83 5.32 5.75 1.32
CA THR A 83 4.05 6.41 1.11
C THR A 83 3.12 6.18 2.31
N HIS A 84 2.50 7.26 2.76
CA HIS A 84 1.61 7.19 3.91
C HIS A 84 0.15 7.25 3.45
N THR A 85 -0.68 6.40 4.03
CA THR A 85 -2.09 6.40 3.72
C THR A 85 -2.90 6.38 5.00
N PHE A 86 -4.18 6.71 4.92
CA PHE A 86 -5.01 6.80 6.09
C PHE A 86 -5.98 5.63 6.15
N VAL A 87 -5.84 4.82 7.17
CA VAL A 87 -6.63 3.60 7.29
C VAL A 87 -7.66 3.69 8.41
N LYS A 88 -8.85 3.19 8.11
CA LYS A 88 -9.95 3.14 9.05
C LYS A 88 -9.65 2.19 10.21
N ALA A 89 -9.32 2.76 11.35
CA ALA A 89 -9.00 2.02 12.56
C ALA A 89 -9.79 2.54 13.74
N LEU A 90 -10.06 1.67 14.70
CA LEU A 90 -10.67 2.11 15.95
C LEU A 90 -9.59 2.67 16.86
N THR A 91 -9.61 3.97 17.06
CA THR A 91 -8.58 4.63 17.84
C THR A 91 -9.21 5.50 18.91
N THR A 92 -8.46 5.76 19.97
CA THR A 92 -8.97 6.61 21.04
C THR A 92 -8.09 7.85 21.17
N ASP A 93 -8.71 9.02 21.07
CA ASP A 93 -8.00 10.28 21.17
C ASP A 93 -7.65 10.56 22.62
N GLU A 94 -8.34 9.88 23.54
CA GLU A 94 -8.08 9.99 24.95
C GLU A 94 -8.78 8.86 25.70
N LYS A 95 -10.10 8.95 25.81
CA LYS A 95 -10.89 7.94 26.49
C LYS A 95 -12.14 7.60 25.70
N GLN A 96 -12.08 7.81 24.39
CA GLN A 96 -13.22 7.51 23.51
C GLN A 96 -12.74 6.78 22.26
N ALA A 97 -13.03 5.49 22.20
CA ALA A 97 -12.68 4.69 21.03
C ALA A 97 -13.63 5.00 19.87
N ALA A 98 -13.06 5.48 18.79
CA ALA A 98 -13.84 5.86 17.62
C ALA A 98 -13.12 5.45 16.34
N TRP A 99 -13.90 5.17 15.30
CA TRP A 99 -13.34 4.78 14.02
C TRP A 99 -12.80 5.99 13.27
N ARG A 100 -11.49 6.05 13.14
CA ARG A 100 -10.83 7.16 12.48
C ARG A 100 -9.94 6.64 11.37
N PHE A 101 -9.31 7.56 10.65
CA PHE A 101 -8.43 7.19 9.56
C PHE A 101 -7.01 7.64 9.87
N ILE A 102 -6.13 6.69 10.14
CA ILE A 102 -4.82 7.02 10.64
C ILE A 102 -3.74 6.68 9.63
N ARG A 103 -2.72 7.51 9.58
CA ARG A 103 -1.64 7.37 8.60
C ARG A 103 -0.72 6.22 8.94
N ILE A 104 -0.65 5.26 8.02
CA ILE A 104 0.31 4.18 8.10
C ILE A 104 1.16 4.17 6.84
N ASP A 105 2.31 3.53 6.91
CA ASP A 105 3.16 3.39 5.75
C ASP A 105 2.66 2.25 4.90
N THR A 106 2.18 2.55 3.70
CA THR A 106 1.54 1.53 2.88
C THR A 106 2.51 0.91 1.88
N ALA A 107 3.48 1.69 1.41
CA ALA A 107 4.41 1.21 0.41
C ALA A 107 5.72 1.99 0.43
N CYS A 108 6.72 1.45 -0.24
CA CYS A 108 8.01 2.10 -0.38
C CYS A 108 8.34 2.21 -1.86
N VAL A 109 8.24 3.42 -2.39
CA VAL A 109 8.36 3.63 -3.83
C VAL A 109 9.70 4.26 -4.18
N CYS A 110 10.28 3.84 -5.29
CA CYS A 110 11.49 4.47 -5.78
C CYS A 110 11.10 5.60 -6.71
N VAL A 111 11.41 6.82 -6.31
CA VAL A 111 11.08 7.97 -7.13
C VAL A 111 12.27 8.36 -7.99
N LEU A 112 11.98 8.83 -9.19
CA LEU A 112 13.02 9.20 -10.14
C LEU A 112 12.99 10.70 -10.38
N SER A 113 14.18 11.29 -10.45
CA SER A 113 14.31 12.69 -10.77
C SER A 113 15.39 12.87 -11.82
N ARG A 114 15.24 13.87 -12.68
CA ARG A 114 16.24 14.13 -13.71
C ARG A 114 17.44 14.88 -13.13
N LYS A 115 17.44 15.01 -11.80
CA LYS A 115 18.50 15.70 -11.04
C LYS A 115 18.86 17.05 -11.66
N ALA A 116 17.84 17.72 -12.18
CA ALA A 116 18.02 19.02 -12.81
C ALA A 116 17.06 20.02 -12.18
N THR A 117 17.60 20.96 -11.42
CA THR A 117 16.79 21.97 -10.78
C THR A 117 16.49 23.11 -11.74
N ARG A 118 15.35 23.76 -11.54
CA ARG A 118 14.94 24.87 -12.39
C ARG A 118 14.67 26.10 -11.53
N SER B 1 12.24 22.50 -24.23
CA SER B 1 11.89 23.51 -23.23
C SER B 1 12.27 23.03 -21.83
N SER B 2 12.88 23.91 -21.05
CA SER B 2 13.31 23.55 -19.71
C SER B 2 12.29 24.03 -18.67
N THR B 3 11.07 24.27 -19.12
CA THR B 3 10.00 24.75 -18.25
C THR B 3 9.33 23.60 -17.51
N HIS B 4 10.14 22.68 -16.98
CA HIS B 4 9.64 21.57 -16.21
C HIS B 4 10.63 21.19 -15.11
N PRO B 5 10.28 21.46 -13.85
CA PRO B 5 11.14 21.12 -12.71
C PRO B 5 10.96 19.67 -12.27
N VAL B 6 10.86 18.78 -13.26
CA VAL B 6 10.64 17.35 -13.01
C VAL B 6 9.39 17.18 -12.14
N PHE B 7 8.32 17.88 -12.53
CA PHE B 7 7.06 17.92 -11.78
C PHE B 7 7.27 18.61 -10.42
N HIS B 8 8.00 17.94 -9.54
CA HIS B 8 8.29 18.45 -8.22
C HIS B 8 9.65 17.91 -7.80
N MET B 9 10.64 18.09 -8.68
CA MET B 9 12.00 17.55 -8.52
C MET B 9 11.97 16.08 -8.08
N GLY B 10 11.02 15.35 -8.66
CA GLY B 10 10.82 13.96 -8.29
C GLY B 10 9.39 13.55 -8.53
N GLU B 11 8.79 12.84 -7.57
CA GLU B 11 7.39 12.40 -7.63
C GLU B 11 7.19 11.27 -8.65
N PHE B 12 7.79 11.42 -9.83
CA PHE B 12 7.75 10.37 -10.85
C PHE B 12 8.40 9.11 -10.31
N SER B 13 7.87 7.96 -10.67
CA SER B 13 8.40 6.71 -10.19
C SER B 13 8.81 5.82 -11.37
N VAL B 14 9.40 4.67 -11.06
CA VAL B 14 9.84 3.73 -12.09
C VAL B 14 8.64 3.23 -12.90
N CYS B 15 7.48 3.21 -12.26
CA CYS B 15 6.25 2.77 -12.88
C CYS B 15 5.14 3.75 -12.54
N ASP B 16 4.10 3.79 -13.37
CA ASP B 16 2.99 4.71 -13.13
C ASP B 16 1.85 4.00 -12.42
N SER B 17 1.58 4.45 -11.20
CA SER B 17 0.54 3.85 -10.37
C SER B 17 -0.61 4.82 -10.18
N VAL B 18 -1.81 4.30 -10.03
CA VAL B 18 -2.99 5.10 -9.78
C VAL B 18 -3.67 4.65 -8.50
N SER B 19 -3.74 5.53 -7.51
CA SER B 19 -4.36 5.19 -6.23
C SER B 19 -5.74 5.83 -6.16
N VAL B 20 -6.76 4.98 -6.06
CA VAL B 20 -8.13 5.46 -6.03
C VAL B 20 -8.82 5.03 -4.74
N TRP B 21 -9.58 5.92 -4.14
CA TRP B 21 -10.36 5.58 -2.97
C TRP B 21 -11.74 5.10 -3.42
N VAL B 22 -11.87 3.78 -3.53
CA VAL B 22 -13.06 3.17 -4.07
C VAL B 22 -14.08 2.91 -2.96
N GLY B 23 -15.31 3.36 -3.20
CA GLY B 23 -16.39 3.04 -2.29
C GLY B 23 -17.41 2.15 -2.97
N ASP B 24 -17.35 2.10 -4.29
CA ASP B 24 -18.32 1.36 -5.08
C ASP B 24 -17.86 -0.09 -5.26
N LYS B 25 -17.00 -0.55 -4.37
CA LYS B 25 -16.55 -1.92 -4.39
C LYS B 25 -17.65 -2.81 -3.83
N THR B 26 -18.26 -3.62 -4.68
CA THR B 26 -19.41 -4.41 -4.27
C THR B 26 -19.00 -5.84 -3.90
N THR B 27 -17.82 -6.25 -4.31
CA THR B 27 -17.35 -7.59 -4.05
C THR B 27 -15.85 -7.61 -3.79
N ALA B 28 -15.45 -8.41 -2.82
CA ALA B 28 -14.04 -8.60 -2.53
C ALA B 28 -13.81 -9.95 -1.88
N THR B 29 -12.62 -10.49 -2.04
CA THR B 29 -12.30 -11.78 -1.49
C THR B 29 -11.64 -11.66 -0.13
N ASP B 30 -12.25 -12.24 0.88
CA ASP B 30 -11.69 -12.29 2.22
C ASP B 30 -10.44 -13.17 2.22
N ILE B 31 -9.60 -13.01 3.24
CA ILE B 31 -8.34 -13.73 3.33
C ILE B 31 -8.56 -15.24 3.37
N LYS B 32 -9.73 -15.67 3.81
CA LYS B 32 -10.07 -17.08 3.87
C LYS B 32 -10.54 -17.59 2.52
N GLY B 33 -10.61 -16.70 1.55
CA GLY B 33 -11.02 -17.09 0.22
C GLY B 33 -12.52 -16.97 0.02
N LYS B 34 -13.15 -16.11 0.81
CA LYS B 34 -14.59 -15.92 0.73
C LYS B 34 -14.91 -14.68 -0.09
N GLU B 35 -15.61 -14.85 -1.18
CA GLU B 35 -16.04 -13.72 -1.99
C GLU B 35 -17.26 -13.09 -1.32
N VAL B 36 -17.08 -11.86 -0.84
CA VAL B 36 -18.11 -11.22 -0.04
C VAL B 36 -18.53 -9.90 -0.67
N THR B 37 -19.73 -9.47 -0.32
CA THR B 37 -20.28 -8.23 -0.81
C THR B 37 -19.83 -7.09 0.09
N VAL B 38 -19.12 -6.15 -0.50
CA VAL B 38 -18.54 -5.04 0.24
C VAL B 38 -19.52 -3.88 0.29
N LEU B 39 -19.61 -3.25 1.45
CA LEU B 39 -20.50 -2.12 1.66
C LEU B 39 -19.71 -0.82 1.56
N ALA B 40 -20.28 0.16 0.88
CA ALA B 40 -19.63 1.46 0.73
C ALA B 40 -19.56 2.19 2.07
N GLU B 41 -20.53 1.89 2.91
CA GLU B 41 -20.62 2.46 4.23
C GLU B 41 -20.79 1.35 5.26
N VAL B 42 -20.14 1.48 6.39
CA VAL B 42 -20.21 0.45 7.41
C VAL B 42 -21.38 0.71 8.35
N ASN B 43 -22.33 -0.20 8.33
CA ASN B 43 -23.48 -0.14 9.22
C ASN B 43 -23.29 -1.13 10.36
N ILE B 44 -22.86 -0.64 11.51
CA ILE B 44 -22.64 -1.50 12.66
C ILE B 44 -23.97 -1.73 13.38
N ASN B 45 -24.35 -0.76 14.20
CA ASN B 45 -25.66 -0.81 14.86
C ASN B 45 -26.41 0.48 14.55
N ASN B 46 -25.92 1.57 15.10
CA ASN B 46 -26.53 2.89 14.87
C ASN B 46 -25.47 3.89 14.45
N SER B 47 -24.47 3.40 13.73
CA SER B 47 -23.36 4.24 13.28
C SER B 47 -22.98 3.87 11.86
N VAL B 48 -22.98 4.87 10.98
CA VAL B 48 -22.65 4.66 9.58
C VAL B 48 -21.41 5.47 9.19
N PHE B 49 -20.36 4.79 8.77
CA PHE B 49 -19.13 5.46 8.36
C PHE B 49 -18.79 5.10 6.91
N ARG B 50 -18.41 6.11 6.14
CA ARG B 50 -17.96 5.90 4.77
C ARG B 50 -16.51 5.42 4.79
N GLN B 51 -16.31 4.14 4.53
CA GLN B 51 -14.99 3.55 4.72
C GLN B 51 -14.06 3.79 3.53
N TYR B 52 -14.49 3.40 2.32
CA TYR B 52 -13.66 3.53 1.11
C TYR B 52 -12.41 2.64 1.20
N PHE B 53 -11.81 2.37 0.03
CA PHE B 53 -10.59 1.59 -0.04
C PHE B 53 -9.59 2.24 -0.97
N PHE B 54 -8.35 2.38 -0.51
CA PHE B 54 -7.30 2.94 -1.33
C PHE B 54 -6.69 1.85 -2.21
N GLU B 55 -7.19 1.75 -3.44
CA GLU B 55 -6.69 0.75 -4.37
C GLU B 55 -5.72 1.39 -5.35
N THR B 56 -4.47 0.99 -5.24
CA THR B 56 -3.41 1.49 -6.10
C THR B 56 -3.12 0.50 -7.21
N LYS B 57 -3.57 0.82 -8.40
CA LYS B 57 -3.45 -0.08 -9.54
C LYS B 57 -2.34 0.39 -10.46
N CYS B 58 -1.91 -0.48 -11.35
CA CYS B 58 -0.89 -0.14 -12.33
C CYS B 58 -1.52 0.49 -13.56
N ARG B 59 -1.14 1.72 -13.85
CA ARG B 59 -1.61 2.40 -15.05
C ARG B 59 -0.99 1.75 -16.28
N ALA B 60 0.21 1.25 -16.09
CA ALA B 60 0.93 0.53 -17.13
C ALA B 60 1.72 -0.60 -16.50
N SER B 61 1.68 -1.77 -17.11
CA SER B 61 2.44 -2.91 -16.62
C SER B 61 3.89 -2.78 -17.05
N ASN B 62 4.11 -2.00 -18.10
CA ASN B 62 5.44 -1.70 -18.59
C ASN B 62 5.45 -0.28 -19.14
N PRO B 63 5.87 0.73 -18.34
CA PRO B 63 5.90 2.12 -18.76
C PRO B 63 6.73 2.32 -20.03
N VAL B 64 7.76 1.50 -20.18
CA VAL B 64 8.56 1.50 -21.38
C VAL B 64 8.56 0.11 -22.00
N GLU B 65 8.78 0.03 -23.30
CA GLU B 65 8.75 -1.24 -24.02
C GLU B 65 10.04 -2.02 -23.80
N SER B 66 10.23 -2.46 -22.57
CA SER B 66 11.40 -3.22 -22.17
C SER B 66 11.31 -3.60 -20.69
N GLY B 67 10.69 -2.71 -19.90
CA GLY B 67 10.51 -2.96 -18.49
C GLY B 67 10.03 -1.73 -17.77
N CYS B 68 10.87 -1.17 -16.91
CA CYS B 68 10.55 0.06 -16.19
C CYS B 68 11.51 1.17 -16.59
N ARG B 69 11.12 2.41 -16.33
CA ARG B 69 11.91 3.57 -16.73
C ARG B 69 13.20 3.64 -15.91
N GLY B 70 14.32 3.83 -16.60
CA GLY B 70 15.60 3.96 -15.93
C GLY B 70 16.32 2.63 -15.78
N ILE B 71 15.53 1.56 -15.73
CA ILE B 71 16.08 0.22 -15.54
C ILE B 71 16.83 -0.26 -16.77
N ASP B 72 18.01 -0.83 -16.56
CA ASP B 72 18.75 -1.47 -17.64
C ASP B 72 18.03 -2.73 -18.06
N SER B 73 17.22 -2.61 -19.10
CA SER B 73 16.33 -3.70 -19.51
C SER B 73 17.08 -4.77 -20.29
N LYS B 74 18.40 -4.67 -20.31
CA LYS B 74 19.24 -5.66 -20.96
C LYS B 74 19.63 -6.74 -19.96
N HIS B 75 19.92 -6.32 -18.74
CA HIS B 75 20.29 -7.25 -17.68
C HIS B 75 19.10 -7.49 -16.75
N TRP B 76 18.22 -6.51 -16.67
CA TRP B 76 17.06 -6.61 -15.80
C TRP B 76 15.77 -6.55 -16.60
N ASN B 77 14.95 -7.58 -16.45
CA ASN B 77 13.61 -7.58 -16.99
C ASN B 77 12.67 -7.08 -15.91
N SER B 78 11.76 -6.19 -16.28
CA SER B 78 10.93 -5.54 -15.29
C SER B 78 9.46 -5.56 -15.71
N TYR B 79 8.58 -5.60 -14.72
CA TYR B 79 7.16 -5.41 -14.95
C TYR B 79 6.49 -4.97 -13.66
N CYS B 80 5.39 -4.24 -13.80
CA CYS B 80 4.69 -3.69 -12.65
C CYS B 80 3.66 -4.67 -12.11
N THR B 81 3.89 -5.13 -10.89
CA THR B 81 2.99 -6.06 -10.24
C THR B 81 2.15 -5.33 -9.20
N THR B 82 0.85 -5.48 -9.27
CA THR B 82 -0.04 -4.87 -8.30
C THR B 82 -0.16 -5.76 -7.07
N THR B 83 0.31 -5.26 -5.94
CA THR B 83 0.32 -6.04 -4.72
C THR B 83 -1.04 -6.02 -4.03
N HIS B 84 -1.49 -7.19 -3.61
CA HIS B 84 -2.79 -7.32 -2.96
C HIS B 84 -2.62 -7.49 -1.47
N THR B 85 -3.43 -6.80 -0.69
CA THR B 85 -3.39 -6.91 0.75
C THR B 85 -4.81 -7.09 1.29
N PHE B 86 -4.93 -7.56 2.52
CA PHE B 86 -6.24 -7.84 3.09
C PHE B 86 -6.60 -6.79 4.12
N VAL B 87 -7.66 -6.04 3.85
CA VAL B 87 -8.04 -4.93 4.71
C VAL B 87 -9.32 -5.24 5.48
N LYS B 88 -9.31 -4.83 6.75
CA LYS B 88 -10.46 -4.98 7.64
C LYS B 88 -11.63 -4.11 7.20
N ALA B 89 -12.61 -4.73 6.60
CA ALA B 89 -13.80 -4.05 6.11
C ALA B 89 -15.06 -4.76 6.59
N LEU B 90 -16.14 -4.00 6.74
CA LEU B 90 -17.42 -4.60 7.05
C LEU B 90 -18.05 -5.11 5.75
N THR B 91 -18.11 -6.41 5.61
CA THR B 91 -18.61 -7.02 4.39
C THR B 91 -19.69 -8.05 4.71
N THR B 92 -20.56 -8.31 3.75
CA THR B 92 -21.61 -9.29 3.95
C THR B 92 -21.45 -10.43 2.95
N ASP B 93 -21.34 -11.65 3.47
CA ASP B 93 -21.17 -12.83 2.64
C ASP B 93 -22.50 -13.18 1.97
N GLU B 94 -23.59 -12.66 2.53
CA GLU B 94 -24.91 -12.87 1.98
C GLU B 94 -25.89 -11.88 2.62
N LYS B 95 -26.24 -12.13 3.88
CA LYS B 95 -27.16 -11.26 4.60
C LYS B 95 -26.67 -10.99 6.01
N GLN B 96 -25.36 -11.09 6.21
CA GLN B 96 -24.75 -10.85 7.51
C GLN B 96 -23.51 -9.98 7.36
N ALA B 97 -23.63 -8.72 7.77
CA ALA B 97 -22.51 -7.79 7.74
C ALA B 97 -21.53 -8.12 8.86
N ALA B 98 -20.30 -8.44 8.49
CA ALA B 98 -19.28 -8.80 9.46
C ALA B 98 -17.93 -8.22 9.06
N TRP B 99 -17.10 -7.94 10.05
CA TRP B 99 -15.78 -7.38 9.80
C TRP B 99 -14.83 -8.47 9.31
N ARG B 100 -14.43 -8.37 8.05
CA ARG B 100 -13.55 -9.34 7.44
C ARG B 100 -12.34 -8.64 6.84
N PHE B 101 -11.43 -9.42 6.28
CA PHE B 101 -10.23 -8.87 5.69
C PHE B 101 -10.21 -9.19 4.20
N ILE B 102 -10.42 -8.17 3.37
CA ILE B 102 -10.61 -8.39 1.95
C ILE B 102 -9.45 -7.86 1.15
N ARG B 103 -9.13 -8.57 0.07
CA ARG B 103 -7.98 -8.23 -0.76
C ARG B 103 -8.25 -7.01 -1.61
N ILE B 104 -7.44 -5.99 -1.41
CA ILE B 104 -7.45 -4.82 -2.27
C ILE B 104 -6.05 -4.61 -2.83
N ASP B 105 -5.96 -3.86 -3.92
CA ASP B 105 -4.68 -3.53 -4.51
C ASP B 105 -4.05 -2.37 -3.74
N THR B 106 -2.95 -2.63 -3.06
CA THR B 106 -2.38 -1.63 -2.18
C THR B 106 -1.27 -0.83 -2.87
N ALA B 107 -0.55 -1.46 -3.80
CA ALA B 107 0.56 -0.80 -4.45
C ALA B 107 0.86 -1.43 -5.80
N CYS B 108 1.66 -0.73 -6.59
CA CYS B 108 2.11 -1.22 -7.88
C CYS B 108 3.63 -1.17 -7.91
N VAL B 109 4.25 -2.34 -7.81
CA VAL B 109 5.70 -2.41 -7.67
C VAL B 109 6.35 -2.87 -8.97
N CYS B 110 7.51 -2.29 -9.26
CA CYS B 110 8.29 -2.75 -10.40
C CYS B 110 9.24 -3.83 -9.94
N VAL B 111 9.02 -5.04 -10.43
CA VAL B 111 9.88 -6.15 -10.05
C VAL B 111 10.99 -6.33 -11.07
N LEU B 112 12.16 -6.73 -10.58
CA LEU B 112 13.31 -6.91 -11.45
C LEU B 112 13.70 -8.37 -11.51
N SER B 113 14.05 -8.83 -12.70
CA SER B 113 14.52 -10.18 -12.89
C SER B 113 15.78 -10.15 -13.76
N ARG B 114 16.69 -11.10 -13.52
CA ARG B 114 17.91 -11.16 -14.31
C ARG B 114 17.66 -11.82 -15.66
N LYS B 115 16.37 -12.05 -15.95
CA LYS B 115 15.91 -12.68 -17.21
C LYS B 115 16.73 -13.93 -17.55
N ALA B 116 17.10 -14.66 -16.51
CA ALA B 116 17.86 -15.88 -16.68
C ALA B 116 17.18 -17.03 -15.96
N THR B 117 16.65 -17.95 -16.73
CA THR B 117 15.96 -19.10 -16.16
C THR B 117 16.96 -20.17 -15.76
N ARG B 118 16.60 -20.96 -14.76
CA ARG B 118 17.46 -22.03 -14.29
C ARG B 118 16.71 -23.35 -14.31
N SER A 1 -5.15 -21.29 -2.13
CA SER A 1 -3.88 -21.00 -2.81
C SER A 1 -3.19 -22.28 -3.26
N SER A 2 -2.82 -22.36 -4.53
CA SER A 2 -2.17 -23.54 -5.07
C SER A 2 -1.01 -23.16 -6.00
N THR A 3 -1.34 -22.67 -7.17
CA THR A 3 -0.32 -22.33 -8.15
C THR A 3 0.11 -20.87 -8.04
N HIS A 4 1.41 -20.66 -8.11
CA HIS A 4 1.99 -19.33 -8.11
C HIS A 4 3.40 -19.37 -8.72
N PRO A 5 3.51 -19.08 -10.03
CA PRO A 5 4.79 -19.20 -10.75
C PRO A 5 5.84 -18.22 -10.23
N VAL A 6 6.68 -18.70 -9.31
CA VAL A 6 7.70 -17.88 -8.69
C VAL A 6 7.04 -16.62 -8.10
N PHE A 7 5.98 -16.86 -7.32
CA PHE A 7 5.12 -15.80 -6.78
C PHE A 7 4.34 -15.13 -7.91
N HIS A 8 5.04 -14.37 -8.74
CA HIS A 8 4.43 -13.68 -9.86
C HIS A 8 5.49 -13.45 -10.92
N MET A 9 6.11 -14.55 -11.36
CA MET A 9 7.19 -14.55 -12.36
C MET A 9 8.51 -14.06 -11.74
N GLY A 10 8.45 -12.93 -11.05
CA GLY A 10 9.63 -12.41 -10.40
C GLY A 10 9.35 -11.15 -9.62
N GLU A 11 8.80 -11.31 -8.42
CA GLU A 11 8.47 -10.17 -7.58
C GLU A 11 9.71 -9.68 -6.83
N PHE A 12 10.75 -9.35 -7.56
CA PHE A 12 11.96 -8.81 -6.98
C PHE A 12 11.84 -7.30 -6.87
N SER A 13 11.39 -6.84 -5.72
CA SER A 13 11.21 -5.42 -5.47
C SER A 13 12.52 -4.66 -5.66
N VAL A 14 12.46 -3.60 -6.46
CA VAL A 14 13.62 -2.76 -6.72
C VAL A 14 14.16 -2.17 -5.43
N CYS A 15 13.27 -1.90 -4.49
CA CYS A 15 13.65 -1.31 -3.22
C CYS A 15 13.45 -2.30 -2.09
N ASP A 16 14.41 -2.33 -1.17
CA ASP A 16 14.32 -3.22 -0.03
C ASP A 16 13.57 -2.55 1.11
N SER A 17 12.44 -3.12 1.48
CA SER A 17 11.59 -2.54 2.49
C SER A 17 11.21 -3.57 3.54
N VAL A 18 10.72 -3.10 4.67
CA VAL A 18 10.25 -3.98 5.72
C VAL A 18 8.73 -3.91 5.81
N SER A 19 8.08 -5.02 5.50
CA SER A 19 6.63 -5.08 5.47
C SER A 19 6.12 -5.98 6.59
N VAL A 20 5.58 -5.36 7.62
CA VAL A 20 5.15 -6.08 8.81
C VAL A 20 3.71 -5.73 9.15
N TRP A 21 2.96 -6.73 9.60
CA TRP A 21 1.65 -6.49 10.15
C TRP A 21 1.78 -6.15 11.63
N VAL A 22 1.81 -4.86 11.91
CA VAL A 22 2.10 -4.36 13.24
C VAL A 22 0.83 -4.20 14.05
N GLY A 23 0.74 -4.93 15.16
CA GLY A 23 -0.39 -4.81 16.03
C GLY A 23 -0.03 -4.10 17.31
N ASP A 24 1.11 -3.43 17.30
CA ASP A 24 1.60 -2.72 18.47
C ASP A 24 1.82 -1.25 18.15
N LYS A 25 1.20 -0.77 17.08
CA LYS A 25 1.30 0.63 16.70
C LYS A 25 0.39 1.46 17.60
N THR A 26 0.98 2.12 18.58
CA THR A 26 0.20 2.81 19.61
C THR A 26 -0.04 4.27 19.26
N THR A 27 0.66 4.80 18.27
CA THR A 27 0.47 6.18 17.86
C THR A 27 0.40 6.29 16.35
N ALA A 28 -0.60 7.04 15.87
CA ALA A 28 -0.76 7.27 14.45
C ALA A 28 -1.36 8.65 14.19
N THR A 29 -1.12 9.18 13.02
CA THR A 29 -1.58 10.51 12.68
C THR A 29 -2.87 10.46 11.88
N ASP A 30 -3.89 11.15 12.39
CA ASP A 30 -5.15 11.31 11.68
C ASP A 30 -4.93 12.15 10.43
N ILE A 31 -5.84 12.02 9.47
CA ILE A 31 -5.74 12.69 8.19
C ILE A 31 -5.67 14.22 8.33
N LYS A 32 -6.09 14.72 9.49
CA LYS A 32 -6.06 16.15 9.76
C LYS A 32 -4.72 16.58 10.32
N GLY A 33 -3.90 15.61 10.70
CA GLY A 33 -2.58 15.90 11.23
C GLY A 33 -2.53 15.77 12.74
N LYS A 34 -3.48 15.05 13.32
CA LYS A 34 -3.53 14.85 14.75
C LYS A 34 -2.96 13.48 15.12
N GLU A 35 -1.94 13.47 15.96
CA GLU A 35 -1.34 12.22 16.40
C GLU A 35 -2.13 11.66 17.58
N VAL A 36 -2.75 10.51 17.36
CA VAL A 36 -3.62 9.91 18.34
C VAL A 36 -3.10 8.56 18.79
N THR A 37 -3.60 8.11 19.94
CA THR A 37 -3.21 6.84 20.50
C THR A 37 -4.09 5.73 19.94
N VAL A 38 -3.47 4.79 19.23
CA VAL A 38 -4.19 3.75 18.56
C VAL A 38 -4.45 2.57 19.48
N LEU A 39 -5.65 2.04 19.43
CA LEU A 39 -6.01 0.85 20.18
C LEU A 39 -5.77 -0.37 19.32
N ALA A 40 -5.01 -1.33 19.84
CA ALA A 40 -4.57 -2.46 19.06
C ALA A 40 -5.67 -3.48 18.81
N GLU A 41 -6.80 -3.30 19.49
CA GLU A 41 -7.88 -4.25 19.36
C GLU A 41 -9.25 -3.57 19.31
N VAL A 42 -9.88 -3.68 18.15
CA VAL A 42 -11.28 -3.29 17.99
C VAL A 42 -11.87 -4.07 16.82
N ASN A 43 -12.55 -5.16 17.13
CA ASN A 43 -13.15 -6.02 16.12
C ASN A 43 -14.47 -6.59 16.60
N ILE A 44 -15.55 -6.21 15.92
CA ILE A 44 -16.87 -6.81 16.16
C ILE A 44 -17.46 -6.38 17.52
N ASN A 45 -18.72 -5.98 17.51
CA ASN A 45 -19.41 -5.64 18.74
C ASN A 45 -20.02 -6.89 19.36
N ASN A 46 -19.15 -7.81 19.73
CA ASN A 46 -19.57 -9.08 20.35
C ASN A 46 -18.36 -9.79 20.95
N SER A 47 -17.34 -10.00 20.13
CA SER A 47 -16.08 -10.56 20.60
C SER A 47 -14.93 -9.80 19.96
N VAL A 48 -14.17 -9.08 20.79
CA VAL A 48 -13.15 -8.19 20.29
C VAL A 48 -11.76 -8.82 20.38
N PHE A 49 -11.15 -9.01 19.22
CA PHE A 49 -9.77 -9.49 19.15
C PHE A 49 -8.86 -8.37 18.63
N ARG A 50 -7.55 -8.62 18.62
CA ARG A 50 -6.59 -7.61 18.20
C ARG A 50 -6.43 -7.59 16.69
N GLN A 51 -5.91 -6.48 16.18
CA GLN A 51 -5.72 -6.31 14.74
C GLN A 51 -4.29 -5.89 14.43
N TYR A 52 -3.90 -5.99 13.18
CA TYR A 52 -2.58 -5.60 12.75
C TYR A 52 -2.67 -4.58 11.62
N PHE A 53 -1.67 -3.72 11.53
CA PHE A 53 -1.60 -2.74 10.45
C PHE A 53 -0.52 -3.12 9.46
N PHE A 54 -0.77 -2.87 8.19
CA PHE A 54 0.17 -3.22 7.13
C PHE A 54 1.22 -2.12 6.99
N GLU A 55 2.35 -2.30 7.67
CA GLU A 55 3.40 -1.30 7.69
C GLU A 55 4.58 -1.74 6.83
N THR A 56 4.71 -1.10 5.68
CA THR A 56 5.82 -1.36 4.78
C THR A 56 6.74 -0.14 4.72
N LYS A 57 7.83 -0.20 5.48
CA LYS A 57 8.70 0.95 5.63
C LYS A 57 9.98 0.78 4.82
N CYS A 58 10.42 1.86 4.19
CA CYS A 58 11.64 1.87 3.40
C CYS A 58 12.87 1.86 4.30
N ARG A 59 13.58 0.75 4.30
CA ARG A 59 14.75 0.59 5.15
C ARG A 59 16.04 0.77 4.35
N ALA A 60 15.88 1.15 3.10
CA ALA A 60 17.00 1.39 2.21
C ALA A 60 16.66 2.52 1.26
N SER A 61 17.65 3.35 0.91
CA SER A 61 17.42 4.48 0.01
C SER A 61 18.72 4.95 -0.64
N ASN A 62 19.60 4.02 -1.01
CA ASN A 62 20.81 4.39 -1.71
C ASN A 62 20.77 3.87 -3.15
N PRO A 63 20.93 4.79 -4.13
CA PRO A 63 20.62 4.61 -5.55
C PRO A 63 20.56 3.17 -6.07
N VAL A 64 21.67 2.46 -6.04
CA VAL A 64 21.75 1.18 -6.72
C VAL A 64 21.48 -0.03 -5.82
N GLU A 65 22.53 -0.60 -5.24
CA GLU A 65 22.46 -1.89 -4.53
C GLU A 65 21.33 -1.96 -3.51
N SER A 66 21.08 -0.87 -2.81
CA SER A 66 20.02 -0.84 -1.81
C SER A 66 19.12 0.37 -2.05
N GLY A 67 18.71 0.53 -3.30
CA GLY A 67 17.81 1.60 -3.67
C GLY A 67 16.76 1.12 -4.63
N CYS A 68 17.09 1.10 -5.92
CA CYS A 68 16.17 0.59 -6.92
C CYS A 68 16.89 -0.33 -7.90
N ARG A 69 18.21 -0.12 -8.05
CA ARG A 69 19.04 -0.92 -8.97
C ARG A 69 18.68 -0.66 -10.43
N GLY A 70 19.65 -0.81 -11.32
CA GLY A 70 19.41 -0.59 -12.74
C GLY A 70 19.33 0.88 -13.12
N ILE A 71 18.72 1.67 -12.24
CA ILE A 71 18.58 3.11 -12.45
C ILE A 71 19.93 3.77 -12.66
N ASP A 72 19.99 4.65 -13.65
CA ASP A 72 21.22 5.40 -13.93
C ASP A 72 21.38 6.52 -12.92
N SER A 73 22.42 6.44 -12.10
CA SER A 73 22.65 7.38 -11.03
C SER A 73 23.25 8.69 -11.53
N LYS A 74 23.61 8.72 -12.81
CA LYS A 74 24.20 9.90 -13.40
C LYS A 74 23.13 10.92 -13.74
N HIS A 75 22.06 10.46 -14.38
CA HIS A 75 20.97 11.34 -14.78
C HIS A 75 19.84 11.29 -13.76
N TRP A 76 19.69 10.18 -13.08
CA TRP A 76 18.60 10.00 -12.15
C TRP A 76 19.11 9.71 -10.74
N ASN A 77 18.27 9.99 -9.76
CA ASN A 77 18.52 9.56 -8.40
C ASN A 77 17.31 8.77 -7.93
N SER A 78 17.56 7.62 -7.33
CA SER A 78 16.48 6.76 -6.88
C SER A 78 16.30 6.86 -5.38
N TYR A 79 15.06 7.00 -4.95
CA TYR A 79 14.74 7.14 -3.55
C TYR A 79 13.47 6.36 -3.21
N CYS A 80 13.47 5.72 -2.06
CA CYS A 80 12.31 4.95 -1.63
C CYS A 80 11.44 5.80 -0.73
N THR A 81 10.20 6.01 -1.14
CA THR A 81 9.28 6.83 -0.38
C THR A 81 8.17 5.97 0.22
N THR A 82 7.92 6.17 1.51
CA THR A 82 6.85 5.46 2.19
C THR A 82 5.51 6.17 2.00
N THR A 83 4.69 5.62 1.13
CA THR A 83 3.36 6.15 0.89
C THR A 83 2.45 5.74 2.04
N HIS A 84 1.73 6.69 2.59
CA HIS A 84 0.88 6.43 3.75
C HIS A 84 -0.57 6.40 3.32
N THR A 85 -1.30 5.39 3.79
CA THR A 85 -2.73 5.32 3.53
C THR A 85 -3.48 5.61 4.82
N PHE A 86 -4.76 5.92 4.71
CA PHE A 86 -5.54 6.29 5.88
C PHE A 86 -6.55 5.20 6.21
N VAL A 87 -6.37 4.60 7.37
CA VAL A 87 -7.24 3.53 7.83
C VAL A 87 -8.08 4.02 9.00
N LYS A 88 -9.36 3.67 9.01
CA LYS A 88 -10.24 4.09 10.07
C LYS A 88 -10.23 3.09 11.22
N ALA A 89 -9.60 3.49 12.32
CA ALA A 89 -9.45 2.63 13.48
C ALA A 89 -9.92 3.35 14.73
N LEU A 90 -10.34 2.59 15.72
CA LEU A 90 -10.78 3.16 16.98
C LEU A 90 -9.56 3.61 17.78
N THR A 91 -9.34 4.90 17.83
CA THR A 91 -8.19 5.46 18.52
C THR A 91 -8.64 6.45 19.57
N THR A 92 -7.81 6.69 20.56
CA THR A 92 -8.16 7.61 21.62
C THR A 92 -7.26 8.85 21.56
N ASP A 93 -7.90 10.02 21.51
CA ASP A 93 -7.20 11.29 21.49
C ASP A 93 -6.51 11.52 22.82
N GLU A 94 -7.16 11.05 23.89
CA GLU A 94 -6.61 11.18 25.24
C GLU A 94 -7.43 10.33 26.20
N LYS A 95 -8.75 10.34 26.04
CA LYS A 95 -9.64 9.60 26.91
C LYS A 95 -10.64 8.78 26.10
N GLN A 96 -11.53 9.47 25.41
CA GLN A 96 -12.57 8.82 24.63
C GLN A 96 -11.99 8.19 23.37
N ALA A 97 -12.47 7.00 23.05
CA ALA A 97 -12.04 6.30 21.86
C ALA A 97 -13.02 6.55 20.71
N ALA A 98 -12.48 6.90 19.56
CA ALA A 98 -13.29 7.21 18.40
C ALA A 98 -12.62 6.71 17.14
N TRP A 99 -13.42 6.35 16.14
CA TRP A 99 -12.91 5.91 14.86
C TRP A 99 -12.26 7.06 14.11
N ARG A 100 -10.94 7.03 14.00
CA ARG A 100 -10.20 8.05 13.30
C ARG A 100 -9.55 7.48 12.06
N PHE A 101 -9.33 8.33 11.07
CA PHE A 101 -8.62 7.92 9.87
C PHE A 101 -7.14 8.22 10.04
N ILE A 102 -6.37 7.17 10.30
CA ILE A 102 -4.96 7.35 10.64
C ILE A 102 -4.08 6.80 9.54
N ARG A 103 -2.97 7.47 9.31
CA ARG A 103 -2.07 7.10 8.22
C ARG A 103 -1.09 6.02 8.66
N ILE A 104 -0.94 5.02 7.81
CA ILE A 104 0.02 3.95 8.04
C ILE A 104 0.99 3.86 6.85
N ASP A 105 2.19 3.38 7.12
CA ASP A 105 3.21 3.19 6.07
C ASP A 105 2.80 2.02 5.21
N THR A 106 2.23 2.29 4.06
CA THR A 106 1.58 1.25 3.29
C THR A 106 2.48 0.71 2.19
N ALA A 107 3.10 1.60 1.45
CA ALA A 107 3.88 1.20 0.30
C ALA A 107 5.24 1.88 0.29
N CYS A 108 6.25 1.14 -0.12
CA CYS A 108 7.59 1.70 -0.29
C CYS A 108 7.87 1.80 -1.78
N VAL A 109 7.69 2.99 -2.32
CA VAL A 109 7.75 3.19 -3.77
C VAL A 109 9.11 3.73 -4.19
N CYS A 110 9.57 3.28 -5.34
CA CYS A 110 10.79 3.80 -5.93
C CYS A 110 10.47 5.03 -6.77
N VAL A 111 10.95 6.18 -6.32
CA VAL A 111 10.75 7.41 -7.04
C VAL A 111 12.05 7.87 -7.67
N LEU A 112 11.96 8.48 -8.84
CA LEU A 112 13.14 8.99 -9.51
C LEU A 112 13.20 10.50 -9.43
N SER A 113 14.38 11.01 -9.19
CA SER A 113 14.62 12.43 -9.21
C SER A 113 15.58 12.74 -10.34
N ARG A 114 15.32 13.82 -11.06
CA ARG A 114 16.17 14.21 -12.19
C ARG A 114 17.43 14.91 -11.68
N LYS A 115 17.60 14.87 -10.36
CA LYS A 115 18.76 15.45 -9.69
C LYS A 115 18.76 16.96 -9.85
N ALA A 116 17.58 17.55 -9.74
CA ALA A 116 17.41 18.99 -9.88
C ALA A 116 16.70 19.57 -8.68
N THR A 117 15.50 19.05 -8.40
CA THR A 117 14.70 19.53 -7.27
C THR A 117 15.22 18.96 -5.96
N ARG A 118 15.03 19.71 -4.88
CA ARG A 118 15.51 19.32 -3.57
C ARG A 118 14.83 20.16 -2.50
N SER B 1 -1.21 20.76 7.24
CA SER B 1 -0.26 20.64 6.12
C SER B 1 0.17 22.03 5.64
N SER B 2 1.47 22.25 5.53
CA SER B 2 2.00 23.53 5.12
C SER B 2 3.16 23.37 4.13
N THR B 3 4.31 22.96 4.65
CA THR B 3 5.49 22.81 3.84
C THR B 3 5.64 21.40 3.28
N HIS B 4 5.97 21.33 2.00
CA HIS B 4 6.22 20.06 1.32
C HIS B 4 7.07 20.32 0.08
N PRO B 5 8.40 20.14 0.20
CA PRO B 5 9.34 20.45 -0.89
C PRO B 5 9.15 19.55 -2.09
N VAL B 6 8.36 20.03 -3.06
CA VAL B 6 8.03 19.27 -4.26
C VAL B 6 7.46 17.90 -3.84
N PHE B 7 6.47 17.97 -2.95
CA PHE B 7 5.89 16.79 -2.30
C PHE B 7 6.91 16.14 -1.36
N HIS B 8 7.94 15.53 -1.94
CA HIS B 8 8.99 14.86 -1.19
C HIS B 8 10.26 14.85 -2.03
N MET B 9 10.69 16.04 -2.45
CA MET B 9 11.87 16.24 -3.30
C MET B 9 11.58 15.84 -4.75
N GLY B 10 11.01 14.66 -4.93
CA GLY B 10 10.65 14.21 -6.26
C GLY B 10 9.97 12.86 -6.24
N GLU B 11 8.68 12.85 -5.93
CA GLU B 11 7.91 11.61 -5.88
C GLU B 11 7.47 11.19 -7.27
N PHE B 12 8.43 11.04 -8.17
CA PHE B 12 8.16 10.58 -9.52
C PHE B 12 8.19 9.06 -9.56
N SER B 13 7.02 8.46 -9.39
CA SER B 13 6.89 7.00 -9.37
C SER B 13 7.41 6.42 -10.68
N VAL B 14 8.31 5.43 -10.55
CA VAL B 14 8.86 4.73 -11.70
C VAL B 14 7.77 4.09 -12.53
N CYS B 15 6.70 3.64 -11.88
CA CYS B 15 5.60 2.99 -12.56
C CYS B 15 4.37 3.86 -12.51
N ASP B 16 3.64 3.91 -13.62
CA ASP B 16 2.41 4.69 -13.70
C ASP B 16 1.24 3.83 -13.25
N SER B 17 0.60 4.24 -12.18
CA SER B 17 -0.49 3.49 -11.61
C SER B 17 -1.69 4.38 -11.36
N VAL B 18 -2.85 3.78 -11.15
CA VAL B 18 -4.05 4.51 -10.83
C VAL B 18 -4.42 4.28 -9.37
N SER B 19 -4.37 5.34 -8.58
CA SER B 19 -4.62 5.26 -7.15
C SER B 19 -5.91 6.00 -6.82
N VAL B 20 -6.96 5.23 -6.54
CA VAL B 20 -8.27 5.79 -6.30
C VAL B 20 -8.85 5.26 -5.00
N TRP B 21 -9.53 6.14 -4.27
CA TRP B 21 -10.31 5.73 -3.11
C TRP B 21 -11.68 5.28 -3.58
N VAL B 22 -11.81 3.97 -3.78
CA VAL B 22 -13.00 3.39 -4.38
C VAL B 22 -14.03 3.02 -3.32
N GLY B 23 -15.19 3.65 -3.39
CA GLY B 23 -16.26 3.33 -2.46
C GLY B 23 -17.36 2.55 -3.13
N ASP B 24 -17.06 2.02 -4.31
CA ASP B 24 -18.03 1.25 -5.08
C ASP B 24 -17.51 -0.16 -5.35
N LYS B 25 -16.55 -0.60 -4.57
CA LYS B 25 -16.01 -1.94 -4.71
C LYS B 25 -16.97 -2.94 -4.06
N THR B 26 -17.74 -3.63 -4.90
CA THR B 26 -18.82 -4.47 -4.40
C THR B 26 -18.38 -5.92 -4.23
N THR B 27 -17.21 -6.27 -4.75
CA THR B 27 -16.71 -7.62 -4.61
C THR B 27 -15.23 -7.62 -4.23
N ALA B 28 -14.88 -8.42 -3.23
CA ALA B 28 -13.50 -8.54 -2.80
C ALA B 28 -13.23 -9.94 -2.29
N THR B 29 -11.97 -10.34 -2.32
CA THR B 29 -11.59 -11.68 -1.92
C THR B 29 -11.06 -11.70 -0.49
N ASP B 30 -11.68 -12.52 0.33
CA ASP B 30 -11.22 -12.76 1.70
C ASP B 30 -9.86 -13.45 1.67
N ILE B 31 -9.13 -13.34 2.76
CA ILE B 31 -7.77 -13.88 2.87
C ILE B 31 -7.75 -15.40 2.65
N LYS B 32 -8.90 -16.04 2.76
CA LYS B 32 -9.02 -17.48 2.57
C LYS B 32 -9.27 -17.81 1.10
N GLY B 33 -9.56 -16.79 0.30
CA GLY B 33 -9.79 -17.01 -1.11
C GLY B 33 -11.27 -16.99 -1.46
N LYS B 34 -12.09 -16.43 -0.57
CA LYS B 34 -13.53 -16.36 -0.80
C LYS B 34 -13.92 -14.98 -1.32
N GLU B 35 -14.54 -14.94 -2.49
CA GLU B 35 -14.99 -13.68 -3.06
C GLU B 35 -16.35 -13.31 -2.47
N VAL B 36 -16.37 -12.21 -1.73
CA VAL B 36 -17.57 -11.79 -1.01
C VAL B 36 -18.06 -10.43 -1.51
N THR B 37 -19.31 -10.14 -1.21
CA THR B 37 -19.93 -8.89 -1.60
C THR B 37 -19.67 -7.83 -0.54
N VAL B 38 -18.95 -6.79 -0.92
CA VAL B 38 -18.54 -5.76 0.01
C VAL B 38 -19.63 -4.70 0.17
N LEU B 39 -19.87 -4.30 1.41
CA LEU B 39 -20.80 -3.22 1.70
C LEU B 39 -20.03 -1.91 1.74
N ALA B 40 -20.50 -0.93 0.98
CA ALA B 40 -19.77 0.31 0.79
C ALA B 40 -19.85 1.22 2.01
N GLU B 41 -20.71 0.87 2.97
CA GLU B 41 -20.90 1.71 4.12
C GLU B 41 -21.03 0.89 5.41
N VAL B 42 -20.04 1.04 6.27
CA VAL B 42 -20.11 0.53 7.63
C VAL B 42 -19.16 1.34 8.52
N ASN B 43 -19.72 2.32 9.20
CA ASN B 43 -18.93 3.19 10.06
C ASN B 43 -19.71 3.59 11.30
N ILE B 44 -19.24 3.16 12.47
CA ILE B 44 -19.78 3.59 13.76
C ILE B 44 -21.17 2.99 14.01
N ASN B 45 -21.36 2.46 15.21
CA ASN B 45 -22.66 1.94 15.62
C ASN B 45 -23.53 3.05 16.18
N ASN B 46 -23.82 4.03 15.34
CA ASN B 46 -24.62 5.19 15.73
C ASN B 46 -25.06 5.95 14.49
N SER B 47 -24.08 6.36 13.68
CA SER B 47 -24.36 7.00 12.41
C SER B 47 -23.43 6.42 11.35
N VAL B 48 -24.02 5.72 10.38
CA VAL B 48 -23.23 4.99 9.39
C VAL B 48 -23.11 5.75 8.08
N PHE B 49 -21.89 6.10 7.73
CA PHE B 49 -21.61 6.71 6.44
C PHE B 49 -20.80 5.76 5.57
N ARG B 50 -20.57 6.13 4.32
CA ARG B 50 -19.87 5.26 3.38
C ARG B 50 -18.35 5.40 3.52
N GLN B 51 -17.64 4.40 3.04
CA GLN B 51 -16.18 4.37 3.13
C GLN B 51 -15.56 4.13 1.76
N TYR B 52 -14.28 4.39 1.64
CA TYR B 52 -13.56 4.17 0.40
C TYR B 52 -12.37 3.25 0.63
N PHE B 53 -12.00 2.51 -0.39
CA PHE B 53 -10.83 1.64 -0.33
C PHE B 53 -9.70 2.22 -1.15
N PHE B 54 -8.47 2.05 -0.67
CA PHE B 54 -7.31 2.59 -1.35
C PHE B 54 -6.85 1.61 -2.44
N GLU B 55 -7.31 1.85 -3.66
CA GLU B 55 -7.02 0.97 -4.78
C GLU B 55 -5.99 1.60 -5.71
N THR B 56 -4.78 1.09 -5.67
CA THR B 56 -3.71 1.54 -6.55
C THR B 56 -3.36 0.44 -7.53
N LYS B 57 -3.88 0.54 -8.74
CA LYS B 57 -3.74 -0.53 -9.72
C LYS B 57 -2.72 -0.15 -10.79
N CYS B 58 -1.91 -1.13 -11.17
CA CYS B 58 -0.90 -0.94 -12.20
C CYS B 58 -1.55 -0.89 -13.58
N ARG B 59 -1.52 0.30 -14.19
CA ARG B 59 -2.14 0.50 -15.49
C ARG B 59 -1.09 0.53 -16.59
N ALA B 60 0.14 0.24 -16.22
CA ALA B 60 1.25 0.19 -17.16
C ALA B 60 2.23 -0.88 -16.73
N SER B 61 2.85 -1.57 -17.69
CA SER B 61 3.79 -2.62 -17.39
C SER B 61 4.74 -2.90 -18.55
N ASN B 62 5.17 -1.86 -19.25
CA ASN B 62 6.13 -2.03 -20.34
C ASN B 62 7.47 -1.41 -19.95
N PRO B 63 8.55 -2.21 -20.01
CA PRO B 63 9.86 -1.95 -19.39
C PRO B 63 10.19 -0.47 -19.10
N VAL B 64 10.31 0.34 -20.14
CA VAL B 64 10.86 1.68 -19.97
C VAL B 64 9.79 2.76 -19.77
N GLU B 65 9.38 3.39 -20.87
CA GLU B 65 8.54 4.60 -20.84
C GLU B 65 7.31 4.46 -19.93
N SER B 66 6.69 3.29 -19.94
CA SER B 66 5.52 3.06 -19.11
C SER B 66 5.70 1.79 -18.29
N GLY B 67 6.86 1.70 -17.65
CA GLY B 67 7.16 0.58 -16.79
C GLY B 67 7.84 1.04 -15.52
N CYS B 68 9.15 1.19 -15.58
CA CYS B 68 9.90 1.70 -14.44
C CYS B 68 10.90 2.76 -14.85
N ARG B 69 11.32 2.71 -16.13
CA ARG B 69 12.29 3.67 -16.69
C ARG B 69 13.68 3.50 -16.06
N GLY B 70 14.71 3.82 -16.82
CA GLY B 70 16.07 3.72 -16.31
C GLY B 70 16.58 2.29 -16.28
N ILE B 71 15.70 1.36 -15.94
CA ILE B 71 16.02 -0.06 -15.88
C ILE B 71 16.57 -0.56 -17.22
N ASP B 72 17.64 -1.34 -17.15
CA ASP B 72 18.23 -1.94 -18.34
C ASP B 72 17.38 -3.12 -18.80
N SER B 73 16.79 -2.99 -19.98
CA SER B 73 15.88 -4.00 -20.49
C SER B 73 16.64 -5.19 -21.09
N LYS B 74 17.95 -5.07 -21.18
CA LYS B 74 18.76 -6.13 -21.74
C LYS B 74 19.00 -7.23 -20.71
N HIS B 75 19.37 -6.82 -19.51
CA HIS B 75 19.63 -7.77 -18.44
C HIS B 75 18.42 -7.93 -17.53
N TRP B 76 17.61 -6.90 -17.43
CA TRP B 76 16.46 -6.92 -16.54
C TRP B 76 15.17 -6.70 -17.30
N ASN B 77 14.08 -7.15 -16.70
CA ASN B 77 12.76 -6.82 -17.18
C ASN B 77 11.98 -6.20 -16.04
N SER B 78 11.31 -5.10 -16.30
CA SER B 78 10.58 -4.40 -15.27
C SER B 78 9.09 -4.64 -15.40
N TYR B 79 8.45 -4.94 -14.28
CA TYR B 79 7.03 -5.24 -14.27
C TYR B 79 6.39 -4.63 -13.04
N CYS B 80 5.19 -4.09 -13.22
CA CYS B 80 4.46 -3.49 -12.12
C CYS B 80 3.49 -4.49 -11.51
N THR B 81 3.70 -4.80 -10.23
CA THR B 81 2.85 -5.77 -9.56
C THR B 81 1.96 -5.09 -8.53
N THR B 82 0.68 -5.41 -8.56
CA THR B 82 -0.26 -4.89 -7.59
C THR B 82 -0.27 -5.71 -6.31
N THR B 83 0.38 -5.18 -5.28
CA THR B 83 0.40 -5.81 -3.99
C THR B 83 -0.94 -5.60 -3.30
N HIS B 84 -1.52 -6.68 -2.78
CA HIS B 84 -2.83 -6.60 -2.16
C HIS B 84 -2.71 -6.68 -0.65
N THR B 85 -3.42 -5.80 0.04
CA THR B 85 -3.44 -5.86 1.49
C THR B 85 -4.81 -6.33 1.94
N PHE B 86 -4.92 -6.77 3.18
CA PHE B 86 -6.18 -7.31 3.68
C PHE B 86 -6.81 -6.37 4.68
N VAL B 87 -7.96 -5.85 4.32
CA VAL B 87 -8.69 -4.93 5.18
C VAL B 87 -9.95 -5.61 5.72
N LYS B 88 -10.24 -5.39 6.99
CA LYS B 88 -11.40 -5.99 7.61
C LYS B 88 -12.62 -5.09 7.43
N ALA B 89 -13.53 -5.52 6.57
CA ALA B 89 -14.72 -4.76 6.27
C ALA B 89 -15.97 -5.63 6.41
N LEU B 90 -17.09 -5.00 6.68
CA LEU B 90 -18.35 -5.72 6.80
C LEU B 90 -18.84 -6.11 5.42
N THR B 91 -18.71 -7.37 5.08
CA THR B 91 -19.10 -7.86 3.77
C THR B 91 -20.11 -8.99 3.92
N THR B 92 -20.89 -9.23 2.88
CA THR B 92 -21.89 -10.27 2.93
C THR B 92 -21.53 -11.40 1.96
N ASP B 93 -21.48 -12.62 2.50
CA ASP B 93 -21.19 -13.80 1.71
C ASP B 93 -22.33 -14.08 0.75
N GLU B 94 -23.55 -13.77 1.20
CA GLU B 94 -24.74 -13.96 0.39
C GLU B 94 -25.94 -13.29 1.06
N LYS B 95 -26.03 -13.42 2.38
CA LYS B 95 -27.14 -12.86 3.14
C LYS B 95 -26.62 -12.07 4.34
N GLN B 96 -26.05 -12.79 5.30
CA GLN B 96 -25.56 -12.18 6.53
C GLN B 96 -24.28 -11.39 6.27
N ALA B 97 -24.18 -10.24 6.91
CA ALA B 97 -23.02 -9.39 6.78
C ALA B 97 -22.06 -9.64 7.94
N ALA B 98 -20.80 -9.85 7.63
CA ALA B 98 -19.78 -10.12 8.63
C ALA B 98 -18.47 -9.44 8.27
N TRP B 99 -17.69 -9.10 9.28
CA TRP B 99 -16.39 -8.48 9.08
C TRP B 99 -15.41 -9.50 8.50
N ARG B 100 -15.06 -9.31 7.25
CA ARG B 100 -14.13 -10.20 6.57
C ARG B 100 -12.85 -9.44 6.25
N PHE B 101 -11.75 -10.18 6.15
CA PHE B 101 -10.49 -9.60 5.74
C PHE B 101 -10.34 -9.75 4.23
N ILE B 102 -10.56 -8.67 3.51
CA ILE B 102 -10.59 -8.72 2.06
C ILE B 102 -9.40 -7.98 1.47
N ARG B 103 -8.89 -8.52 0.38
CA ARG B 103 -7.70 -7.97 -0.25
C ARG B 103 -8.05 -6.84 -1.21
N ILE B 104 -7.30 -5.74 -1.09
CA ILE B 104 -7.45 -4.61 -1.99
C ILE B 104 -6.12 -4.31 -2.68
N ASP B 105 -6.20 -3.74 -3.87
CA ASP B 105 -5.00 -3.35 -4.63
C ASP B 105 -4.37 -2.16 -3.96
N THR B 106 -3.32 -2.39 -3.20
CA THR B 106 -2.80 -1.36 -2.33
C THR B 106 -1.61 -0.64 -2.93
N ALA B 107 -0.68 -1.39 -3.47
CA ALA B 107 0.56 -0.82 -3.96
C ALA B 107 0.90 -1.35 -5.35
N CYS B 108 1.41 -0.47 -6.18
CA CYS B 108 1.90 -0.86 -7.49
C CYS B 108 3.42 -0.81 -7.48
N VAL B 109 4.04 -1.96 -7.29
CA VAL B 109 5.47 -2.02 -7.07
C VAL B 109 6.22 -2.38 -8.35
N CYS B 110 7.38 -1.79 -8.53
CA CYS B 110 8.24 -2.13 -9.66
C CYS B 110 9.12 -3.31 -9.28
N VAL B 111 8.90 -4.43 -9.94
CA VAL B 111 9.70 -5.63 -9.69
C VAL B 111 10.61 -5.87 -10.88
N LEU B 112 11.80 -6.39 -10.60
CA LEU B 112 12.74 -6.71 -11.66
C LEU B 112 12.83 -8.21 -11.86
N SER B 113 12.88 -8.61 -13.11
CA SER B 113 13.10 -9.99 -13.46
C SER B 113 14.42 -10.10 -14.20
N ARG B 114 15.19 -11.14 -13.89
CA ARG B 114 16.49 -11.35 -14.51
C ARG B 114 16.31 -11.94 -15.91
N LYS B 115 15.05 -12.00 -16.34
CA LYS B 115 14.69 -12.52 -17.65
C LYS B 115 15.02 -14.00 -17.74
N ALA B 116 14.73 -14.71 -16.66
CA ALA B 116 14.98 -16.14 -16.60
C ALA B 116 13.73 -16.91 -16.19
N THR B 117 13.17 -16.54 -15.05
CA THR B 117 11.98 -17.19 -14.53
C THR B 117 10.73 -16.68 -15.25
N ARG B 118 9.72 -17.54 -15.35
CA ARG B 118 8.49 -17.21 -16.05
C ARG B 118 7.41 -18.20 -15.67
N SER A 1 2.16 -30.45 -14.02
CA SER A 1 1.93 -29.00 -14.14
C SER A 1 3.26 -28.28 -14.34
N SER A 2 3.21 -27.04 -14.81
CA SER A 2 4.41 -26.26 -15.02
C SER A 2 4.17 -24.80 -14.60
N THR A 3 3.45 -24.63 -13.50
CA THR A 3 3.12 -23.31 -13.00
C THR A 3 4.20 -22.81 -12.04
N HIS A 4 5.03 -21.90 -12.53
CA HIS A 4 6.10 -21.34 -11.75
C HIS A 4 5.55 -20.31 -10.75
N PRO A 5 5.95 -20.41 -9.47
CA PRO A 5 5.49 -19.49 -8.44
C PRO A 5 6.00 -18.07 -8.66
N VAL A 6 5.16 -17.24 -9.25
CA VAL A 6 5.50 -15.85 -9.53
C VAL A 6 5.58 -15.06 -8.22
N PHE A 7 5.07 -15.66 -7.15
CA PHE A 7 5.15 -15.07 -5.82
C PHE A 7 6.59 -14.76 -5.45
N HIS A 8 7.50 -15.68 -5.79
CA HIS A 8 8.91 -15.51 -5.48
C HIS A 8 9.52 -14.45 -6.39
N MET A 9 8.94 -14.29 -7.57
CA MET A 9 9.43 -13.34 -8.56
C MET A 9 9.01 -11.93 -8.17
N GLY A 10 7.90 -11.83 -7.46
CA GLY A 10 7.40 -10.54 -7.02
C GLY A 10 8.12 -10.03 -5.80
N GLU A 11 9.09 -10.80 -5.33
CA GLU A 11 9.89 -10.41 -4.17
C GLU A 11 11.13 -9.61 -4.61
N PHE A 12 11.32 -9.49 -5.91
CA PHE A 12 12.44 -8.74 -6.46
C PHE A 12 12.02 -7.30 -6.72
N SER A 13 11.94 -6.52 -5.64
CA SER A 13 11.51 -5.14 -5.72
C SER A 13 12.68 -4.23 -6.11
N VAL A 14 12.37 -3.12 -6.79
CA VAL A 14 13.38 -2.12 -7.12
C VAL A 14 14.03 -1.56 -5.86
N CYS A 15 13.23 -1.39 -4.82
CA CYS A 15 13.74 -0.93 -3.53
C CYS A 15 13.40 -1.95 -2.46
N ASP A 16 14.22 -2.00 -1.42
CA ASP A 16 14.04 -2.99 -0.37
C ASP A 16 13.09 -2.48 0.70
N SER A 17 11.94 -3.12 0.81
CA SER A 17 10.91 -2.72 1.76
C SER A 17 10.86 -3.67 2.93
N VAL A 18 10.40 -3.19 4.08
CA VAL A 18 10.19 -4.05 5.22
C VAL A 18 8.72 -4.01 5.66
N SER A 19 8.05 -5.14 5.53
CA SER A 19 6.65 -5.24 5.92
C SER A 19 6.51 -5.83 7.32
N VAL A 20 5.98 -5.04 8.23
CA VAL A 20 5.82 -5.47 9.61
C VAL A 20 4.36 -5.47 10.01
N TRP A 21 3.96 -6.50 10.74
CA TRP A 21 2.62 -6.54 11.30
C TRP A 21 2.68 -6.21 12.78
N VAL A 22 2.44 -4.95 13.09
CA VAL A 22 2.56 -4.44 14.44
C VAL A 22 1.36 -4.87 15.28
N GLY A 23 1.63 -5.55 16.39
CA GLY A 23 0.57 -5.97 17.27
C GLY A 23 0.37 -4.99 18.40
N ASP A 24 1.32 -4.08 18.56
CA ASP A 24 1.29 -3.11 19.63
C ASP A 24 1.72 -1.74 19.12
N LYS A 25 0.80 -1.05 18.47
CA LYS A 25 1.05 0.32 18.02
C LYS A 25 0.44 1.29 19.03
N THR A 26 1.16 2.35 19.38
CA THR A 26 0.71 3.25 20.43
C THR A 26 0.31 4.62 19.89
N THR A 27 0.88 5.04 18.78
CA THR A 27 0.58 6.37 18.24
C THR A 27 0.40 6.33 16.73
N ALA A 28 -0.55 7.12 16.24
CA ALA A 28 -0.77 7.26 14.81
C ALA A 28 -1.33 8.64 14.50
N THR A 29 -1.41 8.97 13.23
CA THR A 29 -1.97 10.25 12.82
C THR A 29 -3.22 10.04 11.98
N ASP A 30 -4.34 10.59 12.43
CA ASP A 30 -5.61 10.49 11.72
C ASP A 30 -5.59 11.42 10.50
N ILE A 31 -6.52 11.20 9.58
CA ILE A 31 -6.62 11.99 8.37
C ILE A 31 -6.96 13.45 8.68
N LYS A 32 -7.52 13.69 9.85
CA LYS A 32 -7.81 15.04 10.31
C LYS A 32 -6.53 15.76 10.74
N GLY A 33 -5.46 14.99 10.90
CA GLY A 33 -4.20 15.54 11.35
C GLY A 33 -4.05 15.41 12.85
N LYS A 34 -4.83 14.53 13.44
CA LYS A 34 -4.80 14.31 14.87
C LYS A 34 -3.82 13.20 15.24
N GLU A 35 -3.03 13.45 16.27
CA GLU A 35 -2.17 12.41 16.82
C GLU A 35 -2.99 11.60 17.80
N VAL A 36 -3.19 10.33 17.48
CA VAL A 36 -4.07 9.49 18.25
C VAL A 36 -3.31 8.34 18.91
N THR A 37 -3.80 7.93 20.06
CA THR A 37 -3.25 6.78 20.75
C THR A 37 -3.89 5.51 20.21
N VAL A 38 -3.08 4.67 19.59
CA VAL A 38 -3.57 3.45 19.01
C VAL A 38 -3.72 2.37 20.07
N LEU A 39 -4.79 1.61 19.98
CA LEU A 39 -5.04 0.53 20.91
C LEU A 39 -4.55 -0.78 20.31
N ALA A 40 -3.63 -1.45 21.03
CA ALA A 40 -3.12 -2.74 20.60
C ALA A 40 -4.24 -3.76 20.64
N GLU A 41 -5.06 -3.65 21.66
CA GLU A 41 -6.23 -4.49 21.80
C GLU A 41 -7.47 -3.65 21.49
N VAL A 42 -8.17 -3.99 20.42
CA VAL A 42 -9.34 -3.23 20.04
C VAL A 42 -10.59 -3.83 20.68
N ASN A 43 -11.28 -3.01 21.45
CA ASN A 43 -12.49 -3.46 22.10
C ASN A 43 -13.70 -3.13 21.24
N ILE A 44 -14.23 -4.15 20.57
CA ILE A 44 -15.41 -4.00 19.76
C ILE A 44 -16.62 -4.50 20.53
N ASN A 45 -16.88 -3.85 21.67
CA ASN A 45 -17.99 -4.20 22.56
C ASN A 45 -17.76 -5.56 23.22
N ASN A 46 -18.02 -6.62 22.48
CA ASN A 46 -17.95 -7.97 23.03
C ASN A 46 -16.69 -8.71 22.58
N SER A 47 -15.97 -8.14 21.62
CA SER A 47 -14.79 -8.79 21.08
C SER A 47 -13.57 -7.88 21.22
N VAL A 48 -12.61 -8.33 22.02
CA VAL A 48 -11.36 -7.60 22.22
C VAL A 48 -10.21 -8.43 21.68
N PHE A 49 -9.47 -7.86 20.73
CA PHE A 49 -8.35 -8.56 20.12
C PHE A 49 -7.43 -7.59 19.40
N ARG A 50 -6.30 -8.07 18.94
CA ARG A 50 -5.39 -7.25 18.16
C ARG A 50 -5.44 -7.65 16.70
N GLN A 51 -5.87 -6.72 15.86
CA GLN A 51 -6.05 -6.99 14.44
C GLN A 51 -4.73 -6.83 13.67
N TYR A 52 -3.72 -6.33 14.37
CA TYR A 52 -2.39 -6.08 13.81
C TYR A 52 -2.43 -4.92 12.80
N PHE A 53 -1.31 -4.23 12.68
CA PHE A 53 -1.20 -3.11 11.76
C PHE A 53 -0.04 -3.33 10.81
N PHE A 54 -0.34 -3.38 9.52
CA PHE A 54 0.67 -3.63 8.51
C PHE A 54 1.39 -2.35 8.13
N GLU A 55 2.69 -2.31 8.41
CA GLU A 55 3.51 -1.17 8.05
C GLU A 55 4.68 -1.63 7.17
N THR A 56 4.65 -1.23 5.91
CA THR A 56 5.75 -1.51 5.01
C THR A 56 6.65 -0.29 4.88
N LYS A 57 7.77 -0.34 5.57
CA LYS A 57 8.63 0.81 5.70
C LYS A 57 9.86 0.68 4.82
N CYS A 58 10.64 1.75 4.74
CA CYS A 58 11.89 1.74 4.02
C CYS A 58 13.05 1.49 4.98
N ARG A 59 13.63 0.30 4.91
CA ARG A 59 14.81 -0.01 5.70
C ARG A 59 16.06 0.26 4.87
N ALA A 60 15.85 0.87 3.72
CA ALA A 60 16.92 1.30 2.84
C ALA A 60 16.42 2.46 1.99
N SER A 61 17.05 3.62 2.14
CA SER A 61 16.68 4.78 1.36
C SER A 61 17.19 4.64 -0.08
N ASN A 62 18.26 3.87 -0.22
CA ASN A 62 18.80 3.50 -1.51
C ASN A 62 19.44 2.12 -1.43
N PRO A 63 18.81 1.10 -2.06
CA PRO A 63 19.30 -0.28 -2.02
C PRO A 63 20.70 -0.39 -2.63
N VAL A 64 20.93 0.38 -3.68
CA VAL A 64 22.22 0.42 -4.34
C VAL A 64 22.59 1.88 -4.61
N GLU A 65 23.88 2.15 -4.78
CA GLU A 65 24.34 3.52 -4.96
C GLU A 65 24.06 4.03 -6.37
N SER A 66 23.61 3.13 -7.23
CA SER A 66 23.22 3.51 -8.58
C SER A 66 21.75 3.91 -8.64
N GLY A 67 21.04 3.74 -7.51
CA GLY A 67 19.63 4.07 -7.46
C GLY A 67 18.79 2.94 -6.89
N CYS A 68 17.83 2.47 -7.67
CA CYS A 68 16.95 1.40 -7.21
C CYS A 68 17.08 0.18 -8.11
N ARG A 69 18.32 -0.33 -8.22
CA ARG A 69 18.59 -1.59 -8.93
C ARG A 69 18.25 -1.49 -10.42
N GLY A 70 19.21 -1.07 -11.22
CA GLY A 70 18.99 -1.01 -12.66
C GLY A 70 18.92 0.42 -13.16
N ILE A 71 18.49 1.32 -12.28
CA ILE A 71 18.36 2.74 -12.63
C ILE A 71 19.69 3.32 -13.08
N ASP A 72 19.65 4.13 -14.14
CA ASP A 72 20.84 4.78 -14.66
C ASP A 72 21.12 6.05 -13.87
N SER A 73 22.27 6.08 -13.19
CA SER A 73 22.61 7.17 -12.29
C SER A 73 22.98 8.45 -13.04
N LYS A 74 23.06 8.39 -14.36
CA LYS A 74 23.42 9.55 -15.14
C LYS A 74 22.18 10.29 -15.60
N HIS A 75 21.08 9.57 -15.73
CA HIS A 75 19.82 10.16 -16.18
C HIS A 75 18.85 10.35 -15.02
N TRP A 76 18.89 9.43 -14.07
CA TRP A 76 17.93 9.45 -12.97
C TRP A 76 18.63 9.33 -11.63
N ASN A 77 18.17 10.10 -10.67
CA ASN A 77 18.55 9.93 -9.28
C ASN A 77 17.35 9.34 -8.53
N SER A 78 17.60 8.32 -7.72
CA SER A 78 16.52 7.59 -7.09
C SER A 78 16.54 7.77 -5.58
N TYR A 79 15.37 7.67 -4.96
CA TYR A 79 15.24 7.74 -3.52
C TYR A 79 14.00 6.97 -3.08
N CYS A 80 14.15 6.16 -2.04
CA CYS A 80 13.04 5.37 -1.53
C CYS A 80 12.25 6.16 -0.50
N THR A 81 10.95 6.26 -0.72
CA THR A 81 10.05 6.97 0.18
C THR A 81 8.90 6.05 0.59
N THR A 82 8.62 6.02 1.89
CA THR A 82 7.51 5.22 2.38
C THR A 82 6.19 5.95 2.18
N THR A 83 5.22 5.22 1.64
CA THR A 83 3.90 5.78 1.42
C THR A 83 3.04 5.67 2.66
N HIS A 84 2.04 6.53 2.78
CA HIS A 84 1.18 6.52 3.94
C HIS A 84 -0.29 6.37 3.53
N THR A 85 -0.92 5.31 4.00
CA THR A 85 -2.32 5.08 3.70
C THR A 85 -3.15 5.23 4.96
N PHE A 86 -4.43 5.46 4.82
CA PHE A 86 -5.30 5.68 5.97
C PHE A 86 -6.21 4.48 6.20
N VAL A 87 -6.04 3.83 7.33
CA VAL A 87 -6.82 2.65 7.66
C VAL A 87 -7.70 2.91 8.87
N LYS A 88 -8.79 2.16 8.97
CA LYS A 88 -9.71 2.30 10.09
C LYS A 88 -9.22 1.52 11.29
N ALA A 89 -8.75 2.22 12.29
CA ALA A 89 -8.25 1.60 13.50
C ALA A 89 -8.91 2.21 14.72
N LEU A 90 -9.23 1.37 15.69
CA LEU A 90 -9.83 1.84 16.92
C LEU A 90 -8.78 2.52 17.76
N THR A 91 -8.82 3.83 17.78
CA THR A 91 -7.83 4.61 18.50
C THR A 91 -8.52 5.61 19.41
N THR A 92 -7.78 6.20 20.32
CA THR A 92 -8.34 7.20 21.21
C THR A 92 -7.65 8.54 21.00
N ASP A 93 -8.40 9.53 20.53
CA ASP A 93 -7.88 10.87 20.29
C ASP A 93 -8.09 11.76 21.50
N GLU A 94 -9.11 11.46 22.31
CA GLU A 94 -9.37 12.20 23.52
C GLU A 94 -9.40 11.27 24.73
N LYS A 95 -10.59 10.77 25.06
CA LYS A 95 -10.75 9.86 26.20
C LYS A 95 -11.60 8.65 25.85
N GLN A 96 -12.01 8.56 24.60
CA GLN A 96 -12.84 7.45 24.15
C GLN A 96 -12.17 6.75 22.97
N ALA A 97 -12.56 5.52 22.72
CA ALA A 97 -12.02 4.75 21.60
C ALA A 97 -12.97 4.84 20.42
N ALA A 98 -12.44 5.19 19.26
CA ALA A 98 -13.24 5.33 18.06
C ALA A 98 -12.46 4.86 16.85
N TRP A 99 -13.18 4.41 15.83
CA TRP A 99 -12.56 3.96 14.59
C TRP A 99 -12.10 5.16 13.77
N ARG A 100 -10.81 5.45 13.85
CA ARG A 100 -10.24 6.58 13.13
C ARG A 100 -9.56 6.11 11.86
N PHE A 101 -9.25 7.05 10.99
CA PHE A 101 -8.54 6.74 9.77
C PHE A 101 -7.10 7.21 9.92
N ILE A 102 -6.21 6.28 10.18
CA ILE A 102 -4.85 6.64 10.54
C ILE A 102 -3.86 6.25 9.46
N ARG A 103 -2.84 7.06 9.29
CA ARG A 103 -1.83 6.83 8.28
C ARG A 103 -0.81 5.80 8.76
N ILE A 104 -0.66 4.75 7.98
CA ILE A 104 0.37 3.74 8.21
C ILE A 104 1.23 3.57 6.97
N ASP A 105 2.44 3.05 7.18
CA ASP A 105 3.39 2.82 6.09
C ASP A 105 2.84 1.76 5.15
N THR A 106 2.62 2.14 3.91
CA THR A 106 1.97 1.28 2.95
C THR A 106 2.98 0.47 2.15
N ALA A 107 3.89 1.19 1.49
CA ALA A 107 4.91 0.56 0.67
C ALA A 107 6.08 1.53 0.47
N CYS A 108 7.25 0.99 0.21
CA CYS A 108 8.41 1.83 -0.03
C CYS A 108 8.61 2.01 -1.52
N VAL A 109 8.34 3.23 -1.99
CA VAL A 109 8.37 3.52 -3.42
C VAL A 109 9.69 4.18 -3.80
N CYS A 110 10.12 3.96 -5.03
CA CYS A 110 11.32 4.59 -5.52
C CYS A 110 10.96 5.78 -6.40
N VAL A 111 11.32 6.96 -5.96
CA VAL A 111 11.07 8.17 -6.73
C VAL A 111 12.25 8.44 -7.65
N LEU A 112 11.98 9.04 -8.79
CA LEU A 112 13.01 9.32 -9.77
C LEU A 112 13.12 10.82 -10.01
N SER A 113 14.34 11.30 -10.12
CA SER A 113 14.57 12.70 -10.44
C SER A 113 15.59 12.82 -11.57
N ARG A 114 15.45 13.88 -12.36
CA ARG A 114 16.33 14.09 -13.52
C ARG A 114 17.72 14.58 -13.09
N LYS A 115 17.97 14.56 -11.77
CA LYS A 115 19.24 15.01 -11.18
C LYS A 115 19.31 16.53 -11.18
N ALA A 116 19.06 17.12 -12.34
CA ALA A 116 18.93 18.56 -12.46
C ALA A 116 17.51 18.97 -12.10
N THR A 117 17.29 20.29 -11.97
CA THR A 117 16.00 20.87 -11.59
C THR A 117 15.49 20.35 -10.24
N ARG A 118 14.47 21.00 -9.71
CA ARG A 118 13.90 20.62 -8.43
C ARG A 118 12.38 20.71 -8.49
N SER B 1 10.97 31.54 3.43
CA SER B 1 11.20 30.09 3.53
C SER B 1 11.72 29.55 2.21
N SER B 2 12.29 28.34 2.24
CA SER B 2 12.81 27.71 1.05
C SER B 2 12.50 26.22 1.05
N THR B 3 11.32 25.88 1.53
CA THR B 3 10.90 24.49 1.64
C THR B 3 10.22 24.02 0.35
N HIS B 4 10.95 23.25 -0.44
CA HIS B 4 10.44 22.74 -1.70
C HIS B 4 9.47 21.59 -1.45
N PRO B 5 8.29 21.62 -2.09
CA PRO B 5 7.29 20.57 -1.93
C PRO B 5 7.75 19.24 -2.51
N VAL B 6 8.25 18.38 -1.64
CA VAL B 6 8.73 17.05 -2.04
C VAL B 6 7.55 16.17 -2.44
N PHE B 7 6.35 16.62 -2.12
CA PHE B 7 5.13 15.93 -2.50
C PHE B 7 5.07 15.76 -4.01
N HIS B 8 5.47 16.80 -4.75
CA HIS B 8 5.47 16.75 -6.21
C HIS B 8 6.58 15.85 -6.71
N MET B 9 7.64 15.73 -5.92
CA MET B 9 8.80 14.92 -6.30
C MET B 9 8.48 13.44 -6.09
N GLY B 10 7.58 13.17 -5.15
CA GLY B 10 7.19 11.80 -4.87
C GLY B 10 6.19 11.26 -5.87
N GLU B 11 5.83 12.09 -6.84
CA GLU B 11 4.91 11.69 -7.89
C GLU B 11 5.64 11.08 -9.07
N PHE B 12 6.97 11.09 -9.01
CA PHE B 12 7.79 10.49 -10.05
C PHE B 12 8.11 9.05 -9.73
N SER B 13 7.13 8.18 -9.93
CA SER B 13 7.26 6.77 -9.62
C SER B 13 7.96 6.03 -10.76
N VAL B 14 8.68 4.95 -10.42
CA VAL B 14 9.30 4.10 -11.42
C VAL B 14 8.25 3.51 -12.37
N CYS B 15 7.10 3.17 -11.81
CA CYS B 15 5.99 2.65 -12.60
C CYS B 15 4.77 3.54 -12.40
N ASP B 16 3.90 3.60 -13.40
CA ASP B 16 2.74 4.48 -13.35
C ASP B 16 1.57 3.78 -12.68
N SER B 17 1.18 4.28 -11.52
CA SER B 17 0.10 3.68 -10.75
C SER B 17 -1.16 4.53 -10.86
N VAL B 18 -2.31 3.91 -10.66
CA VAL B 18 -3.56 4.63 -10.61
C VAL B 18 -4.27 4.41 -9.28
N SER B 19 -4.39 5.47 -8.49
CA SER B 19 -5.03 5.38 -7.20
C SER B 19 -6.48 5.83 -7.29
N VAL B 20 -7.40 4.92 -7.02
CA VAL B 20 -8.82 5.20 -7.11
C VAL B 20 -9.50 5.02 -5.76
N TRP B 21 -10.38 5.94 -5.42
CA TRP B 21 -11.20 5.80 -4.23
C TRP B 21 -12.60 5.35 -4.63
N VAL B 22 -12.81 4.05 -4.56
CA VAL B 22 -14.06 3.45 -4.99
C VAL B 22 -15.15 3.67 -3.95
N GLY B 23 -16.24 4.28 -4.37
CA GLY B 23 -17.35 4.51 -3.47
C GLY B 23 -18.40 3.42 -3.61
N ASP B 24 -18.28 2.62 -4.65
CA ASP B 24 -19.23 1.55 -4.91
C ASP B 24 -18.50 0.28 -5.36
N LYS B 25 -17.97 -0.44 -4.39
CA LYS B 25 -17.35 -1.73 -4.66
C LYS B 25 -18.35 -2.83 -4.35
N THR B 26 -18.44 -3.84 -5.22
CA THR B 26 -19.47 -4.86 -5.06
C THR B 26 -18.88 -6.22 -4.69
N THR B 27 -17.64 -6.49 -5.07
CA THR B 27 -17.04 -7.78 -4.78
C THR B 27 -15.60 -7.64 -4.30
N ALA B 28 -15.23 -8.49 -3.35
CA ALA B 28 -13.85 -8.54 -2.85
C ALA B 28 -13.51 -9.93 -2.38
N THR B 29 -12.25 -10.17 -2.07
CA THR B 29 -11.83 -11.46 -1.55
C THR B 29 -11.28 -11.31 -0.14
N ASP B 30 -11.87 -12.02 0.81
CA ASP B 30 -11.44 -12.00 2.20
C ASP B 30 -10.15 -12.81 2.34
N ILE B 31 -9.46 -12.62 3.45
CA ILE B 31 -8.20 -13.30 3.72
C ILE B 31 -8.42 -14.82 3.86
N LYS B 32 -9.65 -15.22 4.15
CA LYS B 32 -10.01 -16.63 4.22
C LYS B 32 -10.11 -17.23 2.83
N GLY B 33 -10.15 -16.37 1.83
CA GLY B 33 -10.28 -16.82 0.45
C GLY B 33 -11.72 -16.80 0.01
N LYS B 34 -12.54 -16.06 0.73
CA LYS B 34 -13.96 -15.95 0.44
C LYS B 34 -14.25 -14.79 -0.48
N GLU B 35 -15.07 -15.03 -1.48
CA GLU B 35 -15.55 -13.97 -2.34
C GLU B 35 -16.76 -13.31 -1.68
N VAL B 36 -16.60 -12.06 -1.30
CA VAL B 36 -17.62 -11.39 -0.52
C VAL B 36 -18.22 -10.23 -1.29
N THR B 37 -19.48 -9.95 -1.00
CA THR B 37 -20.17 -8.82 -1.57
C THR B 37 -19.90 -7.58 -0.74
N VAL B 38 -19.24 -6.62 -1.33
CA VAL B 38 -18.88 -5.40 -0.62
C VAL B 38 -20.05 -4.44 -0.60
N LEU B 39 -20.24 -3.79 0.53
CA LEU B 39 -21.31 -2.83 0.68
C LEU B 39 -20.78 -1.43 0.44
N ALA B 40 -21.36 -0.74 -0.54
CA ALA B 40 -20.98 0.63 -0.84
C ALA B 40 -21.34 1.52 0.33
N GLU B 41 -22.49 1.24 0.93
CA GLU B 41 -22.93 1.94 2.11
C GLU B 41 -22.78 1.00 3.31
N VAL B 42 -21.90 1.35 4.24
CA VAL B 42 -21.67 0.50 5.39
C VAL B 42 -22.60 0.91 6.52
N ASN B 43 -23.40 -0.04 6.98
CA ASN B 43 -24.32 0.21 8.07
C ASN B 43 -23.66 -0.16 9.40
N ILE B 44 -23.23 0.85 10.13
CA ILE B 44 -22.64 0.64 11.45
C ILE B 44 -23.69 0.95 12.50
N ASN B 45 -24.76 0.18 12.47
CA ASN B 45 -25.89 0.33 13.41
C ASN B 45 -26.63 1.65 13.17
N ASN B 46 -26.08 2.73 13.67
CA ASN B 46 -26.73 4.03 13.61
C ASN B 46 -26.13 4.92 12.52
N SER B 47 -24.99 4.52 11.98
CA SER B 47 -24.31 5.34 10.99
C SER B 47 -24.12 4.56 9.69
N VAL B 48 -24.77 5.04 8.64
CA VAL B 48 -24.65 4.43 7.32
C VAL B 48 -23.97 5.42 6.38
N PHE B 49 -22.86 5.02 5.78
CA PHE B 49 -22.11 5.88 4.89
C PHE B 49 -21.14 5.07 4.05
N ARG B 50 -20.52 5.72 3.07
CA ARG B 50 -19.50 5.07 2.26
C ARG B 50 -18.12 5.58 2.64
N GLN B 51 -17.29 4.68 3.14
CA GLN B 51 -15.96 5.04 3.63
C GLN B 51 -14.96 5.10 2.49
N TYR B 52 -15.39 4.65 1.32
CA TYR B 52 -14.56 4.59 0.11
C TYR B 52 -13.47 3.53 0.25
N PHE B 53 -13.06 2.97 -0.88
CA PHE B 53 -12.03 1.95 -0.90
C PHE B 53 -10.90 2.37 -1.82
N PHE B 54 -9.70 2.49 -1.27
CA PHE B 54 -8.55 2.94 -2.03
C PHE B 54 -7.91 1.77 -2.77
N GLU B 55 -7.93 1.85 -4.09
CA GLU B 55 -7.30 0.84 -4.92
C GLU B 55 -6.27 1.48 -5.85
N THR B 56 -5.01 1.19 -5.60
CA THR B 56 -3.94 1.67 -6.47
C THR B 56 -3.53 0.56 -7.42
N LYS B 57 -3.98 0.68 -8.66
CA LYS B 57 -3.82 -0.38 -9.64
C LYS B 57 -2.74 -0.04 -10.64
N CYS B 58 -2.42 -1.02 -11.48
CA CYS B 58 -1.46 -0.81 -12.55
C CYS B 58 -2.20 -0.52 -13.85
N ARG B 59 -2.14 0.73 -14.30
CA ARG B 59 -2.72 1.09 -15.59
C ARG B 59 -1.65 1.02 -16.67
N ALA B 60 -0.51 0.49 -16.27
CA ALA B 60 0.60 0.26 -17.18
C ALA B 60 1.46 -0.87 -16.64
N SER B 61 1.55 -1.97 -17.38
CA SER B 61 2.37 -3.10 -16.95
C SER B 61 3.84 -2.77 -17.15
N ASN B 62 4.11 -1.89 -18.10
CA ASN B 62 5.44 -1.36 -18.34
C ASN B 62 5.34 0.08 -18.85
N PRO B 63 5.73 1.07 -18.02
CA PRO B 63 5.65 2.49 -18.39
C PRO B 63 6.50 2.80 -19.61
N VAL B 64 7.64 2.15 -19.71
CA VAL B 64 8.54 2.29 -20.84
C VAL B 64 9.03 0.92 -21.27
N GLU B 65 9.46 0.80 -22.51
CA GLU B 65 9.87 -0.49 -23.07
C GLU B 65 11.24 -0.91 -22.54
N SER B 66 11.91 0.00 -21.85
CA SER B 66 13.19 -0.31 -21.24
C SER B 66 13.00 -0.86 -19.82
N GLY B 67 11.76 -0.85 -19.34
CA GLY B 67 11.47 -1.34 -18.01
C GLY B 67 10.64 -0.36 -17.21
N CYS B 68 11.15 0.07 -16.07
CA CYS B 68 10.43 1.00 -15.20
C CYS B 68 11.20 2.31 -15.04
N ARG B 69 11.51 2.95 -16.18
CA ARG B 69 12.12 4.28 -16.20
C ARG B 69 13.51 4.28 -15.56
N GLY B 70 14.52 4.03 -16.37
CA GLY B 70 15.89 4.06 -15.88
C GLY B 70 16.51 2.68 -15.83
N ILE B 71 15.67 1.67 -15.68
CA ILE B 71 16.13 0.28 -15.60
C ILE B 71 16.89 -0.12 -16.87
N ASP B 72 17.99 -0.84 -16.68
CA ASP B 72 18.79 -1.31 -17.80
C ASP B 72 18.21 -2.61 -18.35
N SER B 73 17.78 -2.57 -19.60
CA SER B 73 17.07 -3.68 -20.22
C SER B 73 17.99 -4.86 -20.54
N LYS B 74 19.29 -4.67 -20.35
CA LYS B 74 20.25 -5.72 -20.65
C LYS B 74 20.55 -6.55 -19.40
N HIS B 75 20.37 -5.94 -18.24
CA HIS B 75 20.63 -6.63 -16.98
C HIS B 75 19.34 -7.01 -16.27
N TRP B 76 18.32 -6.17 -16.42
CA TRP B 76 17.07 -6.38 -15.71
C TRP B 76 15.87 -6.30 -16.66
N ASN B 77 14.93 -7.21 -16.46
CA ASN B 77 13.63 -7.10 -17.10
C ASN B 77 12.62 -6.71 -16.03
N SER B 78 11.77 -5.75 -16.35
CA SER B 78 10.87 -5.18 -15.36
C SER B 78 9.41 -5.49 -15.70
N TYR B 79 8.58 -5.56 -14.67
CA TYR B 79 7.16 -5.76 -14.84
C TYR B 79 6.40 -5.18 -13.66
N CYS B 80 5.34 -4.44 -13.93
CA CYS B 80 4.54 -3.83 -12.87
C CYS B 80 3.47 -4.78 -12.38
N THR B 81 3.44 -4.99 -11.07
CA THR B 81 2.47 -5.87 -10.45
C THR B 81 1.75 -5.13 -9.33
N THR B 82 0.43 -5.22 -9.31
CA THR B 82 -0.35 -4.58 -8.26
C THR B 82 -0.32 -5.42 -6.99
N THR B 83 -0.06 -4.78 -5.87
CA THR B 83 -0.03 -5.46 -4.59
C THR B 83 -1.42 -5.53 -3.99
N HIS B 84 -1.65 -6.51 -3.12
CA HIS B 84 -2.95 -6.68 -2.51
C HIS B 84 -2.84 -6.65 -0.99
N THR B 85 -3.53 -5.72 -0.36
CA THR B 85 -3.52 -5.61 1.08
C THR B 85 -4.91 -5.96 1.61
N PHE B 86 -4.99 -6.30 2.89
CA PHE B 86 -6.26 -6.72 3.47
C PHE B 86 -6.77 -5.65 4.42
N VAL B 87 -7.91 -5.08 4.08
CA VAL B 87 -8.51 -4.02 4.89
C VAL B 87 -9.84 -4.47 5.48
N LYS B 88 -10.22 -3.85 6.60
CA LYS B 88 -11.47 -4.18 7.26
C LYS B 88 -12.62 -3.45 6.61
N ALA B 89 -13.44 -4.19 5.87
CA ALA B 89 -14.59 -3.61 5.20
C ALA B 89 -15.84 -4.40 5.56
N LEU B 90 -16.94 -3.68 5.75
CA LEU B 90 -18.20 -4.31 6.06
C LEU B 90 -18.75 -4.94 4.79
N THR B 91 -18.65 -6.25 4.71
CA THR B 91 -19.08 -6.98 3.53
C THR B 91 -19.99 -8.12 3.93
N THR B 92 -20.68 -8.70 2.97
CA THR B 92 -21.55 -9.82 3.25
C THR B 92 -21.07 -11.06 2.49
N ASP B 93 -20.67 -12.08 3.25
CA ASP B 93 -20.19 -13.32 2.66
C ASP B 93 -21.32 -14.34 2.55
N GLU B 94 -22.33 -14.21 3.41
CA GLU B 94 -23.50 -15.08 3.35
C GLU B 94 -24.77 -14.26 3.23
N LYS B 95 -25.37 -13.91 4.37
CA LYS B 95 -26.61 -13.14 4.37
C LYS B 95 -26.56 -12.00 5.38
N GLN B 96 -25.42 -11.84 6.04
CA GLN B 96 -25.26 -10.79 7.03
C GLN B 96 -24.04 -9.93 6.68
N ALA B 97 -24.01 -8.72 7.22
CA ALA B 97 -22.90 -7.82 6.98
C ALA B 97 -21.91 -7.90 8.14
N ALA B 98 -20.64 -8.11 7.82
CA ALA B 98 -19.61 -8.23 8.83
C ALA B 98 -18.33 -7.58 8.36
N TRP B 99 -17.51 -7.12 9.30
CA TRP B 99 -16.24 -6.51 8.98
C TRP B 99 -15.22 -7.58 8.60
N ARG B 100 -15.02 -7.74 7.30
CA ARG B 100 -14.11 -8.73 6.79
C ARG B 100 -12.78 -8.09 6.41
N PHE B 101 -11.77 -8.91 6.21
CA PHE B 101 -10.47 -8.44 5.78
C PHE B 101 -10.30 -8.76 4.31
N ILE B 102 -10.47 -7.77 3.46
CA ILE B 102 -10.53 -8.00 2.03
C ILE B 102 -9.32 -7.41 1.33
N ARG B 103 -8.88 -8.10 0.29
CA ARG B 103 -7.72 -7.67 -0.48
C ARG B 103 -8.10 -6.59 -1.47
N ILE B 104 -7.42 -5.47 -1.36
CA ILE B 104 -7.56 -4.38 -2.33
C ILE B 104 -6.20 -4.01 -2.90
N ASP B 105 -6.22 -3.39 -4.07
CA ASP B 105 -5.00 -2.97 -4.75
C ASP B 105 -4.30 -1.89 -3.95
N THR B 106 -3.09 -2.19 -3.52
CA THR B 106 -2.37 -1.33 -2.62
C THR B 106 -1.47 -0.35 -3.37
N ALA B 107 -0.59 -0.91 -4.18
CA ALA B 107 0.34 -0.11 -4.97
C ALA B 107 0.87 -0.93 -6.14
N CYS B 108 1.30 -0.25 -7.19
CA CYS B 108 1.83 -0.93 -8.36
C CYS B 108 3.35 -0.97 -8.25
N VAL B 109 3.88 -2.17 -8.02
CA VAL B 109 5.31 -2.34 -7.78
C VAL B 109 6.00 -2.82 -9.05
N CYS B 110 7.26 -2.45 -9.20
CA CYS B 110 8.03 -2.90 -10.33
C CYS B 110 8.95 -4.04 -9.90
N VAL B 111 8.71 -5.22 -10.45
CA VAL B 111 9.54 -6.38 -10.16
C VAL B 111 10.68 -6.44 -11.15
N LEU B 112 11.81 -6.96 -10.71
CA LEU B 112 12.99 -7.06 -11.55
C LEU B 112 13.40 -8.51 -11.74
N SER B 113 13.80 -8.85 -12.95
CA SER B 113 14.29 -10.17 -13.24
C SER B 113 15.60 -10.09 -14.00
N ARG B 114 16.46 -11.09 -13.82
CA ARG B 114 17.78 -11.12 -14.46
C ARG B 114 17.67 -11.49 -15.94
N LYS B 115 16.44 -11.54 -16.45
CA LYS B 115 16.15 -11.91 -17.84
C LYS B 115 16.32 -13.41 -18.04
N ALA B 116 17.46 -13.92 -17.62
CA ALA B 116 17.69 -15.36 -17.61
C ALA B 116 17.11 -15.95 -16.33
N THR B 117 17.08 -17.27 -16.25
CA THR B 117 16.53 -18.03 -15.12
C THR B 117 15.05 -17.68 -14.85
N ARG B 118 14.41 -18.47 -14.01
CA ARG B 118 13.01 -18.26 -13.68
C ARG B 118 12.78 -18.50 -12.19
N SER A 1 3.19 -24.29 -13.55
CA SER A 1 2.83 -23.18 -14.47
C SER A 1 1.98 -22.13 -13.75
N SER A 2 0.74 -22.49 -13.42
CA SER A 2 -0.17 -21.57 -12.77
C SER A 2 -0.41 -21.97 -11.31
N THR A 3 0.16 -23.09 -10.92
CA THR A 3 0.03 -23.59 -9.56
C THR A 3 0.98 -22.84 -8.62
N HIS A 4 0.62 -21.60 -8.30
CA HIS A 4 1.44 -20.75 -7.42
C HIS A 4 2.83 -20.56 -8.03
N PRO A 5 2.96 -19.65 -9.00
CA PRO A 5 4.25 -19.39 -9.67
C PRO A 5 5.21 -18.56 -8.81
N VAL A 6 5.12 -18.78 -7.50
CA VAL A 6 5.97 -18.10 -6.52
C VAL A 6 5.79 -16.59 -6.59
N PHE A 7 4.67 -16.16 -7.18
CA PHE A 7 4.37 -14.76 -7.40
C PHE A 7 5.52 -14.11 -8.20
N HIS A 8 5.85 -14.71 -9.34
CA HIS A 8 6.94 -14.24 -10.20
C HIS A 8 8.27 -14.34 -9.46
N MET A 9 8.47 -15.47 -8.78
CA MET A 9 9.70 -15.72 -8.01
C MET A 9 9.86 -14.70 -6.88
N GLY A 10 8.75 -14.15 -6.43
CA GLY A 10 8.77 -13.12 -5.42
C GLY A 10 8.50 -11.76 -6.03
N GLU A 11 7.75 -10.92 -5.31
CA GLU A 11 7.46 -9.59 -5.80
C GLU A 11 8.69 -8.68 -5.67
N PHE A 12 9.64 -8.90 -6.57
CA PHE A 12 10.90 -8.17 -6.61
C PHE A 12 10.67 -6.66 -6.48
N SER A 13 11.51 -6.04 -5.70
CA SER A 13 11.41 -4.61 -5.46
C SER A 13 12.72 -3.91 -5.82
N VAL A 14 12.62 -2.77 -6.48
CA VAL A 14 13.79 -1.97 -6.83
C VAL A 14 14.49 -1.46 -5.56
N CYS A 15 13.73 -1.39 -4.49
CA CYS A 15 14.25 -1.07 -3.17
C CYS A 15 13.70 -2.07 -2.18
N ASP A 16 14.56 -2.60 -1.32
CA ASP A 16 14.16 -3.63 -0.38
C ASP A 16 13.19 -3.09 0.65
N SER A 17 12.08 -3.79 0.83
CA SER A 17 11.06 -3.38 1.76
C SER A 17 10.79 -4.48 2.77
N VAL A 18 10.44 -4.09 3.98
CA VAL A 18 10.10 -5.05 5.01
C VAL A 18 8.63 -4.92 5.41
N SER A 19 7.86 -5.95 5.14
CA SER A 19 6.45 -5.97 5.47
C SER A 19 6.24 -6.63 6.83
N VAL A 20 5.78 -5.85 7.79
CA VAL A 20 5.61 -6.33 9.15
C VAL A 20 4.17 -6.16 9.59
N TRP A 21 3.65 -7.17 10.27
CA TRP A 21 2.38 -7.03 10.95
C TRP A 21 2.63 -6.55 12.37
N VAL A 22 2.53 -5.25 12.55
CA VAL A 22 2.83 -4.62 13.83
C VAL A 22 1.75 -5.00 14.83
N GLY A 23 2.16 -5.68 15.89
CA GLY A 23 1.23 -6.17 16.87
C GLY A 23 0.69 -5.07 17.76
N ASP A 24 1.52 -4.08 18.06
CA ASP A 24 1.14 -3.03 19.00
C ASP A 24 1.60 -1.66 18.51
N LYS A 25 0.96 -1.16 17.47
CA LYS A 25 1.22 0.19 17.00
C LYS A 25 0.64 1.19 18.00
N THR A 26 1.43 2.18 18.40
CA THR A 26 1.03 3.06 19.49
C THR A 26 0.51 4.41 19.01
N THR A 27 1.06 4.93 17.92
CA THR A 27 0.67 6.25 17.44
C THR A 27 0.60 6.30 15.92
N ALA A 28 -0.36 7.05 15.41
CA ALA A 28 -0.50 7.25 13.98
C ALA A 28 -1.25 8.55 13.70
N THR A 29 -1.08 9.08 12.50
CA THR A 29 -1.75 10.30 12.11
C THR A 29 -3.04 10.00 11.34
N ASP A 30 -4.15 10.48 11.88
CA ASP A 30 -5.45 10.37 11.21
C ASP A 30 -5.45 11.23 9.96
N ILE A 31 -6.37 10.96 9.04
CA ILE A 31 -6.44 11.69 7.78
C ILE A 31 -6.55 13.21 8.01
N LYS A 32 -7.17 13.60 9.12
CA LYS A 32 -7.39 15.00 9.43
C LYS A 32 -6.14 15.64 10.02
N GLY A 33 -5.06 14.87 10.11
CA GLY A 33 -3.81 15.39 10.62
C GLY A 33 -3.73 15.29 12.13
N LYS A 34 -4.42 14.32 12.69
CA LYS A 34 -4.44 14.12 14.13
C LYS A 34 -3.51 12.98 14.52
N GLU A 35 -2.44 13.29 15.23
CA GLU A 35 -1.57 12.27 15.77
C GLU A 35 -2.25 11.67 17.00
N VAL A 36 -2.62 10.41 16.91
CA VAL A 36 -3.42 9.78 17.94
C VAL A 36 -2.83 8.46 18.39
N THR A 37 -3.24 8.03 19.58
CA THR A 37 -2.81 6.77 20.14
C THR A 37 -3.65 5.63 19.58
N VAL A 38 -3.00 4.76 18.84
CA VAL A 38 -3.66 3.65 18.18
C VAL A 38 -3.82 2.47 19.14
N LEU A 39 -4.96 1.81 19.07
CA LEU A 39 -5.22 0.65 19.90
C LEU A 39 -5.13 -0.61 19.04
N ALA A 40 -4.27 -1.53 19.45
CA ALA A 40 -4.08 -2.78 18.72
C ALA A 40 -5.23 -3.73 18.99
N GLU A 41 -5.93 -3.47 20.08
CA GLU A 41 -7.08 -4.27 20.46
C GLU A 41 -8.33 -3.47 20.16
N VAL A 42 -9.14 -3.94 19.25
CA VAL A 42 -10.33 -3.20 18.85
C VAL A 42 -11.56 -3.74 19.59
N ASN A 43 -12.31 -2.83 20.19
CA ASN A 43 -13.54 -3.21 20.86
C ASN A 43 -14.75 -2.81 20.02
N ILE A 44 -15.49 -3.81 19.58
CA ILE A 44 -16.73 -3.58 18.87
C ILE A 44 -17.90 -3.98 19.76
N ASN A 45 -18.45 -2.99 20.46
CA ASN A 45 -19.54 -3.19 21.43
C ASN A 45 -19.03 -3.99 22.63
N ASN A 46 -18.99 -5.30 22.50
CA ASN A 46 -18.51 -6.16 23.58
C ASN A 46 -17.60 -7.25 23.02
N SER A 47 -16.99 -6.98 21.88
CA SER A 47 -16.08 -7.92 21.26
C SER A 47 -14.72 -7.26 21.05
N VAL A 48 -13.72 -7.77 21.75
CA VAL A 48 -12.38 -7.22 21.66
C VAL A 48 -11.43 -8.22 21.02
N PHE A 49 -10.80 -7.82 19.93
CA PHE A 49 -9.87 -8.69 19.22
C PHE A 49 -8.78 -7.87 18.55
N ARG A 50 -7.62 -8.48 18.37
CA ARG A 50 -6.49 -7.80 17.74
C ARG A 50 -6.21 -8.44 16.39
N GLN A 51 -5.76 -7.65 15.43
CA GLN A 51 -5.49 -8.17 14.09
C GLN A 51 -4.18 -7.63 13.54
N TYR A 52 -3.49 -6.81 14.35
CA TYR A 52 -2.19 -6.24 14.00
C TYR A 52 -2.33 -5.22 12.87
N PHE A 53 -1.23 -4.57 12.51
CA PHE A 53 -1.23 -3.56 11.46
C PHE A 53 -0.16 -3.88 10.42
N PHE A 54 -0.56 -3.97 9.16
CA PHE A 54 0.37 -4.32 8.09
C PHE A 54 1.10 -3.08 7.59
N GLU A 55 2.39 -2.99 7.92
CA GLU A 55 3.21 -1.87 7.47
C GLU A 55 4.42 -2.38 6.70
N THR A 56 4.71 -1.73 5.60
CA THR A 56 5.85 -2.08 4.77
C THR A 56 6.84 -0.92 4.75
N LYS A 57 7.97 -1.10 5.40
CA LYS A 57 8.95 -0.02 5.56
C LYS A 57 10.13 -0.22 4.60
N CYS A 58 10.68 0.88 4.13
CA CYS A 58 11.85 0.85 3.26
C CYS A 58 13.09 0.45 4.08
N ARG A 59 13.73 -0.62 3.66
CA ARG A 59 14.97 -1.07 4.29
C ARG A 59 16.12 -0.22 3.78
N ALA A 60 16.34 0.92 4.44
CA ALA A 60 17.29 1.94 4.00
C ALA A 60 16.74 2.67 2.78
N SER A 61 16.95 3.98 2.75
CA SER A 61 16.39 4.82 1.69
C SER A 61 17.16 4.68 0.38
N ASN A 62 18.25 3.92 0.41
CA ASN A 62 19.05 3.65 -0.77
C ASN A 62 19.70 2.27 -0.68
N PRO A 63 19.18 1.27 -1.43
CA PRO A 63 19.78 -0.07 -1.47
C PRO A 63 21.18 -0.04 -2.07
N VAL A 64 21.38 0.85 -3.04
CA VAL A 64 22.68 1.05 -3.66
C VAL A 64 23.11 2.50 -3.48
N GLU A 65 24.41 2.73 -3.50
CA GLU A 65 24.96 4.06 -3.25
C GLU A 65 24.84 4.93 -4.51
N SER A 66 23.61 5.21 -4.88
CA SER A 66 23.29 6.02 -6.03
C SER A 66 21.78 6.19 -6.15
N GLY A 67 21.06 5.19 -5.63
CA GLY A 67 19.62 5.23 -5.66
C GLY A 67 19.01 3.87 -5.43
N CYS A 68 18.33 3.36 -6.45
CA CYS A 68 17.69 2.06 -6.36
C CYS A 68 18.33 1.09 -7.38
N ARG A 69 18.03 -0.19 -7.22
CA ARG A 69 18.61 -1.21 -8.11
C ARG A 69 17.97 -1.14 -9.49
N GLY A 70 18.80 -1.14 -10.51
CA GLY A 70 18.28 -1.13 -11.88
C GLY A 70 18.20 0.26 -12.45
N ILE A 71 17.89 1.23 -11.59
CA ILE A 71 17.70 2.61 -12.01
C ILE A 71 19.00 3.20 -12.55
N ASP A 72 18.90 3.86 -13.70
CA ASP A 72 20.02 4.60 -14.26
C ASP A 72 20.32 5.80 -13.38
N SER A 73 21.41 5.71 -12.63
CA SER A 73 21.74 6.73 -11.64
C SER A 73 22.38 7.96 -12.28
N LYS A 74 22.50 7.95 -13.60
CA LYS A 74 23.03 9.09 -14.33
C LYS A 74 21.89 10.02 -14.72
N HIS A 75 20.79 9.42 -15.15
CA HIS A 75 19.61 10.17 -15.53
C HIS A 75 18.72 10.46 -14.32
N TRP A 76 18.73 9.55 -13.35
CA TRP A 76 17.84 9.68 -12.21
C TRP A 76 18.55 9.35 -10.90
N ASN A 77 18.41 10.21 -9.90
CA ASN A 77 18.82 9.87 -8.55
C ASN A 77 17.60 9.30 -7.85
N SER A 78 17.78 8.21 -7.13
CA SER A 78 16.65 7.48 -6.60
C SER A 78 16.58 7.58 -5.08
N TYR A 79 15.36 7.51 -4.56
CA TYR A 79 15.12 7.54 -3.13
C TYR A 79 13.91 6.66 -2.81
N CYS A 80 14.04 5.82 -1.79
CA CYS A 80 12.96 4.93 -1.41
C CYS A 80 11.93 5.67 -0.55
N THR A 81 10.68 5.66 -0.99
CA THR A 81 9.63 6.37 -0.30
C THR A 81 8.46 5.43 -0.04
N THR A 82 8.00 5.37 1.19
CA THR A 82 6.89 4.51 1.55
C THR A 82 5.55 5.13 1.16
N THR A 83 4.69 4.34 0.55
CA THR A 83 3.38 4.80 0.13
C THR A 83 2.44 4.89 1.33
N HIS A 84 1.68 5.97 1.35
CA HIS A 84 0.84 6.29 2.49
C HIS A 84 -0.62 5.98 2.19
N THR A 85 -1.21 5.09 2.98
CA THR A 85 -2.62 4.77 2.83
C THR A 85 -3.33 4.95 4.18
N PHE A 86 -4.65 5.06 4.15
CA PHE A 86 -5.41 5.29 5.36
C PHE A 86 -6.22 4.06 5.74
N VAL A 87 -5.95 3.52 6.91
CA VAL A 87 -6.64 2.33 7.37
C VAL A 87 -7.51 2.61 8.59
N LYS A 88 -8.55 1.81 8.74
CA LYS A 88 -9.49 1.94 9.84
C LYS A 88 -8.91 1.33 11.11
N ALA A 89 -8.50 2.18 12.03
CA ALA A 89 -7.89 1.72 13.26
C ALA A 89 -8.58 2.35 14.46
N LEU A 90 -8.68 1.58 15.53
CA LEU A 90 -9.29 2.09 16.74
C LEU A 90 -8.26 2.90 17.51
N THR A 91 -8.66 4.07 17.95
CA THR A 91 -7.77 4.95 18.69
C THR A 91 -8.43 5.40 19.98
N THR A 92 -7.64 5.87 20.93
CA THR A 92 -8.19 6.41 22.15
C THR A 92 -8.21 7.93 22.06
N ASP A 93 -9.41 8.48 21.96
CA ASP A 93 -9.58 9.93 21.84
C ASP A 93 -9.20 10.60 23.14
N GLU A 94 -9.48 9.91 24.24
CA GLU A 94 -9.11 10.38 25.58
C GLU A 94 -9.49 9.31 26.58
N LYS A 95 -10.78 9.17 26.83
CA LYS A 95 -11.28 8.11 27.69
C LYS A 95 -12.01 7.07 26.84
N GLN A 96 -12.50 7.50 25.69
CA GLN A 96 -13.28 6.66 24.81
C GLN A 96 -12.44 6.18 23.63
N ALA A 97 -12.78 5.01 23.10
CA ALA A 97 -12.11 4.50 21.93
C ALA A 97 -12.93 4.78 20.68
N ALA A 98 -12.32 5.42 19.70
CA ALA A 98 -13.00 5.80 18.48
C ALA A 98 -12.22 5.35 17.26
N TRP A 99 -12.95 4.90 16.24
CA TRP A 99 -12.33 4.44 15.00
C TRP A 99 -11.88 5.63 14.15
N ARG A 100 -10.62 5.62 13.77
CA ARG A 100 -10.08 6.68 12.92
C ARG A 100 -9.49 6.07 11.66
N PHE A 101 -9.10 6.94 10.74
CA PHE A 101 -8.46 6.53 9.51
C PHE A 101 -7.03 7.03 9.52
N ILE A 102 -6.08 6.14 9.72
CA ILE A 102 -4.72 6.54 9.96
C ILE A 102 -3.82 6.16 8.81
N ARG A 103 -2.85 7.03 8.54
CA ARG A 103 -1.91 6.82 7.46
C ARG A 103 -0.85 5.80 7.87
N ILE A 104 -0.71 4.75 7.10
CA ILE A 104 0.33 3.78 7.32
C ILE A 104 1.18 3.63 6.06
N ASP A 105 2.44 3.26 6.28
CA ASP A 105 3.36 2.98 5.19
C ASP A 105 3.07 1.58 4.67
N THR A 106 2.36 1.49 3.57
CA THR A 106 1.86 0.21 3.11
C THR A 106 2.79 -0.47 2.11
N ALA A 107 3.69 0.30 1.50
CA ALA A 107 4.62 -0.23 0.53
C ALA A 107 5.79 0.72 0.37
N CYS A 108 6.81 0.31 -0.35
CA CYS A 108 7.98 1.14 -0.58
C CYS A 108 8.24 1.28 -2.07
N VAL A 109 8.21 2.51 -2.56
CA VAL A 109 8.46 2.80 -3.96
C VAL A 109 9.76 3.56 -4.10
N CYS A 110 10.17 3.81 -5.33
CA CYS A 110 11.41 4.52 -5.59
C CYS A 110 11.14 5.73 -6.46
N VAL A 111 11.42 6.91 -5.92
CA VAL A 111 11.25 8.15 -6.67
C VAL A 111 12.49 8.43 -7.49
N LEU A 112 12.31 9.06 -8.64
CA LEU A 112 13.44 9.32 -9.53
C LEU A 112 13.63 10.81 -9.74
N SER A 113 14.87 11.26 -9.70
CA SER A 113 15.20 12.66 -9.95
C SER A 113 16.71 12.89 -9.87
N ARG A 114 17.39 12.92 -11.00
CA ARG A 114 18.77 13.40 -11.02
C ARG A 114 18.78 14.84 -11.51
N LYS A 115 17.95 15.08 -12.50
CA LYS A 115 17.82 16.39 -13.11
C LYS A 115 16.36 16.82 -13.03
N ALA A 116 16.14 18.11 -12.82
CA ALA A 116 14.79 18.62 -12.68
C ALA A 116 14.53 19.76 -13.65
N THR A 117 13.47 19.63 -14.42
CA THR A 117 13.06 20.67 -15.34
C THR A 117 12.11 21.64 -14.62
N ARG A 118 11.63 22.65 -15.34
CA ARG A 118 10.74 23.66 -14.77
C ARG A 118 11.49 24.48 -13.72
N SER B 1 11.29 25.57 1.67
CA SER B 1 12.23 24.52 2.13
C SER B 1 11.47 23.33 2.71
N SER B 2 10.88 23.53 3.90
CA SER B 2 10.17 22.45 4.57
C SER B 2 8.66 22.69 4.54
N THR B 3 8.27 23.85 4.01
CA THR B 3 6.85 24.19 3.89
C THR B 3 6.21 23.48 2.71
N HIS B 4 5.95 22.18 2.89
CA HIS B 4 5.35 21.35 1.85
C HIS B 4 6.22 21.36 0.59
N PRO B 5 7.30 20.56 0.58
CA PRO B 5 8.23 20.48 -0.56
C PRO B 5 7.65 19.70 -1.74
N VAL B 6 6.34 19.79 -1.89
CA VAL B 6 5.61 19.13 -2.98
C VAL B 6 5.80 17.60 -2.91
N PHE B 7 6.21 17.13 -1.74
CA PHE B 7 6.52 15.72 -1.53
C PHE B 7 7.58 15.26 -2.54
N HIS B 8 8.69 15.99 -2.58
CA HIS B 8 9.79 15.72 -3.52
C HIS B 8 9.31 15.89 -4.96
N MET B 9 8.56 16.97 -5.19
CA MET B 9 8.02 17.28 -6.53
C MET B 9 7.07 16.18 -7.00
N GLY B 10 6.46 15.50 -6.04
CA GLY B 10 5.60 14.39 -6.35
C GLY B 10 6.27 13.06 -6.08
N GLU B 11 5.52 12.09 -5.58
CA GLU B 11 6.07 10.78 -5.31
C GLU B 11 6.27 10.01 -6.62
N PHE B 12 7.33 10.39 -7.33
CA PHE B 12 7.69 9.80 -8.61
C PHE B 12 7.68 8.28 -8.55
N SER B 13 7.13 7.67 -9.58
CA SER B 13 7.03 6.23 -9.65
C SER B 13 7.70 5.71 -10.92
N VAL B 14 8.46 4.62 -10.78
CA VAL B 14 9.10 3.97 -11.93
C VAL B 14 8.06 3.44 -12.90
N CYS B 15 6.86 3.20 -12.38
CA CYS B 15 5.72 2.81 -13.18
C CYS B 15 4.52 3.67 -12.76
N ASP B 16 3.80 4.20 -13.73
CA ASP B 16 2.70 5.12 -13.43
C ASP B 16 1.57 4.38 -12.74
N SER B 17 1.10 4.95 -11.65
CA SER B 17 0.04 4.35 -10.86
C SER B 17 -1.11 5.33 -10.71
N VAL B 18 -2.31 4.80 -10.63
CA VAL B 18 -3.49 5.62 -10.43
C VAL B 18 -4.14 5.30 -9.10
N SER B 19 -4.13 6.28 -8.20
CA SER B 19 -4.73 6.12 -6.88
C SER B 19 -6.16 6.63 -6.89
N VAL B 20 -7.11 5.73 -6.71
CA VAL B 20 -8.51 6.07 -6.77
C VAL B 20 -9.21 5.71 -5.47
N TRP B 21 -10.08 6.60 -5.02
CA TRP B 21 -10.96 6.27 -3.92
C TRP B 21 -12.25 5.70 -4.49
N VAL B 22 -12.32 4.38 -4.55
CA VAL B 22 -13.44 3.69 -5.13
C VAL B 22 -14.66 3.87 -4.25
N GLY B 23 -15.68 4.49 -4.82
CA GLY B 23 -16.87 4.79 -4.05
C GLY B 23 -17.72 3.57 -3.80
N ASP B 24 -17.76 2.66 -4.75
CA ASP B 24 -18.63 1.49 -4.66
C ASP B 24 -17.93 0.23 -5.13
N LYS B 25 -16.98 -0.26 -4.34
CA LYS B 25 -16.33 -1.53 -4.63
C LYS B 25 -17.31 -2.66 -4.35
N THR B 26 -17.45 -3.60 -5.28
CA THR B 26 -18.50 -4.59 -5.18
C THR B 26 -17.99 -5.96 -4.69
N THR B 27 -16.77 -6.32 -5.05
CA THR B 27 -16.22 -7.62 -4.68
C THR B 27 -14.76 -7.54 -4.30
N ALA B 28 -14.37 -8.35 -3.34
CA ALA B 28 -12.97 -8.45 -2.93
C ALA B 28 -12.71 -9.78 -2.26
N THR B 29 -11.45 -10.18 -2.23
CA THR B 29 -11.06 -11.43 -1.61
C THR B 29 -10.60 -11.20 -0.17
N ASP B 30 -11.28 -11.84 0.77
CA ASP B 30 -10.89 -11.80 2.17
C ASP B 30 -9.58 -12.56 2.36
N ILE B 31 -8.89 -12.30 3.46
CA ILE B 31 -7.59 -12.93 3.72
C ILE B 31 -7.69 -14.46 3.65
N LYS B 32 -8.84 -15.01 4.01
CA LYS B 32 -9.04 -16.45 4.04
C LYS B 32 -9.31 -17.00 2.64
N GLY B 33 -9.27 -16.12 1.64
CA GLY B 33 -9.48 -16.55 0.27
C GLY B 33 -10.94 -16.58 -0.10
N LYS B 34 -11.72 -15.74 0.55
CA LYS B 34 -13.14 -15.67 0.29
C LYS B 34 -13.48 -14.47 -0.59
N GLU B 35 -13.93 -14.74 -1.81
CA GLU B 35 -14.41 -13.68 -2.68
C GLU B 35 -15.79 -13.27 -2.21
N VAL B 36 -15.91 -12.05 -1.73
CA VAL B 36 -17.14 -11.60 -1.10
C VAL B 36 -17.59 -10.26 -1.65
N THR B 37 -18.88 -9.99 -1.46
CA THR B 37 -19.48 -8.74 -1.87
C THR B 37 -19.20 -7.65 -0.84
N VAL B 38 -18.46 -6.64 -1.26
CA VAL B 38 -18.06 -5.57 -0.39
C VAL B 38 -19.14 -4.50 -0.32
N LEU B 39 -19.37 -3.95 0.86
CA LEU B 39 -20.35 -2.90 1.05
C LEU B 39 -19.64 -1.57 1.24
N ALA B 40 -19.95 -0.61 0.39
CA ALA B 40 -19.34 0.71 0.46
C ALA B 40 -19.93 1.51 1.61
N GLU B 41 -21.09 1.09 2.05
CA GLU B 41 -21.76 1.73 3.17
C GLU B 41 -21.63 0.83 4.38
N VAL B 42 -20.94 1.30 5.41
CA VAL B 42 -20.71 0.48 6.58
C VAL B 42 -21.71 0.82 7.67
N ASN B 43 -22.35 -0.21 8.21
CA ASN B 43 -23.28 -0.03 9.31
C ASN B 43 -22.66 -0.48 10.61
N ILE B 44 -22.46 0.47 11.51
CA ILE B 44 -21.99 0.17 12.85
C ILE B 44 -23.13 0.38 13.84
N ASN B 45 -23.81 -0.72 14.15
CA ASN B 45 -24.98 -0.72 15.03
C ASN B 45 -26.14 0.02 14.36
N ASN B 46 -26.15 1.33 14.46
CA ASN B 46 -27.19 2.14 13.86
C ASN B 46 -26.59 3.37 13.17
N SER B 47 -25.33 3.26 12.78
CA SER B 47 -24.65 4.34 12.10
C SER B 47 -24.12 3.84 10.77
N VAL B 48 -24.67 4.38 9.68
CA VAL B 48 -24.27 3.99 8.34
C VAL B 48 -23.56 5.15 7.65
N PHE B 49 -22.34 4.91 7.21
CA PHE B 49 -21.56 5.92 6.52
C PHE B 49 -20.61 5.28 5.52
N ARG B 50 -20.28 6.02 4.47
CA ARG B 50 -19.38 5.53 3.44
C ARG B 50 -18.07 6.32 3.50
N GLN B 51 -16.97 5.66 3.18
CA GLN B 51 -15.66 6.31 3.23
C GLN B 51 -14.81 5.95 2.02
N TYR B 52 -15.39 5.15 1.12
CA TYR B 52 -14.73 4.75 -0.13
C TYR B 52 -13.54 3.81 0.14
N PHE B 53 -12.92 3.31 -0.92
CA PHE B 53 -11.79 2.41 -0.79
C PHE B 53 -10.60 2.92 -1.61
N PHE B 54 -9.47 3.09 -0.95
CA PHE B 54 -8.27 3.62 -1.62
C PHE B 54 -7.52 2.52 -2.34
N GLU B 55 -7.58 2.53 -3.66
CA GLU B 55 -6.87 1.55 -4.46
C GLU B 55 -5.94 2.24 -5.45
N THR B 56 -4.74 1.72 -5.57
CA THR B 56 -3.76 2.26 -6.49
C THR B 56 -3.42 1.21 -7.54
N LYS B 57 -3.85 1.45 -8.78
CA LYS B 57 -3.71 0.48 -9.85
C LYS B 57 -2.58 0.87 -10.78
N CYS B 58 -1.89 -0.12 -11.33
CA CYS B 58 -0.83 0.12 -12.30
C CYS B 58 -1.41 0.56 -13.63
N ARG B 59 -1.01 1.74 -14.08
CA ARG B 59 -1.44 2.26 -15.38
C ARG B 59 -0.63 1.59 -16.48
N ALA B 60 -1.11 0.42 -16.91
CA ALA B 60 -0.40 -0.46 -17.84
C ALA B 60 0.77 -1.14 -17.14
N SER B 61 0.99 -2.41 -17.44
CA SER B 61 1.99 -3.20 -16.75
C SER B 61 3.41 -2.88 -17.23
N ASN B 62 3.50 -2.01 -18.23
CA ASN B 62 4.80 -1.56 -18.76
C ASN B 62 4.66 -0.12 -19.28
N PRO B 63 5.19 0.87 -18.54
CA PRO B 63 5.22 2.26 -19.01
C PRO B 63 6.07 2.43 -20.25
N VAL B 64 7.14 1.65 -20.32
CA VAL B 64 8.02 1.64 -21.49
C VAL B 64 8.08 0.24 -22.07
N GLU B 65 8.37 0.14 -23.36
CA GLU B 65 8.38 -1.14 -24.06
C GLU B 65 9.67 -1.91 -23.77
N SER B 66 9.82 -2.27 -22.51
CA SER B 66 10.98 -3.01 -22.03
C SER B 66 10.82 -3.32 -20.55
N GLY B 67 10.08 -2.46 -19.87
CA GLY B 67 9.82 -2.65 -18.46
C GLY B 67 9.35 -1.38 -17.79
N CYS B 68 10.16 -0.86 -16.89
CA CYS B 68 9.82 0.37 -16.16
C CYS B 68 10.81 1.46 -16.49
N ARG B 69 10.48 2.70 -16.14
CA ARG B 69 11.34 3.84 -16.43
C ARG B 69 12.57 3.82 -15.54
N GLY B 70 13.74 4.00 -16.13
CA GLY B 70 14.97 4.06 -15.36
C GLY B 70 15.65 2.71 -15.28
N ILE B 71 14.87 1.66 -15.24
CA ILE B 71 15.38 0.30 -15.10
C ILE B 71 16.22 -0.11 -16.31
N ASP B 72 17.39 -0.66 -16.04
CA ASP B 72 18.24 -1.24 -17.08
C ASP B 72 17.56 -2.48 -17.65
N SER B 73 17.02 -2.34 -18.85
CA SER B 73 16.23 -3.39 -19.47
C SER B 73 17.11 -4.49 -20.06
N LYS B 74 18.43 -4.35 -19.91
CA LYS B 74 19.35 -5.36 -20.38
C LYS B 74 19.61 -6.37 -19.27
N HIS B 75 19.75 -5.86 -18.06
CA HIS B 75 19.98 -6.69 -16.89
C HIS B 75 18.67 -7.17 -16.30
N TRP B 76 17.62 -6.36 -16.42
CA TRP B 76 16.34 -6.66 -15.79
C TRP B 76 15.16 -6.39 -16.73
N ASN B 77 14.26 -7.35 -16.86
CA ASN B 77 12.98 -7.07 -17.50
C ASN B 77 12.00 -6.70 -16.41
N SER B 78 11.23 -5.66 -16.62
CA SER B 78 10.41 -5.11 -15.56
C SER B 78 8.93 -5.34 -15.81
N TYR B 79 8.18 -5.43 -14.72
CA TYR B 79 6.75 -5.61 -14.78
C TYR B 79 6.10 -4.91 -13.59
N CYS B 80 5.04 -4.15 -13.84
CA CYS B 80 4.37 -3.42 -12.78
C CYS B 80 3.42 -4.32 -12.02
N THR B 81 3.62 -4.41 -10.72
CA THR B 81 2.80 -5.28 -9.88
C THR B 81 2.24 -4.49 -8.71
N THR B 82 0.93 -4.59 -8.50
CA THR B 82 0.29 -3.88 -7.43
C THR B 82 0.47 -4.61 -6.09
N THR B 83 0.83 -3.85 -5.06
CA THR B 83 1.03 -4.41 -3.74
C THR B 83 -0.30 -4.70 -3.07
N HIS B 84 -0.36 -5.86 -2.42
CA HIS B 84 -1.61 -6.36 -1.85
C HIS B 84 -1.62 -6.17 -0.34
N THR B 85 -2.60 -5.42 0.15
CA THR B 85 -2.76 -5.24 1.58
C THR B 85 -4.18 -5.61 1.98
N PHE B 86 -4.41 -5.85 3.27
CA PHE B 86 -5.71 -6.27 3.74
C PHE B 86 -6.36 -5.17 4.56
N VAL B 87 -7.51 -4.71 4.11
CA VAL B 87 -8.22 -3.63 4.80
C VAL B 87 -9.53 -4.11 5.38
N LYS B 88 -9.98 -3.42 6.43
CA LYS B 88 -11.21 -3.76 7.12
C LYS B 88 -12.40 -3.20 6.35
N ALA B 89 -13.13 -4.08 5.70
CA ALA B 89 -14.27 -3.67 4.89
C ALA B 89 -15.50 -4.46 5.27
N LEU B 90 -16.65 -3.82 5.23
CA LEU B 90 -17.89 -4.48 5.53
C LEU B 90 -18.36 -5.25 4.30
N THR B 91 -18.75 -6.48 4.50
CA THR B 91 -19.20 -7.33 3.41
C THR B 91 -20.54 -7.95 3.76
N THR B 92 -21.26 -8.41 2.75
CA THR B 92 -22.51 -9.11 3.00
C THR B 92 -22.27 -10.62 2.90
N ASP B 93 -22.33 -11.28 4.05
CA ASP B 93 -22.10 -12.72 4.12
C ASP B 93 -23.23 -13.46 3.42
N GLU B 94 -24.42 -12.90 3.54
CA GLU B 94 -25.60 -13.43 2.88
C GLU B 94 -26.78 -12.49 3.14
N LYS B 95 -27.27 -12.51 4.36
CA LYS B 95 -28.33 -11.59 4.77
C LYS B 95 -27.76 -10.57 5.75
N GLN B 96 -26.66 -10.94 6.40
CA GLN B 96 -26.05 -10.11 7.42
C GLN B 96 -24.79 -9.45 6.87
N ALA B 97 -24.45 -8.30 7.41
CA ALA B 97 -23.24 -7.61 7.04
C ALA B 97 -22.15 -7.86 8.07
N ALA B 98 -21.01 -8.36 7.61
CA ALA B 98 -19.91 -8.70 8.49
C ALA B 98 -18.62 -8.06 8.01
N TRP B 99 -17.81 -7.61 8.95
CA TRP B 99 -16.53 -6.99 8.64
C TRP B 99 -15.49 -8.04 8.28
N ARG B 100 -14.87 -7.87 7.13
CA ARG B 100 -13.84 -8.77 6.67
C ARG B 100 -12.55 -8.01 6.40
N PHE B 101 -11.49 -8.76 6.13
CA PHE B 101 -10.21 -8.17 5.80
C PHE B 101 -9.90 -8.52 4.35
N ILE B 102 -10.01 -7.55 3.47
CA ILE B 102 -9.93 -7.83 2.04
C ILE B 102 -8.68 -7.26 1.42
N ARG B 103 -8.14 -8.00 0.47
CA ARG B 103 -6.92 -7.59 -0.22
C ARG B 103 -7.24 -6.51 -1.25
N ILE B 104 -6.56 -5.39 -1.13
CA ILE B 104 -6.68 -4.33 -2.11
C ILE B 104 -5.31 -3.99 -2.69
N ASP B 105 -5.32 -3.52 -3.92
CA ASP B 105 -4.11 -3.04 -4.59
C ASP B 105 -3.80 -1.65 -4.07
N THR B 106 -2.87 -1.53 -3.15
CA THR B 106 -2.66 -0.28 -2.45
C THR B 106 -1.57 0.57 -3.11
N ALA B 107 -0.73 -0.04 -3.92
CA ALA B 107 0.34 0.67 -4.61
C ALA B 107 0.83 -0.15 -5.80
N CYS B 108 1.69 0.44 -6.60
CA CYS B 108 2.22 -0.25 -7.77
C CYS B 108 3.74 -0.23 -7.74
N VAL B 109 4.33 -1.41 -7.72
CA VAL B 109 5.77 -1.55 -7.70
C VAL B 109 6.26 -2.15 -9.01
N CYS B 110 7.55 -2.25 -9.18
CA CYS B 110 8.12 -2.80 -10.40
C CYS B 110 9.04 -3.96 -10.07
N VAL B 111 8.69 -5.14 -10.56
CA VAL B 111 9.52 -6.32 -10.33
C VAL B 111 10.59 -6.40 -11.41
N LEU B 112 11.75 -6.94 -11.07
CA LEU B 112 12.86 -7.01 -12.01
C LEU B 112 13.26 -8.45 -12.26
N SER B 113 13.49 -8.77 -13.53
CA SER B 113 13.96 -10.10 -13.92
C SER B 113 14.18 -10.18 -15.43
N ARG B 114 15.42 -10.04 -15.87
CA ARG B 114 15.76 -10.37 -17.26
C ARG B 114 16.38 -11.75 -17.29
N LYS B 115 17.22 -11.99 -16.31
CA LYS B 115 17.93 -13.24 -16.16
C LYS B 115 17.62 -13.84 -14.79
N ALA B 116 17.50 -15.15 -14.73
CA ALA B 116 17.16 -15.82 -13.48
C ALA B 116 18.18 -16.88 -13.13
N THR B 117 18.72 -16.79 -11.94
CA THR B 117 19.64 -17.80 -11.44
C THR B 117 18.86 -18.92 -10.75
N ARG B 118 19.58 -19.90 -10.21
CA ARG B 118 18.95 -21.05 -9.55
C ARG B 118 18.16 -21.88 -10.56
N SER A 1 5.14 -23.20 -2.61
CA SER A 1 4.59 -22.60 -3.84
C SER A 1 5.45 -23.00 -5.04
N SER A 2 4.97 -23.97 -5.80
CA SER A 2 5.69 -24.44 -6.98
C SER A 2 5.21 -23.72 -8.23
N THR A 3 3.90 -23.62 -8.38
CA THR A 3 3.31 -22.92 -9.50
C THR A 3 3.46 -21.42 -9.33
N HIS A 4 4.15 -20.79 -10.28
CA HIS A 4 4.43 -19.37 -10.20
C HIS A 4 4.06 -18.65 -11.49
N PRO A 5 2.86 -18.03 -11.51
CA PRO A 5 2.41 -17.23 -12.65
C PRO A 5 3.17 -15.91 -12.79
N VAL A 6 4.45 -16.02 -13.14
CA VAL A 6 5.31 -14.85 -13.37
C VAL A 6 5.75 -14.19 -12.06
N PHE A 7 4.89 -14.27 -11.05
CA PHE A 7 5.15 -13.63 -9.76
C PHE A 7 6.50 -14.07 -9.19
N HIS A 8 6.62 -15.37 -8.89
CA HIS A 8 7.88 -15.91 -8.38
C HIS A 8 8.80 -16.28 -9.54
N MET A 9 9.19 -15.28 -10.30
CA MET A 9 10.19 -15.44 -11.36
C MET A 9 11.21 -14.32 -11.25
N GLY A 10 11.17 -13.64 -10.12
CA GLY A 10 12.06 -12.51 -9.89
C GLY A 10 11.86 -11.93 -8.51
N GLU A 11 10.81 -11.14 -8.35
CA GLU A 11 10.50 -10.48 -7.08
C GLU A 11 11.64 -9.58 -6.62
N PHE A 12 12.52 -9.22 -7.54
CA PHE A 12 13.64 -8.35 -7.22
C PHE A 12 13.19 -6.90 -7.21
N SER A 13 12.63 -6.48 -6.10
CA SER A 13 12.11 -5.13 -5.96
C SER A 13 13.24 -4.11 -6.16
N VAL A 14 12.95 -3.09 -6.97
CA VAL A 14 13.92 -2.04 -7.30
C VAL A 14 14.42 -1.36 -6.03
N CYS A 15 13.62 -1.39 -4.98
CA CYS A 15 14.01 -0.86 -3.69
C CYS A 15 13.69 -1.89 -2.61
N ASP A 16 14.61 -2.06 -1.67
CA ASP A 16 14.44 -3.02 -0.59
C ASP A 16 13.35 -2.54 0.38
N SER A 17 12.27 -3.29 0.44
CA SER A 17 11.12 -2.92 1.26
C SER A 17 10.82 -3.97 2.30
N VAL A 18 10.57 -3.54 3.53
CA VAL A 18 10.25 -4.45 4.61
C VAL A 18 8.77 -4.32 5.00
N SER A 19 8.03 -5.39 4.81
CA SER A 19 6.60 -5.39 5.13
C SER A 19 6.36 -6.06 6.48
N VAL A 20 5.76 -5.31 7.40
CA VAL A 20 5.51 -5.82 8.73
C VAL A 20 4.03 -5.83 9.05
N TRP A 21 3.57 -6.90 9.69
CA TRP A 21 2.22 -6.96 10.19
C TRP A 21 2.23 -6.60 11.68
N VAL A 22 1.97 -5.35 11.97
CA VAL A 22 2.07 -4.83 13.33
C VAL A 22 0.81 -5.14 14.12
N GLY A 23 0.96 -5.94 15.15
CA GLY A 23 -0.17 -6.29 16.00
C GLY A 23 -0.24 -5.43 17.24
N ASP A 24 0.53 -4.35 17.24
CA ASP A 24 0.56 -3.42 18.37
C ASP A 24 1.08 -2.06 17.93
N LYS A 25 0.24 -1.30 17.26
CA LYS A 25 0.55 0.08 16.89
C LYS A 25 -0.12 1.01 17.88
N THR A 26 0.67 1.67 18.72
CA THR A 26 0.10 2.43 19.82
C THR A 26 -0.37 3.82 19.39
N THR A 27 0.26 4.39 18.38
CA THR A 27 -0.07 5.75 17.95
C THR A 27 -0.04 5.90 16.45
N ALA A 28 -0.94 6.72 15.93
CA ALA A 28 -0.95 7.05 14.52
C ALA A 28 -1.41 8.48 14.32
N THR A 29 -1.14 9.02 13.15
CA THR A 29 -1.55 10.37 12.83
C THR A 29 -2.88 10.37 12.10
N ASP A 30 -3.86 11.01 12.72
CA ASP A 30 -5.18 11.19 12.12
C ASP A 30 -5.06 12.09 10.90
N ILE A 31 -6.01 12.02 10.00
CA ILE A 31 -6.04 12.85 8.81
C ILE A 31 -6.15 14.33 9.19
N LYS A 32 -6.61 14.57 10.42
CA LYS A 32 -6.71 15.92 10.96
C LYS A 32 -5.33 16.42 11.37
N GLY A 33 -4.34 15.53 11.33
CA GLY A 33 -2.98 15.89 11.71
C GLY A 33 -2.74 15.71 13.18
N LYS A 34 -3.60 14.93 13.82
CA LYS A 34 -3.51 14.72 15.26
C LYS A 34 -2.93 13.35 15.56
N GLU A 35 -2.41 13.19 16.77
CA GLU A 35 -1.84 11.92 17.20
C GLU A 35 -2.85 11.15 18.04
N VAL A 36 -3.27 10.00 17.54
CA VAL A 36 -4.27 9.20 18.23
C VAL A 36 -3.72 7.84 18.64
N THR A 37 -4.30 7.27 19.68
CA THR A 37 -3.88 5.98 20.19
C THR A 37 -4.61 4.85 19.47
N VAL A 38 -3.87 4.03 18.75
CA VAL A 38 -4.46 2.99 17.92
C VAL A 38 -4.70 1.74 18.74
N LEU A 39 -5.82 1.08 18.50
CA LEU A 39 -6.18 -0.13 19.22
C LEU A 39 -6.08 -1.33 18.29
N ALA A 40 -5.25 -2.30 18.66
CA ALA A 40 -5.10 -3.52 17.87
C ALA A 40 -6.30 -4.43 18.10
N GLU A 41 -6.84 -4.35 19.31
CA GLU A 41 -8.04 -5.07 19.68
C GLU A 41 -9.19 -4.08 19.76
N VAL A 42 -10.17 -4.23 18.89
CA VAL A 42 -11.26 -3.28 18.82
C VAL A 42 -12.47 -3.79 19.62
N ASN A 43 -12.95 -2.96 20.53
CA ASN A 43 -14.11 -3.30 21.35
C ASN A 43 -15.33 -2.55 20.83
N ILE A 44 -16.16 -3.23 20.05
CA ILE A 44 -17.32 -2.58 19.46
C ILE A 44 -18.58 -2.80 20.30
N ASN A 45 -19.16 -3.99 20.18
CA ASN A 45 -20.34 -4.34 20.96
C ASN A 45 -20.07 -5.62 21.76
N ASN A 46 -19.13 -5.52 22.69
CA ASN A 46 -18.69 -6.66 23.48
C ASN A 46 -18.08 -7.73 22.57
N SER A 47 -17.61 -7.28 21.42
CA SER A 47 -16.98 -8.15 20.44
C SER A 47 -15.60 -7.60 20.13
N VAL A 48 -14.57 -8.35 20.47
CA VAL A 48 -13.21 -7.90 20.29
C VAL A 48 -12.62 -8.50 19.01
N PHE A 49 -12.36 -7.64 18.05
CA PHE A 49 -11.74 -8.07 16.80
C PHE A 49 -10.36 -7.44 16.69
N ARG A 50 -9.46 -8.11 15.99
CA ARG A 50 -8.09 -7.61 15.87
C ARG A 50 -7.70 -7.47 14.41
N GLN A 51 -6.77 -6.56 14.17
CA GLN A 51 -6.23 -6.35 12.83
C GLN A 51 -4.75 -6.06 12.90
N TYR A 52 -3.99 -6.71 12.04
CA TYR A 52 -2.56 -6.50 11.97
C TYR A 52 -2.27 -5.41 10.94
N PHE A 53 -1.58 -4.37 11.37
CA PHE A 53 -1.32 -3.23 10.52
C PHE A 53 -0.15 -3.53 9.60
N PHE A 54 -0.45 -3.60 8.31
CA PHE A 54 0.55 -3.93 7.31
C PHE A 54 1.33 -2.68 6.92
N GLU A 55 2.50 -2.54 7.51
CA GLU A 55 3.35 -1.39 7.25
C GLU A 55 4.59 -1.81 6.48
N THR A 56 4.72 -1.30 5.27
CA THR A 56 5.89 -1.57 4.47
C THR A 56 6.82 -0.35 4.46
N LYS A 57 8.02 -0.55 4.98
CA LYS A 57 8.98 0.54 5.12
C LYS A 57 10.16 0.35 4.18
N CYS A 58 10.81 1.45 3.86
CA CYS A 58 11.97 1.43 2.99
C CYS A 58 13.21 1.01 3.78
N ARG A 59 13.86 -0.05 3.34
CA ARG A 59 15.10 -0.48 3.94
C ARG A 59 16.24 0.34 3.37
N ALA A 60 16.43 1.53 3.95
CA ALA A 60 17.36 2.54 3.45
C ALA A 60 16.77 3.24 2.23
N SER A 61 16.81 4.57 2.25
CA SER A 61 16.21 5.38 1.19
C SER A 61 16.90 5.18 -0.15
N ASN A 62 18.13 4.67 -0.10
CA ASN A 62 18.90 4.42 -1.30
C ASN A 62 19.61 3.07 -1.18
N PRO A 63 18.95 1.98 -1.61
CA PRO A 63 19.53 0.62 -1.53
C PRO A 63 20.90 0.51 -2.19
N VAL A 64 21.06 1.20 -3.31
CA VAL A 64 22.32 1.23 -4.02
C VAL A 64 22.84 2.66 -4.09
N GLU A 65 24.15 2.81 -4.26
CA GLU A 65 24.77 4.13 -4.30
C GLU A 65 24.56 4.78 -5.66
N SER A 66 23.33 5.17 -5.92
CA SER A 66 22.91 5.78 -7.17
C SER A 66 21.40 5.99 -7.15
N GLY A 67 20.72 5.18 -6.35
CA GLY A 67 19.29 5.26 -6.23
C GLY A 67 18.68 3.91 -5.96
N CYS A 68 17.98 3.38 -6.95
CA CYS A 68 17.35 2.07 -6.83
C CYS A 68 18.05 1.05 -7.73
N ARG A 69 17.75 -0.22 -7.52
CA ARG A 69 18.37 -1.29 -8.29
C ARG A 69 17.90 -1.23 -9.74
N GLY A 70 18.85 -1.21 -10.66
CA GLY A 70 18.52 -1.16 -12.07
C GLY A 70 18.60 0.25 -12.63
N ILE A 71 18.49 1.24 -11.75
CA ILE A 71 18.53 2.63 -12.17
C ILE A 71 19.96 3.09 -12.36
N ASP A 72 20.29 3.46 -13.59
CA ASP A 72 21.60 4.00 -13.90
C ASP A 72 21.49 5.04 -15.00
N SER A 73 21.44 6.29 -14.61
CA SER A 73 21.33 7.39 -15.56
C SER A 73 21.88 8.67 -14.94
N LYS A 74 22.50 9.48 -15.78
CA LYS A 74 23.14 10.72 -15.35
C LYS A 74 22.09 11.80 -15.04
N HIS A 75 20.85 11.52 -15.43
CA HIS A 75 19.76 12.47 -15.20
C HIS A 75 18.62 11.84 -14.41
N TRP A 76 18.91 10.75 -13.71
CA TRP A 76 17.93 10.13 -12.84
C TRP A 76 18.55 9.72 -11.52
N ASN A 77 18.07 10.32 -10.44
CA ASN A 77 18.44 9.91 -9.10
C ASN A 77 17.20 9.35 -8.42
N SER A 78 17.32 8.20 -7.78
CA SER A 78 16.16 7.55 -7.20
C SER A 78 16.10 7.77 -5.70
N TYR A 79 14.89 7.90 -5.17
CA TYR A 79 14.68 7.92 -3.75
C TYR A 79 13.45 7.11 -3.39
N CYS A 80 13.56 6.29 -2.36
CA CYS A 80 12.48 5.44 -1.94
C CYS A 80 11.58 6.16 -0.94
N THR A 81 10.28 6.14 -1.19
CA THR A 81 9.33 6.81 -0.33
C THR A 81 8.12 5.91 -0.06
N THR A 82 7.73 5.79 1.20
CA THR A 82 6.60 4.96 1.56
C THR A 82 5.28 5.68 1.30
N THR A 83 4.36 4.98 0.65
CA THR A 83 3.04 5.50 0.40
C THR A 83 2.20 5.44 1.67
N HIS A 84 1.63 6.57 2.05
CA HIS A 84 0.82 6.65 3.26
C HIS A 84 -0.65 6.76 2.89
N THR A 85 -1.44 5.83 3.36
CA THR A 85 -2.87 5.87 3.11
C THR A 85 -3.61 6.12 4.41
N PHE A 86 -4.84 6.57 4.33
CA PHE A 86 -5.62 6.86 5.51
C PHE A 86 -6.73 5.83 5.68
N VAL A 87 -6.63 5.08 6.77
CA VAL A 87 -7.61 4.03 7.06
C VAL A 87 -8.36 4.36 8.34
N LYS A 88 -9.68 4.20 8.33
CA LYS A 88 -10.47 4.45 9.52
C LYS A 88 -10.43 3.26 10.47
N ALA A 89 -9.52 3.33 11.42
CA ALA A 89 -9.34 2.28 12.41
C ALA A 89 -9.79 2.78 13.78
N LEU A 90 -10.17 1.86 14.64
CA LEU A 90 -10.66 2.25 15.97
C LEU A 90 -9.50 2.73 16.82
N THR A 91 -9.42 4.03 16.99
CA THR A 91 -8.39 4.64 17.80
C THR A 91 -9.04 5.46 18.91
N THR A 92 -8.32 5.69 19.98
CA THR A 92 -8.87 6.47 21.06
C THR A 92 -8.15 7.81 21.18
N ASP A 93 -8.92 8.88 21.02
CA ASP A 93 -8.40 10.23 21.13
C ASP A 93 -8.01 10.55 22.56
N GLU A 94 -8.71 9.92 23.50
CA GLU A 94 -8.44 10.10 24.93
C GLU A 94 -9.25 9.09 25.74
N LYS A 95 -10.55 9.29 25.83
CA LYS A 95 -11.42 8.37 26.53
C LYS A 95 -12.36 7.66 25.56
N GLN A 96 -12.65 8.31 24.45
CA GLN A 96 -13.55 7.74 23.45
C GLN A 96 -12.77 6.97 22.41
N ALA A 97 -13.29 5.82 22.01
CA ALA A 97 -12.74 5.05 20.91
C ALA A 97 -13.58 5.29 19.66
N ALA A 98 -12.94 5.68 18.57
CA ALA A 98 -13.64 5.97 17.34
C ALA A 98 -12.80 5.57 16.13
N TRP A 99 -13.47 5.22 15.04
CA TRP A 99 -12.79 4.82 13.82
C TRP A 99 -12.23 6.04 13.10
N ARG A 100 -10.99 6.37 13.41
CA ARG A 100 -10.34 7.55 12.85
C ARG A 100 -9.54 7.17 11.62
N PHE A 101 -9.46 8.08 10.67
CA PHE A 101 -8.67 7.86 9.47
C PHE A 101 -7.21 8.17 9.75
N ILE A 102 -6.41 7.13 9.87
CA ILE A 102 -5.00 7.30 10.23
C ILE A 102 -4.11 6.87 9.06
N ARG A 103 -2.97 7.55 8.94
CA ARG A 103 -2.04 7.30 7.84
C ARG A 103 -1.12 6.13 8.17
N ILE A 104 -1.10 5.15 7.28
CA ILE A 104 -0.21 4.00 7.42
C ILE A 104 0.67 3.84 6.18
N ASP A 105 1.84 3.25 6.38
CA ASP A 105 2.79 2.99 5.30
C ASP A 105 2.42 1.70 4.59
N THR A 106 1.95 1.80 3.36
CA THR A 106 1.47 0.63 2.65
C THR A 106 2.58 -0.05 1.84
N ALA A 107 3.38 0.75 1.15
CA ALA A 107 4.44 0.23 0.32
C ALA A 107 5.54 1.26 0.12
N CYS A 108 6.74 0.79 -0.16
CA CYS A 108 7.86 1.67 -0.44
C CYS A 108 8.07 1.77 -1.94
N VAL A 109 7.83 2.95 -2.50
CA VAL A 109 7.93 3.14 -3.92
C VAL A 109 9.23 3.84 -4.28
N CYS A 110 9.78 3.49 -5.43
CA CYS A 110 10.98 4.14 -5.92
C CYS A 110 10.59 5.24 -6.90
N VAL A 111 10.89 6.47 -6.55
CA VAL A 111 10.60 7.59 -7.42
C VAL A 111 11.89 8.25 -7.87
N LEU A 112 11.90 8.74 -9.10
CA LEU A 112 13.09 9.29 -9.71
C LEU A 112 13.07 10.81 -9.65
N SER A 113 14.26 11.39 -9.71
CA SER A 113 14.42 12.83 -9.83
C SER A 113 15.33 13.12 -10.99
N ARG A 114 15.01 14.16 -11.76
CA ARG A 114 15.73 14.48 -12.98
C ARG A 114 17.05 15.18 -12.67
N LYS A 115 17.27 15.46 -11.37
CA LYS A 115 18.52 16.02 -10.87
C LYS A 115 18.70 17.48 -11.28
N ALA A 116 18.96 17.72 -12.56
CA ALA A 116 19.20 19.05 -13.06
C ALA A 116 17.89 19.82 -13.21
N THR A 117 16.87 19.11 -13.65
CA THR A 117 15.56 19.70 -13.85
C THR A 117 14.48 18.89 -13.13
N ARG A 118 13.22 19.24 -13.36
CA ARG A 118 12.11 18.50 -12.80
C ARG A 118 10.88 18.75 -13.66
N SER B 1 1.13 23.74 -2.49
CA SER B 1 2.30 23.18 -1.77
C SER B 1 3.59 23.77 -2.33
N SER B 2 4.14 24.75 -1.63
CA SER B 2 5.37 25.40 -2.05
C SER B 2 6.57 24.73 -1.39
N THR B 3 6.47 24.51 -0.08
CA THR B 3 7.53 23.86 0.66
C THR B 3 7.57 22.36 0.34
N HIS B 4 8.68 21.90 -0.20
CA HIS B 4 8.81 20.51 -0.62
C HIS B 4 10.07 19.87 -0.04
N PRO B 5 9.93 19.13 1.06
CA PRO B 5 11.04 18.40 1.67
C PRO B 5 11.45 17.18 0.84
N VAL B 6 12.02 17.45 -0.33
CA VAL B 6 12.53 16.40 -1.24
C VAL B 6 11.40 15.68 -1.97
N PHE B 7 10.25 15.58 -1.34
CA PHE B 7 9.11 14.87 -1.90
C PHE B 7 8.78 15.40 -3.29
N HIS B 8 8.36 16.66 -3.37
CA HIS B 8 8.04 17.29 -4.64
C HIS B 8 9.31 17.86 -5.29
N MET B 9 10.24 16.96 -5.60
CA MET B 9 11.45 17.32 -6.34
C MET B 9 11.64 16.32 -7.46
N GLY B 10 10.61 15.54 -7.71
CA GLY B 10 10.67 14.50 -8.71
C GLY B 10 9.36 13.79 -8.84
N GLU B 11 9.09 12.86 -7.92
CA GLU B 11 7.85 12.07 -7.93
C GLU B 11 7.71 11.26 -9.21
N PHE B 12 8.82 11.08 -9.92
CA PHE B 12 8.81 10.32 -11.16
C PHE B 12 8.86 8.83 -10.84
N SER B 13 7.71 8.26 -10.54
CA SER B 13 7.61 6.86 -10.19
C SER B 13 8.13 5.98 -11.33
N VAL B 14 8.98 5.01 -10.97
CA VAL B 14 9.59 4.10 -11.95
C VAL B 14 8.52 3.36 -12.75
N CYS B 15 7.34 3.22 -12.18
CA CYS B 15 6.21 2.63 -12.87
C CYS B 15 4.98 3.52 -12.69
N ASP B 16 4.22 3.71 -13.75
CA ASP B 16 3.03 4.56 -13.71
C ASP B 16 1.95 3.88 -12.89
N SER B 17 1.59 4.52 -11.78
CA SER B 17 0.62 3.95 -10.86
C SER B 17 -0.58 4.87 -10.70
N VAL B 18 -1.77 4.31 -10.73
CA VAL B 18 -2.98 5.09 -10.55
C VAL B 18 -3.63 4.77 -9.20
N SER B 19 -3.71 5.76 -8.34
CA SER B 19 -4.28 5.59 -7.02
C SER B 19 -5.72 6.12 -6.99
N VAL B 20 -6.66 5.24 -6.65
CA VAL B 20 -8.06 5.60 -6.63
C VAL B 20 -8.65 5.43 -5.25
N TRP B 21 -9.47 6.38 -4.84
CA TRP B 21 -10.23 6.25 -3.61
C TRP B 21 -11.64 5.78 -3.96
N VAL B 22 -11.85 4.48 -3.86
CA VAL B 22 -13.10 3.86 -4.28
C VAL B 22 -14.15 3.97 -3.19
N GLY B 23 -15.21 4.69 -3.47
CA GLY B 23 -16.28 4.85 -2.50
C GLY B 23 -17.42 3.89 -2.76
N ASP B 24 -17.17 2.88 -3.60
CA ASP B 24 -18.17 1.88 -3.93
C ASP B 24 -17.49 0.62 -4.47
N LYS B 25 -16.91 -0.16 -3.57
CA LYS B 25 -16.35 -1.46 -3.93
C LYS B 25 -17.35 -2.54 -3.56
N THR B 26 -17.94 -3.19 -4.54
CA THR B 26 -19.05 -4.09 -4.28
C THR B 26 -18.58 -5.48 -3.85
N THR B 27 -17.42 -5.90 -4.32
CA THR B 27 -16.92 -7.24 -4.02
C THR B 27 -15.43 -7.25 -3.77
N ALA B 28 -15.01 -8.12 -2.86
CA ALA B 28 -13.60 -8.33 -2.59
C ALA B 28 -13.34 -9.78 -2.23
N THR B 29 -12.09 -10.19 -2.30
CA THR B 29 -11.72 -11.54 -1.96
C THR B 29 -11.26 -11.62 -0.52
N ASP B 30 -11.99 -12.40 0.26
CA ASP B 30 -11.65 -12.67 1.65
C ASP B 30 -10.34 -13.45 1.70
N ILE B 31 -9.64 -13.39 2.83
CA ILE B 31 -8.39 -14.12 3.01
C ILE B 31 -8.64 -15.63 2.92
N LYS B 32 -9.90 -16.02 3.10
CA LYS B 32 -10.31 -17.42 2.97
C LYS B 32 -10.39 -17.81 1.50
N GLY B 33 -10.26 -16.82 0.63
CA GLY B 33 -10.32 -17.06 -0.81
C GLY B 33 -11.74 -16.98 -1.34
N LYS B 34 -12.61 -16.36 -0.56
CA LYS B 34 -14.02 -16.26 -0.90
C LYS B 34 -14.34 -14.87 -1.42
N GLU B 35 -15.44 -14.76 -2.15
CA GLU B 35 -15.87 -13.47 -2.69
C GLU B 35 -16.97 -12.90 -1.80
N VAL B 36 -16.70 -11.76 -1.20
CA VAL B 36 -17.63 -11.13 -0.28
C VAL B 36 -18.07 -9.76 -0.79
N THR B 37 -19.26 -9.33 -0.38
CA THR B 37 -19.80 -8.05 -0.79
C THR B 37 -19.36 -6.96 0.18
N VAL B 38 -18.60 -6.01 -0.33
CA VAL B 38 -18.02 -4.97 0.49
C VAL B 38 -18.99 -3.81 0.67
N LEU B 39 -19.04 -3.26 1.88
CA LEU B 39 -19.93 -2.16 2.18
C LEU B 39 -19.13 -0.88 2.38
N ALA B 40 -19.43 0.14 1.57
CA ALA B 40 -18.77 1.43 1.69
C ALA B 40 -19.31 2.17 2.90
N GLU B 41 -20.58 1.94 3.17
CA GLU B 41 -21.24 2.51 4.34
C GLU B 41 -21.45 1.39 5.36
N VAL B 42 -20.80 1.50 6.50
CA VAL B 42 -20.85 0.45 7.50
C VAL B 42 -21.91 0.76 8.56
N ASN B 43 -22.80 -0.18 8.77
CA ASN B 43 -23.85 -0.04 9.78
C ASN B 43 -23.51 -0.86 11.01
N ILE B 44 -22.98 -0.21 12.03
CA ILE B 44 -22.54 -0.92 13.22
C ILE B 44 -23.63 -0.91 14.29
N ASN B 45 -23.76 0.21 14.99
CA ASN B 45 -24.78 0.36 16.02
C ASN B 45 -25.63 1.60 15.70
N ASN B 46 -26.36 1.52 14.59
CA ASN B 46 -27.17 2.64 14.10
C ASN B 46 -26.27 3.84 13.79
N SER B 47 -25.01 3.53 13.52
CA SER B 47 -24.03 4.54 13.18
C SER B 47 -23.39 4.17 11.84
N VAL B 48 -23.62 4.99 10.84
CA VAL B 48 -23.12 4.70 9.50
C VAL B 48 -21.84 5.47 9.23
N PHE B 49 -20.75 4.73 9.10
CA PHE B 49 -19.46 5.32 8.79
C PHE B 49 -19.02 4.86 7.41
N ARG B 50 -18.23 5.67 6.72
CA ARG B 50 -17.81 5.33 5.38
C ARG B 50 -16.29 5.34 5.26
N GLN B 51 -15.78 4.57 4.33
CA GLN B 51 -14.36 4.53 4.05
C GLN B 51 -14.10 4.40 2.57
N TYR B 52 -13.19 5.20 2.05
CA TYR B 52 -12.83 5.14 0.66
C TYR B 52 -11.66 4.19 0.48
N PHE B 53 -11.84 3.19 -0.36
CA PHE B 53 -10.84 2.16 -0.54
C PHE B 53 -9.74 2.65 -1.48
N PHE B 54 -8.55 2.80 -0.93
CA PHE B 54 -7.41 3.32 -1.66
C PHE B 54 -6.76 2.21 -2.46
N GLU B 55 -7.10 2.14 -3.74
CA GLU B 55 -6.57 1.10 -4.61
C GLU B 55 -5.62 1.72 -5.62
N THR B 56 -4.36 1.32 -5.56
CA THR B 56 -3.38 1.78 -6.52
C THR B 56 -3.08 0.69 -7.53
N LYS B 57 -3.37 0.96 -8.79
CA LYS B 57 -3.21 -0.03 -9.84
C LYS B 57 -2.09 0.36 -10.78
N CYS B 58 -1.54 -0.64 -11.46
CA CYS B 58 -0.47 -0.42 -12.41
C CYS B 58 -1.04 0.05 -13.75
N ARG B 59 -0.59 1.21 -14.19
CA ARG B 59 -0.99 1.73 -15.49
C ARG B 59 -0.13 1.08 -16.57
N ALA B 60 -0.54 -0.13 -16.96
CA ALA B 60 0.23 -1.00 -17.86
C ALA B 60 1.38 -1.65 -17.10
N SER B 61 1.51 -2.96 -17.26
CA SER B 61 2.51 -3.74 -16.53
C SER B 61 3.93 -3.35 -16.92
N ASN B 62 4.06 -2.72 -18.08
CA ASN B 62 5.37 -2.28 -18.58
C ASN B 62 5.24 -0.88 -19.18
N PRO B 63 5.42 0.17 -18.36
CA PRO B 63 5.30 1.57 -18.81
C PRO B 63 6.21 1.87 -20.00
N VAL B 64 7.40 1.30 -19.99
CA VAL B 64 8.34 1.47 -21.10
C VAL B 64 8.65 0.11 -21.71
N GLU B 65 9.09 0.10 -22.96
CA GLU B 65 9.38 -1.13 -23.67
C GLU B 65 10.75 -1.67 -23.25
N SER B 66 10.79 -2.18 -22.04
CA SER B 66 12.01 -2.72 -21.43
C SER B 66 11.71 -3.10 -19.98
N GLY B 67 10.72 -2.43 -19.41
CA GLY B 67 10.33 -2.66 -18.05
C GLY B 67 9.81 -1.41 -17.38
N CYS B 68 10.59 -0.87 -16.45
CA CYS B 68 10.21 0.35 -15.75
C CYS B 68 11.12 1.50 -16.17
N ARG B 69 10.73 2.71 -15.80
CA ARG B 69 11.48 3.91 -16.16
C ARG B 69 12.82 3.92 -15.43
N GLY B 70 13.90 4.08 -16.17
CA GLY B 70 15.22 4.11 -15.58
C GLY B 70 15.92 2.78 -15.66
N ILE B 71 15.15 1.71 -15.80
CA ILE B 71 15.71 0.37 -15.87
C ILE B 71 16.21 0.08 -17.28
N ASP B 72 17.51 -0.15 -17.39
CA ASP B 72 18.12 -0.52 -18.66
C ASP B 72 19.28 -1.46 -18.41
N SER B 73 19.03 -2.75 -18.55
CA SER B 73 20.05 -3.75 -18.36
C SER B 73 19.69 -5.02 -19.12
N LYS B 74 20.71 -5.69 -19.63
CA LYS B 74 20.53 -6.88 -20.45
C LYS B 74 20.14 -8.07 -19.57
N HIS B 75 20.26 -7.92 -18.26
CA HIS B 75 19.93 -8.99 -17.32
C HIS B 75 18.87 -8.56 -16.32
N TRP B 76 18.13 -7.51 -16.65
CA TRP B 76 17.03 -7.07 -15.81
C TRP B 76 15.81 -6.71 -16.65
N ASN B 77 14.73 -7.45 -16.45
CA ASN B 77 13.45 -7.11 -17.04
C ASN B 77 12.50 -6.74 -15.91
N SER B 78 11.77 -5.66 -16.06
CA SER B 78 10.92 -5.18 -14.99
C SER B 78 9.47 -5.54 -15.25
N TYR B 79 8.74 -5.83 -14.18
CA TYR B 79 7.31 -6.00 -14.27
C TYR B 79 6.64 -5.36 -13.06
N CYS B 80 5.58 -4.62 -13.32
CA CYS B 80 4.86 -3.91 -12.26
C CYS B 80 3.79 -4.82 -11.66
N THR B 81 3.78 -4.91 -10.34
CA THR B 81 2.82 -5.74 -9.63
C THR B 81 2.25 -5.00 -8.44
N THR B 82 0.93 -5.04 -8.29
CA THR B 82 0.27 -4.36 -7.19
C THR B 82 0.35 -5.20 -5.91
N THR B 83 0.72 -4.53 -4.82
CA THR B 83 0.79 -5.18 -3.53
C THR B 83 -0.63 -5.32 -2.96
N HIS B 84 -0.99 -6.52 -2.58
CA HIS B 84 -2.31 -6.79 -2.04
C HIS B 84 -2.21 -7.02 -0.54
N THR B 85 -2.93 -6.22 0.22
CA THR B 85 -2.95 -6.38 1.67
C THR B 85 -4.34 -6.82 2.10
N PHE B 86 -4.44 -7.40 3.29
CA PHE B 86 -5.72 -7.87 3.78
C PHE B 86 -6.21 -6.98 4.91
N VAL B 87 -7.32 -6.31 4.68
CA VAL B 87 -7.90 -5.41 5.66
C VAL B 87 -9.27 -5.91 6.10
N LYS B 88 -9.52 -5.90 7.41
CA LYS B 88 -10.81 -6.34 7.92
C LYS B 88 -11.85 -5.22 7.80
N ALA B 89 -12.61 -5.29 6.72
CA ALA B 89 -13.64 -4.30 6.43
C ALA B 89 -15.00 -4.96 6.55
N LEU B 90 -16.03 -4.17 6.83
CA LEU B 90 -17.36 -4.72 7.01
C LEU B 90 -17.93 -5.15 5.66
N THR B 91 -17.95 -6.44 5.43
CA THR B 91 -18.47 -7.00 4.21
C THR B 91 -19.59 -7.97 4.55
N THR B 92 -20.48 -8.23 3.62
CA THR B 92 -21.57 -9.15 3.88
C THR B 92 -21.40 -10.41 3.03
N ASP B 93 -21.29 -11.54 3.72
CA ASP B 93 -21.15 -12.83 3.07
C ASP B 93 -22.45 -13.23 2.38
N GLU B 94 -23.56 -12.76 2.93
CA GLU B 94 -24.87 -13.02 2.36
C GLU B 94 -25.93 -12.18 3.07
N LYS B 95 -26.23 -12.53 4.32
CA LYS B 95 -27.19 -11.76 5.11
C LYS B 95 -26.50 -11.08 6.29
N GLN B 96 -25.39 -11.66 6.73
CA GLN B 96 -24.65 -11.10 7.85
C GLN B 96 -23.56 -10.16 7.36
N ALA B 97 -23.40 -9.05 8.05
CA ALA B 97 -22.30 -8.14 7.80
C ALA B 97 -21.22 -8.35 8.85
N ALA B 98 -19.99 -8.57 8.40
CA ALA B 98 -18.89 -8.82 9.32
C ALA B 98 -17.59 -8.25 8.77
N TRP B 99 -16.70 -7.88 9.68
CA TRP B 99 -15.42 -7.31 9.29
C TRP B 99 -14.49 -8.40 8.79
N ARG B 100 -14.50 -8.61 7.48
CA ARG B 100 -13.72 -9.67 6.87
C ARG B 100 -12.40 -9.11 6.35
N PHE B 101 -11.36 -9.91 6.39
CA PHE B 101 -10.06 -9.52 5.88
C PHE B 101 -10.03 -9.70 4.37
N ILE B 102 -10.10 -8.58 3.65
CA ILE B 102 -10.15 -8.63 2.19
C ILE B 102 -8.90 -8.02 1.59
N ARG B 103 -8.49 -8.56 0.45
CA ARG B 103 -7.27 -8.13 -0.21
C ARG B 103 -7.52 -6.90 -1.08
N ILE B 104 -6.76 -5.84 -0.84
CA ILE B 104 -6.86 -4.63 -1.64
C ILE B 104 -5.49 -4.27 -2.23
N ASP B 105 -5.53 -3.58 -3.36
CA ASP B 105 -4.31 -3.13 -4.06
C ASP B 105 -3.82 -1.83 -3.43
N THR B 106 -2.70 -1.87 -2.74
CA THR B 106 -2.21 -0.71 -2.03
C THR B 106 -1.30 0.14 -2.89
N ALA B 107 -0.38 -0.50 -3.60
CA ALA B 107 0.58 0.21 -4.42
C ALA B 107 1.09 -0.68 -5.55
N CYS B 108 1.55 -0.06 -6.62
CA CYS B 108 2.12 -0.80 -7.74
C CYS B 108 3.64 -0.75 -7.65
N VAL B 109 4.25 -1.90 -7.41
CA VAL B 109 5.70 -1.95 -7.23
C VAL B 109 6.36 -2.48 -8.49
N CYS B 110 7.55 -1.98 -8.77
CA CYS B 110 8.33 -2.46 -9.89
C CYS B 110 9.32 -3.50 -9.42
N VAL B 111 9.16 -4.72 -9.89
CA VAL B 111 10.07 -5.78 -9.53
C VAL B 111 10.83 -6.26 -10.75
N LEU B 112 12.09 -6.64 -10.55
CA LEU B 112 12.96 -7.01 -11.64
C LEU B 112 13.07 -8.53 -11.77
N SER B 113 13.41 -8.97 -12.95
CA SER B 113 13.69 -10.36 -13.21
C SER B 113 15.05 -10.46 -13.90
N ARG B 114 15.83 -11.47 -13.53
CA ARG B 114 17.20 -11.60 -14.01
C ARG B 114 17.22 -12.19 -15.42
N LYS B 115 16.03 -12.54 -15.91
CA LYS B 115 15.83 -13.02 -17.29
C LYS B 115 16.42 -14.41 -17.50
N ALA B 116 17.74 -14.50 -17.53
CA ALA B 116 18.41 -15.77 -17.78
C ALA B 116 18.39 -16.64 -16.53
N THR B 117 18.55 -16.01 -15.39
CA THR B 117 18.56 -16.73 -14.12
C THR B 117 17.57 -16.10 -13.14
N ARG B 118 17.59 -16.56 -11.90
CA ARG B 118 16.74 -15.98 -10.86
C ARG B 118 17.37 -16.28 -9.51
N SER A 1 2.70 -26.71 0.19
CA SER A 1 2.63 -25.45 -0.58
C SER A 1 2.26 -25.72 -2.03
N SER A 2 1.06 -26.24 -2.26
CA SER A 2 0.61 -26.58 -3.60
C SER A 2 0.44 -25.33 -4.45
N THR A 3 -0.21 -24.32 -3.88
CA THR A 3 -0.38 -23.04 -4.55
C THR A 3 0.80 -22.15 -4.26
N HIS A 4 1.70 -22.00 -5.23
CA HIS A 4 2.88 -21.17 -5.07
C HIS A 4 3.11 -20.30 -6.30
N PRO A 5 2.51 -19.10 -6.33
CA PRO A 5 2.67 -18.16 -7.43
C PRO A 5 3.93 -17.31 -7.26
N VAL A 6 5.02 -17.96 -6.87
CA VAL A 6 6.30 -17.27 -6.62
C VAL A 6 6.12 -16.21 -5.53
N PHE A 7 5.27 -16.53 -4.55
CA PHE A 7 4.91 -15.59 -3.50
C PHE A 7 4.35 -14.31 -4.12
N HIS A 8 3.40 -14.48 -5.04
CA HIS A 8 2.81 -13.38 -5.79
C HIS A 8 3.92 -12.63 -6.54
N MET A 9 4.74 -13.40 -7.24
CA MET A 9 5.90 -12.90 -7.99
C MET A 9 7.04 -12.52 -7.04
N GLY A 10 6.69 -12.00 -5.87
CA GLY A 10 7.67 -11.69 -4.86
C GLY A 10 7.55 -10.27 -4.36
N GLU A 11 8.42 -9.90 -3.43
CA GLU A 11 8.45 -8.54 -2.91
C GLU A 11 9.65 -7.79 -3.49
N PHE A 12 10.04 -8.19 -4.71
CA PHE A 12 11.17 -7.58 -5.38
C PHE A 12 10.83 -6.15 -5.77
N SER A 13 11.70 -5.23 -5.41
CA SER A 13 11.51 -3.83 -5.71
C SER A 13 12.85 -3.12 -5.82
N VAL A 14 12.85 -1.95 -6.45
CA VAL A 14 14.06 -1.15 -6.61
C VAL A 14 14.42 -0.46 -5.30
N CYS A 15 13.45 -0.38 -4.40
CA CYS A 15 13.66 0.17 -3.08
C CYS A 15 13.30 -0.86 -2.01
N ASP A 16 14.24 -1.14 -1.13
CA ASP A 16 14.04 -2.13 -0.07
C ASP A 16 12.83 -1.77 0.77
N SER A 17 11.82 -2.61 0.73
CA SER A 17 10.59 -2.36 1.45
C SER A 17 10.25 -3.52 2.37
N VAL A 18 9.96 -3.22 3.61
CA VAL A 18 9.63 -4.25 4.59
C VAL A 18 8.16 -4.16 5.01
N SER A 19 7.39 -5.18 4.67
CA SER A 19 5.99 -5.21 5.06
C SER A 19 5.83 -5.88 6.42
N VAL A 20 5.34 -5.13 7.39
CA VAL A 20 5.16 -5.64 8.73
C VAL A 20 3.69 -5.59 9.12
N TRP A 21 3.22 -6.63 9.78
CA TRP A 21 1.86 -6.65 10.28
C TRP A 21 1.86 -6.39 11.77
N VAL A 22 1.65 -5.13 12.13
CA VAL A 22 1.73 -4.71 13.51
C VAL A 22 0.36 -4.75 14.16
N GLY A 23 0.15 -5.70 15.06
CA GLY A 23 -1.12 -5.82 15.72
C GLY A 23 -1.09 -5.24 17.12
N ASP A 24 -0.01 -4.53 17.44
CA ASP A 24 0.15 -3.93 18.76
C ASP A 24 0.60 -2.48 18.65
N LYS A 25 0.18 -1.82 17.57
CA LYS A 25 0.51 -0.41 17.40
C LYS A 25 -0.38 0.42 18.30
N THR A 26 0.19 0.99 19.35
CA THR A 26 -0.58 1.69 20.36
C THR A 26 -0.65 3.19 20.09
N THR A 27 0.10 3.68 19.11
CA THR A 27 0.07 5.08 18.74
C THR A 27 0.17 5.24 17.23
N ALA A 28 -0.68 6.09 16.68
CA ALA A 28 -0.66 6.37 15.25
C ALA A 28 -1.04 7.81 14.98
N THR A 29 -0.71 8.28 13.80
CA THR A 29 -1.02 9.65 13.43
C THR A 29 -2.31 9.72 12.61
N ASP A 30 -3.29 10.40 13.18
CA ASP A 30 -4.60 10.56 12.56
C ASP A 30 -4.49 11.40 11.29
N ILE A 31 -5.54 11.38 10.47
CA ILE A 31 -5.56 12.12 9.21
C ILE A 31 -5.42 13.62 9.47
N LYS A 32 -5.88 14.08 10.62
CA LYS A 32 -5.81 15.48 10.99
C LYS A 32 -4.40 15.84 11.46
N GLY A 33 -3.58 14.82 11.70
CA GLY A 33 -2.21 15.06 12.09
C GLY A 33 -2.01 14.93 13.59
N LYS A 34 -2.98 14.35 14.26
CA LYS A 34 -2.92 14.14 15.70
C LYS A 34 -2.37 12.76 16.01
N GLU A 35 -1.55 12.66 17.04
CA GLU A 35 -1.10 11.35 17.50
C GLU A 35 -2.12 10.78 18.45
N VAL A 36 -2.72 9.68 18.06
CA VAL A 36 -3.78 9.07 18.85
C VAL A 36 -3.37 7.69 19.33
N THR A 37 -3.95 7.28 20.44
CA THR A 37 -3.63 6.02 21.06
C THR A 37 -4.51 4.90 20.50
N VAL A 38 -3.91 4.03 19.71
CA VAL A 38 -4.63 2.92 19.12
C VAL A 38 -4.76 1.82 20.17
N LEU A 39 -5.94 1.22 20.24
CA LEU A 39 -6.21 0.20 21.26
C LEU A 39 -5.69 -1.17 20.83
N ALA A 40 -5.04 -1.20 19.66
CA ALA A 40 -4.48 -2.42 19.07
C ALA A 40 -5.58 -3.36 18.59
N GLU A 41 -6.58 -3.56 19.43
CA GLU A 41 -7.69 -4.45 19.11
C GLU A 41 -9.00 -3.70 19.31
N VAL A 42 -10.00 -4.06 18.54
CA VAL A 42 -11.31 -3.43 18.69
C VAL A 42 -12.19 -4.32 19.56
N ASN A 43 -12.72 -3.73 20.63
CA ASN A 43 -13.58 -4.47 21.55
C ASN A 43 -14.97 -4.60 20.94
N ILE A 44 -15.65 -5.69 21.28
CA ILE A 44 -16.91 -6.01 20.64
C ILE A 44 -18.05 -5.08 21.08
N ASN A 45 -18.05 -3.88 20.53
CA ASN A 45 -19.24 -3.02 20.56
C ASN A 45 -20.06 -3.32 19.33
N ASN A 46 -19.50 -4.20 18.51
CA ASN A 46 -20.14 -4.69 17.30
C ASN A 46 -19.40 -5.95 16.85
N SER A 47 -18.08 -5.85 16.83
CA SER A 47 -17.23 -6.98 16.47
C SER A 47 -15.93 -6.90 17.25
N VAL A 48 -15.23 -8.02 17.38
CA VAL A 48 -13.96 -8.04 18.08
C VAL A 48 -12.86 -8.60 17.17
N PHE A 49 -11.92 -7.74 16.80
CA PHE A 49 -10.83 -8.10 15.92
C PHE A 49 -9.57 -7.33 16.30
N ARG A 50 -8.43 -8.00 16.25
CA ARG A 50 -7.16 -7.33 16.46
C ARG A 50 -6.76 -6.60 15.18
N GLN A 51 -6.46 -5.32 15.31
CA GLN A 51 -6.16 -4.49 14.16
C GLN A 51 -4.71 -4.67 13.74
N TYR A 52 -4.47 -5.63 12.85
CA TYR A 52 -3.14 -5.78 12.29
C TYR A 52 -2.90 -4.70 11.26
N PHE A 53 -1.85 -3.92 11.48
CA PHE A 53 -1.50 -2.85 10.56
C PHE A 53 -0.43 -3.32 9.59
N PHE A 54 -0.77 -3.30 8.32
CA PHE A 54 0.18 -3.66 7.28
C PHE A 54 1.04 -2.45 6.93
N GLU A 55 2.18 -2.35 7.57
CA GLU A 55 3.06 -1.22 7.39
C GLU A 55 4.29 -1.64 6.61
N THR A 56 4.34 -1.20 5.36
CA THR A 56 5.49 -1.45 4.52
C THR A 56 6.43 -0.25 4.57
N LYS A 57 7.52 -0.40 5.29
CA LYS A 57 8.44 0.69 5.52
C LYS A 57 9.67 0.54 4.63
N CYS A 58 10.27 1.67 4.29
CA CYS A 58 11.39 1.66 3.39
C CYS A 58 12.69 1.50 4.16
N ARG A 59 13.48 0.50 3.78
CA ARG A 59 14.76 0.25 4.43
C ARG A 59 15.89 0.88 3.61
N ALA A 60 15.53 1.78 2.72
CA ALA A 60 16.49 2.43 1.86
C ALA A 60 16.06 3.86 1.57
N SER A 61 16.93 4.62 0.92
CA SER A 61 16.62 5.98 0.51
C SER A 61 17.21 6.23 -0.88
N ASN A 62 18.47 5.88 -1.05
CA ASN A 62 19.12 5.94 -2.34
C ASN A 62 19.96 4.68 -2.53
N PRO A 63 19.34 3.62 -3.11
CA PRO A 63 19.99 2.32 -3.32
C PRO A 63 21.36 2.42 -3.99
N VAL A 64 21.54 3.42 -4.85
CA VAL A 64 22.85 3.65 -5.45
C VAL A 64 23.31 5.08 -5.19
N GLU A 65 24.47 5.42 -5.73
CA GLU A 65 25.11 6.72 -5.50
C GLU A 65 24.15 7.90 -5.65
N SER A 66 23.34 7.89 -6.70
CA SER A 66 22.42 8.98 -6.95
C SER A 66 21.13 8.46 -7.59
N GLY A 67 20.50 7.48 -6.94
CA GLY A 67 19.25 6.95 -7.43
C GLY A 67 18.97 5.56 -6.93
N CYS A 68 18.15 4.83 -7.68
CA CYS A 68 17.81 3.45 -7.32
C CYS A 68 18.63 2.48 -8.15
N ARG A 69 18.72 1.23 -7.70
CA ARG A 69 19.52 0.22 -8.37
C ARG A 69 18.92 -0.14 -9.72
N GLY A 70 19.73 -0.06 -10.76
CA GLY A 70 19.25 -0.36 -12.10
C GLY A 70 18.97 0.89 -12.90
N ILE A 71 18.57 1.96 -12.20
CA ILE A 71 18.20 3.22 -12.84
C ILE A 71 19.43 3.96 -13.36
N ASP A 72 19.30 4.52 -14.57
CA ASP A 72 20.35 5.34 -15.15
C ASP A 72 20.46 6.67 -14.42
N SER A 73 21.37 6.76 -13.47
CA SER A 73 21.59 7.99 -12.72
C SER A 73 22.07 9.11 -13.64
N LYS A 74 22.53 8.74 -14.83
CA LYS A 74 22.96 9.70 -15.84
C LYS A 74 21.79 10.54 -16.34
N HIS A 75 20.60 9.97 -16.30
CA HIS A 75 19.41 10.65 -16.82
C HIS A 75 18.36 10.84 -15.73
N TRP A 76 18.37 9.94 -14.75
CA TRP A 76 17.36 9.96 -13.70
C TRP A 76 18.00 10.03 -12.33
N ASN A 77 17.48 10.91 -11.49
CA ASN A 77 17.81 10.89 -10.08
C ASN A 77 16.62 10.29 -9.35
N SER A 78 16.89 9.39 -8.42
CA SER A 78 15.84 8.62 -7.79
C SER A 78 15.94 8.69 -6.28
N TYR A 79 14.80 8.63 -5.61
CA TYR A 79 14.75 8.61 -4.17
C TYR A 79 13.61 7.71 -3.70
N CYS A 80 13.89 6.87 -2.72
CA CYS A 80 12.90 5.97 -2.18
C CYS A 80 12.00 6.69 -1.17
N THR A 81 10.75 6.87 -1.54
CA THR A 81 9.79 7.58 -0.72
C THR A 81 8.66 6.67 -0.28
N THR A 82 8.38 6.63 1.02
CA THR A 82 7.33 5.78 1.54
C THR A 82 5.99 6.49 1.51
N THR A 83 5.04 5.92 0.77
CA THR A 83 3.69 6.43 0.74
C THR A 83 2.94 6.01 2.01
N HIS A 84 2.09 6.88 2.52
CA HIS A 84 1.32 6.57 3.72
C HIS A 84 -0.17 6.60 3.39
N THR A 85 -0.90 5.63 3.91
CA THR A 85 -2.33 5.56 3.67
C THR A 85 -3.09 5.66 4.99
N PHE A 86 -4.42 5.78 4.92
CA PHE A 86 -5.22 6.00 6.11
C PHE A 86 -6.21 4.86 6.32
N VAL A 87 -6.16 4.26 7.50
CA VAL A 87 -7.04 3.15 7.84
C VAL A 87 -7.89 3.49 9.05
N LYS A 88 -9.12 2.99 9.07
CA LYS A 88 -10.03 3.25 10.18
C LYS A 88 -9.77 2.26 11.32
N ALA A 89 -9.30 2.79 12.44
CA ALA A 89 -9.00 1.99 13.61
C ALA A 89 -9.67 2.57 14.85
N LEU A 90 -9.87 1.74 15.86
CA LEU A 90 -10.46 2.18 17.10
C LEU A 90 -9.37 2.78 17.99
N THR A 91 -9.39 4.10 18.11
CA THR A 91 -8.37 4.82 18.84
C THR A 91 -8.99 5.56 20.02
N THR A 92 -8.24 5.69 21.09
CA THR A 92 -8.76 6.35 22.27
C THR A 92 -8.17 7.75 22.42
N ASP A 93 -9.05 8.74 22.38
CA ASP A 93 -8.68 10.12 22.63
C ASP A 93 -8.73 10.37 24.13
N GLU A 94 -7.62 10.11 24.79
CA GLU A 94 -7.51 10.16 26.25
C GLU A 94 -8.30 9.03 26.89
N LYS A 95 -9.63 9.10 26.83
CA LYS A 95 -10.47 8.06 27.39
C LYS A 95 -11.64 7.71 26.46
N GLN A 96 -11.68 8.34 25.29
CA GLN A 96 -12.79 8.13 24.35
C GLN A 96 -12.36 7.22 23.21
N ALA A 97 -12.86 5.99 23.21
CA ALA A 97 -12.57 5.04 22.15
C ALA A 97 -13.45 5.30 20.94
N ALA A 98 -12.85 5.82 19.88
CA ALA A 98 -13.58 6.18 18.67
C ALA A 98 -12.84 5.72 17.43
N TRP A 99 -13.60 5.43 16.38
CA TRP A 99 -13.02 5.01 15.10
C TRP A 99 -12.46 6.22 14.36
N ARG A 100 -11.15 6.20 14.12
CA ARG A 100 -10.50 7.29 13.41
C ARG A 100 -9.66 6.75 12.27
N PHE A 101 -9.31 7.63 11.35
CA PHE A 101 -8.47 7.25 10.21
C PHE A 101 -7.02 7.61 10.50
N ILE A 102 -6.19 6.59 10.66
CA ILE A 102 -4.79 6.80 11.00
C ILE A 102 -3.89 6.37 9.86
N ARG A 103 -2.75 7.02 9.73
CA ARG A 103 -1.86 6.79 8.61
C ARG A 103 -0.87 5.67 8.92
N ILE A 104 -0.66 4.81 7.94
CA ILE A 104 0.32 3.74 8.03
C ILE A 104 1.20 3.72 6.79
N ASP A 105 2.42 3.24 6.96
CA ASP A 105 3.36 3.10 5.84
C ASP A 105 2.83 2.06 4.86
N THR A 106 2.63 2.48 3.63
CA THR A 106 1.98 1.63 2.64
C THR A 106 2.99 0.91 1.75
N ALA A 107 3.89 1.68 1.16
CA ALA A 107 4.91 1.12 0.26
C ALA A 107 5.99 2.15 -0.01
N CYS A 108 7.16 1.69 -0.41
CA CYS A 108 8.25 2.59 -0.74
C CYS A 108 8.43 2.65 -2.25
N VAL A 109 8.24 3.84 -2.82
CA VAL A 109 8.33 4.02 -4.25
C VAL A 109 9.64 4.72 -4.62
N CYS A 110 10.14 4.44 -5.80
CA CYS A 110 11.34 5.09 -6.29
C CYS A 110 10.96 6.24 -7.21
N VAL A 111 11.02 7.45 -6.69
CA VAL A 111 10.64 8.62 -7.46
C VAL A 111 11.74 8.96 -8.45
N LEU A 112 11.36 9.25 -9.68
CA LEU A 112 12.32 9.58 -10.71
C LEU A 112 12.25 11.06 -11.05
N SER A 113 13.41 11.66 -11.22
CA SER A 113 13.49 13.03 -11.66
C SER A 113 14.56 13.15 -12.75
N ARG A 114 14.34 14.05 -13.70
CA ARG A 114 15.24 14.19 -14.83
C ARG A 114 16.52 14.93 -14.44
N LYS A 115 16.66 15.18 -13.13
CA LYS A 115 17.83 15.83 -12.54
C LYS A 115 17.81 17.33 -12.84
N ALA A 116 17.67 17.68 -14.11
CA ALA A 116 17.51 19.06 -14.51
C ALA A 116 16.14 19.57 -14.13
N THR A 117 15.18 18.64 -14.13
CA THR A 117 13.81 18.94 -13.73
C THR A 117 13.33 17.95 -12.69
N ARG A 118 12.39 18.39 -11.87
CA ARG A 118 11.80 17.55 -10.84
C ARG A 118 10.43 18.11 -10.45
N SER B 1 -2.35 26.69 -0.23
CA SER B 1 -1.50 25.50 -0.12
C SER B 1 -0.17 25.84 0.55
N SER B 2 -0.23 26.25 1.82
CA SER B 2 0.95 26.64 2.55
C SER B 2 1.88 25.45 2.77
N THR B 3 1.30 24.34 3.21
CA THR B 3 2.07 23.12 3.39
C THR B 3 2.10 22.33 2.09
N HIS B 4 3.23 22.36 1.40
CA HIS B 4 3.37 21.66 0.14
C HIS B 4 4.71 20.92 0.08
N PRO B 5 4.74 19.68 0.56
CA PRO B 5 5.94 18.85 0.54
C PRO B 5 6.11 18.12 -0.79
N VAL B 6 5.87 18.86 -1.89
CA VAL B 6 5.94 18.30 -3.24
C VAL B 6 4.96 17.14 -3.39
N PHE B 7 3.81 17.28 -2.72
CA PHE B 7 2.80 16.22 -2.67
C PHE B 7 3.43 14.94 -2.11
N HIS B 8 4.11 15.09 -0.98
CA HIS B 8 4.86 13.99 -0.36
C HIS B 8 5.87 13.43 -1.35
N MET B 9 6.64 14.35 -1.94
CA MET B 9 7.64 14.03 -2.98
C MET B 9 6.97 13.69 -4.31
N GLY B 10 5.82 13.04 -4.24
CA GLY B 10 5.05 12.77 -5.44
C GLY B 10 4.67 11.31 -5.53
N GLU B 11 3.98 10.96 -6.61
CA GLU B 11 3.61 9.58 -6.88
C GLU B 11 4.48 9.02 -7.99
N PHE B 12 5.70 9.54 -8.09
CA PHE B 12 6.65 9.12 -9.12
C PHE B 12 7.10 7.69 -8.85
N SER B 13 7.00 6.84 -9.85
CA SER B 13 7.41 5.45 -9.72
C SER B 13 7.85 4.92 -11.08
N VAL B 14 8.59 3.82 -11.05
CA VAL B 14 9.04 3.17 -12.27
C VAL B 14 7.92 2.41 -12.95
N CYS B 15 6.86 2.16 -12.19
CA CYS B 15 5.66 1.52 -12.71
C CYS B 15 4.45 2.41 -12.48
N ASP B 16 3.73 2.73 -13.54
CA ASP B 16 2.56 3.60 -13.48
C ASP B 16 1.54 3.04 -12.50
N SER B 17 1.31 3.77 -11.42
CA SER B 17 0.39 3.33 -10.38
C SER B 17 -0.68 4.37 -10.15
N VAL B 18 -1.93 3.94 -10.13
CA VAL B 18 -3.04 4.85 -9.92
C VAL B 18 -3.72 4.55 -8.57
N SER B 19 -3.66 5.51 -7.66
CA SER B 19 -4.31 5.36 -6.36
C SER B 19 -5.73 5.89 -6.43
N VAL B 20 -6.69 5.02 -6.21
CA VAL B 20 -8.09 5.39 -6.26
C VAL B 20 -8.75 5.15 -4.92
N TRP B 21 -9.58 6.08 -4.49
CA TRP B 21 -10.33 5.92 -3.26
C TRP B 21 -11.76 5.54 -3.59
N VAL B 22 -12.02 4.25 -3.57
CA VAL B 22 -13.32 3.72 -3.96
C VAL B 22 -14.22 3.56 -2.75
N GLY B 23 -15.23 4.40 -2.64
CA GLY B 23 -16.14 4.32 -1.52
C GLY B 23 -17.44 3.64 -1.88
N ASP B 24 -17.47 3.02 -3.06
CA ASP B 24 -18.66 2.35 -3.54
C ASP B 24 -18.33 0.96 -4.08
N LYS B 25 -17.29 0.34 -3.53
CA LYS B 25 -16.90 -1.00 -3.94
C LYS B 25 -17.88 -2.00 -3.32
N THR B 26 -18.73 -2.59 -4.15
CA THR B 26 -19.79 -3.45 -3.66
C THR B 26 -19.40 -4.92 -3.67
N THR B 27 -18.25 -5.22 -4.25
CA THR B 27 -17.76 -6.59 -4.27
C THR B 27 -16.25 -6.62 -4.09
N ALA B 28 -15.78 -7.52 -3.22
CA ALA B 28 -14.35 -7.66 -2.99
C ALA B 28 -14.01 -9.11 -2.68
N THR B 29 -12.74 -9.45 -2.82
CA THR B 29 -12.30 -10.81 -2.57
C THR B 29 -11.75 -10.95 -1.14
N ASP B 30 -12.42 -11.77 -0.37
CA ASP B 30 -12.07 -12.03 1.02
C ASP B 30 -10.72 -12.75 1.10
N ILE B 31 -10.11 -12.76 2.28
CA ILE B 31 -8.81 -13.40 2.49
C ILE B 31 -8.88 -14.90 2.16
N LYS B 32 -10.05 -15.49 2.34
CA LYS B 32 -10.26 -16.91 2.06
C LYS B 32 -10.41 -17.15 0.56
N GLY B 33 -10.58 -16.08 -0.19
CA GLY B 33 -10.68 -16.19 -1.64
C GLY B 33 -12.12 -16.15 -2.11
N LYS B 34 -13.02 -15.74 -1.24
CA LYS B 34 -14.44 -15.66 -1.58
C LYS B 34 -14.77 -14.25 -2.04
N GLU B 35 -15.63 -14.13 -3.03
CA GLU B 35 -16.11 -12.83 -3.46
C GLU B 35 -17.30 -12.44 -2.59
N VAL B 36 -17.14 -11.39 -1.83
CA VAL B 36 -18.18 -10.97 -0.90
C VAL B 36 -18.71 -9.60 -1.28
N THR B 37 -19.96 -9.35 -0.90
CA THR B 37 -20.63 -8.11 -1.21
C THR B 37 -20.36 -7.06 -0.15
N VAL B 38 -19.56 -6.08 -0.49
CA VAL B 38 -19.24 -4.99 0.42
C VAL B 38 -20.39 -4.00 0.44
N LEU B 39 -20.76 -3.55 1.64
CA LEU B 39 -21.90 -2.65 1.79
C LEU B 39 -21.52 -1.20 1.49
N ALA B 40 -20.26 -1.01 1.09
CA ALA B 40 -19.70 0.31 0.77
C ALA B 40 -19.54 1.17 2.03
N GLU B 41 -20.57 1.20 2.86
CA GLU B 41 -20.55 1.98 4.08
C GLU B 41 -20.92 1.08 5.24
N VAL B 42 -20.40 1.38 6.43
CA VAL B 42 -20.74 0.61 7.60
C VAL B 42 -21.85 1.31 8.37
N ASN B 43 -22.93 0.60 8.62
CA ASN B 43 -24.06 1.16 9.34
C ASN B 43 -23.76 1.18 10.83
N ILE B 44 -24.32 2.15 11.52
CA ILE B 44 -23.98 2.40 12.91
C ILE B 44 -24.53 1.32 13.86
N ASN B 45 -23.87 0.17 13.86
CA ASN B 45 -24.05 -0.82 14.92
C ASN B 45 -23.03 -0.51 16.00
N ASN B 46 -22.21 0.49 15.71
CA ASN B 46 -21.20 1.01 16.61
C ASN B 46 -20.74 2.37 16.10
N SER B 47 -20.46 2.42 14.81
CA SER B 47 -20.06 3.65 14.15
C SER B 47 -20.58 3.65 12.71
N VAL B 48 -20.68 4.83 12.11
CA VAL B 48 -21.11 4.93 10.72
C VAL B 48 -20.07 5.69 9.88
N PHE B 49 -19.44 4.96 8.98
CA PHE B 49 -18.41 5.51 8.11
C PHE B 49 -18.47 4.86 6.74
N ARG B 50 -18.26 5.65 5.70
CA ARG B 50 -18.15 5.11 4.36
C ARG B 50 -16.76 4.52 4.17
N GLN B 51 -16.70 3.28 3.72
CA GLN B 51 -15.44 2.59 3.59
C GLN B 51 -14.76 2.95 2.27
N TYR B 52 -13.95 4.00 2.30
CA TYR B 52 -13.17 4.35 1.14
C TYR B 52 -12.00 3.38 1.00
N PHE B 53 -11.93 2.71 -0.13
CA PHE B 53 -10.86 1.76 -0.38
C PHE B 53 -9.76 2.42 -1.18
N PHE B 54 -8.58 2.46 -0.61
CA PHE B 54 -7.42 3.00 -1.29
C PHE B 54 -6.80 1.93 -2.16
N GLU B 55 -7.19 1.91 -3.42
CA GLU B 55 -6.73 0.90 -4.33
C GLU B 55 -5.77 1.50 -5.35
N THR B 56 -4.51 1.18 -5.19
CA THR B 56 -3.49 1.62 -6.13
C THR B 56 -3.23 0.53 -7.15
N LYS B 57 -3.74 0.74 -8.35
CA LYS B 57 -3.69 -0.27 -9.38
C LYS B 57 -2.60 0.08 -10.39
N CYS B 58 -2.04 -0.93 -11.02
CA CYS B 58 -0.95 -0.73 -11.94
C CYS B 58 -1.47 -0.50 -13.35
N ARG B 59 -1.05 0.61 -13.94
CA ARG B 59 -1.46 0.95 -15.30
C ARG B 59 -0.39 0.53 -16.29
N ALA B 60 0.51 -0.34 -15.85
CA ALA B 60 1.61 -0.81 -16.67
C ALA B 60 1.95 -2.25 -16.31
N SER B 61 2.83 -2.85 -17.10
CA SER B 61 3.32 -4.19 -16.85
C SER B 61 4.80 -4.28 -17.17
N ASN B 62 5.17 -3.76 -18.33
CA ASN B 62 6.57 -3.65 -18.72
C ASN B 62 6.79 -2.29 -19.37
N PRO B 63 7.13 -1.28 -18.57
CA PRO B 63 7.32 0.10 -19.04
C PRO B 63 8.25 0.22 -20.24
N VAL B 64 9.23 -0.69 -20.34
CA VAL B 64 10.09 -0.73 -21.51
C VAL B 64 10.06 -2.11 -22.15
N GLU B 65 10.85 -2.29 -23.21
CA GLU B 65 10.87 -3.52 -24.00
C GLU B 65 10.96 -4.78 -23.13
N SER B 66 11.83 -4.77 -22.13
CA SER B 66 12.01 -5.93 -21.28
C SER B 66 12.33 -5.50 -19.85
N GLY B 67 11.47 -4.66 -19.28
CA GLY B 67 11.66 -4.24 -17.91
C GLY B 67 10.98 -2.93 -17.61
N CYS B 68 11.47 -2.23 -16.59
CA CYS B 68 10.93 -0.93 -16.20
C CYS B 68 11.80 0.19 -16.75
N ARG B 69 11.24 1.40 -16.81
CA ARG B 69 11.95 2.55 -17.36
C ARG B 69 13.11 2.95 -16.48
N GLY B 70 14.30 3.03 -17.07
CA GLY B 70 15.48 3.39 -16.31
C GLY B 70 16.34 2.18 -15.98
N ILE B 71 15.69 1.04 -15.84
CA ILE B 71 16.36 -0.21 -15.46
C ILE B 71 17.19 -0.76 -16.62
N ASP B 72 18.39 -1.23 -16.31
CA ASP B 72 19.25 -1.89 -17.28
C ASP B 72 18.69 -3.26 -17.65
N SER B 73 17.94 -3.32 -18.75
CA SER B 73 17.37 -4.58 -19.22
C SER B 73 18.49 -5.57 -19.61
N LYS B 74 19.69 -5.04 -19.79
CA LYS B 74 20.85 -5.87 -20.09
C LYS B 74 21.20 -6.79 -18.92
N HIS B 75 20.88 -6.35 -17.71
CA HIS B 75 21.24 -7.12 -16.52
C HIS B 75 19.98 -7.51 -15.73
N TRP B 76 18.94 -6.70 -15.85
CA TRP B 76 17.73 -6.91 -15.08
C TRP B 76 16.52 -7.02 -15.98
N ASN B 77 15.68 -8.01 -15.73
CA ASN B 77 14.37 -8.08 -16.32
C ASN B 77 13.37 -7.67 -15.26
N SER B 78 12.43 -6.82 -15.63
CA SER B 78 11.53 -6.23 -14.67
C SER B 78 10.08 -6.40 -15.07
N TYR B 79 9.20 -6.53 -14.09
CA TYR B 79 7.78 -6.63 -14.33
C TYR B 79 7.02 -5.90 -13.22
N CYS B 80 6.03 -5.12 -13.62
CA CYS B 80 5.22 -4.37 -12.67
C CYS B 80 4.13 -5.26 -12.07
N THR B 81 4.28 -5.55 -10.78
CA THR B 81 3.36 -6.45 -10.09
C THR B 81 2.63 -5.68 -8.98
N THR B 82 1.31 -5.78 -8.97
CA THR B 82 0.51 -5.10 -7.97
C THR B 82 0.37 -5.95 -6.71
N THR B 83 0.83 -5.42 -5.60
CA THR B 83 0.66 -6.07 -4.31
C THR B 83 -0.77 -5.84 -3.80
N HIS B 84 -1.35 -6.83 -3.15
CA HIS B 84 -2.69 -6.72 -2.62
C HIS B 84 -2.66 -6.88 -1.10
N THR B 85 -3.41 -6.04 -0.40
CA THR B 85 -3.45 -6.10 1.05
C THR B 85 -4.87 -6.41 1.52
N PHE B 86 -5.04 -6.64 2.80
CA PHE B 86 -6.33 -7.05 3.33
C PHE B 86 -6.84 -6.05 4.36
N VAL B 87 -8.04 -5.55 4.13
CA VAL B 87 -8.66 -4.57 5.02
C VAL B 87 -9.97 -5.09 5.58
N LYS B 88 -10.28 -4.74 6.82
CA LYS B 88 -11.51 -5.18 7.46
C LYS B 88 -12.68 -4.27 7.08
N ALA B 89 -13.63 -4.84 6.34
CA ALA B 89 -14.79 -4.10 5.88
C ALA B 89 -16.06 -4.85 6.22
N LEU B 90 -17.18 -4.13 6.30
CA LEU B 90 -18.46 -4.73 6.58
C LEU B 90 -19.05 -5.29 5.28
N THR B 91 -19.03 -6.60 5.17
CA THR B 91 -19.49 -7.26 3.96
C THR B 91 -20.68 -8.16 4.26
N THR B 92 -21.58 -8.30 3.30
CA THR B 92 -22.76 -9.09 3.52
C THR B 92 -22.64 -10.43 2.78
N ASP B 93 -22.68 -11.51 3.56
CA ASP B 93 -22.71 -12.85 3.01
C ASP B 93 -24.16 -13.23 2.76
N GLU B 94 -24.61 -12.90 1.55
CA GLU B 94 -26.02 -13.06 1.15
C GLU B 94 -26.92 -12.07 1.90
N LYS B 95 -27.09 -12.29 3.20
CA LYS B 95 -27.91 -11.39 4.02
C LYS B 95 -27.27 -11.09 5.36
N GLN B 96 -26.07 -11.63 5.58
CA GLN B 96 -25.38 -11.47 6.86
C GLN B 96 -24.27 -10.42 6.75
N ALA B 97 -24.49 -9.27 7.35
CA ALA B 97 -23.49 -8.20 7.37
C ALA B 97 -22.45 -8.47 8.45
N ALA B 98 -21.25 -8.83 8.03
CA ALA B 98 -20.19 -9.16 8.96
C ALA B 98 -18.88 -8.53 8.53
N TRP B 99 -18.03 -8.24 9.50
CA TRP B 99 -16.72 -7.66 9.24
C TRP B 99 -15.76 -8.73 8.72
N ARG B 100 -15.27 -8.55 7.51
CA ARG B 100 -14.34 -9.50 6.91
C ARG B 100 -13.12 -8.78 6.37
N PHE B 101 -12.07 -9.53 6.13
CA PHE B 101 -10.84 -8.98 5.58
C PHE B 101 -10.81 -9.20 4.07
N ILE B 102 -10.91 -8.12 3.31
CA ILE B 102 -10.95 -8.20 1.86
C ILE B 102 -9.71 -7.58 1.25
N ARG B 103 -9.30 -8.10 0.10
CA ARG B 103 -8.06 -7.66 -0.52
C ARG B 103 -8.28 -6.48 -1.45
N ILE B 104 -7.37 -5.53 -1.37
CA ILE B 104 -7.39 -4.37 -2.25
C ILE B 104 -6.00 -4.15 -2.85
N ASP B 105 -5.97 -3.56 -4.04
CA ASP B 105 -4.73 -3.23 -4.72
C ASP B 105 -3.98 -2.18 -3.91
N THR B 106 -2.77 -2.50 -3.51
CA THR B 106 -2.02 -1.66 -2.60
C THR B 106 -1.02 -0.76 -3.34
N ALA B 107 -0.19 -1.38 -4.18
CA ALA B 107 0.81 -0.65 -4.92
C ALA B 107 1.39 -1.53 -6.03
N CYS B 108 1.96 -0.90 -7.04
CA CYS B 108 2.59 -1.65 -8.13
C CYS B 108 4.10 -1.57 -8.00
N VAL B 109 4.73 -2.72 -7.81
CA VAL B 109 6.17 -2.77 -7.63
C VAL B 109 6.85 -3.30 -8.89
N CYS B 110 8.08 -2.86 -9.12
CA CYS B 110 8.84 -3.34 -10.26
C CYS B 110 9.78 -4.44 -9.80
N VAL B 111 9.40 -5.68 -10.07
CA VAL B 111 10.20 -6.82 -9.65
C VAL B 111 11.43 -6.96 -10.55
N LEU B 112 12.59 -7.19 -9.96
CA LEU B 112 13.81 -7.32 -10.73
C LEU B 112 14.27 -8.77 -10.73
N SER B 113 14.72 -9.22 -11.88
CA SER B 113 15.30 -10.54 -12.00
C SER B 113 16.58 -10.45 -12.82
N ARG B 114 17.56 -11.29 -12.50
CA ARG B 114 18.86 -11.24 -13.16
C ARG B 114 18.79 -11.86 -14.56
N LYS B 115 17.57 -12.19 -14.98
CA LYS B 115 17.28 -12.77 -16.30
C LYS B 115 17.72 -14.23 -16.36
N ALA B 116 18.97 -14.48 -16.00
CA ALA B 116 19.47 -15.84 -15.89
C ALA B 116 18.88 -16.52 -14.66
N THR B 117 18.60 -15.72 -13.65
CA THR B 117 17.99 -16.19 -12.43
C THR B 117 16.77 -15.35 -12.08
N ARG B 118 15.83 -15.95 -11.36
CA ARG B 118 14.63 -15.27 -10.92
C ARG B 118 14.04 -16.00 -9.71
N SER A 1 17.33 -26.14 0.27
CA SER A 1 17.42 -25.09 -0.77
C SER A 1 17.99 -25.68 -2.06
N SER A 2 17.12 -26.23 -2.89
CA SER A 2 17.55 -26.81 -4.16
C SER A 2 16.78 -26.19 -5.32
N THR A 3 15.50 -26.51 -5.40
CA THR A 3 14.66 -26.02 -6.49
C THR A 3 14.23 -24.58 -6.25
N HIS A 4 14.77 -23.67 -7.07
CA HIS A 4 14.44 -22.26 -6.97
C HIS A 4 14.46 -21.61 -8.35
N PRO A 5 13.33 -21.07 -8.81
CA PRO A 5 13.24 -20.40 -10.11
C PRO A 5 13.63 -18.93 -10.01
N VAL A 6 14.87 -18.68 -9.57
CA VAL A 6 15.36 -17.34 -9.33
C VAL A 6 14.42 -16.64 -8.34
N PHE A 7 14.32 -17.25 -7.15
CA PHE A 7 13.34 -16.85 -6.15
C PHE A 7 11.93 -16.95 -6.71
N HIS A 8 11.40 -15.81 -7.13
CA HIS A 8 10.13 -15.75 -7.84
C HIS A 8 10.20 -14.62 -8.86
N MET A 9 11.42 -14.07 -9.00
CA MET A 9 11.71 -12.86 -9.78
C MET A 9 10.62 -11.80 -9.60
N GLY A 10 10.20 -11.64 -8.35
CA GLY A 10 9.18 -10.65 -8.02
C GLY A 10 9.47 -9.97 -6.70
N GLU A 11 10.41 -10.52 -5.96
CA GLU A 11 10.84 -9.95 -4.69
C GLU A 11 12.13 -9.16 -4.87
N PHE A 12 12.50 -8.95 -6.13
CA PHE A 12 13.66 -8.13 -6.46
C PHE A 12 13.24 -6.67 -6.50
N SER A 13 12.98 -6.13 -5.32
CA SER A 13 12.52 -4.76 -5.18
C SER A 13 13.70 -3.81 -5.38
N VAL A 14 13.46 -2.76 -6.17
CA VAL A 14 14.47 -1.73 -6.42
C VAL A 14 14.88 -1.05 -5.12
N CYS A 15 13.98 -1.10 -4.14
CA CYS A 15 14.23 -0.59 -2.81
C CYS A 15 13.87 -1.66 -1.79
N ASP A 16 14.87 -2.09 -1.01
CA ASP A 16 14.66 -3.15 -0.02
C ASP A 16 13.52 -2.79 0.92
N SER A 17 12.48 -3.61 0.92
CA SER A 17 11.32 -3.35 1.74
C SER A 17 10.98 -4.57 2.60
N VAL A 18 10.40 -4.34 3.77
CA VAL A 18 10.06 -5.41 4.68
C VAL A 18 8.56 -5.40 5.00
N SER A 19 7.93 -6.56 4.91
CA SER A 19 6.51 -6.68 5.21
C SER A 19 6.31 -7.04 6.68
N VAL A 20 5.54 -6.22 7.39
CA VAL A 20 5.36 -6.39 8.81
C VAL A 20 3.87 -6.48 9.17
N TRP A 21 3.54 -7.39 10.07
CA TRP A 21 2.19 -7.46 10.60
C TRP A 21 2.18 -6.85 12.00
N VAL A 22 1.80 -5.59 12.07
CA VAL A 22 1.81 -4.87 13.33
C VAL A 22 0.52 -5.11 14.11
N GLY A 23 0.62 -5.86 15.20
CA GLY A 23 -0.54 -6.15 16.02
C GLY A 23 -0.61 -5.24 17.23
N ASP A 24 0.10 -4.12 17.16
CA ASP A 24 0.15 -3.15 18.25
C ASP A 24 0.93 -1.93 17.82
N LYS A 25 0.26 -1.00 17.15
CA LYS A 25 0.92 0.19 16.60
C LYS A 25 0.93 1.34 17.62
N THR A 26 0.07 1.22 18.64
CA THR A 26 -0.08 2.21 19.73
C THR A 26 -0.56 3.59 19.26
N THR A 27 0.13 4.19 18.31
CA THR A 27 -0.24 5.50 17.80
C THR A 27 -0.21 5.53 16.28
N ALA A 28 -1.14 6.25 15.70
CA ALA A 28 -1.19 6.41 14.25
C ALA A 28 -1.81 7.73 13.87
N THR A 29 -1.49 8.21 12.69
CA THR A 29 -1.95 9.50 12.22
C THR A 29 -3.14 9.36 11.29
N ASP A 30 -4.26 9.97 11.69
CA ASP A 30 -5.48 9.98 10.91
C ASP A 30 -5.33 10.88 9.69
N ILE A 31 -6.23 10.73 8.72
CA ILE A 31 -6.20 11.50 7.48
C ILE A 31 -6.24 13.01 7.75
N LYS A 32 -6.76 13.40 8.90
CA LYS A 32 -6.84 14.81 9.27
C LYS A 32 -5.52 15.30 9.84
N GLY A 33 -4.55 14.40 9.96
CA GLY A 33 -3.26 14.75 10.50
C GLY A 33 -3.23 14.64 12.00
N LYS A 34 -4.19 13.91 12.55
CA LYS A 34 -4.30 13.76 13.99
C LYS A 34 -3.59 12.50 14.46
N GLU A 35 -2.77 12.63 15.48
CA GLU A 35 -2.09 11.50 16.07
C GLU A 35 -3.01 10.88 17.12
N VAL A 36 -3.44 9.66 16.89
CA VAL A 36 -4.40 9.01 17.77
C VAL A 36 -3.88 7.69 18.30
N THR A 37 -4.45 7.28 19.44
CA THR A 37 -4.06 6.03 20.08
C THR A 37 -4.80 4.86 19.45
N VAL A 38 -4.05 3.95 18.87
CA VAL A 38 -4.62 2.80 18.19
C VAL A 38 -4.84 1.65 19.17
N LEU A 39 -6.04 1.09 19.14
CA LEU A 39 -6.36 -0.04 19.99
C LEU A 39 -5.99 -1.32 19.28
N ALA A 40 -5.00 -2.03 19.84
CA ALA A 40 -4.57 -3.31 19.28
C ALA A 40 -5.69 -4.32 19.41
N GLU A 41 -6.47 -4.15 20.44
CA GLU A 41 -7.66 -4.96 20.66
C GLU A 41 -8.87 -4.07 20.59
N VAL A 42 -9.72 -4.30 19.60
CA VAL A 42 -10.84 -3.42 19.34
C VAL A 42 -12.10 -3.91 20.05
N ASN A 43 -12.84 -2.97 20.60
CA ASN A 43 -14.08 -3.27 21.30
C ASN A 43 -15.26 -2.96 20.40
N ILE A 44 -15.82 -3.98 19.78
CA ILE A 44 -16.95 -3.81 18.89
C ILE A 44 -18.22 -4.33 19.54
N ASN A 45 -18.86 -3.45 20.31
CA ASN A 45 -20.11 -3.78 21.01
C ASN A 45 -19.87 -4.92 22.01
N ASN A 46 -19.02 -4.64 23.00
CA ASN A 46 -18.73 -5.59 24.09
C ASN A 46 -18.06 -6.86 23.56
N SER A 47 -17.47 -6.78 22.39
CA SER A 47 -16.77 -7.90 21.79
C SER A 47 -15.38 -7.46 21.36
N VAL A 48 -14.36 -8.08 21.95
CA VAL A 48 -12.98 -7.67 21.72
C VAL A 48 -12.29 -8.61 20.72
N PHE A 49 -11.65 -8.01 19.72
CA PHE A 49 -10.83 -8.76 18.77
C PHE A 49 -9.54 -8.00 18.52
N ARG A 50 -8.40 -8.68 18.54
CA ARG A 50 -7.13 -8.02 18.29
C ARG A 50 -6.90 -7.89 16.79
N GLN A 51 -6.28 -6.80 16.39
CA GLN A 51 -6.15 -6.46 14.99
C GLN A 51 -4.69 -6.36 14.59
N TYR A 52 -4.44 -6.58 13.30
CA TYR A 52 -3.09 -6.50 12.75
C TYR A 52 -3.07 -5.49 11.61
N PHE A 53 -1.93 -4.86 11.40
CA PHE A 53 -1.76 -3.93 10.30
C PHE A 53 -0.60 -4.38 9.41
N PHE A 54 -0.88 -4.57 8.14
CA PHE A 54 0.13 -5.01 7.19
C PHE A 54 0.91 -3.82 6.66
N GLU A 55 2.11 -3.63 7.17
CA GLU A 55 3.00 -2.59 6.68
C GLU A 55 4.04 -3.19 5.75
N THR A 56 4.65 -2.32 4.97
CA THR A 56 5.81 -2.67 4.18
C THR A 56 6.77 -1.50 4.24
N LYS A 57 7.78 -1.65 5.08
CA LYS A 57 8.61 -0.53 5.48
C LYS A 57 9.92 -0.57 4.73
N CYS A 58 10.47 0.59 4.43
CA CYS A 58 11.65 0.67 3.60
C CYS A 58 12.90 0.40 4.43
N ARG A 59 13.58 -0.68 4.08
CA ARG A 59 14.81 -1.07 4.75
C ARG A 59 15.96 -0.19 4.28
N ALA A 60 15.91 0.20 3.02
CA ALA A 60 16.97 1.01 2.43
C ALA A 60 16.38 2.14 1.60
N SER A 61 16.58 3.37 2.06
CA SER A 61 16.11 4.55 1.33
C SER A 61 16.92 4.74 0.05
N ASN A 62 18.14 4.21 0.06
CA ASN A 62 18.99 4.18 -1.12
C ASN A 62 19.87 2.93 -1.09
N PRO A 63 19.35 1.81 -1.65
CA PRO A 63 20.05 0.53 -1.66
C PRO A 63 21.46 0.62 -2.24
N VAL A 64 21.63 1.43 -3.28
CA VAL A 64 22.93 1.63 -3.90
C VAL A 64 23.33 3.09 -3.78
N GLU A 65 24.63 3.36 -3.80
CA GLU A 65 25.14 4.70 -3.56
C GLU A 65 25.04 5.56 -4.82
N SER A 66 23.81 5.91 -5.18
CA SER A 66 23.53 6.76 -6.33
C SER A 66 22.02 6.88 -6.50
N GLY A 67 21.34 5.77 -6.29
CA GLY A 67 19.89 5.75 -6.37
C GLY A 67 19.33 4.45 -5.84
N CYS A 68 18.66 3.70 -6.69
CA CYS A 68 18.17 2.39 -6.33
C CYS A 68 18.65 1.37 -7.35
N ARG A 69 18.26 0.11 -7.17
CA ARG A 69 18.76 -0.96 -8.04
C ARG A 69 18.14 -0.86 -9.43
N GLY A 70 18.99 -0.96 -10.45
CA GLY A 70 18.50 -1.03 -11.82
C GLY A 70 18.49 0.30 -12.54
N ILE A 71 18.04 1.33 -11.84
CA ILE A 71 17.88 2.66 -12.44
C ILE A 71 19.20 3.20 -12.99
N ASP A 72 19.15 3.72 -14.21
CA ASP A 72 20.29 4.42 -14.80
C ASP A 72 20.48 5.77 -14.11
N SER A 73 21.41 5.82 -13.19
CA SER A 73 21.60 7.01 -12.37
C SER A 73 22.35 8.08 -13.15
N LYS A 74 22.77 7.74 -14.36
CA LYS A 74 23.40 8.71 -15.25
C LYS A 74 22.38 9.77 -15.65
N HIS A 75 21.16 9.32 -15.91
CA HIS A 75 20.09 10.22 -16.30
C HIS A 75 19.23 10.59 -15.10
N TRP A 76 19.00 9.62 -14.23
CA TRP A 76 18.04 9.79 -13.15
C TRP A 76 18.70 9.67 -11.78
N ASN A 77 18.36 10.60 -10.90
CA ASN A 77 18.73 10.49 -9.49
C ASN A 77 17.55 9.88 -8.76
N SER A 78 17.82 8.91 -7.89
CA SER A 78 16.74 8.14 -7.31
C SER A 78 16.79 8.15 -5.79
N TYR A 79 15.61 8.08 -5.19
CA TYR A 79 15.49 7.87 -3.77
C TYR A 79 14.17 7.15 -3.49
N CYS A 80 14.17 6.34 -2.45
CA CYS A 80 13.03 5.49 -2.16
C CYS A 80 12.11 6.17 -1.14
N THR A 81 10.82 6.20 -1.45
CA THR A 81 9.82 6.81 -0.60
C THR A 81 8.70 5.82 -0.32
N THR A 82 8.28 5.73 0.93
CA THR A 82 7.24 4.77 1.30
C THR A 82 5.86 5.28 0.94
N THR A 83 5.07 4.40 0.35
CA THR A 83 3.69 4.70 0.02
C THR A 83 2.79 4.26 1.17
N HIS A 84 2.01 5.19 1.69
CA HIS A 84 1.17 4.90 2.83
C HIS A 84 -0.30 5.10 2.51
N THR A 85 -1.12 4.15 2.95
CA THR A 85 -2.54 4.20 2.71
C THR A 85 -3.27 4.44 4.02
N PHE A 86 -4.54 4.83 3.94
CA PHE A 86 -5.31 5.13 5.13
C PHE A 86 -6.25 3.98 5.46
N VAL A 87 -6.03 3.36 6.61
CA VAL A 87 -6.81 2.20 7.00
C VAL A 87 -7.74 2.54 8.16
N LYS A 88 -8.84 1.80 8.24
CA LYS A 88 -9.86 2.04 9.24
C LYS A 88 -9.51 1.28 10.53
N ALA A 89 -9.15 2.03 11.55
CA ALA A 89 -8.76 1.44 12.82
C ALA A 89 -9.53 2.07 13.96
N LEU A 90 -9.96 1.24 14.91
CA LEU A 90 -10.63 1.75 16.10
C LEU A 90 -9.60 2.36 17.03
N THR A 91 -9.72 3.67 17.23
CA THR A 91 -8.75 4.39 18.02
C THR A 91 -9.44 5.10 19.18
N THR A 92 -8.67 5.58 20.13
CA THR A 92 -9.21 6.33 21.23
C THR A 92 -8.55 7.71 21.31
N ASP A 93 -9.31 8.75 21.00
CA ASP A 93 -8.79 10.11 21.00
C ASP A 93 -8.69 10.64 22.42
N GLU A 94 -9.73 10.42 23.21
CA GLU A 94 -9.73 10.82 24.61
C GLU A 94 -10.06 9.63 25.51
N LYS A 95 -11.33 9.25 25.57
CA LYS A 95 -11.76 8.16 26.43
C LYS A 95 -12.46 7.07 25.62
N GLN A 96 -13.40 7.48 24.78
CA GLN A 96 -14.16 6.54 23.97
C GLN A 96 -13.33 6.08 22.77
N ALA A 97 -13.91 5.17 21.99
CA ALA A 97 -13.22 4.59 20.85
C ALA A 97 -14.00 4.84 19.56
N ALA A 98 -13.30 5.30 18.53
CA ALA A 98 -13.92 5.60 17.25
C ALA A 98 -12.98 5.21 16.11
N TRP A 99 -13.56 4.76 15.01
CA TRP A 99 -12.78 4.35 13.84
C TRP A 99 -12.20 5.55 13.11
N ARG A 100 -10.89 5.60 13.03
CA ARG A 100 -10.20 6.63 12.29
C ARG A 100 -9.55 6.04 11.05
N PHE A 101 -9.07 6.91 10.19
CA PHE A 101 -8.42 6.49 8.96
C PHE A 101 -6.94 6.84 9.07
N ILE A 102 -6.11 5.86 9.36
CA ILE A 102 -4.73 6.12 9.72
C ILE A 102 -3.79 5.62 8.64
N ARG A 103 -2.72 6.37 8.41
CA ARG A 103 -1.80 6.07 7.33
C ARG A 103 -0.77 5.02 7.75
N ILE A 104 -0.70 3.95 6.97
CA ILE A 104 0.33 2.95 7.16
C ILE A 104 1.15 2.81 5.88
N ASP A 105 2.47 2.77 6.04
CA ASP A 105 3.37 2.63 4.90
C ASP A 105 3.43 1.18 4.48
N THR A 106 2.92 0.88 3.29
CA THR A 106 2.76 -0.49 2.85
C THR A 106 3.51 -0.73 1.52
N ALA A 107 4.50 0.11 1.25
CA ALA A 107 5.35 -0.04 0.08
C ALA A 107 6.47 0.99 0.11
N CYS A 108 7.55 0.71 -0.59
CA CYS A 108 8.62 1.68 -0.76
C CYS A 108 9.00 1.75 -2.23
N VAL A 109 8.71 2.89 -2.84
CA VAL A 109 8.91 3.06 -4.27
C VAL A 109 10.12 3.93 -4.55
N CYS A 110 10.82 3.61 -5.64
CA CYS A 110 11.97 4.41 -6.05
C CYS A 110 11.51 5.47 -7.03
N VAL A 111 11.65 6.73 -6.65
CA VAL A 111 11.23 7.82 -7.51
C VAL A 111 12.43 8.38 -8.26
N LEU A 112 12.17 8.94 -9.43
CA LEU A 112 13.25 9.41 -10.29
C LEU A 112 13.25 10.92 -10.41
N SER A 113 14.44 11.49 -10.40
CA SER A 113 14.63 12.90 -10.66
C SER A 113 15.57 13.06 -11.85
N ARG A 114 15.27 14.02 -12.72
CA ARG A 114 16.05 14.21 -13.94
C ARG A 114 17.35 14.95 -13.65
N LYS A 115 17.64 15.12 -12.36
CA LYS A 115 18.84 15.81 -11.90
C LYS A 115 18.76 17.29 -12.25
N ALA A 116 17.58 17.86 -12.06
CA ALA A 116 17.33 19.25 -12.40
C ALA A 116 16.58 19.94 -11.28
N THR A 117 16.76 21.25 -11.18
CA THR A 117 16.05 22.05 -10.20
C THR A 117 15.43 23.27 -10.86
N ARG A 118 14.50 23.91 -10.15
CA ARG A 118 13.83 25.09 -10.68
C ARG A 118 14.80 26.27 -10.82
N SER B 1 0.33 27.70 -14.70
CA SER B 1 1.46 26.76 -14.68
C SER B 1 2.77 27.51 -14.93
N SER B 2 3.35 28.05 -13.87
CA SER B 2 4.60 28.78 -13.98
C SER B 2 5.66 28.18 -13.04
N THR B 3 5.47 28.37 -11.75
CA THR B 3 6.42 27.90 -10.76
C THR B 3 6.26 26.39 -10.51
N HIS B 4 7.25 25.62 -10.94
CA HIS B 4 7.23 24.18 -10.77
C HIS B 4 8.65 23.65 -10.58
N PRO B 5 8.94 23.05 -9.41
CA PRO B 5 10.26 22.49 -9.13
C PRO B 5 10.40 21.06 -9.66
N VAL B 6 10.24 20.91 -10.97
CA VAL B 6 10.23 19.60 -11.61
C VAL B 6 9.16 18.73 -10.97
N PHE B 7 7.91 19.22 -11.05
CA PHE B 7 6.79 18.64 -10.32
C PHE B 7 7.07 18.64 -8.82
N HIS B 8 7.50 17.49 -8.32
CA HIS B 8 7.95 17.36 -6.95
C HIS B 8 9.08 16.33 -6.91
N MET B 9 9.50 15.93 -8.11
CA MET B 9 10.44 14.83 -8.35
C MET B 9 10.16 13.65 -7.41
N GLY B 10 8.89 13.33 -7.27
CA GLY B 10 8.47 12.22 -6.43
C GLY B 10 7.31 11.47 -7.03
N GLU B 11 6.71 12.05 -8.05
CA GLU B 11 5.61 11.41 -8.78
C GLU B 11 6.12 10.78 -10.07
N PHE B 12 7.45 10.71 -10.19
CA PHE B 12 8.08 10.05 -11.32
C PHE B 12 8.18 8.56 -11.03
N SER B 13 7.03 7.91 -11.05
CA SER B 13 6.95 6.49 -10.76
C SER B 13 7.48 5.68 -11.95
N VAL B 14 8.32 4.69 -11.66
CA VAL B 14 8.86 3.79 -12.68
C VAL B 14 7.74 3.06 -13.39
N CYS B 15 6.61 2.93 -12.70
CA CYS B 15 5.40 2.34 -13.26
C CYS B 15 4.23 3.28 -13.02
N ASP B 16 3.62 3.73 -14.11
CA ASP B 16 2.50 4.68 -14.02
C ASP B 16 1.40 4.12 -13.14
N SER B 17 1.12 4.82 -12.04
CA SER B 17 0.12 4.38 -11.09
C SER B 17 -0.91 5.48 -10.83
N VAL B 18 -2.13 5.08 -10.52
CA VAL B 18 -3.21 6.03 -10.27
C VAL B 18 -3.80 5.83 -8.88
N SER B 19 -3.95 6.92 -8.14
CA SER B 19 -4.53 6.86 -6.80
C SER B 19 -6.04 7.08 -6.88
N VAL B 20 -6.79 6.12 -6.34
CA VAL B 20 -8.25 6.16 -6.43
C VAL B 20 -8.87 6.06 -5.05
N TRP B 21 -9.92 6.84 -4.82
CA TRP B 21 -10.71 6.73 -3.61
C TRP B 21 -12.01 6.00 -3.93
N VAL B 22 -12.02 4.71 -3.69
CA VAL B 22 -13.16 3.88 -4.01
C VAL B 22 -14.20 3.93 -2.89
N GLY B 23 -15.32 4.59 -3.14
CA GLY B 23 -16.37 4.68 -2.14
C GLY B 23 -17.48 3.67 -2.39
N ASP B 24 -17.16 2.64 -3.17
CA ASP B 24 -18.12 1.59 -3.51
C ASP B 24 -17.42 0.50 -4.30
N LYS B 25 -16.79 -0.44 -3.59
CA LYS B 25 -16.01 -1.49 -4.23
C LYS B 25 -16.88 -2.72 -4.54
N THR B 26 -18.04 -2.78 -3.90
CA THR B 26 -19.04 -3.86 -4.05
C THR B 26 -18.52 -5.25 -3.60
N THR B 27 -17.41 -5.69 -4.15
CA THR B 27 -16.84 -6.98 -3.79
C THR B 27 -15.35 -6.87 -3.52
N ALA B 28 -14.88 -7.64 -2.56
CA ALA B 28 -13.46 -7.68 -2.25
C ALA B 28 -13.07 -9.02 -1.66
N THR B 29 -11.80 -9.36 -1.79
CA THR B 29 -11.31 -10.65 -1.35
C THR B 29 -10.63 -10.55 0.02
N ASP B 30 -11.17 -11.30 0.96
CA ASP B 30 -10.64 -11.38 2.32
C ASP B 30 -9.32 -12.15 2.34
N ILE B 31 -8.57 -12.01 3.43
CA ILE B 31 -7.27 -12.67 3.58
C ILE B 31 -7.38 -14.19 3.43
N LYS B 32 -8.57 -14.73 3.68
CA LYS B 32 -8.80 -16.17 3.57
C LYS B 32 -9.04 -16.56 2.11
N GLY B 33 -9.08 -15.58 1.23
CA GLY B 33 -9.32 -15.84 -0.18
C GLY B 33 -10.80 -15.85 -0.51
N LYS B 34 -11.59 -15.29 0.39
CA LYS B 34 -13.04 -15.27 0.22
C LYS B 34 -13.49 -13.98 -0.45
N GLU B 35 -14.32 -14.13 -1.47
CA GLU B 35 -14.89 -12.97 -2.15
C GLU B 35 -16.16 -12.54 -1.42
N VAL B 36 -16.13 -11.36 -0.84
CA VAL B 36 -17.23 -10.90 -0.02
C VAL B 36 -17.80 -9.58 -0.53
N THR B 37 -19.04 -9.33 -0.17
CA THR B 37 -19.73 -8.11 -0.56
C THR B 37 -19.40 -6.97 0.38
N VAL B 38 -18.77 -5.94 -0.16
CA VAL B 38 -18.34 -4.79 0.63
C VAL B 38 -19.46 -3.77 0.75
N LEU B 39 -19.71 -3.34 1.97
CA LEU B 39 -20.73 -2.33 2.22
C LEU B 39 -20.10 -0.94 2.11
N ALA B 40 -20.52 -0.20 1.09
CA ALA B 40 -20.04 1.16 0.89
C ALA B 40 -20.47 2.04 2.04
N GLU B 41 -21.63 1.71 2.59
CA GLU B 41 -22.14 2.36 3.77
C GLU B 41 -22.21 1.35 4.90
N VAL B 42 -21.43 1.58 5.94
CA VAL B 42 -21.31 0.61 7.02
C VAL B 42 -22.29 0.91 8.13
N ASN B 43 -22.87 -0.15 8.66
CA ASN B 43 -23.82 -0.04 9.76
C ASN B 43 -23.13 -0.40 11.07
N ILE B 44 -22.74 0.61 11.83
CA ILE B 44 -22.07 0.40 13.09
C ILE B 44 -23.02 0.72 14.24
N ASN B 45 -23.79 -0.28 14.66
CA ASN B 45 -24.75 -0.14 15.75
C ASN B 45 -25.78 0.93 15.42
N ASN B 46 -26.56 0.66 14.37
CA ASN B 46 -27.67 1.54 13.95
C ASN B 46 -27.17 2.91 13.51
N SER B 47 -25.89 2.99 13.16
CA SER B 47 -25.30 4.22 12.69
C SER B 47 -24.57 3.96 11.37
N VAL B 48 -25.01 4.63 10.33
CA VAL B 48 -24.47 4.39 8.99
C VAL B 48 -23.47 5.47 8.59
N PHE B 49 -22.32 5.04 8.11
CA PHE B 49 -21.30 5.95 7.57
C PHE B 49 -20.73 5.35 6.28
N ARG B 50 -20.60 6.15 5.25
CA ARG B 50 -20.05 5.66 3.99
C ARG B 50 -18.53 5.67 4.06
N GLN B 51 -17.91 4.69 3.43
CA GLN B 51 -16.47 4.49 3.55
C GLN B 51 -15.79 4.57 2.20
N TYR B 52 -14.51 4.93 2.23
CA TYR B 52 -13.71 5.04 1.03
C TYR B 52 -12.49 4.13 1.14
N PHE B 53 -12.00 3.66 0.02
CA PHE B 53 -10.79 2.85 -0.01
C PHE B 53 -9.75 3.48 -0.92
N PHE B 54 -8.58 3.76 -0.36
CA PHE B 54 -7.51 4.37 -1.12
C PHE B 54 -6.72 3.32 -1.89
N GLU B 55 -6.97 3.22 -3.18
CA GLU B 55 -6.21 2.32 -4.03
C GLU B 55 -5.16 3.10 -4.80
N THR B 56 -4.21 2.38 -5.32
CA THR B 56 -3.25 2.91 -6.27
C THR B 56 -3.00 1.85 -7.32
N LYS B 57 -3.64 2.03 -8.46
CA LYS B 57 -3.75 0.97 -9.44
C LYS B 57 -2.77 1.22 -10.57
N CYS B 58 -2.27 0.15 -11.14
CA CYS B 58 -1.22 0.26 -12.14
C CYS B 58 -1.80 0.60 -13.49
N ARG B 59 -1.45 1.76 -14.00
CA ARG B 59 -1.91 2.22 -15.30
C ARG B 59 -1.14 1.50 -16.40
N ALA B 60 0.12 1.23 -16.14
CA ALA B 60 0.98 0.58 -17.13
C ALA B 60 1.80 -0.53 -16.48
N SER B 61 1.52 -1.76 -16.87
CA SER B 61 2.26 -2.91 -16.37
C SER B 61 3.68 -2.91 -16.92
N ASN B 62 3.85 -2.26 -18.06
CA ASN B 62 5.17 -2.04 -18.65
C ASN B 62 5.17 -0.72 -19.40
N PRO B 63 5.50 0.38 -18.69
CA PRO B 63 5.52 1.73 -19.27
C PRO B 63 6.36 1.84 -20.54
N VAL B 64 7.49 1.15 -20.55
CA VAL B 64 8.36 1.13 -21.71
C VAL B 64 8.48 -0.28 -22.26
N GLU B 65 8.77 -0.41 -23.54
CA GLU B 65 8.78 -1.70 -24.20
C GLU B 65 10.08 -2.46 -23.93
N SER B 66 10.23 -2.90 -22.70
CA SER B 66 11.40 -3.68 -22.27
C SER B 66 11.29 -3.94 -20.76
N GLY B 67 10.83 -2.94 -20.04
CA GLY B 67 10.64 -3.06 -18.61
C GLY B 67 9.87 -1.87 -18.06
N CYS B 68 10.49 -1.13 -17.17
CA CYS B 68 9.90 0.09 -16.65
C CYS B 68 10.88 1.25 -16.83
N ARG B 69 10.51 2.43 -16.38
CA ARG B 69 11.34 3.62 -16.60
C ARG B 69 12.59 3.58 -15.73
N GLY B 70 13.74 3.85 -16.33
CA GLY B 70 14.97 3.99 -15.58
C GLY B 70 15.80 2.73 -15.54
N ILE B 71 15.16 1.60 -15.33
CA ILE B 71 15.85 0.32 -15.17
C ILE B 71 16.68 -0.04 -16.40
N ASP B 72 17.93 -0.45 -16.15
CA ASP B 72 18.79 -0.97 -17.20
C ASP B 72 18.30 -2.34 -17.63
N SER B 73 17.57 -2.37 -18.73
CA SER B 73 16.94 -3.59 -19.19
C SER B 73 17.96 -4.52 -19.86
N LYS B 74 19.19 -4.04 -19.99
CA LYS B 74 20.27 -4.85 -20.51
C LYS B 74 20.58 -5.97 -19.53
N HIS B 75 20.56 -5.63 -18.24
CA HIS B 75 20.83 -6.62 -17.19
C HIS B 75 19.53 -7.16 -16.63
N TRP B 76 18.53 -6.30 -16.49
CA TRP B 76 17.31 -6.66 -15.79
C TRP B 76 16.08 -6.60 -16.70
N ASN B 77 15.26 -7.63 -16.63
CA ASN B 77 13.95 -7.60 -17.26
C ASN B 77 12.94 -7.18 -16.21
N SER B 78 12.05 -6.27 -16.56
CA SER B 78 11.20 -5.66 -15.56
C SER B 78 9.72 -5.80 -15.91
N TYR B 79 8.91 -5.90 -14.88
CA TYR B 79 7.46 -5.84 -15.02
C TYR B 79 6.87 -5.29 -13.73
N CYS B 80 5.78 -4.56 -13.87
CA CYS B 80 5.17 -3.88 -12.74
C CYS B 80 4.07 -4.73 -12.10
N THR B 81 4.14 -4.86 -10.79
CA THR B 81 3.18 -5.66 -10.03
C THR B 81 2.59 -4.81 -8.91
N THR B 82 1.28 -4.88 -8.74
CA THR B 82 0.61 -4.07 -7.73
C THR B 82 0.75 -4.68 -6.34
N THR B 83 1.09 -3.84 -5.38
CA THR B 83 1.18 -4.26 -4.00
C THR B 83 -0.16 -4.01 -3.31
N HIS B 84 -0.72 -5.06 -2.73
CA HIS B 84 -2.04 -4.96 -2.11
C HIS B 84 -1.97 -5.28 -0.64
N THR B 85 -2.65 -4.47 0.16
CA THR B 85 -2.68 -4.64 1.60
C THR B 85 -4.08 -5.06 2.03
N PHE B 86 -4.21 -5.57 3.25
CA PHE B 86 -5.48 -6.05 3.73
C PHE B 86 -6.10 -5.05 4.68
N VAL B 87 -7.25 -4.51 4.29
CA VAL B 87 -7.90 -3.47 5.07
C VAL B 87 -9.18 -4.00 5.72
N LYS B 88 -9.53 -3.40 6.83
CA LYS B 88 -10.69 -3.81 7.61
C LYS B 88 -11.96 -3.15 7.08
N ALA B 89 -12.81 -3.95 6.45
CA ALA B 89 -14.03 -3.43 5.88
C ALA B 89 -15.24 -4.23 6.33
N LEU B 90 -16.32 -3.54 6.63
CA LEU B 90 -17.55 -4.20 7.01
C LEU B 90 -18.21 -4.79 5.77
N THR B 91 -18.29 -6.10 5.73
CA THR B 91 -18.80 -6.80 4.57
C THR B 91 -19.99 -7.67 4.95
N THR B 92 -20.71 -8.15 3.95
CA THR B 92 -21.81 -9.05 4.20
C THR B 92 -21.61 -10.35 3.41
N ASP B 93 -21.36 -11.43 4.13
CA ASP B 93 -21.10 -12.72 3.52
C ASP B 93 -22.42 -13.36 3.09
N GLU B 94 -23.41 -13.31 3.95
CA GLU B 94 -24.73 -13.84 3.64
C GLU B 94 -25.81 -12.77 3.87
N LYS B 95 -26.14 -12.53 5.14
CA LYS B 95 -27.18 -11.57 5.49
C LYS B 95 -26.64 -10.48 6.42
N GLN B 96 -25.96 -10.91 7.48
CA GLN B 96 -25.41 -9.99 8.46
C GLN B 96 -24.13 -9.35 7.95
N ALA B 97 -23.58 -8.43 8.74
CA ALA B 97 -22.38 -7.71 8.34
C ALA B 97 -21.26 -7.92 9.34
N ALA B 98 -20.08 -8.22 8.83
CA ALA B 98 -18.90 -8.46 9.66
C ALA B 98 -17.66 -7.88 9.00
N TRP B 99 -16.74 -7.40 9.83
CA TRP B 99 -15.50 -6.81 9.33
C TRP B 99 -14.54 -7.89 8.82
N ARG B 100 -14.22 -7.79 7.54
CA ARG B 100 -13.25 -8.68 6.93
C ARG B 100 -11.98 -7.91 6.60
N PHE B 101 -10.94 -8.65 6.23
CA PHE B 101 -9.67 -8.06 5.87
C PHE B 101 -9.45 -8.27 4.38
N ILE B 102 -9.69 -7.23 3.60
CA ILE B 102 -9.74 -7.37 2.16
C ILE B 102 -8.56 -6.69 1.50
N ARG B 103 -8.06 -7.30 0.44
CA ARG B 103 -6.86 -6.82 -0.21
C ARG B 103 -7.18 -5.70 -1.21
N ILE B 104 -6.52 -4.57 -1.05
CA ILE B 104 -6.61 -3.48 -2.00
C ILE B 104 -5.22 -3.14 -2.53
N ASP B 105 -5.12 -2.98 -3.85
CA ASP B 105 -3.86 -2.65 -4.48
C ASP B 105 -3.58 -1.17 -4.33
N THR B 106 -2.56 -0.84 -3.57
CA THR B 106 -2.30 0.55 -3.21
C THR B 106 -0.89 0.97 -3.65
N ALA B 107 -0.36 0.27 -4.64
CA ALA B 107 0.95 0.61 -5.21
C ALA B 107 1.24 -0.30 -6.40
N CYS B 108 2.10 0.16 -7.30
CA CYS B 108 2.56 -0.68 -8.39
C CYS B 108 4.08 -0.60 -8.47
N VAL B 109 4.75 -1.70 -8.17
CA VAL B 109 6.19 -1.71 -8.09
C VAL B 109 6.80 -2.42 -9.29
N CYS B 110 7.96 -1.95 -9.73
CA CYS B 110 8.66 -2.58 -10.82
C CYS B 110 9.65 -3.60 -10.27
N VAL B 111 9.43 -4.86 -10.60
CA VAL B 111 10.30 -5.91 -10.11
C VAL B 111 11.32 -6.28 -11.17
N LEU B 112 12.48 -6.76 -10.73
CA LEU B 112 13.57 -7.04 -11.66
C LEU B 112 13.84 -8.53 -11.76
N SER B 113 14.12 -8.96 -12.98
CA SER B 113 14.56 -10.32 -13.23
C SER B 113 15.91 -10.27 -13.91
N ARG B 114 16.81 -11.18 -13.54
CA ARG B 114 18.16 -11.19 -14.07
C ARG B 114 18.20 -11.81 -15.46
N LYS B 115 17.01 -12.06 -16.02
CA LYS B 115 16.87 -12.67 -17.35
C LYS B 115 17.36 -14.10 -17.32
N ALA B 116 17.00 -14.81 -16.25
CA ALA B 116 17.44 -16.18 -16.07
C ALA B 116 16.28 -17.04 -15.59
N THR B 117 16.35 -18.33 -15.91
CA THR B 117 15.34 -19.27 -15.50
C THR B 117 15.98 -20.49 -14.84
N ARG B 118 15.19 -21.28 -14.15
CA ARG B 118 15.69 -22.48 -13.49
C ARG B 118 16.12 -23.54 -14.51
N SER A 1 -3.65 -22.18 -3.25
CA SER A 1 -2.20 -22.17 -3.53
C SER A 1 -1.89 -22.80 -4.88
N SER A 2 -1.76 -21.96 -5.90
CA SER A 2 -1.44 -22.41 -7.25
C SER A 2 -0.60 -21.36 -7.95
N THR A 3 -1.10 -20.13 -7.99
CA THR A 3 -0.38 -19.02 -8.57
C THR A 3 0.55 -18.40 -7.53
N HIS A 4 1.74 -18.98 -7.40
CA HIS A 4 2.71 -18.57 -6.39
C HIS A 4 4.07 -18.32 -7.03
N PRO A 5 4.21 -17.24 -7.82
CA PRO A 5 5.45 -16.91 -8.51
C PRO A 5 6.41 -16.12 -7.62
N VAL A 6 6.98 -16.81 -6.64
CA VAL A 6 7.86 -16.20 -5.65
C VAL A 6 7.09 -15.17 -4.83
N PHE A 7 6.26 -15.64 -3.93
CA PHE A 7 5.47 -14.76 -3.09
C PHE A 7 6.01 -14.76 -1.66
N HIS A 8 6.84 -15.75 -1.35
CA HIS A 8 7.47 -15.84 -0.04
C HIS A 8 8.67 -14.92 -0.01
N MET A 9 8.41 -13.64 -0.18
CA MET A 9 9.42 -12.60 -0.30
C MET A 9 8.73 -11.28 -0.56
N GLY A 10 7.60 -11.36 -1.26
CA GLY A 10 6.86 -10.19 -1.64
C GLY A 10 6.71 -10.13 -3.14
N GLU A 11 6.00 -9.12 -3.63
CA GLU A 11 5.82 -8.95 -5.07
C GLU A 11 7.00 -8.19 -5.67
N PHE A 12 8.17 -8.37 -5.06
CA PHE A 12 9.43 -7.74 -5.51
C PHE A 12 9.39 -6.22 -5.38
N SER A 13 10.56 -5.61 -5.56
CA SER A 13 10.68 -4.16 -5.57
C SER A 13 12.10 -3.77 -5.98
N VAL A 14 12.24 -2.60 -6.57
CA VAL A 14 13.55 -2.10 -6.99
C VAL A 14 14.30 -1.51 -5.79
N CYS A 15 13.61 -1.44 -4.67
CA CYS A 15 14.19 -0.95 -3.43
C CYS A 15 13.93 -1.96 -2.32
N ASP A 16 14.80 -1.99 -1.31
CA ASP A 16 14.66 -2.97 -0.24
C ASP A 16 13.50 -2.59 0.66
N SER A 17 12.48 -3.42 0.69
CA SER A 17 11.27 -3.14 1.43
C SER A 17 11.11 -4.11 2.60
N VAL A 18 10.77 -3.58 3.76
CA VAL A 18 10.56 -4.41 4.93
C VAL A 18 9.08 -4.45 5.30
N SER A 19 8.49 -5.63 5.21
CA SER A 19 7.09 -5.81 5.54
C SER A 19 6.94 -6.34 6.97
N VAL A 20 6.27 -5.57 7.81
CA VAL A 20 6.05 -5.96 9.19
C VAL A 20 4.57 -6.07 9.49
N TRP A 21 4.18 -7.09 10.22
CA TRP A 21 2.82 -7.22 10.68
C TRP A 21 2.72 -6.70 12.10
N VAL A 22 2.33 -5.45 12.23
CA VAL A 22 2.28 -4.79 13.52
C VAL A 22 0.95 -5.04 14.20
N GLY A 23 0.98 -5.77 15.29
CA GLY A 23 -0.25 -6.09 15.98
C GLY A 23 -0.61 -5.05 17.01
N ASP A 24 0.32 -4.17 17.32
CA ASP A 24 0.08 -3.13 18.33
C ASP A 24 0.71 -1.81 17.91
N LYS A 25 0.11 -1.16 16.93
CA LYS A 25 0.55 0.17 16.52
C LYS A 25 0.07 1.18 17.56
N THR A 26 0.99 2.00 18.06
CA THR A 26 0.69 2.87 19.20
C THR A 26 0.01 4.17 18.75
N THR A 27 0.50 4.77 17.67
CA THR A 27 -0.05 6.03 17.21
C THR A 27 -0.13 6.07 15.69
N ALA A 28 -1.12 6.77 15.18
CA ALA A 28 -1.27 6.95 13.74
C ALA A 28 -2.01 8.22 13.44
N THR A 29 -1.89 8.67 12.21
CA THR A 29 -2.56 9.88 11.78
C THR A 29 -3.83 9.54 11.01
N ASP A 30 -4.96 10.02 11.52
CA ASP A 30 -6.23 9.89 10.84
C ASP A 30 -6.23 10.78 9.61
N ILE A 31 -7.09 10.45 8.64
CA ILE A 31 -7.17 11.16 7.37
C ILE A 31 -7.49 12.66 7.57
N LYS A 32 -7.96 13.01 8.76
CA LYS A 32 -8.26 14.39 9.10
C LYS A 32 -7.00 15.11 9.58
N GLY A 33 -5.89 14.41 9.58
CA GLY A 33 -4.62 15.00 9.97
C GLY A 33 -4.42 15.00 11.47
N LYS A 34 -5.08 14.08 12.14
CA LYS A 34 -5.01 14.00 13.59
C LYS A 34 -4.20 12.79 14.03
N GLU A 35 -3.23 13.02 14.90
CA GLU A 35 -2.41 11.94 15.43
C GLU A 35 -3.06 11.38 16.69
N VAL A 36 -3.48 10.13 16.62
CA VAL A 36 -4.20 9.51 17.72
C VAL A 36 -3.61 8.17 18.11
N THR A 37 -3.94 7.72 19.31
CA THR A 37 -3.45 6.46 19.85
C THR A 37 -4.28 5.30 19.34
N VAL A 38 -3.64 4.36 18.67
CA VAL A 38 -4.32 3.27 18.01
C VAL A 38 -4.52 2.10 18.97
N LEU A 39 -5.72 1.53 18.96
CA LEU A 39 -6.01 0.35 19.75
C LEU A 39 -6.07 -0.86 18.83
N ALA A 40 -5.32 -1.89 19.17
CA ALA A 40 -5.29 -3.12 18.40
C ALA A 40 -6.62 -3.85 18.52
N GLU A 41 -7.30 -3.57 19.61
CA GLU A 41 -8.56 -4.21 19.92
C GLU A 41 -9.71 -3.26 19.66
N VAL A 42 -10.56 -3.60 18.70
CA VAL A 42 -11.68 -2.75 18.36
C VAL A 42 -12.91 -3.15 19.15
N ASN A 43 -13.17 -2.41 20.21
CA ASN A 43 -14.32 -2.64 21.06
C ASN A 43 -15.57 -2.08 20.39
N ILE A 44 -16.34 -2.95 19.77
CA ILE A 44 -17.57 -2.54 19.10
C ILE A 44 -18.67 -2.33 20.16
N ASN A 45 -19.16 -3.42 20.73
CA ASN A 45 -20.09 -3.36 21.85
C ASN A 45 -19.67 -4.38 22.89
N ASN A 46 -19.76 -5.64 22.51
CA ASN A 46 -19.35 -6.74 23.37
C ASN A 46 -18.32 -7.61 22.67
N SER A 47 -18.24 -7.45 21.35
CA SER A 47 -17.30 -8.21 20.55
C SER A 47 -16.05 -7.37 20.28
N VAL A 48 -14.89 -7.94 20.58
CA VAL A 48 -13.63 -7.25 20.39
C VAL A 48 -12.79 -7.99 19.35
N PHE A 49 -12.40 -7.29 18.30
CA PHE A 49 -11.61 -7.89 17.23
C PHE A 49 -10.28 -7.17 17.06
N ARG A 50 -9.33 -7.85 16.42
CA ARG A 50 -8.02 -7.26 16.20
C ARG A 50 -7.50 -7.63 14.82
N GLN A 51 -6.46 -6.95 14.37
CA GLN A 51 -5.81 -7.27 13.11
C GLN A 51 -4.33 -6.88 13.20
N TYR A 52 -3.53 -7.41 12.30
CA TYR A 52 -2.12 -7.05 12.24
C TYR A 52 -1.90 -6.12 11.05
N PHE A 53 -1.33 -4.97 11.32
CA PHE A 53 -1.13 -3.96 10.29
C PHE A 53 0.07 -4.32 9.42
N PHE A 54 -0.17 -4.39 8.12
CA PHE A 54 0.88 -4.72 7.16
C PHE A 54 1.66 -3.47 6.79
N GLU A 55 2.76 -3.22 7.49
CA GLU A 55 3.57 -2.05 7.25
C GLU A 55 4.83 -2.40 6.48
N THR A 56 4.84 -2.08 5.19
CA THR A 56 6.04 -2.26 4.39
C THR A 56 6.77 -0.93 4.22
N LYS A 57 7.95 -0.85 4.79
CA LYS A 57 8.69 0.40 4.86
C LYS A 57 10.00 0.32 4.09
N CYS A 58 10.57 1.48 3.79
CA CYS A 58 11.83 1.55 3.06
C CYS A 58 13.03 1.40 3.98
N ARG A 59 13.75 0.30 3.84
CA ARG A 59 14.99 0.11 4.57
C ARG A 59 16.14 0.08 3.58
N ALA A 60 17.16 0.88 3.84
CA ALA A 60 18.28 1.04 2.91
C ALA A 60 17.77 1.59 1.58
N SER A 61 17.53 2.90 1.56
CA SER A 61 16.96 3.55 0.39
C SER A 61 17.92 3.52 -0.80
N ASN A 62 19.16 3.14 -0.54
CA ASN A 62 20.15 3.01 -1.60
C ASN A 62 20.80 1.64 -1.54
N PRO A 63 20.10 0.57 -2.01
CA PRO A 63 20.67 -0.78 -2.07
C PRO A 63 21.94 -0.80 -2.92
N VAL A 64 21.96 0.07 -3.92
CA VAL A 64 23.14 0.30 -4.72
C VAL A 64 23.61 1.74 -4.52
N GLU A 65 24.87 2.02 -4.81
CA GLU A 65 25.43 3.34 -4.55
C GLU A 65 25.03 4.32 -5.65
N SER A 66 23.73 4.51 -5.79
CA SER A 66 23.16 5.41 -6.79
C SER A 66 21.71 5.70 -6.43
N GLY A 67 20.98 4.64 -6.08
CA GLY A 67 19.58 4.76 -5.73
C GLY A 67 18.93 3.39 -5.69
N CYS A 68 17.88 3.21 -6.47
CA CYS A 68 17.24 1.91 -6.59
C CYS A 68 18.01 1.05 -7.59
N ARG A 69 17.79 -0.25 -7.55
CA ARG A 69 18.50 -1.17 -8.42
C ARG A 69 17.91 -1.13 -9.82
N GLY A 70 18.77 -1.08 -10.83
CA GLY A 70 18.31 -1.07 -12.20
C GLY A 70 18.40 0.31 -12.81
N ILE A 71 18.13 1.32 -12.00
CA ILE A 71 18.14 2.71 -12.46
C ILE A 71 19.55 3.10 -12.92
N ASP A 72 19.67 3.54 -14.17
CA ASP A 72 20.95 3.91 -14.75
C ASP A 72 21.59 5.07 -14.00
N SER A 73 20.75 5.85 -13.33
CA SER A 73 21.19 6.92 -12.42
C SER A 73 21.92 8.04 -13.16
N LYS A 74 21.86 8.03 -14.49
CA LYS A 74 22.42 9.08 -15.29
C LYS A 74 21.31 9.96 -15.84
N HIS A 75 20.20 9.32 -16.17
CA HIS A 75 19.01 10.04 -16.64
C HIS A 75 18.11 10.37 -15.47
N TRP A 76 18.23 9.59 -14.40
CA TRP A 76 17.32 9.69 -13.27
C TRP A 76 18.06 9.66 -11.95
N ASN A 77 17.60 10.49 -11.03
CA ASN A 77 18.02 10.43 -9.64
C ASN A 77 16.98 9.64 -8.87
N SER A 78 17.43 8.73 -8.02
CA SER A 78 16.54 7.74 -7.44
C SER A 78 16.70 7.63 -5.92
N TYR A 79 15.56 7.56 -5.24
CA TYR A 79 15.51 7.25 -3.81
C TYR A 79 14.13 6.69 -3.49
N CYS A 80 14.00 6.11 -2.30
CA CYS A 80 12.78 5.35 -1.96
C CYS A 80 11.90 6.13 -1.00
N THR A 81 10.60 6.03 -1.23
CA THR A 81 9.62 6.69 -0.36
C THR A 81 8.51 5.69 0.01
N THR A 82 8.13 5.68 1.27
CA THR A 82 7.12 4.74 1.74
C THR A 82 5.72 5.31 1.56
N THR A 83 4.84 4.53 0.92
CA THR A 83 3.48 4.95 0.70
C THR A 83 2.58 4.49 1.84
N HIS A 84 1.38 5.03 1.90
CA HIS A 84 0.50 4.81 3.05
C HIS A 84 -0.94 4.57 2.63
N THR A 85 -1.62 3.71 3.35
CA THR A 85 -3.04 3.46 3.13
C THR A 85 -3.82 3.89 4.37
N PHE A 86 -5.14 3.91 4.28
CA PHE A 86 -5.97 4.34 5.40
C PHE A 86 -6.87 3.20 5.87
N VAL A 87 -6.64 2.75 7.10
CA VAL A 87 -7.37 1.63 7.67
C VAL A 87 -8.27 2.07 8.81
N LYS A 88 -9.40 1.38 8.98
CA LYS A 88 -10.31 1.65 10.09
C LYS A 88 -9.73 1.10 11.38
N ALA A 89 -9.34 1.99 12.27
CA ALA A 89 -8.80 1.59 13.56
C ALA A 89 -9.51 2.32 14.68
N LEU A 90 -9.77 1.61 15.77
CA LEU A 90 -10.34 2.23 16.95
C LEU A 90 -9.21 2.95 17.68
N THR A 91 -9.40 4.23 17.93
CA THR A 91 -8.35 5.01 18.55
C THR A 91 -8.87 5.68 19.83
N THR A 92 -7.96 5.96 20.75
CA THR A 92 -8.33 6.66 21.96
C THR A 92 -7.68 8.04 21.99
N ASP A 93 -8.51 9.06 21.84
CA ASP A 93 -8.03 10.42 21.76
C ASP A 93 -7.59 10.92 23.13
N GLU A 94 -8.46 10.78 24.12
CA GLU A 94 -8.14 11.15 25.50
C GLU A 94 -8.63 10.08 26.46
N LYS A 95 -9.94 10.01 26.67
CA LYS A 95 -10.51 9.02 27.57
C LYS A 95 -11.63 8.22 26.88
N GLN A 96 -11.78 8.43 25.59
CA GLN A 96 -12.81 7.73 24.82
C GLN A 96 -12.20 7.12 23.57
N ALA A 97 -12.84 6.06 23.08
CA ALA A 97 -12.37 5.36 21.90
C ALA A 97 -13.30 5.63 20.72
N ALA A 98 -12.74 6.03 19.61
CA ALA A 98 -13.52 6.36 18.43
C ALA A 98 -12.87 5.76 17.18
N TRP A 99 -13.70 5.40 16.21
CA TRP A 99 -13.21 4.81 14.96
C TRP A 99 -12.60 5.87 14.07
N ARG A 100 -11.37 5.66 13.67
CA ARG A 100 -10.67 6.57 12.78
C ARG A 100 -10.11 5.84 11.57
N PHE A 101 -9.76 6.60 10.56
CA PHE A 101 -9.14 6.06 9.37
C PHE A 101 -7.70 6.52 9.35
N ILE A 102 -6.79 5.61 9.64
CA ILE A 102 -5.40 6.01 9.90
C ILE A 102 -4.47 5.54 8.80
N ARG A 103 -3.48 6.37 8.52
CA ARG A 103 -2.49 6.05 7.50
C ARG A 103 -1.45 5.10 8.06
N ILE A 104 -1.28 3.97 7.39
CA ILE A 104 -0.22 3.03 7.72
C ILE A 104 0.67 2.82 6.50
N ASP A 105 1.96 2.68 6.74
CA ASP A 105 2.92 2.42 5.68
C ASP A 105 2.61 1.10 5.02
N THR A 106 2.46 1.09 3.71
CA THR A 106 2.01 -0.10 3.03
C THR A 106 3.04 -0.68 2.08
N ALA A 107 3.80 0.19 1.41
CA ALA A 107 4.77 -0.26 0.42
C ALA A 107 5.86 0.77 0.23
N CYS A 108 7.00 0.32 -0.28
CA CYS A 108 8.11 1.21 -0.56
C CYS A 108 8.22 1.45 -2.06
N VAL A 109 8.05 2.69 -2.47
CA VAL A 109 8.09 3.04 -3.88
C VAL A 109 9.41 3.72 -4.21
N CYS A 110 9.78 3.71 -5.48
CA CYS A 110 11.01 4.33 -5.91
C CYS A 110 10.70 5.57 -6.74
N VAL A 111 11.24 6.70 -6.34
CA VAL A 111 10.99 7.95 -7.04
C VAL A 111 12.04 8.18 -8.10
N LEU A 112 11.68 8.94 -9.13
CA LEU A 112 12.63 9.32 -10.15
C LEU A 112 12.66 10.82 -10.32
N SER A 113 13.86 11.35 -10.48
CA SER A 113 14.04 12.77 -10.72
C SER A 113 15.09 12.97 -11.80
N ARG A 114 15.22 14.20 -12.29
CA ARG A 114 16.10 14.49 -13.43
C ARG A 114 17.53 14.78 -13.01
N LYS A 115 17.84 14.54 -11.74
CA LYS A 115 19.17 14.80 -11.17
C LYS A 115 19.41 16.31 -11.13
N ALA A 116 18.32 17.04 -10.91
CA ALA A 116 18.32 18.49 -10.87
C ALA A 116 16.91 18.99 -10.61
N THR A 117 15.98 18.51 -11.42
CA THR A 117 14.58 18.79 -11.24
C THR A 117 13.81 17.51 -10.93
N ARG A 118 12.54 17.63 -10.63
CA ARG A 118 11.71 16.48 -10.33
C ARG A 118 10.34 16.63 -10.99
N SER B 1 0.22 21.81 6.21
CA SER B 1 0.76 21.98 4.85
C SER B 1 2.08 22.76 4.87
N SER B 2 3.18 22.01 4.86
CA SER B 2 4.51 22.61 4.87
C SER B 2 5.48 21.73 4.09
N THR B 3 5.54 20.47 4.47
CA THR B 3 6.36 19.49 3.78
C THR B 3 5.59 18.89 2.62
N HIS B 4 5.64 19.58 1.49
CA HIS B 4 4.87 19.18 0.32
C HIS B 4 5.78 19.14 -0.91
N PRO B 5 6.69 18.15 -0.98
CA PRO B 5 7.63 18.01 -2.08
C PRO B 5 7.03 17.25 -3.26
N VAL B 6 6.11 17.92 -3.96
CA VAL B 6 5.38 17.33 -5.08
C VAL B 6 4.54 16.16 -4.60
N PHE B 7 3.44 16.46 -3.92
CA PHE B 7 2.56 15.44 -3.39
C PHE B 7 1.28 15.37 -4.20
N HIS B 8 1.04 16.42 -4.99
CA HIS B 8 -0.14 16.47 -5.85
C HIS B 8 0.14 15.68 -7.13
N MET B 9 0.41 14.40 -6.94
CA MET B 9 0.83 13.49 -8.00
C MET B 9 1.08 12.13 -7.39
N GLY B 10 1.53 12.16 -6.14
CA GLY B 10 1.88 10.94 -5.43
C GLY B 10 3.32 10.98 -5.00
N GLU B 11 3.77 9.95 -4.30
CA GLU B 11 5.16 9.89 -3.86
C GLU B 11 6.04 9.30 -4.95
N PHE B 12 5.65 9.56 -6.21
CA PHE B 12 6.40 9.11 -7.40
C PHE B 12 6.43 7.60 -7.52
N SER B 13 6.89 7.13 -8.68
CA SER B 13 7.06 5.71 -8.93
C SER B 13 7.77 5.51 -10.27
N VAL B 14 8.50 4.40 -10.39
CA VAL B 14 9.21 4.08 -11.62
C VAL B 14 8.25 3.48 -12.65
N CYS B 15 7.02 3.26 -12.21
CA CYS B 15 5.98 2.73 -13.07
C CYS B 15 4.73 3.59 -12.94
N ASP B 16 3.92 3.65 -13.98
CA ASP B 16 2.75 4.51 -13.98
C ASP B 16 1.68 3.93 -13.07
N SER B 17 1.38 4.65 -12.00
CA SER B 17 0.45 4.18 -10.99
C SER B 17 -0.82 5.03 -11.00
N VAL B 18 -1.96 4.37 -10.95
CA VAL B 18 -3.24 5.07 -10.89
C VAL B 18 -3.88 4.92 -9.52
N SER B 19 -4.03 6.04 -8.82
CA SER B 19 -4.64 6.03 -7.50
C SER B 19 -6.11 6.42 -7.59
N VAL B 20 -6.98 5.52 -7.18
CA VAL B 20 -8.41 5.76 -7.21
C VAL B 20 -8.99 5.69 -5.80
N TRP B 21 -9.89 6.60 -5.49
CA TRP B 21 -10.62 6.55 -4.24
C TRP B 21 -11.97 5.89 -4.48
N VAL B 22 -12.04 4.60 -4.23
CA VAL B 22 -13.23 3.83 -4.51
C VAL B 22 -14.18 3.89 -3.32
N GLY B 23 -15.32 4.53 -3.50
CA GLY B 23 -16.26 4.67 -2.42
C GLY B 23 -17.24 3.51 -2.35
N ASP B 24 -17.26 2.70 -3.40
CA ASP B 24 -18.19 1.57 -3.47
C ASP B 24 -17.53 0.36 -4.12
N LYS B 25 -16.61 -0.26 -3.39
CA LYS B 25 -16.00 -1.51 -3.85
C LYS B 25 -17.01 -2.64 -3.69
N THR B 26 -17.23 -3.40 -4.76
CA THR B 26 -18.30 -4.39 -4.77
C THR B 26 -17.87 -5.71 -4.14
N THR B 27 -16.66 -6.16 -4.44
CA THR B 27 -16.18 -7.44 -3.93
C THR B 27 -14.71 -7.35 -3.55
N ALA B 28 -14.34 -8.11 -2.55
CA ALA B 28 -12.94 -8.18 -2.13
C ALA B 28 -12.65 -9.51 -1.46
N THR B 29 -11.38 -9.84 -1.36
CA THR B 29 -10.96 -11.07 -0.73
C THR B 29 -10.49 -10.81 0.69
N ASP B 30 -11.16 -11.44 1.65
CA ASP B 30 -10.75 -11.40 3.03
C ASP B 30 -9.45 -12.17 3.20
N ILE B 31 -8.71 -11.86 4.26
CA ILE B 31 -7.41 -12.48 4.52
C ILE B 31 -7.52 -14.01 4.67
N LYS B 32 -8.73 -14.50 4.86
CA LYS B 32 -8.98 -15.94 4.95
C LYS B 32 -9.15 -16.55 3.57
N GLY B 33 -9.00 -15.73 2.54
CA GLY B 33 -9.07 -16.21 1.18
C GLY B 33 -10.50 -16.31 0.68
N LYS B 34 -11.38 -15.53 1.28
CA LYS B 34 -12.79 -15.56 0.92
C LYS B 34 -13.19 -14.31 0.15
N GLU B 35 -13.81 -14.51 -0.99
CA GLU B 35 -14.29 -13.39 -1.81
C GLU B 35 -15.71 -13.02 -1.37
N VAL B 36 -15.85 -11.82 -0.85
CA VAL B 36 -17.12 -11.37 -0.30
C VAL B 36 -17.52 -10.01 -0.84
N THR B 37 -18.81 -9.70 -0.71
CA THR B 37 -19.37 -8.45 -1.18
C THR B 37 -19.14 -7.34 -0.15
N VAL B 38 -18.46 -6.29 -0.58
CA VAL B 38 -18.07 -5.22 0.31
C VAL B 38 -19.16 -4.16 0.42
N LEU B 39 -19.43 -3.73 1.64
CA LEU B 39 -20.38 -2.65 1.89
C LEU B 39 -19.62 -1.38 2.23
N ALA B 40 -19.92 -0.31 1.51
CA ALA B 40 -19.28 0.98 1.75
C ALA B 40 -19.73 1.55 3.09
N GLU B 41 -20.89 1.10 3.52
CA GLU B 41 -21.50 1.57 4.75
C GLU B 41 -21.36 0.53 5.84
N VAL B 42 -20.63 0.84 6.88
CA VAL B 42 -20.43 -0.09 7.96
C VAL B 42 -21.48 0.12 9.06
N ASN B 43 -22.48 -0.74 9.02
CA ASN B 43 -23.56 -0.70 9.99
C ASN B 43 -23.09 -1.34 11.30
N ILE B 44 -22.71 -0.50 12.25
CA ILE B 44 -22.27 -0.98 13.55
C ILE B 44 -23.48 -1.40 14.38
N ASN B 45 -24.23 -0.41 14.85
CA ASN B 45 -25.50 -0.67 15.52
C ASN B 45 -26.55 0.29 14.99
N ASN B 46 -26.33 1.57 15.28
CA ASN B 46 -27.20 2.63 14.80
C ASN B 46 -26.40 3.65 14.01
N SER B 47 -25.09 3.63 14.19
CA SER B 47 -24.20 4.54 13.49
C SER B 47 -23.61 3.87 12.26
N VAL B 48 -23.75 4.53 11.12
CA VAL B 48 -23.24 4.00 9.87
C VAL B 48 -22.14 4.91 9.32
N PHE B 49 -20.97 4.35 9.09
CA PHE B 49 -19.83 5.12 8.59
C PHE B 49 -19.35 4.56 7.26
N ARG B 50 -18.61 5.38 6.52
CA ARG B 50 -18.08 4.97 5.22
C ARG B 50 -16.67 5.50 5.04
N GLN B 51 -15.97 4.97 4.05
CA GLN B 51 -14.64 5.47 3.69
C GLN B 51 -14.42 5.24 2.21
N TYR B 52 -13.43 5.92 1.65
CA TYR B 52 -13.07 5.71 0.25
C TYR B 52 -11.77 4.92 0.20
N PHE B 53 -11.80 3.81 -0.52
CA PHE B 53 -10.65 2.92 -0.59
C PHE B 53 -9.61 3.47 -1.56
N PHE B 54 -8.40 3.63 -1.07
CA PHE B 54 -7.30 4.14 -1.86
C PHE B 54 -6.66 3.02 -2.65
N GLU B 55 -7.10 2.84 -3.89
CA GLU B 55 -6.59 1.78 -4.74
C GLU B 55 -5.63 2.34 -5.78
N THR B 56 -4.35 2.13 -5.58
CA THR B 56 -3.34 2.50 -6.56
C THR B 56 -2.91 1.27 -7.35
N LYS B 57 -3.23 1.27 -8.63
CA LYS B 57 -3.02 0.10 -9.47
C LYS B 57 -2.03 0.40 -10.59
N CYS B 58 -1.52 -0.66 -11.20
CA CYS B 58 -0.55 -0.54 -12.27
C CYS B 58 -1.24 -0.35 -13.62
N ARG B 59 -1.08 0.83 -14.20
CA ARG B 59 -1.58 1.09 -15.54
C ARG B 59 -0.39 1.33 -16.46
N ALA B 60 -0.37 0.63 -17.59
CA ALA B 60 0.78 0.67 -18.50
C ALA B 60 2.04 0.18 -17.79
N SER B 61 2.15 -1.14 -17.66
CA SER B 61 3.24 -1.76 -16.93
C SER B 61 4.58 -1.52 -17.62
N ASN B 62 4.53 -1.03 -18.86
CA ASN B 62 5.73 -0.70 -19.59
C ASN B 62 5.66 0.72 -20.12
N PRO B 63 5.87 1.74 -19.25
CA PRO B 63 5.91 3.14 -19.68
C PRO B 63 6.98 3.37 -20.74
N VAL B 64 8.05 2.59 -20.64
CA VAL B 64 9.08 2.56 -21.65
C VAL B 64 9.12 1.16 -22.27
N GLU B 65 9.67 1.04 -23.48
CA GLU B 65 9.66 -0.23 -24.19
C GLU B 65 10.76 -1.15 -23.67
N SER B 66 10.67 -1.46 -22.38
CA SER B 66 11.63 -2.33 -21.71
C SER B 66 11.03 -2.82 -20.38
N GLY B 67 10.44 -1.88 -19.65
CA GLY B 67 9.84 -2.16 -18.38
C GLY B 67 9.53 -0.88 -17.62
N CYS B 68 10.07 -0.76 -16.42
CA CYS B 68 9.94 0.48 -15.65
C CYS B 68 10.98 1.49 -16.14
N ARG B 69 10.76 2.75 -15.81
CA ARG B 69 11.65 3.81 -16.25
C ARG B 69 12.91 3.83 -15.39
N GLY B 70 14.06 3.96 -16.03
CA GLY B 70 15.32 4.01 -15.32
C GLY B 70 16.07 2.71 -15.40
N ILE B 71 15.33 1.60 -15.38
CA ILE B 71 15.93 0.27 -15.43
C ILE B 71 16.68 0.07 -16.74
N ASP B 72 17.97 -0.25 -16.64
CA ASP B 72 18.82 -0.43 -17.83
C ASP B 72 18.33 -1.56 -18.70
N SER B 73 17.59 -2.49 -18.09
CA SER B 73 16.91 -3.57 -18.80
C SER B 73 17.88 -4.55 -19.46
N LYS B 74 19.14 -4.43 -19.12
CA LYS B 74 20.15 -5.36 -19.61
C LYS B 74 20.57 -6.29 -18.49
N HIS B 75 20.61 -5.76 -17.28
CA HIS B 75 20.92 -6.56 -16.09
C HIS B 75 19.63 -7.08 -15.48
N TRP B 76 18.54 -6.37 -15.75
CA TRP B 76 17.28 -6.66 -15.10
C TRP B 76 16.12 -6.67 -16.07
N ASN B 77 15.22 -7.61 -15.88
CA ASN B 77 13.94 -7.62 -16.57
C ASN B 77 12.90 -7.02 -15.63
N SER B 78 12.07 -6.14 -16.17
CA SER B 78 11.23 -5.29 -15.33
C SER B 78 9.77 -5.31 -15.77
N TYR B 79 8.87 -5.41 -14.79
CA TYR B 79 7.44 -5.23 -15.01
C TYR B 79 6.80 -4.85 -13.68
N CYS B 80 5.56 -4.39 -13.73
CA CYS B 80 4.92 -3.79 -12.56
C CYS B 80 3.89 -4.74 -11.95
N THR B 81 3.85 -4.76 -10.62
CA THR B 81 2.90 -5.59 -9.90
C THR B 81 2.22 -4.75 -8.82
N THR B 82 0.91 -4.89 -8.68
CA THR B 82 0.16 -4.10 -7.72
C THR B 82 0.13 -4.79 -6.36
N THR B 83 0.50 -4.08 -5.31
CA THR B 83 0.51 -4.63 -3.97
C THR B 83 -0.83 -4.35 -3.28
N HIS B 84 -1.07 -5.02 -2.16
CA HIS B 84 -2.38 -5.00 -1.52
C HIS B 84 -2.27 -4.88 -0.01
N THR B 85 -3.19 -4.15 0.59
CA THR B 85 -3.27 -4.05 2.04
C THR B 85 -4.59 -4.65 2.52
N PHE B 86 -4.75 -4.82 3.82
CA PHE B 86 -5.97 -5.42 4.36
C PHE B 86 -6.70 -4.42 5.25
N VAL B 87 -7.91 -4.06 4.81
CA VAL B 87 -8.71 -3.07 5.51
C VAL B 87 -9.95 -3.71 6.13
N LYS B 88 -10.41 -3.16 7.25
CA LYS B 88 -11.64 -3.61 7.90
C LYS B 88 -12.85 -3.12 7.11
N ALA B 89 -13.55 -4.03 6.48
CA ALA B 89 -14.74 -3.68 5.73
C ALA B 89 -15.90 -4.57 6.13
N LEU B 90 -17.08 -3.98 6.25
CA LEU B 90 -18.27 -4.75 6.50
C LEU B 90 -18.71 -5.40 5.19
N THR B 91 -18.86 -6.71 5.21
CA THR B 91 -19.18 -7.43 3.99
C THR B 91 -20.46 -8.25 4.17
N THR B 92 -21.15 -8.51 3.09
CA THR B 92 -22.34 -9.33 3.14
C THR B 92 -22.11 -10.63 2.37
N ASP B 93 -22.01 -11.72 3.12
CA ASP B 93 -21.70 -13.03 2.55
C ASP B 93 -22.90 -13.58 1.80
N GLU B 94 -24.04 -13.62 2.47
CA GLU B 94 -25.29 -14.06 1.84
C GLU B 94 -26.44 -13.14 2.23
N LYS B 95 -26.90 -13.22 3.47
CA LYS B 95 -28.00 -12.38 3.93
C LYS B 95 -27.61 -11.66 5.22
N GLN B 96 -26.36 -11.77 5.62
CA GLN B 96 -25.87 -11.13 6.83
C GLN B 96 -24.60 -10.35 6.56
N ALA B 97 -24.36 -9.33 7.37
CA ALA B 97 -23.18 -8.48 7.21
C ALA B 97 -22.18 -8.74 8.34
N ALA B 98 -20.94 -9.00 7.97
CA ALA B 98 -19.91 -9.31 8.94
C ALA B 98 -18.63 -8.55 8.60
N TRP B 99 -17.88 -8.19 9.64
CA TRP B 99 -16.64 -7.46 9.47
C TRP B 99 -15.53 -8.37 8.97
N ARG B 100 -14.92 -7.99 7.86
CA ARG B 100 -13.83 -8.75 7.28
C ARG B 100 -12.62 -7.86 7.04
N PHE B 101 -11.49 -8.50 6.82
CA PHE B 101 -10.27 -7.79 6.51
C PHE B 101 -9.92 -8.08 5.06
N ILE B 102 -10.12 -7.11 4.19
CA ILE B 102 -10.07 -7.38 2.77
C ILE B 102 -8.86 -6.73 2.12
N ARG B 103 -8.32 -7.41 1.12
CA ARG B 103 -7.17 -6.92 0.39
C ARG B 103 -7.61 -5.90 -0.66
N ILE B 104 -7.04 -4.71 -0.58
CA ILE B 104 -7.25 -3.70 -1.59
C ILE B 104 -5.93 -3.28 -2.19
N ASP B 105 -5.93 -3.02 -3.50
CA ASP B 105 -4.74 -2.59 -4.20
C ASP B 105 -4.28 -1.25 -3.63
N THR B 106 -3.02 -1.16 -3.24
CA THR B 106 -2.57 0.04 -2.54
C THR B 106 -1.50 0.81 -3.31
N ALA B 107 -0.62 0.08 -4.00
CA ALA B 107 0.49 0.71 -4.71
C ALA B 107 0.98 -0.19 -5.83
N CYS B 108 1.66 0.43 -6.79
CA CYS B 108 2.23 -0.32 -7.90
C CYS B 108 3.74 -0.41 -7.73
N VAL B 109 4.24 -1.63 -7.59
CA VAL B 109 5.66 -1.85 -7.39
C VAL B 109 6.30 -2.36 -8.66
N CYS B 110 7.60 -2.20 -8.77
CA CYS B 110 8.33 -2.65 -9.94
C CYS B 110 9.21 -3.83 -9.57
N VAL B 111 9.04 -4.93 -10.29
CA VAL B 111 9.79 -6.14 -10.01
C VAL B 111 11.07 -6.16 -10.85
N LEU B 112 12.06 -6.87 -10.36
CA LEU B 112 13.30 -7.06 -11.11
C LEU B 112 13.62 -8.53 -11.24
N SER B 113 14.06 -8.93 -12.42
CA SER B 113 14.47 -10.29 -12.68
C SER B 113 15.75 -10.28 -13.50
N ARG B 114 16.38 -11.45 -13.64
CA ARG B 114 17.68 -11.54 -14.30
C ARG B 114 17.57 -11.72 -15.80
N LYS B 115 16.36 -11.54 -16.34
CA LYS B 115 16.11 -11.71 -17.77
C LYS B 115 16.25 -13.18 -18.15
N ALA B 116 15.90 -14.04 -17.20
CA ALA B 116 16.02 -15.48 -17.33
C ALA B 116 15.54 -16.14 -16.05
N THR B 117 16.12 -15.70 -14.95
CA THR B 117 15.70 -16.15 -13.64
C THR B 117 15.11 -14.98 -12.84
N ARG B 118 14.59 -15.27 -11.67
CA ARG B 118 14.03 -14.23 -10.81
C ARG B 118 14.40 -14.50 -9.36
N SER A 1 4.83 -26.89 -17.01
CA SER A 1 4.38 -25.78 -17.86
C SER A 1 4.23 -24.50 -17.04
N SER A 2 3.27 -24.50 -16.13
CA SER A 2 3.03 -23.33 -15.28
C SER A 2 3.96 -23.36 -14.07
N THR A 3 5.21 -22.97 -14.28
CA THR A 3 6.20 -23.00 -13.20
C THR A 3 6.73 -21.60 -12.89
N HIS A 4 5.88 -20.60 -13.03
CA HIS A 4 6.25 -19.23 -12.68
C HIS A 4 5.14 -18.56 -11.87
N PRO A 5 5.28 -18.56 -10.54
CA PRO A 5 4.25 -18.04 -9.63
C PRO A 5 4.24 -16.51 -9.54
N VAL A 6 5.20 -15.89 -10.21
CA VAL A 6 5.33 -14.42 -10.24
C VAL A 6 5.77 -13.86 -8.89
N PHE A 7 5.00 -14.12 -7.84
CA PHE A 7 5.26 -13.57 -6.52
C PHE A 7 6.40 -14.31 -5.82
N HIS A 8 7.57 -14.25 -6.44
CA HIS A 8 8.79 -14.87 -5.91
C HIS A 8 9.92 -14.64 -6.89
N MET A 9 9.59 -14.72 -8.18
CA MET A 9 10.56 -14.51 -9.24
C MET A 9 10.72 -13.02 -9.53
N GLY A 10 9.76 -12.23 -9.06
CA GLY A 10 9.82 -10.80 -9.23
C GLY A 10 10.03 -10.07 -7.93
N GLU A 11 10.47 -10.80 -6.92
CA GLU A 11 10.68 -10.20 -5.59
C GLU A 11 12.11 -9.68 -5.47
N PHE A 12 12.55 -8.96 -6.48
CA PHE A 12 13.84 -8.29 -6.44
C PHE A 12 13.63 -6.82 -6.10
N SER A 13 13.40 -6.57 -4.82
CA SER A 13 13.10 -5.24 -4.33
C SER A 13 14.26 -4.26 -4.63
N VAL A 14 13.92 -3.14 -5.26
CA VAL A 14 14.88 -2.09 -5.53
C VAL A 14 15.34 -1.43 -4.24
N CYS A 15 14.48 -1.48 -3.23
CA CYS A 15 14.81 -1.03 -1.90
C CYS A 15 14.49 -2.14 -0.91
N ASP A 16 15.46 -2.53 -0.08
CA ASP A 16 15.28 -3.66 0.82
C ASP A 16 14.22 -3.30 1.86
N SER A 17 13.12 -4.03 1.84
CA SER A 17 11.97 -3.71 2.67
C SER A 17 11.72 -4.78 3.71
N VAL A 18 11.25 -4.36 4.88
CA VAL A 18 10.85 -5.27 5.93
C VAL A 18 9.37 -5.10 6.25
N SER A 19 8.59 -6.15 6.00
CA SER A 19 7.15 -6.11 6.23
C SER A 19 6.80 -6.83 7.53
N VAL A 20 6.16 -6.11 8.44
CA VAL A 20 5.78 -6.67 9.73
C VAL A 20 4.31 -6.37 10.01
N TRP A 21 3.60 -7.35 10.55
CA TRP A 21 2.26 -7.11 11.03
C TRP A 21 2.31 -6.63 12.47
N VAL A 22 2.29 -5.32 12.63
CA VAL A 22 2.48 -4.69 13.91
C VAL A 22 1.16 -4.59 14.66
N GLY A 23 1.09 -5.23 15.82
CA GLY A 23 -0.08 -5.12 16.65
C GLY A 23 0.21 -4.30 17.88
N ASP A 24 1.36 -3.64 17.87
CA ASP A 24 1.79 -2.81 19.01
C ASP A 24 1.82 -1.33 18.62
N LYS A 25 1.20 -1.01 17.49
CA LYS A 25 1.16 0.37 17.03
C LYS A 25 0.12 1.15 17.82
N THR A 26 0.57 1.92 18.79
CA THR A 26 -0.33 2.59 19.72
C THR A 26 -0.61 4.03 19.29
N THR A 27 0.04 4.48 18.24
CA THR A 27 -0.17 5.82 17.71
C THR A 27 -0.09 5.83 16.19
N ALA A 28 -1.03 6.53 15.57
CA ALA A 28 -1.04 6.63 14.11
C ALA A 28 -1.57 7.99 13.68
N THR A 29 -1.37 8.32 12.42
CA THR A 29 -1.83 9.59 11.89
C THR A 29 -3.12 9.40 11.10
N ASP A 30 -4.18 10.04 11.56
CA ASP A 30 -5.46 10.03 10.87
C ASP A 30 -5.35 10.84 9.57
N ILE A 31 -6.31 10.65 8.67
CA ILE A 31 -6.29 11.34 7.39
C ILE A 31 -6.34 12.86 7.56
N LYS A 32 -6.89 13.31 8.69
CA LYS A 32 -6.98 14.73 8.98
C LYS A 32 -5.65 15.26 9.53
N GLY A 33 -4.73 14.35 9.79
CA GLY A 33 -3.43 14.76 10.32
C GLY A 33 -3.37 14.65 11.83
N LYS A 34 -4.36 13.99 12.41
CA LYS A 34 -4.45 13.82 13.85
C LYS A 34 -3.60 12.64 14.29
N GLU A 35 -2.80 12.83 15.32
CA GLU A 35 -2.12 11.71 15.95
C GLU A 35 -3.08 11.07 16.94
N VAL A 36 -3.48 9.84 16.65
CA VAL A 36 -4.47 9.16 17.46
C VAL A 36 -3.87 7.96 18.16
N THR A 37 -4.45 7.61 19.29
CA THR A 37 -4.02 6.47 20.06
C THR A 37 -4.69 5.21 19.53
N VAL A 38 -3.92 4.40 18.84
CA VAL A 38 -4.44 3.18 18.24
C VAL A 38 -4.53 2.09 19.29
N LEU A 39 -5.64 1.37 19.29
CA LEU A 39 -5.87 0.32 20.26
C LEU A 39 -5.26 -0.99 19.76
N ALA A 40 -4.24 -1.46 20.47
CA ALA A 40 -3.67 -2.76 20.17
C ALA A 40 -4.70 -3.83 20.44
N GLU A 41 -5.47 -3.60 21.50
CA GLU A 41 -6.61 -4.43 21.81
C GLU A 41 -7.87 -3.66 21.45
N VAL A 42 -8.63 -4.14 20.48
CA VAL A 42 -9.82 -3.45 20.06
C VAL A 42 -11.06 -4.10 20.67
N ASN A 43 -11.96 -3.27 21.17
CA ASN A 43 -13.19 -3.76 21.76
C ASN A 43 -14.30 -3.73 20.72
N ILE A 44 -14.57 -4.88 20.12
CA ILE A 44 -15.61 -4.98 19.11
C ILE A 44 -16.73 -5.89 19.59
N ASN A 45 -17.77 -5.29 20.15
CA ASN A 45 -18.93 -6.03 20.66
C ASN A 45 -18.51 -7.02 21.73
N ASN A 46 -17.71 -6.52 22.68
CA ASN A 46 -17.23 -7.31 23.81
C ASN A 46 -16.26 -8.40 23.37
N SER A 47 -15.74 -8.26 22.15
CA SER A 47 -14.71 -9.14 21.67
C SER A 47 -13.43 -8.34 21.49
N VAL A 48 -12.42 -8.68 22.28
CA VAL A 48 -11.18 -7.91 22.29
C VAL A 48 -10.05 -8.71 21.65
N PHE A 49 -9.42 -8.14 20.63
CA PHE A 49 -8.31 -8.80 19.95
C PHE A 49 -7.42 -7.78 19.25
N ARG A 50 -6.25 -8.24 18.81
CA ARG A 50 -5.29 -7.37 18.13
C ARG A 50 -5.56 -7.34 16.64
N GLN A 51 -5.66 -6.12 16.10
CA GLN A 51 -6.00 -5.91 14.70
C GLN A 51 -4.80 -6.14 13.78
N TYR A 52 -3.61 -5.72 14.23
CA TYR A 52 -2.39 -5.79 13.42
C TYR A 52 -2.43 -4.83 12.24
N PHE A 53 -1.28 -4.25 11.92
CA PHE A 53 -1.13 -3.37 10.77
C PHE A 53 0.08 -3.78 9.94
N PHE A 54 -0.06 -3.68 8.62
CA PHE A 54 1.00 -4.12 7.72
C PHE A 54 2.01 -2.99 7.50
N GLU A 55 3.08 -3.02 8.29
CA GLU A 55 4.11 -1.99 8.20
C GLU A 55 5.31 -2.51 7.42
N THR A 56 5.57 -1.91 6.27
CA THR A 56 6.73 -2.25 5.47
C THR A 56 7.72 -1.10 5.50
N LYS A 57 8.85 -1.33 6.13
CA LYS A 57 9.81 -0.26 6.35
C LYS A 57 11.03 -0.42 5.44
N CYS A 58 11.60 0.70 5.05
CA CYS A 58 12.81 0.70 4.23
C CYS A 58 14.03 0.51 5.12
N ARG A 59 14.40 -0.74 5.35
CA ARG A 59 15.51 -1.04 6.25
C ARG A 59 16.84 -0.75 5.56
N ALA A 60 16.81 -0.66 4.24
CA ALA A 60 18.00 -0.30 3.49
C ALA A 60 17.63 0.59 2.30
N SER A 61 17.56 1.89 2.55
CA SER A 61 17.26 2.85 1.51
C SER A 61 18.54 3.14 0.71
N ASN A 62 18.42 3.09 -0.62
CA ASN A 62 19.58 3.25 -1.51
C ASN A 62 20.60 2.14 -1.24
N PRO A 63 20.26 0.87 -1.56
CA PRO A 63 21.15 -0.28 -1.32
C PRO A 63 22.46 -0.16 -2.08
N VAL A 64 22.40 0.45 -3.26
CA VAL A 64 23.58 0.66 -4.07
C VAL A 64 24.10 2.08 -3.86
N GLU A 65 25.39 2.29 -4.09
CA GLU A 65 26.00 3.60 -3.89
C GLU A 65 25.74 4.49 -5.10
N SER A 66 24.49 4.89 -5.25
CA SER A 66 24.07 5.75 -6.33
C SER A 66 22.61 6.13 -6.13
N GLY A 67 21.73 5.16 -6.32
CA GLY A 67 20.31 5.36 -6.12
C GLY A 67 19.60 4.07 -5.83
N CYS A 68 19.11 3.41 -6.88
CA CYS A 68 18.38 2.18 -6.71
C CYS A 68 18.85 1.13 -7.71
N ARG A 69 18.62 -0.13 -7.38
CA ARG A 69 19.06 -1.25 -8.21
C ARG A 69 18.40 -1.22 -9.59
N GLY A 70 19.20 -1.01 -10.62
CA GLY A 70 18.69 -1.06 -11.98
C GLY A 70 18.42 0.31 -12.56
N ILE A 71 18.23 1.30 -11.69
CA ILE A 71 17.92 2.66 -12.12
C ILE A 71 19.16 3.39 -12.62
N ASP A 72 19.01 4.13 -13.70
CA ASP A 72 20.05 5.02 -14.19
C ASP A 72 20.17 6.20 -13.23
N SER A 73 21.10 6.11 -12.30
CA SER A 73 21.24 7.12 -11.26
C SER A 73 22.06 8.31 -11.75
N LYS A 74 22.27 8.39 -13.06
CA LYS A 74 23.00 9.48 -13.65
C LYS A 74 22.02 10.54 -14.15
N HIS A 75 20.94 10.08 -14.77
CA HIS A 75 19.90 10.97 -15.26
C HIS A 75 18.77 11.09 -14.25
N TRP A 76 18.72 10.13 -13.33
CA TRP A 76 17.67 10.10 -12.33
C TRP A 76 18.25 10.10 -10.93
N ASN A 77 17.55 10.76 -10.03
CA ASN A 77 17.84 10.69 -8.61
C ASN A 77 16.86 9.72 -7.98
N SER A 78 17.35 8.85 -7.13
CA SER A 78 16.51 7.79 -6.60
C SER A 78 16.62 7.73 -5.08
N TYR A 79 15.48 7.62 -4.41
CA TYR A 79 15.45 7.45 -2.98
C TYR A 79 14.23 6.64 -2.57
N CYS A 80 14.40 5.86 -1.52
CA CYS A 80 13.37 4.93 -1.07
C CYS A 80 12.41 5.61 -0.11
N THR A 81 11.13 5.56 -0.46
CA THR A 81 10.11 6.20 0.33
C THR A 81 8.97 5.22 0.55
N THR A 82 8.48 5.13 1.77
CA THR A 82 7.39 4.24 2.10
C THR A 82 6.05 4.81 1.64
N THR A 83 5.22 3.96 1.07
CA THR A 83 3.89 4.37 0.66
C THR A 83 2.93 4.22 1.83
N HIS A 84 2.28 5.31 2.20
CA HIS A 84 1.37 5.30 3.33
C HIS A 84 -0.07 5.31 2.85
N THR A 85 -0.82 4.30 3.26
CA THR A 85 -2.21 4.18 2.87
C THR A 85 -3.08 4.35 4.11
N PHE A 86 -4.34 4.66 3.92
CA PHE A 86 -5.22 4.94 5.04
C PHE A 86 -6.12 3.75 5.34
N VAL A 87 -5.96 3.20 6.52
CA VAL A 87 -6.72 2.03 6.93
C VAL A 87 -7.73 2.40 8.00
N LYS A 88 -8.80 1.63 8.06
CA LYS A 88 -9.89 1.88 8.99
C LYS A 88 -9.65 1.12 10.29
N ALA A 89 -9.26 1.85 11.32
CA ALA A 89 -8.88 1.23 12.58
C ALA A 89 -9.61 1.84 13.76
N LEU A 90 -9.95 1.00 14.73
CA LEU A 90 -10.57 1.46 15.94
C LEU A 90 -9.52 2.11 16.84
N THR A 91 -9.53 3.42 16.89
CA THR A 91 -8.58 4.17 17.68
C THR A 91 -9.31 5.02 18.70
N THR A 92 -8.66 5.36 19.79
CA THR A 92 -9.30 6.18 20.79
C THR A 92 -8.92 7.65 20.57
N ASP A 93 -9.93 8.47 20.37
CA ASP A 93 -9.76 9.89 20.11
C ASP A 93 -9.17 10.56 21.34
N GLU A 94 -9.44 9.97 22.50
CA GLU A 94 -8.94 10.45 23.77
C GLU A 94 -9.38 9.46 24.85
N LYS A 95 -10.69 9.35 25.04
CA LYS A 95 -11.27 8.34 25.90
C LYS A 95 -12.49 7.73 25.22
N GLN A 96 -12.44 7.70 23.90
CA GLN A 96 -13.56 7.24 23.09
C GLN A 96 -13.03 6.50 21.86
N ALA A 97 -13.37 5.22 21.76
CA ALA A 97 -12.94 4.40 20.64
C ALA A 97 -13.80 4.66 19.41
N ALA A 98 -13.16 5.01 18.31
CA ALA A 98 -13.85 5.29 17.06
C ALA A 98 -13.03 4.78 15.88
N TRP A 99 -13.71 4.39 14.82
CA TRP A 99 -13.03 3.89 13.62
C TRP A 99 -12.50 5.06 12.80
N ARG A 100 -11.20 5.31 12.92
CA ARG A 100 -10.57 6.40 12.21
C ARG A 100 -9.83 5.86 10.99
N PHE A 101 -9.40 6.77 10.14
CA PHE A 101 -8.66 6.41 8.94
C PHE A 101 -7.20 6.79 9.15
N ILE A 102 -6.37 5.82 9.47
CA ILE A 102 -4.99 6.11 9.84
C ILE A 102 -4.03 5.59 8.79
N ARG A 103 -2.98 6.35 8.56
CA ARG A 103 -2.02 6.00 7.53
C ARG A 103 -1.01 4.99 8.06
N ILE A 104 -0.80 3.94 7.28
CA ILE A 104 0.24 2.97 7.57
C ILE A 104 1.18 2.88 6.38
N ASP A 105 2.45 2.66 6.65
CA ASP A 105 3.44 2.52 5.60
C ASP A 105 3.44 1.09 5.11
N THR A 106 2.72 0.84 4.02
CA THR A 106 2.41 -0.52 3.61
C THR A 106 3.45 -1.08 2.64
N ALA A 107 4.30 -0.21 2.09
CA ALA A 107 5.32 -0.64 1.14
C ALA A 107 6.46 0.36 1.08
N CYS A 108 7.58 -0.07 0.51
CA CYS A 108 8.74 0.80 0.34
C CYS A 108 9.10 0.87 -1.14
N VAL A 109 8.98 2.05 -1.73
CA VAL A 109 9.20 2.19 -3.16
C VAL A 109 10.37 3.12 -3.44
N CYS A 110 11.00 2.92 -4.58
CA CYS A 110 12.04 3.83 -5.03
C CYS A 110 11.43 4.86 -5.96
N VAL A 111 11.44 6.11 -5.53
CA VAL A 111 10.85 7.17 -6.34
C VAL A 111 11.94 7.85 -7.16
N LEU A 112 11.61 8.21 -8.39
CA LEU A 112 12.59 8.83 -9.26
C LEU A 112 12.38 10.33 -9.33
N SER A 113 13.47 11.06 -9.34
CA SER A 113 13.42 12.48 -9.53
C SER A 113 14.34 12.84 -10.69
N ARG A 114 13.95 13.83 -11.46
CA ARG A 114 14.69 14.20 -12.68
C ARG A 114 15.94 15.01 -12.34
N LYS A 115 16.26 15.08 -11.04
CA LYS A 115 17.43 15.81 -10.53
C LYS A 115 17.17 17.32 -10.55
N ALA A 116 16.94 17.86 -11.74
CA ALA A 116 16.59 19.27 -11.87
C ALA A 116 15.08 19.45 -11.74
N THR A 117 14.53 18.96 -10.63
CA THR A 117 13.10 19.00 -10.41
C THR A 117 12.68 20.24 -9.64
N ARG A 118 13.65 21.03 -9.22
CA ARG A 118 13.35 22.26 -8.51
C ARG A 118 13.92 23.44 -9.28
N SER B 1 14.75 28.59 0.98
CA SER B 1 15.61 27.50 1.50
C SER B 1 14.92 26.15 1.38
N SER B 2 13.84 25.97 2.13
CA SER B 2 13.09 24.73 2.10
C SER B 2 12.08 24.74 0.95
N THR B 3 12.57 24.52 -0.26
CA THR B 3 11.71 24.55 -1.44
C THR B 3 11.66 23.19 -2.14
N HIS B 4 11.73 22.12 -1.36
CA HIS B 4 11.61 20.78 -1.91
C HIS B 4 10.67 19.93 -1.06
N PRO B 5 9.39 19.83 -1.46
CA PRO B 5 8.37 19.13 -0.68
C PRO B 5 8.42 17.62 -0.82
N VAL B 6 9.33 17.14 -1.68
CA VAL B 6 9.54 15.71 -1.92
C VAL B 6 8.36 15.08 -2.68
N PHE B 7 7.16 15.18 -2.12
CA PHE B 7 5.97 14.53 -2.69
C PHE B 7 5.44 15.33 -3.87
N HIS B 8 6.28 15.46 -4.89
CA HIS B 8 5.93 16.14 -6.13
C HIS B 8 7.14 16.12 -7.06
N MET B 9 8.32 16.27 -6.47
CA MET B 9 9.56 16.26 -7.22
C MET B 9 10.03 14.83 -7.44
N GLY B 10 9.46 13.91 -6.67
CA GLY B 10 9.80 12.51 -6.82
C GLY B 10 8.63 11.69 -7.34
N GLU B 11 7.65 12.38 -7.93
CA GLU B 11 6.48 11.70 -8.46
C GLU B 11 6.68 11.31 -9.91
N PHE B 12 7.83 10.73 -10.20
CA PHE B 12 8.10 10.20 -11.52
C PHE B 12 7.88 8.69 -11.52
N SER B 13 6.62 8.31 -11.57
CA SER B 13 6.22 6.92 -11.49
C SER B 13 6.84 6.11 -12.63
N VAL B 14 7.49 5.01 -12.28
CA VAL B 14 8.07 4.09 -13.26
C VAL B 14 6.97 3.37 -14.02
N CYS B 15 5.80 3.26 -13.39
CA CYS B 15 4.60 2.73 -14.02
C CYS B 15 3.47 3.71 -13.80
N ASP B 16 2.82 4.12 -14.88
CA ASP B 16 1.77 5.14 -14.79
C ASP B 16 0.59 4.60 -14.00
N SER B 17 0.33 5.20 -12.86
CA SER B 17 -0.66 4.70 -11.93
C SER B 17 -1.85 5.64 -11.81
N VAL B 18 -3.03 5.08 -11.61
CA VAL B 18 -4.23 5.86 -11.36
C VAL B 18 -4.81 5.51 -10.00
N SER B 19 -4.82 6.49 -9.09
CA SER B 19 -5.32 6.27 -7.75
C SER B 19 -6.73 6.85 -7.60
N VAL B 20 -7.67 6.00 -7.22
CA VAL B 20 -9.05 6.40 -7.05
C VAL B 20 -9.58 5.91 -5.71
N TRP B 21 -10.35 6.77 -5.05
CA TRP B 21 -11.05 6.35 -3.85
C TRP B 21 -12.40 5.76 -4.24
N VAL B 22 -12.42 4.44 -4.36
CA VAL B 22 -13.57 3.73 -4.86
C VAL B 22 -14.55 3.43 -3.74
N GLY B 23 -15.75 3.97 -3.85
CA GLY B 23 -16.79 3.67 -2.89
C GLY B 23 -17.84 2.78 -3.48
N ASP B 24 -17.54 2.24 -4.66
CA ASP B 24 -18.49 1.36 -5.37
C ASP B 24 -17.95 -0.06 -5.44
N LYS B 25 -16.93 -0.36 -4.64
CA LYS B 25 -16.35 -1.68 -4.63
C LYS B 25 -17.24 -2.63 -3.84
N THR B 26 -18.02 -3.43 -4.54
CA THR B 26 -19.03 -4.27 -3.91
C THR B 26 -18.51 -5.69 -3.67
N THR B 27 -17.31 -5.98 -4.15
CA THR B 27 -16.70 -7.29 -3.94
C THR B 27 -15.21 -7.15 -3.72
N ALA B 28 -14.70 -7.88 -2.73
CA ALA B 28 -13.28 -7.88 -2.43
C ALA B 28 -12.82 -9.23 -1.94
N THR B 29 -11.51 -9.43 -1.92
CA THR B 29 -10.94 -10.70 -1.48
C THR B 29 -10.46 -10.58 -0.05
N ASP B 30 -11.05 -11.36 0.84
CA ASP B 30 -10.61 -11.43 2.24
C ASP B 30 -9.25 -12.11 2.33
N ILE B 31 -8.56 -11.95 3.45
CA ILE B 31 -7.24 -12.52 3.64
C ILE B 31 -7.26 -14.05 3.52
N LYS B 32 -8.43 -14.64 3.79
CA LYS B 32 -8.58 -16.09 3.70
C LYS B 32 -8.80 -16.52 2.25
N GLY B 33 -8.98 -15.55 1.37
CA GLY B 33 -9.20 -15.85 -0.03
C GLY B 33 -10.67 -15.86 -0.39
N LYS B 34 -11.49 -15.36 0.52
CA LYS B 34 -12.94 -15.33 0.32
C LYS B 34 -13.33 -14.11 -0.49
N GLU B 35 -14.16 -14.30 -1.50
CA GLU B 35 -14.75 -13.18 -2.19
C GLU B 35 -15.97 -12.71 -1.40
N VAL B 36 -15.89 -11.52 -0.85
CA VAL B 36 -16.94 -11.02 0.01
C VAL B 36 -17.63 -9.82 -0.61
N THR B 37 -18.89 -9.63 -0.24
CA THR B 37 -19.67 -8.52 -0.72
C THR B 37 -19.41 -7.30 0.15
N VAL B 38 -18.67 -6.35 -0.39
CA VAL B 38 -18.32 -5.16 0.34
C VAL B 38 -19.47 -4.17 0.30
N LEU B 39 -19.77 -3.57 1.45
CA LEU B 39 -20.86 -2.64 1.57
C LEU B 39 -20.40 -1.24 1.19
N ALA B 40 -20.94 -0.72 0.09
CA ALA B 40 -20.67 0.66 -0.30
C ALA B 40 -21.24 1.58 0.74
N GLU B 41 -22.39 1.18 1.27
CA GLU B 41 -23.00 1.85 2.39
C GLU B 41 -22.83 0.98 3.63
N VAL B 42 -22.07 1.46 4.59
CA VAL B 42 -21.82 0.69 5.79
C VAL B 42 -22.72 1.15 6.93
N ASN B 43 -23.29 0.20 7.64
CA ASN B 43 -24.16 0.52 8.77
C ASN B 43 -23.36 0.45 10.06
N ILE B 44 -22.94 1.62 10.54
CA ILE B 44 -22.16 1.69 11.76
C ILE B 44 -22.94 2.44 12.83
N ASN B 45 -23.63 1.68 13.69
CA ASN B 45 -24.43 2.24 14.77
C ASN B 45 -25.50 3.18 14.23
N ASN B 46 -26.21 2.69 13.23
CA ASN B 46 -27.31 3.44 12.60
C ASN B 46 -26.80 4.65 11.84
N SER B 47 -25.50 4.67 11.56
CA SER B 47 -24.91 5.70 10.73
C SER B 47 -24.42 5.04 9.44
N VAL B 48 -25.02 5.41 8.33
CA VAL B 48 -24.71 4.79 7.05
C VAL B 48 -23.96 5.75 6.14
N PHE B 49 -22.79 5.35 5.69
CA PHE B 49 -21.97 6.17 4.80
C PHE B 49 -21.01 5.32 3.99
N ARG B 50 -20.40 5.92 2.98
CA ARG B 50 -19.47 5.22 2.10
C ARG B 50 -18.05 5.27 2.66
N GLN B 51 -17.43 4.10 2.76
CA GLN B 51 -16.10 3.98 3.35
C GLN B 51 -15.00 4.41 2.40
N TYR B 52 -15.15 4.09 1.11
CA TYR B 52 -14.14 4.36 0.08
C TYR B 52 -12.90 3.49 0.28
N PHE B 53 -12.30 3.07 -0.83
CA PHE B 53 -11.06 2.31 -0.82
C PHE B 53 -10.06 2.90 -1.79
N PHE B 54 -8.80 2.92 -1.41
CA PHE B 54 -7.75 3.53 -2.21
C PHE B 54 -7.24 2.54 -3.25
N GLU B 55 -7.80 2.61 -4.45
CA GLU B 55 -7.42 1.71 -5.54
C GLU B 55 -6.48 2.42 -6.50
N THR B 56 -5.24 1.95 -6.56
CA THR B 56 -4.27 2.47 -7.50
C THR B 56 -3.99 1.42 -8.57
N LYS B 57 -4.41 1.72 -9.80
CA LYS B 57 -4.33 0.74 -10.87
C LYS B 57 -3.23 1.11 -11.86
N CYS B 58 -2.61 0.09 -12.42
CA CYS B 58 -1.58 0.27 -13.44
C CYS B 58 -2.24 0.53 -14.79
N ARG B 59 -2.52 1.79 -15.09
CA ARG B 59 -3.20 2.12 -16.34
C ARG B 59 -2.25 2.03 -17.53
N ALA B 60 -0.96 2.06 -17.24
CA ALA B 60 0.05 1.89 -18.28
C ALA B 60 1.22 1.06 -17.75
N SER B 61 1.10 -0.25 -17.84
CA SER B 61 2.16 -1.15 -17.43
C SER B 61 3.21 -1.22 -18.53
N ASN B 62 4.49 -1.10 -18.15
CA ASN B 62 5.59 -1.04 -19.11
C ASN B 62 5.41 0.14 -20.06
N PRO B 63 5.53 1.39 -19.55
CA PRO B 63 5.36 2.60 -20.36
C PRO B 63 6.37 2.69 -21.50
N VAL B 64 7.56 2.17 -21.26
CA VAL B 64 8.60 2.14 -22.27
C VAL B 64 8.65 0.77 -22.93
N GLU B 65 9.13 0.72 -24.17
CA GLU B 65 9.19 -0.53 -24.92
C GLU B 65 10.41 -1.33 -24.50
N SER B 66 10.36 -1.85 -23.29
CA SER B 66 11.42 -2.66 -22.72
C SER B 66 11.00 -3.20 -21.37
N GLY B 67 10.91 -2.31 -20.40
CA GLY B 67 10.46 -2.68 -19.08
C GLY B 67 9.90 -1.50 -18.32
N CYS B 68 10.75 -0.81 -17.58
CA CYS B 68 10.33 0.33 -16.79
C CYS B 68 11.29 1.49 -16.96
N ARG B 69 10.79 2.70 -16.70
CA ARG B 69 11.56 3.93 -16.86
C ARG B 69 12.79 3.93 -15.94
N GLY B 70 13.97 3.90 -16.54
CA GLY B 70 15.19 4.01 -15.76
C GLY B 70 15.85 2.67 -15.50
N ILE B 71 15.07 1.60 -15.57
CA ILE B 71 15.56 0.25 -15.30
C ILE B 71 16.36 -0.30 -16.47
N ASP B 72 17.48 -0.95 -16.16
CA ASP B 72 18.24 -1.68 -17.17
C ASP B 72 17.46 -2.93 -17.57
N SER B 73 16.72 -2.82 -18.66
CA SER B 73 15.82 -3.89 -19.09
C SER B 73 16.59 -4.93 -19.90
N LYS B 74 17.91 -4.89 -19.85
CA LYS B 74 18.74 -5.86 -20.53
C LYS B 74 19.16 -6.95 -19.56
N HIS B 75 19.50 -6.55 -18.34
CA HIS B 75 19.88 -7.50 -17.30
C HIS B 75 18.68 -7.82 -16.41
N TRP B 76 17.67 -6.96 -16.47
CA TRP B 76 16.49 -7.12 -15.65
C TRP B 76 15.23 -7.18 -16.49
N ASN B 77 14.29 -8.00 -16.05
CA ASN B 77 12.96 -8.01 -16.62
C ASN B 77 12.05 -7.21 -15.70
N SER B 78 11.24 -6.35 -16.28
CA SER B 78 10.43 -5.44 -15.47
C SER B 78 8.97 -5.49 -15.88
N TYR B 79 8.10 -5.56 -14.89
CA TYR B 79 6.68 -5.52 -15.14
C TYR B 79 5.95 -4.87 -13.97
N CYS B 80 4.87 -4.17 -14.28
CA CYS B 80 4.15 -3.40 -13.28
C CYS B 80 3.09 -4.26 -12.60
N THR B 81 3.18 -4.31 -11.28
CA THR B 81 2.28 -5.12 -10.49
C THR B 81 1.74 -4.28 -9.33
N THR B 82 0.45 -4.36 -9.10
CA THR B 82 -0.17 -3.60 -8.02
C THR B 82 0.07 -4.27 -6.68
N THR B 83 0.38 -3.47 -5.67
CA THR B 83 0.56 -3.98 -4.33
C THR B 83 -0.79 -4.03 -3.62
N HIS B 84 -1.15 -5.21 -3.15
CA HIS B 84 -2.43 -5.39 -2.50
C HIS B 84 -2.24 -5.51 -0.99
N THR B 85 -2.88 -4.62 -0.26
CA THR B 85 -2.79 -4.61 1.19
C THR B 85 -4.14 -4.99 1.76
N PHE B 86 -4.17 -5.40 3.02
CA PHE B 86 -5.41 -5.87 3.62
C PHE B 86 -5.99 -4.81 4.54
N VAL B 87 -7.18 -4.35 4.19
CA VAL B 87 -7.84 -3.30 4.94
C VAL B 87 -9.04 -3.86 5.68
N LYS B 88 -9.39 -3.21 6.78
CA LYS B 88 -10.47 -3.65 7.64
C LYS B 88 -11.77 -2.99 7.21
N ALA B 89 -12.63 -3.76 6.56
CA ALA B 89 -13.85 -3.21 5.99
C ALA B 89 -15.08 -3.99 6.41
N LEU B 90 -16.17 -3.27 6.61
CA LEU B 90 -17.44 -3.90 6.94
C LEU B 90 -18.05 -4.50 5.68
N THR B 91 -17.96 -5.81 5.57
CA THR B 91 -18.47 -6.52 4.40
C THR B 91 -19.52 -7.53 4.84
N THR B 92 -20.42 -7.89 3.96
CA THR B 92 -21.43 -8.85 4.31
C THR B 92 -20.99 -10.24 3.86
N ASP B 93 -20.90 -11.15 4.82
CA ASP B 93 -20.47 -12.52 4.57
C ASP B 93 -21.49 -13.23 3.69
N GLU B 94 -22.73 -12.76 3.77
CA GLU B 94 -23.84 -13.30 2.99
C GLU B 94 -25.07 -12.46 3.29
N LYS B 95 -25.52 -12.50 4.54
CA LYS B 95 -26.57 -11.62 5.01
C LYS B 95 -26.21 -11.09 6.39
N GLN B 96 -24.91 -10.95 6.62
CA GLN B 96 -24.39 -10.54 7.91
C GLN B 96 -23.17 -9.65 7.71
N ALA B 97 -23.27 -8.41 8.17
CA ALA B 97 -22.17 -7.46 8.04
C ALA B 97 -21.11 -7.70 9.12
N ALA B 98 -19.88 -7.88 8.68
CA ALA B 98 -18.77 -8.12 9.58
C ALA B 98 -17.51 -7.44 9.06
N TRP B 99 -16.63 -7.03 9.97
CA TRP B 99 -15.39 -6.37 9.60
C TRP B 99 -14.37 -7.39 9.14
N ARG B 100 -14.22 -7.52 7.84
CA ARG B 100 -13.28 -8.47 7.26
C ARG B 100 -12.01 -7.76 6.84
N PHE B 101 -11.00 -8.55 6.52
CA PHE B 101 -9.73 -8.01 6.06
C PHE B 101 -9.60 -8.25 4.56
N ILE B 102 -9.86 -7.23 3.77
CA ILE B 102 -9.92 -7.40 2.33
C ILE B 102 -8.77 -6.70 1.65
N ARG B 103 -8.26 -7.33 0.61
CA ARG B 103 -7.11 -6.79 -0.10
C ARG B 103 -7.54 -5.73 -1.11
N ILE B 104 -6.85 -4.61 -1.07
CA ILE B 104 -7.03 -3.56 -2.05
C ILE B 104 -5.68 -3.28 -2.72
N ASP B 105 -5.73 -2.94 -3.99
CA ASP B 105 -4.52 -2.62 -4.72
C ASP B 105 -4.20 -1.15 -4.51
N THR B 106 -3.31 -0.88 -3.58
CA THR B 106 -3.10 0.46 -3.08
C THR B 106 -2.01 1.20 -3.85
N ALA B 107 -1.23 0.48 -4.63
CA ALA B 107 -0.15 1.10 -5.40
C ALA B 107 0.24 0.23 -6.58
N CYS B 108 0.97 0.81 -7.52
CA CYS B 108 1.46 0.08 -8.69
C CYS B 108 2.96 0.18 -8.75
N VAL B 109 3.64 -0.95 -8.62
CA VAL B 109 5.09 -0.95 -8.55
C VAL B 109 5.69 -1.71 -9.73
N CYS B 110 6.91 -1.37 -10.09
CA CYS B 110 7.63 -2.12 -11.09
C CYS B 110 8.52 -3.12 -10.39
N VAL B 111 8.25 -4.40 -10.59
CA VAL B 111 9.04 -5.44 -9.95
C VAL B 111 10.11 -5.93 -10.91
N LEU B 112 11.28 -6.22 -10.37
CA LEU B 112 12.39 -6.66 -11.20
C LEU B 112 12.57 -8.15 -11.10
N SER B 113 12.86 -8.77 -12.23
CA SER B 113 13.18 -10.17 -12.28
C SER B 113 14.53 -10.33 -12.97
N ARG B 114 15.32 -11.29 -12.51
CA ARG B 114 16.68 -11.48 -13.01
C ARG B 114 16.67 -12.18 -14.38
N LYS B 115 15.48 -12.32 -14.96
CA LYS B 115 15.29 -12.97 -16.27
C LYS B 115 15.41 -14.49 -16.13
N ALA B 116 16.57 -14.95 -15.72
CA ALA B 116 16.79 -16.36 -15.48
C ALA B 116 16.38 -16.72 -14.04
N THR B 117 15.15 -16.37 -13.69
CA THR B 117 14.65 -16.57 -12.34
C THR B 117 13.95 -17.92 -12.19
N ARG B 118 13.82 -18.64 -13.29
CA ARG B 118 13.19 -19.95 -13.26
C ARG B 118 14.17 -21.00 -13.75
N SER A 1 -3.06 -27.16 -5.50
CA SER A 1 -3.25 -25.90 -6.24
C SER A 1 -2.06 -24.96 -5.99
N SER A 2 -1.05 -25.07 -6.84
CA SER A 2 0.12 -24.23 -6.76
C SER A 2 0.62 -23.88 -8.15
N THR A 3 0.97 -22.62 -8.36
CA THR A 3 1.44 -22.16 -9.64
C THR A 3 2.23 -20.86 -9.46
N HIS A 4 3.08 -20.55 -10.42
CA HIS A 4 3.89 -19.34 -10.36
C HIS A 4 4.01 -18.68 -11.73
N PRO A 5 2.96 -17.95 -12.15
CA PRO A 5 2.96 -17.20 -13.42
C PRO A 5 3.90 -16.00 -13.35
N VAL A 6 5.19 -16.30 -13.20
CA VAL A 6 6.25 -15.29 -13.09
C VAL A 6 6.20 -14.58 -11.73
N PHE A 7 5.11 -14.77 -10.99
CA PHE A 7 4.91 -14.12 -9.70
C PHE A 7 5.75 -14.77 -8.59
N HIS A 8 6.79 -15.47 -9.01
CA HIS A 8 7.79 -16.00 -8.10
C HIS A 8 9.10 -16.16 -8.87
N MET A 9 9.19 -15.42 -9.96
CA MET A 9 10.31 -15.51 -10.89
C MET A 9 10.83 -14.12 -11.20
N GLY A 10 9.90 -13.19 -11.39
CA GLY A 10 10.26 -11.83 -11.70
C GLY A 10 9.58 -10.83 -10.80
N GLU A 11 9.46 -11.18 -9.53
CA GLU A 11 8.82 -10.30 -8.57
C GLU A 11 9.85 -9.69 -7.63
N PHE A 12 11.06 -9.54 -8.13
CA PHE A 12 12.12 -8.91 -7.35
C PHE A 12 11.88 -7.41 -7.27
N SER A 13 11.75 -6.93 -6.05
CA SER A 13 11.48 -5.51 -5.82
C SER A 13 12.76 -4.70 -5.99
N VAL A 14 12.62 -3.50 -6.54
CA VAL A 14 13.74 -2.59 -6.77
C VAL A 14 14.44 -2.20 -5.47
N CYS A 15 13.73 -2.35 -4.36
CA CYS A 15 14.26 -2.08 -3.05
C CYS A 15 13.72 -3.12 -2.06
N ASP A 16 14.48 -3.43 -1.03
CA ASP A 16 14.06 -4.42 -0.05
C ASP A 16 13.12 -3.79 0.98
N SER A 17 12.08 -4.53 1.33
CA SER A 17 11.05 -4.03 2.23
C SER A 17 10.63 -5.09 3.23
N VAL A 18 10.21 -4.64 4.40
CA VAL A 18 9.70 -5.54 5.42
C VAL A 18 8.27 -5.14 5.83
N SER A 19 7.33 -6.03 5.61
CA SER A 19 5.94 -5.78 5.96
C SER A 19 5.64 -6.33 7.35
N VAL A 20 5.15 -5.47 8.23
CA VAL A 20 4.87 -5.85 9.60
C VAL A 20 3.39 -5.65 9.91
N TRP A 21 2.83 -6.62 10.62
CA TRP A 21 1.47 -6.50 11.12
C TRP A 21 1.50 -6.01 12.56
N VAL A 22 1.34 -4.71 12.73
CA VAL A 22 1.39 -4.10 14.04
C VAL A 22 0.09 -4.35 14.78
N GLY A 23 0.18 -4.99 15.94
CA GLY A 23 -1.01 -5.31 16.70
C GLY A 23 -1.13 -4.47 17.95
N ASP A 24 -0.25 -3.49 18.10
CA ASP A 24 -0.25 -2.61 19.27
C ASP A 24 0.21 -1.21 18.91
N LYS A 25 -0.32 -0.66 17.82
CA LYS A 25 0.01 0.69 17.42
C LYS A 25 -0.64 1.68 18.38
N THR A 26 0.13 2.65 18.86
CA THR A 26 -0.36 3.54 19.90
C THR A 26 -0.75 4.92 19.36
N THR A 27 -0.04 5.40 18.35
CA THR A 27 -0.29 6.71 17.80
C THR A 27 -0.16 6.73 16.29
N ALA A 28 -0.96 7.56 15.64
CA ALA A 28 -0.88 7.74 14.21
C ALA A 28 -1.28 9.17 13.83
N THR A 29 -1.06 9.51 12.58
CA THR A 29 -1.42 10.82 12.08
C THR A 29 -2.62 10.72 11.16
N ASP A 30 -3.70 11.38 11.54
CA ASP A 30 -4.92 11.43 10.73
C ASP A 30 -4.66 12.22 9.46
N ILE A 31 -5.51 12.02 8.46
CA ILE A 31 -5.37 12.69 7.17
C ILE A 31 -5.42 14.21 7.30
N LYS A 32 -6.00 14.69 8.40
CA LYS A 32 -6.08 16.11 8.66
C LYS A 32 -4.80 16.65 9.28
N GLY A 33 -3.90 15.74 9.65
CA GLY A 33 -2.63 16.14 10.23
C GLY A 33 -2.66 16.12 11.74
N LYS A 34 -3.65 15.43 12.31
CA LYS A 34 -3.77 15.32 13.75
C LYS A 34 -3.10 14.05 14.27
N GLU A 35 -2.43 14.15 15.39
CA GLU A 35 -1.87 12.98 16.05
C GLU A 35 -2.93 12.34 16.92
N VAL A 36 -3.33 11.14 16.58
CA VAL A 36 -4.39 10.46 17.27
C VAL A 36 -3.90 9.17 17.92
N THR A 37 -4.56 8.80 19.02
CA THR A 37 -4.22 7.59 19.73
C THR A 37 -4.90 6.41 19.07
N VAL A 38 -4.11 5.47 18.58
CA VAL A 38 -4.62 4.34 17.85
C VAL A 38 -5.09 3.26 18.81
N LEU A 39 -6.25 2.69 18.53
CA LEU A 39 -6.79 1.63 19.34
C LEU A 39 -6.62 0.30 18.59
N ALA A 40 -5.66 -0.49 19.06
CA ALA A 40 -5.41 -1.79 18.45
C ALA A 40 -6.60 -2.70 18.64
N GLU A 41 -7.33 -2.44 19.72
CA GLU A 41 -8.58 -3.12 19.98
C GLU A 41 -9.73 -2.18 19.72
N VAL A 42 -10.67 -2.58 18.90
CA VAL A 42 -11.76 -1.71 18.54
C VAL A 42 -12.91 -1.87 19.53
N ASN A 43 -13.29 -0.76 20.14
CA ASN A 43 -14.35 -0.75 21.12
C ASN A 43 -15.69 -0.58 20.44
N ILE A 44 -16.37 -1.69 20.23
CA ILE A 44 -17.69 -1.71 19.64
C ILE A 44 -18.66 -2.27 20.67
N ASN A 45 -19.90 -1.81 20.65
CA ASN A 45 -20.90 -2.28 21.60
C ASN A 45 -21.08 -3.79 21.49
N ASN A 46 -20.60 -4.49 22.51
CA ASN A 46 -20.68 -5.95 22.59
C ASN A 46 -19.73 -6.60 21.58
N SER A 47 -18.64 -5.92 21.25
CA SER A 47 -17.61 -6.49 20.38
C SER A 47 -16.27 -5.78 20.58
N VAL A 48 -15.29 -6.52 21.09
CA VAL A 48 -13.94 -5.99 21.29
C VAL A 48 -12.92 -6.98 20.74
N PHE A 49 -12.19 -6.56 19.71
CA PHE A 49 -11.21 -7.43 19.08
C PHE A 49 -10.04 -6.63 18.51
N ARG A 50 -8.90 -7.29 18.34
CA ARG A 50 -7.68 -6.63 17.89
C ARG A 50 -7.65 -6.56 16.36
N GLN A 51 -7.48 -5.34 15.86
CA GLN A 51 -7.40 -5.10 14.43
C GLN A 51 -6.00 -4.64 14.05
N TYR A 52 -5.21 -5.56 13.52
CA TYR A 52 -3.79 -5.31 13.25
C TYR A 52 -3.62 -4.28 12.12
N PHE A 53 -2.38 -3.79 11.96
CA PHE A 53 -2.07 -2.81 10.94
C PHE A 53 -0.93 -3.30 10.05
N PHE A 54 -1.07 -3.09 8.75
CA PHE A 54 -0.06 -3.50 7.80
C PHE A 54 0.89 -2.34 7.50
N GLU A 55 2.07 -2.37 8.10
CA GLU A 55 3.05 -1.31 7.88
C GLU A 55 4.34 -1.90 7.32
N THR A 56 4.73 -1.41 6.15
CA THR A 56 5.93 -1.89 5.49
C THR A 56 7.04 -0.84 5.58
N LYS A 57 8.21 -1.26 6.03
CA LYS A 57 9.35 -0.38 6.16
C LYS A 57 10.43 -0.78 5.17
N CYS A 58 11.30 0.16 4.84
CA CYS A 58 12.39 -0.10 3.91
C CYS A 58 13.53 -0.82 4.63
N ARG A 59 13.92 -1.97 4.10
CA ARG A 59 15.05 -2.72 4.65
C ARG A 59 16.36 -2.13 4.15
N ALA A 60 16.88 -1.15 4.88
CA ALA A 60 18.09 -0.44 4.49
C ALA A 60 17.89 0.25 3.15
N SER A 61 17.36 1.46 3.19
CA SER A 61 17.04 2.22 1.99
C SER A 61 18.23 2.31 1.05
N ASN A 62 17.96 2.10 -0.24
CA ASN A 62 18.98 2.15 -1.29
C ASN A 62 19.92 0.95 -1.18
N PRO A 63 19.48 -0.22 -1.72
CA PRO A 63 20.25 -1.47 -1.63
C PRO A 63 21.61 -1.39 -2.32
N VAL A 64 21.72 -0.52 -3.31
CA VAL A 64 22.96 -0.33 -4.03
C VAL A 64 23.48 1.09 -3.85
N GLU A 65 24.77 1.28 -4.08
CA GLU A 65 25.43 2.55 -3.82
C GLU A 65 24.99 3.63 -4.80
N SER A 66 24.25 3.24 -5.83
CA SER A 66 23.73 4.18 -6.81
C SER A 66 22.23 4.38 -6.60
N GLY A 67 21.73 3.99 -5.43
CA GLY A 67 20.34 4.16 -5.12
C GLY A 67 19.57 2.86 -5.17
N CYS A 68 18.77 2.69 -6.21
CA CYS A 68 17.98 1.49 -6.38
C CYS A 68 18.51 0.68 -7.56
N ARG A 69 18.43 -0.64 -7.43
CA ARG A 69 19.01 -1.55 -8.40
C ARG A 69 18.30 -1.47 -9.75
N GLY A 70 19.04 -1.10 -10.78
CA GLY A 70 18.48 -1.06 -12.11
C GLY A 70 18.37 0.36 -12.64
N ILE A 71 18.23 1.32 -11.74
CA ILE A 71 18.04 2.72 -12.12
C ILE A 71 19.35 3.34 -12.61
N ASP A 72 19.27 4.06 -13.73
CA ASP A 72 20.42 4.79 -14.25
C ASP A 72 20.74 5.97 -13.34
N SER A 73 21.90 5.92 -12.71
CA SER A 73 22.29 6.91 -11.71
C SER A 73 22.91 8.15 -12.35
N LYS A 74 22.91 8.22 -13.67
CA LYS A 74 23.48 9.36 -14.36
C LYS A 74 22.38 10.36 -14.71
N HIS A 75 21.27 9.85 -15.20
CA HIS A 75 20.13 10.68 -15.57
C HIS A 75 19.18 10.84 -14.39
N TRP A 76 19.13 9.83 -13.55
CA TRP A 76 18.21 9.81 -12.43
C TRP A 76 18.96 9.50 -11.13
N ASN A 77 18.38 9.93 -10.03
CA ASN A 77 18.79 9.44 -8.72
C ASN A 77 17.56 8.90 -8.03
N SER A 78 17.72 7.81 -7.31
CA SER A 78 16.59 7.15 -6.70
C SER A 78 16.90 6.77 -5.27
N TYR A 79 15.89 6.87 -4.43
CA TYR A 79 16.01 6.44 -3.05
C TYR A 79 14.71 5.82 -2.56
N CYS A 80 14.84 4.89 -1.63
CA CYS A 80 13.70 4.15 -1.12
C CYS A 80 12.93 4.97 -0.10
N THR A 81 11.66 5.19 -0.38
CA THR A 81 10.80 5.94 0.51
C THR A 81 9.51 5.17 0.73
N THR A 82 9.11 5.04 1.99
CA THR A 82 7.87 4.36 2.31
C THR A 82 6.67 5.25 1.98
N THR A 83 5.81 4.75 1.11
CA THR A 83 4.63 5.49 0.71
C THR A 83 3.55 5.39 1.79
N HIS A 84 2.89 6.51 2.03
CA HIS A 84 1.94 6.61 3.13
C HIS A 84 0.52 6.54 2.58
N THR A 85 -0.28 5.64 3.12
CA THR A 85 -1.66 5.52 2.73
C THR A 85 -2.54 5.81 3.94
N PHE A 86 -3.78 6.18 3.72
CA PHE A 86 -4.68 6.52 4.80
C PHE A 86 -5.66 5.39 5.03
N VAL A 87 -5.59 4.77 6.19
CA VAL A 87 -6.43 3.63 6.49
C VAL A 87 -7.47 3.96 7.56
N LYS A 88 -8.62 3.33 7.42
CA LYS A 88 -9.74 3.52 8.34
C LYS A 88 -9.54 2.71 9.62
N ALA A 89 -9.10 3.37 10.67
CA ALA A 89 -8.86 2.72 11.94
C ALA A 89 -9.57 3.47 13.07
N LEU A 90 -9.99 2.74 14.08
CA LEU A 90 -10.62 3.35 15.24
C LEU A 90 -9.55 4.02 16.10
N THR A 91 -9.58 5.33 16.16
CA THR A 91 -8.60 6.09 16.90
C THR A 91 -9.30 7.07 17.82
N THR A 92 -8.60 7.53 18.85
CA THR A 92 -9.15 8.54 19.73
C THR A 92 -8.27 9.77 19.73
N ASP A 93 -8.86 10.90 19.38
CA ASP A 93 -8.13 12.17 19.29
C ASP A 93 -7.96 12.77 20.68
N GLU A 94 -8.83 12.37 21.60
CA GLU A 94 -8.82 12.89 22.95
C GLU A 94 -9.63 11.98 23.88
N LYS A 95 -10.94 11.95 23.67
CA LYS A 95 -11.82 11.16 24.51
C LYS A 95 -12.58 10.12 23.70
N GLN A 96 -13.26 10.59 22.66
CA GLN A 96 -14.11 9.72 21.86
C GLN A 96 -13.29 8.89 20.89
N ALA A 97 -13.80 7.72 20.55
CA ALA A 97 -13.18 6.85 19.57
C ALA A 97 -13.91 6.95 18.25
N ALA A 98 -13.17 7.21 17.18
CA ALA A 98 -13.78 7.39 15.88
C ALA A 98 -12.97 6.66 14.80
N TRP A 99 -13.66 6.16 13.79
CA TRP A 99 -13.01 5.50 12.67
C TRP A 99 -12.42 6.54 11.74
N ARG A 100 -11.15 6.83 11.94
CA ARG A 100 -10.45 7.87 11.22
C ARG A 100 -9.53 7.27 10.17
N PHE A 101 -9.14 8.08 9.21
CA PHE A 101 -8.20 7.66 8.19
C PHE A 101 -6.80 8.15 8.55
N ILE A 102 -5.93 7.21 8.92
CA ILE A 102 -4.60 7.55 9.41
C ILE A 102 -3.53 7.07 8.43
N ARG A 103 -2.44 7.82 8.35
CA ARG A 103 -1.36 7.50 7.43
C ARG A 103 -0.48 6.37 7.95
N ILE A 104 -0.50 5.25 7.26
CA ILE A 104 0.43 4.18 7.54
C ILE A 104 1.34 3.98 6.33
N ASP A 105 2.53 3.53 6.59
CA ASP A 105 3.50 3.29 5.52
C ASP A 105 3.25 1.91 4.94
N THR A 106 2.70 1.85 3.75
CA THR A 106 2.21 0.59 3.22
C THR A 106 3.23 -0.13 2.35
N ALA A 107 4.17 0.61 1.77
CA ALA A 107 5.14 0.01 0.88
C ALA A 107 6.38 0.89 0.75
N CYS A 108 7.48 0.31 0.32
CA CYS A 108 8.71 1.05 0.11
C CYS A 108 8.96 1.20 -1.38
N VAL A 109 8.94 2.43 -1.86
CA VAL A 109 9.04 2.70 -3.28
C VAL A 109 10.30 3.48 -3.61
N CYS A 110 10.87 3.21 -4.77
CA CYS A 110 12.03 3.95 -5.23
C CYS A 110 11.59 5.16 -6.02
N VAL A 111 11.84 6.34 -5.47
CA VAL A 111 11.44 7.57 -6.13
C VAL A 111 12.56 8.07 -7.05
N LEU A 112 12.19 8.66 -8.17
CA LEU A 112 13.16 9.14 -9.13
C LEU A 112 13.28 10.66 -9.10
N SER A 113 14.50 11.15 -9.20
CA SER A 113 14.74 12.58 -9.32
C SER A 113 15.74 12.83 -10.44
N ARG A 114 15.57 13.95 -11.14
CA ARG A 114 16.37 14.28 -12.32
C ARG A 114 17.78 14.75 -11.94
N LYS A 115 18.10 14.64 -10.65
CA LYS A 115 19.41 15.06 -10.13
C LYS A 115 19.60 16.56 -10.32
N ALA A 116 18.49 17.29 -10.24
CA ALA A 116 18.50 18.73 -10.43
C ALA A 116 17.44 19.38 -9.57
N THR A 117 17.80 20.47 -8.93
CA THR A 117 16.87 21.20 -8.09
C THR A 117 16.08 22.22 -8.90
N ARG A 118 14.90 22.56 -8.43
CA ARG A 118 14.06 23.54 -9.10
C ARG A 118 14.40 24.91 -8.57
N SER B 1 1.91 27.07 6.41
CA SER B 1 2.74 25.87 6.63
C SER B 1 2.83 25.05 5.34
N SER B 2 3.85 25.33 4.54
CA SER B 2 4.07 24.60 3.30
C SER B 2 5.56 24.42 3.06
N THR B 3 5.96 23.23 2.67
CA THR B 3 7.35 22.93 2.41
C THR B 3 7.47 21.71 1.51
N HIS B 4 8.60 21.58 0.84
CA HIS B 4 8.82 20.46 -0.07
C HIS B 4 10.25 19.94 0.04
N PRO B 5 10.54 19.14 1.08
CA PRO B 5 11.85 18.51 1.26
C PRO B 5 12.09 17.41 0.23
N VAL B 6 12.16 17.83 -1.03
CA VAL B 6 12.38 16.93 -2.17
C VAL B 6 11.11 16.10 -2.46
N PHE B 7 10.15 16.12 -1.52
CA PHE B 7 8.92 15.34 -1.65
C PHE B 7 7.93 15.98 -2.63
N HIS B 8 8.47 16.83 -3.50
CA HIS B 8 7.70 17.37 -4.62
C HIS B 8 8.69 17.72 -5.72
N MET B 9 9.86 17.10 -5.64
CA MET B 9 10.96 17.38 -6.56
C MET B 9 11.51 16.09 -7.12
N GLY B 10 11.62 15.08 -6.25
CA GLY B 10 12.15 13.80 -6.66
C GLY B 10 11.24 12.67 -6.27
N GLU B 11 9.94 12.89 -6.38
CA GLU B 11 8.97 11.87 -6.02
C GLU B 11 8.31 11.30 -7.26
N PHE B 12 9.05 11.31 -8.35
CA PHE B 12 8.56 10.73 -9.60
C PHE B 12 8.59 9.21 -9.50
N SER B 13 7.42 8.60 -9.67
CA SER B 13 7.30 7.17 -9.56
C SER B 13 7.80 6.50 -10.85
N VAL B 14 8.43 5.34 -10.71
CA VAL B 14 8.97 4.58 -11.83
C VAL B 14 7.87 4.16 -12.81
N CYS B 15 6.64 4.15 -12.32
CA CYS B 15 5.49 3.81 -13.14
C CYS B 15 4.32 4.69 -12.72
N ASP B 16 3.41 4.99 -13.64
CA ASP B 16 2.27 5.85 -13.32
C ASP B 16 1.16 5.05 -12.68
N SER B 17 0.53 5.64 -11.67
CA SER B 17 -0.48 4.95 -10.89
C SER B 17 -1.65 5.87 -10.59
N VAL B 18 -2.83 5.29 -10.44
CA VAL B 18 -4.02 6.03 -10.07
C VAL B 18 -4.64 5.45 -8.81
N SER B 19 -4.70 6.26 -7.76
CA SER B 19 -5.29 5.83 -6.50
C SER B 19 -6.76 6.22 -6.43
N VAL B 20 -7.62 5.25 -6.20
CA VAL B 20 -9.05 5.47 -6.17
C VAL B 20 -9.62 5.11 -4.81
N TRP B 21 -10.52 5.93 -4.32
CA TRP B 21 -11.25 5.63 -3.11
C TRP B 21 -12.60 5.04 -3.47
N VAL B 22 -12.66 3.71 -3.47
CA VAL B 22 -13.86 3.00 -3.82
C VAL B 22 -14.87 3.04 -2.68
N GLY B 23 -16.04 3.58 -2.94
CA GLY B 23 -17.04 3.71 -1.91
C GLY B 23 -18.21 2.76 -2.11
N ASP B 24 -18.08 1.86 -3.09
CA ASP B 24 -19.14 0.89 -3.39
C ASP B 24 -18.55 -0.42 -3.89
N LYS B 25 -17.53 -0.91 -3.21
CA LYS B 25 -16.91 -2.19 -3.56
C LYS B 25 -17.88 -3.32 -3.20
N THR B 26 -18.10 -4.25 -4.12
CA THR B 26 -19.12 -5.26 -3.94
C THR B 26 -18.52 -6.63 -3.57
N THR B 27 -17.34 -6.94 -4.10
CA THR B 27 -16.72 -8.22 -3.84
C THR B 27 -15.21 -8.08 -3.66
N ALA B 28 -14.64 -8.95 -2.83
CA ALA B 28 -13.21 -8.99 -2.64
C ALA B 28 -12.77 -10.40 -2.31
N THR B 29 -11.47 -10.62 -2.31
CA THR B 29 -10.92 -11.92 -1.96
C THR B 29 -10.26 -11.85 -0.59
N ASP B 30 -10.76 -12.66 0.32
CA ASP B 30 -10.21 -12.76 1.67
C ASP B 30 -8.83 -13.42 1.62
N ILE B 31 -8.04 -13.21 2.65
CA ILE B 31 -6.68 -13.75 2.72
C ILE B 31 -6.66 -15.27 2.62
N LYS B 32 -7.80 -15.90 2.92
CA LYS B 32 -7.92 -17.35 2.84
C LYS B 32 -8.22 -17.79 1.40
N GLY B 33 -8.51 -16.83 0.54
CA GLY B 33 -8.79 -17.14 -0.85
C GLY B 33 -10.28 -17.25 -1.13
N LYS B 34 -11.09 -16.72 -0.22
CA LYS B 34 -12.53 -16.76 -0.39
C LYS B 34 -13.03 -15.48 -1.03
N GLU B 35 -14.00 -15.61 -1.92
CA GLU B 35 -14.64 -14.44 -2.50
C GLU B 35 -15.77 -14.00 -1.58
N VAL B 36 -15.63 -12.82 -1.02
CA VAL B 36 -16.60 -12.32 -0.06
C VAL B 36 -17.27 -11.05 -0.56
N THR B 37 -18.50 -10.84 -0.12
CA THR B 37 -19.26 -9.67 -0.49
C THR B 37 -18.86 -8.51 0.42
N VAL B 38 -18.34 -7.46 -0.18
CA VAL B 38 -17.85 -6.33 0.56
C VAL B 38 -18.99 -5.39 0.92
N LEU B 39 -18.99 -4.93 2.16
CA LEU B 39 -19.99 -3.98 2.61
C LEU B 39 -19.38 -2.60 2.70
N ALA B 40 -19.73 -1.74 1.75
CA ALA B 40 -19.23 -0.38 1.73
C ALA B 40 -19.74 0.38 2.94
N GLU B 41 -20.90 -0.04 3.42
CA GLU B 41 -21.47 0.48 4.64
C GLU B 41 -21.33 -0.57 5.72
N VAL B 42 -20.76 -0.19 6.84
CA VAL B 42 -20.52 -1.13 7.91
C VAL B 42 -21.72 -1.18 8.85
N ASN B 43 -22.27 -2.38 8.99
CA ASN B 43 -23.43 -2.57 9.84
C ASN B 43 -23.00 -2.82 11.27
N ILE B 44 -23.05 -1.77 12.06
CA ILE B 44 -22.74 -1.85 13.47
C ILE B 44 -23.99 -1.49 14.26
N ASN B 45 -24.15 -2.07 15.43
CA ASN B 45 -25.31 -1.78 16.27
C ASN B 45 -25.39 -0.30 16.59
N ASN B 46 -26.38 0.36 15.98
CA ASN B 46 -26.62 1.79 16.17
C ASN B 46 -25.52 2.63 15.49
N SER B 47 -24.93 2.09 14.44
CA SER B 47 -23.93 2.83 13.65
C SER B 47 -23.81 2.25 12.25
N VAL B 48 -24.19 3.04 11.26
CA VAL B 48 -24.07 2.64 9.85
C VAL B 48 -23.43 3.76 9.05
N PHE B 49 -22.25 3.53 8.50
CA PHE B 49 -21.55 4.55 7.75
C PHE B 49 -20.68 3.92 6.66
N ARG B 50 -20.38 4.71 5.63
CA ARG B 50 -19.62 4.23 4.48
C ARG B 50 -18.12 4.28 4.75
N GLN B 51 -17.47 3.15 4.57
CA GLN B 51 -16.04 3.04 4.78
C GLN B 51 -15.35 2.76 3.44
N TYR B 52 -14.78 3.80 2.84
CA TYR B 52 -14.21 3.71 1.50
C TYR B 52 -12.97 2.82 1.46
N PHE B 53 -12.53 2.48 0.26
CA PHE B 53 -11.37 1.62 0.06
C PHE B 53 -10.33 2.30 -0.83
N PHE B 54 -9.07 2.19 -0.45
CA PHE B 54 -7.98 2.80 -1.21
C PHE B 54 -7.39 1.77 -2.17
N GLU B 55 -7.76 1.86 -3.44
CA GLU B 55 -7.24 0.93 -4.44
C GLU B 55 -6.51 1.69 -5.54
N THR B 56 -5.25 1.36 -5.73
CA THR B 56 -4.41 2.02 -6.73
C THR B 56 -4.18 1.09 -7.91
N LYS B 57 -4.45 1.59 -9.11
CA LYS B 57 -4.25 0.81 -10.33
C LYS B 57 -3.12 1.42 -11.15
N CYS B 58 -2.54 0.60 -12.01
CA CYS B 58 -1.46 1.05 -12.87
C CYS B 58 -2.01 1.83 -14.07
N ARG B 59 -1.54 3.05 -14.25
CA ARG B 59 -1.94 3.86 -15.39
C ARG B 59 -1.14 3.46 -16.62
N ALA B 60 -1.65 2.48 -17.35
CA ALA B 60 -0.96 1.93 -18.53
C ALA B 60 0.39 1.35 -18.11
N SER B 61 0.37 0.09 -17.70
CA SER B 61 1.55 -0.59 -17.22
C SER B 61 2.71 -0.48 -18.20
N ASN B 62 3.89 -0.18 -17.66
CA ASN B 62 5.12 -0.05 -18.44
C ASN B 62 5.06 1.24 -19.28
N PRO B 63 5.38 2.40 -18.65
CA PRO B 63 5.31 3.70 -19.30
C PRO B 63 6.24 3.82 -20.51
N VAL B 64 7.33 3.05 -20.49
CA VAL B 64 8.29 3.07 -21.58
C VAL B 64 8.37 1.69 -22.23
N GLU B 65 8.86 1.67 -23.46
CA GLU B 65 8.86 0.44 -24.26
C GLU B 65 9.86 -0.59 -23.73
N SER B 66 10.68 -0.18 -22.77
CA SER B 66 11.62 -1.08 -22.14
C SER B 66 11.16 -1.45 -20.73
N GLY B 67 9.88 -1.22 -20.46
CA GLY B 67 9.32 -1.56 -19.17
C GLY B 67 9.10 -0.35 -18.31
N CYS B 68 9.94 -0.19 -17.30
CA CYS B 68 9.83 0.95 -16.40
C CYS B 68 10.99 1.91 -16.60
N ARG B 69 10.71 3.20 -16.44
CA ARG B 69 11.67 4.25 -16.74
C ARG B 69 12.86 4.21 -15.79
N GLY B 70 14.05 4.00 -16.33
CA GLY B 70 15.24 4.02 -15.52
C GLY B 70 15.89 2.65 -15.42
N ILE B 71 15.09 1.61 -15.54
CA ILE B 71 15.56 0.23 -15.41
C ILE B 71 16.35 -0.20 -16.64
N ASP B 72 17.51 -0.83 -16.39
CA ASP B 72 18.31 -1.38 -17.47
C ASP B 72 17.61 -2.60 -18.07
N SER B 73 17.22 -2.49 -19.33
CA SER B 73 16.42 -3.51 -19.98
C SER B 73 17.30 -4.62 -20.58
N LYS B 74 18.59 -4.57 -20.32
CA LYS B 74 19.50 -5.59 -20.83
C LYS B 74 19.74 -6.66 -19.78
N HIS B 75 19.94 -6.22 -18.55
CA HIS B 75 20.17 -7.14 -17.44
C HIS B 75 18.86 -7.50 -16.75
N TRP B 76 17.92 -6.56 -16.78
CA TRP B 76 16.65 -6.74 -16.11
C TRP B 76 15.49 -6.47 -17.07
N ASN B 77 14.36 -7.05 -16.77
CA ASN B 77 13.11 -6.64 -17.39
C ASN B 77 12.13 -6.30 -16.29
N SER B 78 11.35 -5.26 -16.50
CA SER B 78 10.47 -4.78 -15.45
C SER B 78 9.09 -4.50 -16.00
N TYR B 79 8.08 -4.77 -15.19
CA TYR B 79 6.72 -4.45 -15.57
C TYR B 79 5.94 -4.02 -14.33
N CYS B 80 4.95 -3.16 -14.58
CA CYS B 80 4.16 -2.59 -13.50
C CYS B 80 3.10 -3.57 -13.02
N THR B 81 3.15 -3.89 -11.75
CA THR B 81 2.19 -4.80 -11.14
C THR B 81 1.65 -4.20 -9.86
N THR B 82 0.34 -4.21 -9.72
CA THR B 82 -0.29 -3.71 -8.52
C THR B 82 -0.10 -4.67 -7.36
N THR B 83 0.53 -4.19 -6.30
CA THR B 83 0.78 -5.02 -5.13
C THR B 83 -0.49 -5.13 -4.29
N HIS B 84 -0.73 -6.33 -3.78
CA HIS B 84 -1.97 -6.62 -3.08
C HIS B 84 -1.72 -6.65 -1.57
N THR B 85 -2.50 -5.88 -0.84
CA THR B 85 -2.40 -5.88 0.61
C THR B 85 -3.73 -6.36 1.19
N PHE B 86 -3.69 -6.84 2.42
CA PHE B 86 -4.89 -7.36 3.05
C PHE B 86 -5.42 -6.37 4.06
N VAL B 87 -6.61 -5.83 3.81
CA VAL B 87 -7.18 -4.83 4.68
C VAL B 87 -8.39 -5.34 5.44
N LYS B 88 -8.54 -4.84 6.64
CA LYS B 88 -9.63 -5.22 7.53
C LYS B 88 -10.92 -4.50 7.16
N ALA B 89 -11.79 -5.21 6.46
CA ALA B 89 -13.07 -4.65 6.03
C ALA B 89 -14.21 -5.57 6.43
N LEU B 90 -15.36 -4.97 6.70
CA LEU B 90 -16.55 -5.75 7.03
C LEU B 90 -17.12 -6.37 5.76
N THR B 91 -17.03 -7.67 5.66
CA THR B 91 -17.49 -8.39 4.49
C THR B 91 -18.42 -9.51 4.90
N THR B 92 -19.24 -9.99 3.98
CA THR B 92 -20.10 -11.12 4.25
C THR B 92 -19.80 -12.26 3.29
N ASP B 93 -19.45 -13.41 3.83
CA ASP B 93 -19.11 -14.56 3.03
C ASP B 93 -20.37 -15.28 2.55
N GLU B 94 -21.47 -15.04 3.24
CA GLU B 94 -22.73 -15.67 2.91
C GLU B 94 -23.88 -14.95 3.59
N LYS B 95 -23.93 -15.03 4.92
CA LYS B 95 -25.01 -14.41 5.68
C LYS B 95 -24.48 -13.39 6.68
N GLN B 96 -23.54 -13.82 7.51
CA GLN B 96 -23.01 -12.98 8.57
C GLN B 96 -21.99 -12.00 8.03
N ALA B 97 -21.88 -10.86 8.70
CA ALA B 97 -20.90 -9.86 8.35
C ALA B 97 -19.73 -9.91 9.33
N ALA B 98 -18.52 -10.01 8.80
CA ALA B 98 -17.34 -10.13 9.63
C ALA B 98 -16.23 -9.23 9.12
N TRP B 99 -15.42 -8.73 10.05
CA TRP B 99 -14.28 -7.91 9.70
C TRP B 99 -13.14 -8.79 9.21
N ARG B 100 -13.06 -8.95 7.91
CA ARG B 100 -12.12 -9.86 7.28
C ARG B 100 -10.98 -9.07 6.65
N PHE B 101 -9.88 -9.76 6.39
CA PHE B 101 -8.76 -9.15 5.71
C PHE B 101 -8.78 -9.52 4.23
N ILE B 102 -9.09 -8.54 3.39
CA ILE B 102 -9.26 -8.77 1.96
C ILE B 102 -8.16 -8.11 1.16
N ARG B 103 -7.79 -8.73 0.04
CA ARG B 103 -6.71 -8.22 -0.80
C ARG B 103 -7.19 -7.05 -1.66
N ILE B 104 -6.63 -5.89 -1.42
CA ILE B 104 -6.83 -4.75 -2.28
C ILE B 104 -5.50 -4.35 -2.90
N ASP B 105 -5.57 -3.80 -4.10
CA ASP B 105 -4.37 -3.37 -4.80
C ASP B 105 -4.00 -1.98 -4.33
N THR B 106 -2.94 -1.88 -3.55
CA THR B 106 -2.65 -0.64 -2.84
C THR B 106 -1.68 0.26 -3.62
N ALA B 107 -0.86 -0.32 -4.47
CA ALA B 107 0.13 0.45 -5.20
C ALA B 107 0.58 -0.28 -6.45
N CYS B 108 1.16 0.45 -7.39
CA CYS B 108 1.67 -0.13 -8.61
C CYS B 108 3.19 -0.13 -8.57
N VAL B 109 3.78 -1.31 -8.55
CA VAL B 109 5.22 -1.45 -8.39
C VAL B 109 5.86 -2.05 -9.62
N CYS B 110 7.07 -1.63 -9.93
CA CYS B 110 7.83 -2.20 -11.03
C CYS B 110 8.63 -3.39 -10.53
N VAL B 111 8.27 -4.57 -11.00
CA VAL B 111 8.96 -5.79 -10.58
C VAL B 111 10.13 -6.08 -11.53
N LEU B 112 11.22 -6.61 -11.00
CA LEU B 112 12.40 -6.89 -11.80
C LEU B 112 12.54 -8.40 -12.04
N SER B 113 12.93 -8.75 -13.26
CA SER B 113 13.23 -10.12 -13.59
C SER B 113 14.56 -10.17 -14.35
N ARG B 114 15.32 -11.24 -14.14
CA ARG B 114 16.67 -11.38 -14.72
C ARG B 114 16.61 -11.73 -16.21
N LYS B 115 15.40 -11.69 -16.78
CA LYS B 115 15.19 -12.02 -18.19
C LYS B 115 15.57 -13.47 -18.47
N ALA B 116 15.35 -14.31 -17.47
CA ALA B 116 15.70 -15.71 -17.56
C ALA B 116 14.72 -16.55 -16.74
N THR B 117 14.29 -17.66 -17.32
CA THR B 117 13.36 -18.55 -16.65
C THR B 117 14.11 -19.57 -15.81
N ARG B 118 13.45 -20.07 -14.77
CA ARG B 118 14.04 -21.06 -13.89
C ARG B 118 13.73 -22.45 -14.46
N SER A 1 1.55 -18.46 -14.99
CA SER A 1 1.91 -19.39 -13.90
C SER A 1 0.69 -20.22 -13.49
N SER A 2 0.74 -21.51 -13.78
CA SER A 2 -0.30 -22.42 -13.38
C SER A 2 0.28 -23.61 -12.62
N THR A 3 1.14 -24.36 -13.30
CA THR A 3 1.83 -25.47 -12.67
C THR A 3 3.17 -25.02 -12.11
N HIS A 4 3.76 -24.03 -12.77
CA HIS A 4 5.05 -23.49 -12.37
C HIS A 4 4.90 -22.02 -12.00
N PRO A 5 5.13 -21.67 -10.74
CA PRO A 5 5.06 -20.28 -10.28
C PRO A 5 6.28 -19.49 -10.71
N VAL A 6 6.06 -18.47 -11.55
CA VAL A 6 7.15 -17.64 -12.03
C VAL A 6 7.34 -16.45 -11.08
N PHE A 7 7.72 -16.74 -9.84
CA PHE A 7 7.94 -15.70 -8.86
C PHE A 7 9.39 -15.25 -8.86
N HIS A 8 10.26 -16.09 -9.41
CA HIS A 8 11.69 -15.78 -9.47
C HIS A 8 11.95 -14.70 -10.53
N MET A 9 10.89 -14.32 -11.22
CA MET A 9 10.92 -13.20 -12.15
C MET A 9 9.66 -12.37 -11.98
N GLY A 10 9.14 -12.37 -10.76
CA GLY A 10 7.91 -11.65 -10.47
C GLY A 10 7.93 -10.99 -9.10
N GLU A 11 8.55 -11.66 -8.13
CA GLU A 11 8.68 -11.13 -6.78
C GLU A 11 10.04 -10.46 -6.60
N PHE A 12 10.48 -9.78 -7.65
CA PHE A 12 11.76 -9.07 -7.61
C PHE A 12 11.52 -7.57 -7.63
N SER A 13 11.60 -6.97 -6.46
CA SER A 13 11.36 -5.54 -6.31
C SER A 13 12.66 -4.76 -6.49
N VAL A 14 12.53 -3.49 -6.87
CA VAL A 14 13.67 -2.62 -7.09
C VAL A 14 14.28 -2.17 -5.76
N CYS A 15 13.50 -2.32 -4.69
CA CYS A 15 13.94 -1.94 -3.36
C CYS A 15 13.62 -3.05 -2.37
N ASP A 16 14.41 -3.15 -1.30
CA ASP A 16 14.20 -4.17 -0.30
C ASP A 16 13.36 -3.62 0.84
N SER A 17 12.16 -4.18 1.01
CA SER A 17 11.21 -3.66 1.97
C SER A 17 10.81 -4.72 2.98
N VAL A 18 10.27 -4.29 4.12
CA VAL A 18 9.75 -5.21 5.11
C VAL A 18 8.31 -4.86 5.47
N SER A 19 7.39 -5.78 5.17
CA SER A 19 5.99 -5.59 5.50
C SER A 19 5.68 -6.27 6.84
N VAL A 20 5.20 -5.47 7.79
CA VAL A 20 4.91 -5.96 9.12
C VAL A 20 3.45 -5.78 9.45
N TRP A 21 2.85 -6.77 10.07
CA TRP A 21 1.49 -6.66 10.56
C TRP A 21 1.51 -6.25 12.01
N VAL A 22 1.38 -4.96 12.23
CA VAL A 22 1.52 -4.38 13.55
C VAL A 22 0.20 -4.36 14.30
N GLY A 23 0.20 -4.99 15.47
CA GLY A 23 -0.95 -4.93 16.34
C GLY A 23 -0.59 -4.31 17.67
N ASP A 24 0.46 -3.49 17.66
CA ASP A 24 0.96 -2.85 18.88
C ASP A 24 1.15 -1.35 18.67
N LYS A 25 0.56 -0.82 17.61
CA LYS A 25 0.67 0.61 17.32
C LYS A 25 -0.13 1.40 18.35
N THR A 26 0.49 2.38 18.98
CA THR A 26 -0.17 3.12 20.04
C THR A 26 -0.61 4.51 19.56
N THR A 27 0.10 5.09 18.62
CA THR A 27 -0.23 6.41 18.11
C THR A 27 -0.07 6.50 16.60
N ALA A 28 -0.98 7.22 15.97
CA ALA A 28 -0.93 7.44 14.54
C ALA A 28 -1.44 8.83 14.20
N THR A 29 -1.21 9.26 12.98
CA THR A 29 -1.64 10.57 12.55
C THR A 29 -2.82 10.46 11.57
N ASP A 30 -3.94 11.04 11.96
CA ASP A 30 -5.16 11.02 11.15
C ASP A 30 -4.96 11.86 9.88
N ILE A 31 -5.85 11.71 8.92
CA ILE A 31 -5.77 12.43 7.66
C ILE A 31 -5.80 13.95 7.89
N LYS A 32 -6.49 14.37 8.96
CA LYS A 32 -6.59 15.79 9.28
C LYS A 32 -5.31 16.30 9.91
N GLY A 33 -4.42 15.38 10.27
CA GLY A 33 -3.14 15.75 10.85
C GLY A 33 -3.15 15.69 12.36
N LYS A 34 -4.12 14.99 12.90
CA LYS A 34 -4.25 14.87 14.35
C LYS A 34 -3.58 13.59 14.84
N GLU A 35 -2.89 13.69 15.97
CA GLU A 35 -2.28 12.53 16.58
C GLU A 35 -3.31 11.80 17.42
N VAL A 36 -3.62 10.58 17.02
CA VAL A 36 -4.62 9.78 17.70
C VAL A 36 -4.00 8.54 18.33
N THR A 37 -4.63 8.07 19.39
CA THR A 37 -4.20 6.87 20.06
C THR A 37 -4.88 5.68 19.42
N VAL A 38 -4.08 4.75 18.93
CA VAL A 38 -4.59 3.61 18.20
C VAL A 38 -5.07 2.53 19.16
N LEU A 39 -6.28 2.04 18.94
CA LEU A 39 -6.83 0.98 19.75
C LEU A 39 -6.68 -0.34 19.02
N ALA A 40 -5.61 -1.06 19.32
CA ALA A 40 -5.38 -2.37 18.71
C ALA A 40 -6.52 -3.31 19.08
N GLU A 41 -7.02 -3.14 20.30
CA GLU A 41 -8.17 -3.88 20.77
C GLU A 41 -9.37 -2.94 20.81
N VAL A 42 -10.37 -3.22 19.99
CA VAL A 42 -11.52 -2.33 19.88
C VAL A 42 -12.68 -2.84 20.70
N ASN A 43 -13.39 -1.93 21.34
CA ASN A 43 -14.56 -2.27 22.13
C ASN A 43 -15.82 -1.72 21.48
N ILE A 44 -16.53 -2.58 20.76
CA ILE A 44 -17.76 -2.17 20.13
C ILE A 44 -18.94 -2.74 20.89
N ASN A 45 -19.39 -2.00 21.92
CA ASN A 45 -20.51 -2.41 22.76
C ASN A 45 -20.18 -3.65 23.58
N ASN A 46 -20.21 -4.80 22.94
CA ASN A 46 -19.90 -6.06 23.61
C ASN A 46 -18.97 -6.90 22.75
N SER A 47 -18.57 -6.37 21.62
CA SER A 47 -17.71 -7.08 20.70
C SER A 47 -16.30 -6.50 20.72
N VAL A 48 -15.34 -7.29 21.17
CA VAL A 48 -13.96 -6.87 21.26
C VAL A 48 -13.09 -7.71 20.33
N PHE A 49 -12.35 -7.06 19.45
CA PHE A 49 -11.43 -7.77 18.57
C PHE A 49 -10.19 -6.92 18.31
N ARG A 50 -9.15 -7.54 17.77
CA ARG A 50 -7.88 -6.86 17.54
C ARG A 50 -7.68 -6.59 16.07
N GLN A 51 -7.22 -5.39 15.76
CA GLN A 51 -6.97 -4.99 14.40
C GLN A 51 -5.48 -4.86 14.14
N TYR A 52 -5.03 -5.19 12.94
CA TYR A 52 -3.61 -5.14 12.62
C TYR A 52 -3.38 -4.17 11.48
N PHE A 53 -2.16 -3.63 11.42
CA PHE A 53 -1.80 -2.67 10.39
C PHE A 53 -0.62 -3.18 9.58
N PHE A 54 -0.77 -3.20 8.27
CA PHE A 54 0.30 -3.62 7.38
C PHE A 54 1.24 -2.45 7.08
N GLU A 55 2.39 -2.45 7.72
CA GLU A 55 3.38 -1.39 7.51
C GLU A 55 4.55 -1.93 6.71
N THR A 56 4.71 -1.43 5.50
CA THR A 56 5.83 -1.80 4.67
C THR A 56 6.93 -0.74 4.79
N LYS A 57 7.96 -1.06 5.55
CA LYS A 57 9.02 -0.11 5.85
C LYS A 57 10.25 -0.39 5.00
N CYS A 58 11.04 0.64 4.78
CA CYS A 58 12.25 0.53 3.98
C CYS A 58 13.39 -0.04 4.81
N ARG A 59 13.79 -1.26 4.50
CA ARG A 59 14.96 -1.86 5.14
C ARG A 59 16.17 -1.73 4.23
N ALA A 60 16.04 -0.84 3.26
CA ALA A 60 17.08 -0.54 2.30
C ALA A 60 16.73 0.73 1.56
N SER A 61 17.64 1.22 0.74
CA SER A 61 17.39 2.41 -0.05
C SER A 61 18.14 2.36 -1.38
N ASN A 62 19.30 1.70 -1.36
CA ASN A 62 20.09 1.52 -2.56
C ASN A 62 20.69 0.10 -2.53
N PRO A 63 19.85 -0.91 -2.85
CA PRO A 63 20.22 -2.33 -2.70
C PRO A 63 21.55 -2.69 -3.35
N VAL A 64 21.79 -2.17 -4.56
CA VAL A 64 23.00 -2.52 -5.29
C VAL A 64 24.19 -1.68 -4.88
N GLU A 65 24.05 -0.36 -4.96
CA GLU A 65 25.13 0.55 -4.63
C GLU A 65 24.65 2.00 -4.53
N SER A 66 24.25 2.60 -5.65
CA SER A 66 23.83 3.99 -5.66
C SER A 66 22.41 4.15 -6.21
N GLY A 67 21.87 3.07 -6.76
CA GLY A 67 20.53 3.12 -7.31
C GLY A 67 19.72 1.90 -6.93
N CYS A 68 18.56 1.75 -7.54
CA CYS A 68 17.69 0.63 -7.25
C CYS A 68 17.77 -0.45 -8.33
N ARG A 69 18.90 -1.14 -8.34
CA ARG A 69 19.12 -2.33 -9.17
C ARG A 69 19.24 -1.99 -10.66
N GLY A 70 18.12 -1.64 -11.27
CA GLY A 70 18.11 -1.37 -12.69
C GLY A 70 18.22 0.11 -13.00
N ILE A 71 17.94 0.95 -12.01
CA ILE A 71 17.93 2.39 -12.22
C ILE A 71 19.33 2.91 -12.55
N ASP A 72 19.44 3.60 -13.68
CA ASP A 72 20.69 4.26 -14.06
C ASP A 72 21.00 5.40 -13.11
N SER A 73 21.97 5.20 -12.23
CA SER A 73 22.29 6.16 -11.19
C SER A 73 22.94 7.41 -11.76
N LYS A 74 23.35 7.36 -13.02
CA LYS A 74 24.01 8.49 -13.66
C LYS A 74 22.98 9.52 -14.12
N HIS A 75 21.81 9.04 -14.51
CA HIS A 75 20.75 9.93 -14.96
C HIS A 75 19.74 10.19 -13.86
N TRP A 76 19.56 9.22 -12.98
CA TRP A 76 18.57 9.33 -11.92
C TRP A 76 19.17 9.09 -10.55
N ASN A 77 18.73 9.88 -9.59
CA ASN A 77 19.03 9.64 -8.19
C ASN A 77 17.90 8.83 -7.59
N SER A 78 18.22 7.79 -6.84
CA SER A 78 17.18 6.94 -6.29
C SER A 78 17.32 6.77 -4.79
N TYR A 79 16.20 6.80 -4.11
CA TYR A 79 16.14 6.49 -2.69
C TYR A 79 14.77 5.95 -2.33
N CYS A 80 14.74 4.98 -1.44
CA CYS A 80 13.50 4.32 -1.06
C CYS A 80 12.76 5.15 -0.01
N THR A 81 11.53 5.50 -0.32
CA THR A 81 10.71 6.26 0.58
C THR A 81 9.35 5.57 0.75
N THR A 82 8.86 5.54 1.97
CA THR A 82 7.59 4.90 2.25
C THR A 82 6.42 5.83 1.98
N THR A 83 5.53 5.40 1.10
CA THR A 83 4.31 6.13 0.85
C THR A 83 3.33 5.88 1.99
N HIS A 84 2.71 6.95 2.48
CA HIS A 84 1.82 6.83 3.63
C HIS A 84 0.38 6.95 3.19
N THR A 85 -0.41 5.91 3.50
CA THR A 85 -1.82 5.91 3.14
C THR A 85 -2.66 6.07 4.39
N PHE A 86 -3.92 6.44 4.22
CA PHE A 86 -4.80 6.65 5.35
C PHE A 86 -5.76 5.47 5.48
N VAL A 87 -5.67 4.77 6.60
CA VAL A 87 -6.48 3.58 6.81
C VAL A 87 -7.54 3.81 7.87
N LYS A 88 -8.73 3.28 7.58
CA LYS A 88 -9.88 3.36 8.48
C LYS A 88 -9.65 2.50 9.72
N ALA A 89 -9.31 3.17 10.82
CA ALA A 89 -9.04 2.51 12.08
C ALA A 89 -9.81 3.14 13.22
N LEU A 90 -10.35 2.32 14.11
CA LEU A 90 -10.99 2.83 15.32
C LEU A 90 -9.91 3.31 16.28
N THR A 91 -9.80 4.62 16.42
CA THR A 91 -8.78 5.21 17.26
C THR A 91 -9.40 6.25 18.18
N THR A 92 -8.70 6.62 19.22
CA THR A 92 -9.20 7.61 20.15
C THR A 92 -8.30 8.85 20.15
N ASP A 93 -8.88 9.99 19.80
CA ASP A 93 -8.14 11.25 19.78
C ASP A 93 -7.97 11.78 21.20
N GLU A 94 -8.68 11.18 22.14
CA GLU A 94 -8.57 11.55 23.54
C GLU A 94 -9.12 10.43 24.43
N LYS A 95 -10.45 10.35 24.53
CA LYS A 95 -11.09 9.29 25.31
C LYS A 95 -12.37 8.83 24.62
N GLN A 96 -12.40 8.99 23.31
CA GLN A 96 -13.56 8.62 22.51
C GLN A 96 -13.12 7.82 21.29
N ALA A 97 -13.56 6.57 21.21
CA ALA A 97 -13.19 5.70 20.11
C ALA A 97 -13.98 6.04 18.86
N ALA A 98 -13.28 6.54 17.84
CA ALA A 98 -13.92 6.92 16.60
C ALA A 98 -13.16 6.32 15.41
N TRP A 99 -13.90 5.98 14.36
CA TRP A 99 -13.30 5.41 13.17
C TRP A 99 -12.63 6.52 12.36
N ARG A 100 -11.32 6.60 12.47
CA ARG A 100 -10.54 7.63 11.81
C ARG A 100 -9.80 7.05 10.62
N PHE A 101 -9.11 7.91 9.90
CA PHE A 101 -8.26 7.47 8.80
C PHE A 101 -6.83 7.88 9.11
N ILE A 102 -5.98 6.90 9.43
CA ILE A 102 -4.64 7.21 9.93
C ILE A 102 -3.58 6.78 8.93
N ARG A 103 -2.53 7.58 8.84
CA ARG A 103 -1.50 7.38 7.83
C ARG A 103 -0.49 6.33 8.28
N ILE A 104 -0.32 5.32 7.46
CA ILE A 104 0.65 4.26 7.72
C ILE A 104 1.60 4.08 6.54
N ASP A 105 2.79 3.55 6.83
CA ASP A 105 3.76 3.22 5.79
C ASP A 105 3.24 2.06 4.96
N THR A 106 2.79 2.37 3.76
CA THR A 106 2.09 1.40 2.94
C THR A 106 3.04 0.63 2.04
N ALA A 107 3.92 1.36 1.36
CA ALA A 107 4.85 0.75 0.45
C ALA A 107 6.15 1.54 0.42
N CYS A 108 7.25 0.85 0.21
CA CYS A 108 8.55 1.49 0.10
C CYS A 108 8.95 1.57 -1.37
N VAL A 109 8.95 2.78 -1.90
CA VAL A 109 9.16 2.97 -3.32
C VAL A 109 10.46 3.70 -3.61
N CYS A 110 11.12 3.31 -4.68
CA CYS A 110 12.30 4.03 -5.15
C CYS A 110 11.86 5.26 -5.93
N VAL A 111 11.99 6.43 -5.30
CA VAL A 111 11.62 7.65 -5.96
C VAL A 111 12.80 8.21 -6.73
N LEU A 112 12.53 8.86 -7.85
CA LEU A 112 13.59 9.34 -8.71
C LEU A 112 13.80 10.83 -8.52
N SER A 113 15.07 11.22 -8.51
CA SER A 113 15.45 12.61 -8.39
C SER A 113 16.42 12.98 -9.50
N ARG A 114 16.44 14.25 -9.87
CA ARG A 114 17.25 14.74 -10.98
C ARG A 114 18.72 14.87 -10.62
N LYS A 115 19.08 14.36 -9.43
CA LYS A 115 20.46 14.39 -8.93
C LYS A 115 20.87 15.83 -8.62
N ALA A 116 19.93 16.59 -8.07
CA ALA A 116 20.16 17.97 -7.71
C ALA A 116 19.55 18.27 -6.35
N THR A 117 19.87 19.43 -5.81
CA THR A 117 19.32 19.86 -4.52
C THR A 117 18.99 21.34 -4.55
N ARG A 118 18.54 21.87 -3.42
CA ARG A 118 18.21 23.29 -3.32
C ARG A 118 19.28 24.02 -2.53
N SER B 1 12.92 19.83 2.97
CA SER B 1 11.81 20.70 2.50
C SER B 1 11.10 21.37 3.66
N SER B 2 11.25 22.67 3.78
CA SER B 2 10.57 23.43 4.81
C SER B 2 9.80 24.59 4.17
N THR B 3 10.54 25.50 3.54
CA THR B 3 9.94 26.61 2.84
C THR B 3 9.70 26.24 1.37
N HIS B 4 10.57 25.40 0.85
CA HIS B 4 10.48 24.95 -0.53
C HIS B 4 10.26 23.45 -0.58
N PRO B 5 9.10 23.01 -1.09
CA PRO B 5 8.79 21.59 -1.23
C PRO B 5 9.53 20.95 -2.40
N VAL B 6 10.42 20.01 -2.10
CA VAL B 6 11.18 19.33 -3.14
C VAL B 6 10.43 18.09 -3.62
N PHE B 7 9.25 18.31 -4.20
CA PHE B 7 8.45 17.21 -4.71
C PHE B 7 8.78 16.91 -6.16
N HIS B 8 9.38 17.89 -6.83
CA HIS B 8 9.75 17.73 -8.24
C HIS B 8 10.94 16.78 -8.36
N MET B 9 11.47 16.36 -7.22
CA MET B 9 12.49 15.34 -7.16
C MET B 9 12.18 14.37 -6.02
N GLY B 10 10.89 14.20 -5.77
CA GLY B 10 10.44 13.33 -4.69
C GLY B 10 9.19 12.57 -5.05
N GLU B 11 8.29 13.22 -5.78
CA GLU B 11 7.06 12.57 -6.22
C GLU B 11 7.21 12.03 -7.64
N PHE B 12 8.39 11.50 -7.92
CA PHE B 12 8.67 10.93 -9.23
C PHE B 12 8.81 9.42 -9.11
N SER B 13 7.75 8.72 -9.48
CA SER B 13 7.73 7.26 -9.39
C SER B 13 8.23 6.65 -10.69
N VAL B 14 8.70 5.41 -10.59
CA VAL B 14 9.23 4.68 -11.74
C VAL B 14 8.09 4.17 -12.63
N CYS B 15 6.89 4.15 -12.08
CA CYS B 15 5.71 3.70 -12.80
C CYS B 15 4.57 4.68 -12.59
N ASP B 16 3.68 4.77 -13.56
CA ASP B 16 2.54 5.67 -13.47
C ASP B 16 1.32 4.93 -12.92
N SER B 17 0.88 5.34 -11.75
CA SER B 17 -0.20 4.64 -11.05
C SER B 17 -1.37 5.57 -10.78
N VAL B 18 -2.53 4.98 -10.51
CA VAL B 18 -3.70 5.74 -10.13
C VAL B 18 -4.29 5.23 -8.82
N SER B 19 -4.27 6.08 -7.79
CA SER B 19 -4.85 5.72 -6.52
C SER B 19 -6.28 6.23 -6.42
N VAL B 20 -7.21 5.30 -6.21
CA VAL B 20 -8.62 5.63 -6.15
C VAL B 20 -9.20 5.28 -4.79
N TRP B 21 -10.03 6.15 -4.26
CA TRP B 21 -10.75 5.86 -3.03
C TRP B 21 -12.12 5.32 -3.38
N VAL B 22 -12.22 4.00 -3.41
CA VAL B 22 -13.41 3.32 -3.86
C VAL B 22 -14.39 3.10 -2.72
N GLY B 23 -15.59 3.62 -2.90
CA GLY B 23 -16.66 3.36 -1.95
C GLY B 23 -17.83 2.67 -2.62
N ASP B 24 -17.53 1.98 -3.72
CA ASP B 24 -18.55 1.29 -4.49
C ASP B 24 -18.17 -0.17 -4.75
N LYS B 25 -17.18 -0.66 -4.03
CA LYS B 25 -16.72 -2.04 -4.19
C LYS B 25 -17.79 -2.99 -3.68
N THR B 26 -18.18 -3.95 -4.49
CA THR B 26 -19.27 -4.86 -4.13
C THR B 26 -18.73 -6.23 -3.71
N THR B 27 -17.61 -6.65 -4.27
CA THR B 27 -17.04 -7.95 -3.94
C THR B 27 -15.53 -7.88 -3.80
N ALA B 28 -15.00 -8.64 -2.85
CA ALA B 28 -13.57 -8.71 -2.63
C ALA B 28 -13.19 -10.12 -2.19
N THR B 29 -11.90 -10.42 -2.20
CA THR B 29 -11.43 -11.73 -1.79
C THR B 29 -10.70 -11.65 -0.45
N ASP B 30 -11.24 -12.36 0.53
CA ASP B 30 -10.68 -12.40 1.88
C ASP B 30 -9.32 -13.10 1.87
N ILE B 31 -8.56 -12.95 2.95
CA ILE B 31 -7.24 -13.55 3.06
C ILE B 31 -7.30 -15.08 2.92
N LYS B 32 -8.43 -15.66 3.33
CA LYS B 32 -8.62 -17.10 3.25
C LYS B 32 -8.93 -17.53 1.83
N GLY B 33 -9.21 -16.56 0.97
CA GLY B 33 -9.49 -16.85 -0.43
C GLY B 33 -10.97 -16.93 -0.71
N LYS B 34 -11.77 -16.38 0.18
CA LYS B 34 -13.21 -16.40 0.04
C LYS B 34 -13.70 -15.11 -0.61
N GLU B 35 -14.65 -15.24 -1.53
CA GLU B 35 -15.26 -14.08 -2.15
C GLU B 35 -16.35 -13.54 -1.24
N VAL B 36 -16.16 -12.32 -0.77
CA VAL B 36 -17.10 -11.71 0.14
C VAL B 36 -17.73 -10.48 -0.48
N THR B 37 -18.94 -10.17 -0.05
CA THR B 37 -19.64 -8.99 -0.51
C THR B 37 -19.27 -7.81 0.39
N VAL B 38 -18.74 -6.78 -0.21
CA VAL B 38 -18.26 -5.63 0.52
C VAL B 38 -19.41 -4.69 0.89
N LEU B 39 -19.47 -4.32 2.15
CA LEU B 39 -20.48 -3.40 2.62
C LEU B 39 -19.88 -2.00 2.73
N ALA B 40 -20.05 -1.21 1.68
CA ALA B 40 -19.56 0.17 1.69
C ALA B 40 -20.23 0.95 2.80
N GLU B 41 -21.48 0.62 3.04
CA GLU B 41 -22.24 1.19 4.13
C GLU B 41 -22.42 0.13 5.21
N VAL B 42 -21.84 0.39 6.37
CA VAL B 42 -21.85 -0.60 7.45
C VAL B 42 -22.94 -0.28 8.47
N ASN B 43 -23.59 -1.32 8.95
CA ASN B 43 -24.63 -1.17 9.95
C ASN B 43 -24.18 -1.79 11.26
N ILE B 44 -23.70 -0.96 12.18
CA ILE B 44 -23.27 -1.44 13.48
C ILE B 44 -24.30 -1.06 14.52
N ASN B 45 -25.31 -1.92 14.70
CA ASN B 45 -26.39 -1.72 15.67
C ASN B 45 -27.26 -0.52 15.27
N ASN B 46 -26.77 0.67 15.53
CA ASN B 46 -27.50 1.89 15.20
C ASN B 46 -26.58 2.90 14.51
N SER B 47 -25.32 2.51 14.31
CA SER B 47 -24.35 3.40 13.72
C SER B 47 -24.03 2.97 12.29
N VAL B 48 -24.38 3.81 11.34
CA VAL B 48 -24.16 3.52 9.93
C VAL B 48 -23.17 4.53 9.34
N PHE B 49 -22.10 4.04 8.73
CA PHE B 49 -21.14 4.91 8.07
C PHE B 49 -20.57 4.21 6.84
N ARG B 50 -19.92 5.00 5.98
CA ARG B 50 -19.37 4.47 4.74
C ARG B 50 -17.87 4.34 4.81
N GLN B 51 -17.35 3.23 4.32
CA GLN B 51 -15.93 2.99 4.32
C GLN B 51 -15.39 3.03 2.90
N TYR B 52 -14.16 3.52 2.74
CA TYR B 52 -13.57 3.65 1.41
C TYR B 52 -12.30 2.81 1.32
N PHE B 53 -11.95 2.40 0.11
CA PHE B 53 -10.78 1.58 -0.12
C PHE B 53 -9.82 2.28 -1.07
N PHE B 54 -8.57 2.40 -0.66
CA PHE B 54 -7.54 3.00 -1.49
C PHE B 54 -6.94 1.96 -2.44
N GLU B 55 -7.36 2.02 -3.70
CA GLU B 55 -6.84 1.09 -4.70
C GLU B 55 -5.91 1.82 -5.65
N THR B 56 -4.64 1.45 -5.60
CA THR B 56 -3.65 2.01 -6.51
C THR B 56 -3.44 1.07 -7.68
N LYS B 57 -4.02 1.42 -8.81
CA LYS B 57 -4.00 0.56 -9.97
C LYS B 57 -2.98 1.04 -10.99
N CYS B 58 -2.50 0.12 -11.80
CA CYS B 58 -1.50 0.42 -12.83
C CYS B 58 -2.15 1.03 -14.05
N ARG B 59 -1.90 2.31 -14.29
CA ARG B 59 -2.38 2.97 -15.48
C ARG B 59 -1.24 3.05 -16.50
N ALA B 60 -0.23 2.22 -16.26
CA ALA B 60 0.95 2.14 -17.11
C ALA B 60 1.74 0.89 -16.72
N SER B 61 2.77 0.58 -17.49
CA SER B 61 3.62 -0.56 -17.19
C SER B 61 5.05 -0.30 -17.66
N ASN B 62 5.17 0.46 -18.73
CA ASN B 62 6.48 0.84 -19.25
C ASN B 62 6.42 2.29 -19.72
N PRO B 63 6.45 3.24 -18.77
CA PRO B 63 6.23 4.67 -19.03
C PRO B 63 7.08 5.23 -20.16
N VAL B 64 8.35 4.85 -20.20
CA VAL B 64 9.27 5.38 -21.20
C VAL B 64 9.17 4.61 -22.51
N GLU B 65 9.37 3.30 -22.47
CA GLU B 65 9.36 2.49 -23.68
C GLU B 65 9.33 0.99 -23.36
N SER B 66 10.41 0.47 -22.78
CA SER B 66 10.49 -0.95 -22.48
C SER B 66 10.78 -1.21 -21.01
N GLY B 67 11.09 -0.15 -20.27
CA GLY B 67 11.37 -0.28 -18.86
C GLY B 67 10.72 0.81 -18.05
N CYS B 68 11.08 0.89 -16.77
CA CYS B 68 10.50 1.89 -15.88
C CYS B 68 11.45 3.06 -15.66
N ARG B 69 11.61 3.86 -16.72
CA ARG B 69 12.34 5.14 -16.66
C ARG B 69 13.84 4.95 -16.50
N GLY B 70 14.26 4.54 -15.32
CA GLY B 70 15.67 4.40 -15.06
C GLY B 70 16.15 2.97 -15.22
N ILE B 71 15.23 2.02 -15.21
CA ILE B 71 15.58 0.61 -15.29
C ILE B 71 16.23 0.28 -16.63
N ASP B 72 17.42 -0.31 -16.57
CA ASP B 72 18.11 -0.78 -17.76
C ASP B 72 17.36 -1.98 -18.34
N SER B 73 16.67 -1.75 -19.45
CA SER B 73 15.82 -2.76 -20.06
C SER B 73 16.64 -3.89 -20.68
N LYS B 74 17.94 -3.69 -20.82
CA LYS B 74 18.80 -4.67 -21.44
C LYS B 74 19.17 -5.76 -20.42
N HIS B 75 19.27 -5.38 -19.16
CA HIS B 75 19.62 -6.32 -18.11
C HIS B 75 18.37 -6.77 -17.37
N TRP B 76 17.37 -5.92 -17.29
CA TRP B 76 16.17 -6.23 -16.54
C TRP B 76 14.91 -6.04 -17.38
N ASN B 77 13.98 -6.95 -17.21
CA ASN B 77 12.65 -6.81 -17.76
C ASN B 77 11.77 -6.18 -16.71
N SER B 78 10.97 -5.20 -17.08
CA SER B 78 10.16 -4.49 -16.12
C SER B 78 8.69 -4.45 -16.54
N TYR B 79 7.82 -4.65 -15.57
CA TYR B 79 6.40 -4.49 -15.78
C TYR B 79 5.73 -4.13 -14.46
N CYS B 80 4.75 -3.24 -14.54
CA CYS B 80 4.06 -2.75 -13.35
C CYS B 80 2.98 -3.74 -12.91
N THR B 81 3.10 -4.18 -11.68
CA THR B 81 2.14 -5.12 -11.10
C THR B 81 1.65 -4.59 -9.76
N THR B 82 0.35 -4.71 -9.52
CA THR B 82 -0.23 -4.22 -8.28
C THR B 82 -0.08 -5.25 -7.16
N THR B 83 0.56 -4.84 -6.08
CA THR B 83 0.65 -5.66 -4.90
C THR B 83 -0.68 -5.62 -4.16
N HIS B 84 -1.16 -6.78 -3.73
CA HIS B 84 -2.46 -6.85 -3.09
C HIS B 84 -2.31 -7.07 -1.60
N THR B 85 -2.86 -6.17 -0.81
CA THR B 85 -2.78 -6.27 0.64
C THR B 85 -4.15 -6.62 1.20
N PHE B 86 -4.18 -7.10 2.43
CA PHE B 86 -5.43 -7.51 3.05
C PHE B 86 -5.87 -6.45 4.05
N VAL B 87 -7.01 -5.85 3.80
CA VAL B 87 -7.50 -4.76 4.63
C VAL B 87 -8.71 -5.20 5.46
N LYS B 88 -8.71 -4.77 6.72
CA LYS B 88 -9.80 -5.05 7.64
C LYS B 88 -11.07 -4.30 7.25
N ALA B 89 -12.00 -5.02 6.64
CA ALA B 89 -13.25 -4.44 6.18
C ALA B 89 -14.44 -5.26 6.65
N LEU B 90 -15.50 -4.58 7.07
CA LEU B 90 -16.75 -5.25 7.41
C LEU B 90 -17.42 -5.71 6.13
N THR B 91 -17.40 -7.00 5.89
CA THR B 91 -17.96 -7.56 4.67
C THR B 91 -18.86 -8.73 5.01
N THR B 92 -19.71 -9.13 4.08
CA THR B 92 -20.59 -10.25 4.31
C THR B 92 -20.30 -11.37 3.33
N ASP B 93 -19.95 -12.53 3.86
CA ASP B 93 -19.65 -13.70 3.04
C ASP B 93 -20.95 -14.35 2.54
N GLU B 94 -22.06 -13.90 3.10
CA GLU B 94 -23.37 -14.37 2.68
C GLU B 94 -24.46 -13.40 3.14
N LYS B 95 -24.81 -13.47 4.42
CA LYS B 95 -25.81 -12.57 4.97
C LYS B 95 -25.43 -12.18 6.40
N GLN B 96 -24.14 -12.21 6.68
CA GLN B 96 -23.61 -11.90 8.01
C GLN B 96 -22.43 -10.95 7.88
N ALA B 97 -22.58 -9.76 8.43
CA ALA B 97 -21.52 -8.76 8.36
C ALA B 97 -20.42 -9.06 9.36
N ALA B 98 -19.24 -9.38 8.85
CA ALA B 98 -18.11 -9.71 9.68
C ALA B 98 -16.87 -8.93 9.23
N TRP B 99 -16.03 -8.58 10.19
CA TRP B 99 -14.81 -7.86 9.88
C TRP B 99 -13.77 -8.82 9.30
N ARG B 100 -13.62 -8.76 7.99
CA ARG B 100 -12.72 -9.65 7.28
C ARG B 100 -11.47 -8.89 6.85
N PHE B 101 -10.55 -9.60 6.23
CA PHE B 101 -9.36 -8.99 5.66
C PHE B 101 -9.35 -9.27 4.17
N ILE B 102 -9.61 -8.25 3.37
CA ILE B 102 -9.80 -8.46 1.93
C ILE B 102 -8.66 -7.84 1.13
N ARG B 103 -8.29 -8.52 0.07
CA ARG B 103 -7.15 -8.12 -0.73
C ARG B 103 -7.50 -7.01 -1.72
N ILE B 104 -6.77 -5.92 -1.65
CA ILE B 104 -6.96 -4.80 -2.56
C ILE B 104 -5.65 -4.41 -3.23
N ASP B 105 -5.76 -3.80 -4.40
CA ASP B 105 -4.60 -3.27 -5.12
C ASP B 105 -4.01 -2.11 -4.34
N THR B 106 -2.89 -2.35 -3.69
CA THR B 106 -2.33 -1.39 -2.76
C THR B 106 -1.37 -0.45 -3.45
N ALA B 107 -0.45 -1.02 -4.23
CA ALA B 107 0.56 -0.24 -4.91
C ALA B 107 0.93 -0.88 -6.23
N CYS B 108 1.27 -0.06 -7.21
CA CYS B 108 1.69 -0.56 -8.51
C CYS B 108 3.19 -0.47 -8.62
N VAL B 109 3.85 -1.62 -8.60
CA VAL B 109 5.30 -1.66 -8.54
C VAL B 109 5.90 -2.23 -9.82
N CYS B 110 7.04 -1.67 -10.21
CA CYS B 110 7.80 -2.22 -11.33
C CYS B 110 8.59 -3.42 -10.85
N VAL B 111 8.14 -4.61 -11.19
CA VAL B 111 8.85 -5.81 -10.80
C VAL B 111 9.88 -6.17 -11.85
N LEU B 112 10.99 -6.74 -11.41
CA LEU B 112 12.09 -7.03 -12.32
C LEU B 112 12.11 -8.51 -12.69
N SER B 113 12.38 -8.76 -13.96
CA SER B 113 12.48 -10.10 -14.47
C SER B 113 13.79 -10.27 -15.23
N ARG B 114 14.29 -11.49 -15.29
CA ARG B 114 15.59 -11.80 -15.89
C ARG B 114 15.52 -11.80 -17.41
N LYS B 115 14.38 -11.37 -17.95
CA LYS B 115 14.16 -11.32 -19.39
C LYS B 115 14.10 -12.72 -19.98
N ALA B 116 13.46 -13.62 -19.23
CA ALA B 116 13.30 -15.00 -19.66
C ALA B 116 11.88 -15.47 -19.37
N THR B 117 11.54 -16.65 -19.86
CA THR B 117 10.23 -17.24 -19.63
C THR B 117 10.35 -18.74 -19.44
N ARG B 118 9.23 -19.41 -19.26
CA ARG B 118 9.23 -20.86 -19.07
C ARG B 118 8.74 -21.56 -20.34
N SER A 1 -1.79 -27.71 -4.19
CA SER A 1 -1.93 -26.60 -3.22
C SER A 1 -0.56 -26.11 -2.79
N SER A 2 -0.53 -24.96 -2.11
CA SER A 2 0.71 -24.39 -1.57
C SER A 2 1.67 -23.99 -2.69
N THR A 3 1.12 -23.75 -3.87
CA THR A 3 1.93 -23.38 -5.02
C THR A 3 2.26 -21.89 -5.00
N HIS A 4 3.50 -21.56 -5.32
CA HIS A 4 3.94 -20.18 -5.31
C HIS A 4 5.03 -19.95 -6.38
N PRO A 5 4.64 -19.41 -7.54
CA PRO A 5 5.58 -19.12 -8.62
C PRO A 5 6.34 -17.82 -8.37
N VAL A 6 7.07 -17.79 -7.25
CA VAL A 6 7.79 -16.60 -6.82
C VAL A 6 6.81 -15.44 -6.66
N PHE A 7 5.61 -15.77 -6.17
CA PHE A 7 4.53 -14.80 -5.99
C PHE A 7 4.25 -14.08 -7.31
N HIS A 8 4.18 -14.86 -8.39
CA HIS A 8 3.94 -14.32 -9.73
C HIS A 8 5.03 -13.28 -10.06
N MET A 9 6.27 -13.62 -9.67
CA MET A 9 7.44 -12.74 -9.79
C MET A 9 7.14 -11.33 -9.29
N GLY A 10 6.25 -11.23 -8.31
CA GLY A 10 5.85 -9.93 -7.80
C GLY A 10 6.44 -9.65 -6.42
N GLU A 11 7.29 -10.54 -5.94
CA GLU A 11 7.91 -10.36 -4.64
C GLU A 11 9.32 -9.80 -4.76
N PHE A 12 9.65 -9.30 -5.94
CA PHE A 12 10.95 -8.65 -6.16
C PHE A 12 10.83 -7.17 -5.84
N SER A 13 11.91 -6.59 -5.34
CA SER A 13 11.88 -5.19 -4.93
C SER A 13 13.15 -4.47 -5.34
N VAL A 14 12.99 -3.31 -5.98
CA VAL A 14 14.13 -2.47 -6.32
C VAL A 14 14.66 -1.74 -5.08
N CYS A 15 13.82 -1.70 -4.06
CA CYS A 15 14.17 -1.11 -2.78
C CYS A 15 13.90 -2.10 -1.66
N ASP A 16 14.87 -2.26 -0.76
CA ASP A 16 14.70 -3.17 0.38
C ASP A 16 13.62 -2.66 1.31
N SER A 17 12.54 -3.40 1.43
CA SER A 17 11.40 -2.96 2.21
C SER A 17 11.01 -3.99 3.28
N VAL A 18 10.38 -3.52 4.33
CA VAL A 18 9.92 -4.36 5.42
C VAL A 18 8.42 -4.21 5.61
N SER A 19 7.69 -5.28 5.38
CA SER A 19 6.25 -5.27 5.55
C SER A 19 5.87 -5.96 6.85
N VAL A 20 5.27 -5.21 7.76
CA VAL A 20 4.92 -5.72 9.07
C VAL A 20 3.42 -5.66 9.29
N TRP A 21 2.87 -6.71 9.88
CA TRP A 21 1.48 -6.68 10.33
C TRP A 21 1.47 -6.46 11.83
N VAL A 22 1.32 -5.21 12.21
CA VAL A 22 1.41 -4.81 13.60
C VAL A 22 0.11 -5.10 14.34
N GLY A 23 0.16 -6.06 15.25
CA GLY A 23 -1.02 -6.41 16.01
C GLY A 23 -1.10 -5.66 17.32
N ASP A 24 -0.25 -4.65 17.47
CA ASP A 24 -0.24 -3.84 18.69
C ASP A 24 0.36 -2.46 18.42
N LYS A 25 -0.25 -1.72 17.51
CA LYS A 25 0.15 -0.34 17.24
C LYS A 25 -0.44 0.56 18.30
N THR A 26 0.38 1.42 18.91
CA THR A 26 -0.06 2.18 20.06
C THR A 26 -0.42 3.62 19.72
N THR A 27 0.23 4.20 18.72
CA THR A 27 -0.04 5.58 18.33
C THR A 27 0.11 5.76 16.83
N ALA A 28 -0.73 6.64 16.28
CA ALA A 28 -0.66 6.97 14.86
C ALA A 28 -1.15 8.38 14.61
N THR A 29 -0.92 8.87 13.41
CA THR A 29 -1.37 10.20 13.03
C THR A 29 -2.64 10.11 12.20
N ASP A 30 -3.69 10.74 12.72
CA ASP A 30 -4.97 10.82 12.05
C ASP A 30 -4.88 11.71 10.82
N ILE A 31 -5.80 11.54 9.89
CA ILE A 31 -5.80 12.26 8.61
C ILE A 31 -5.92 13.78 8.82
N LYS A 32 -6.42 14.18 9.98
CA LYS A 32 -6.57 15.59 10.31
C LYS A 32 -5.27 16.13 10.89
N GLY A 33 -4.30 15.25 11.10
CA GLY A 33 -3.02 15.66 11.62
C GLY A 33 -2.95 15.55 13.13
N LYS A 34 -3.73 14.63 13.69
CA LYS A 34 -3.76 14.43 15.12
C LYS A 34 -2.96 13.19 15.51
N GLU A 35 -2.48 13.16 16.74
CA GLU A 35 -1.79 11.99 17.26
C GLU A 35 -2.75 11.22 18.16
N VAL A 36 -3.08 10.01 17.77
CA VAL A 36 -4.08 9.24 18.49
C VAL A 36 -3.54 7.88 18.91
N THR A 37 -4.07 7.38 20.01
CA THR A 37 -3.72 6.07 20.52
C THR A 37 -4.50 5.00 19.76
N VAL A 38 -3.79 4.11 19.10
CA VAL A 38 -4.41 3.11 18.25
C VAL A 38 -4.79 1.88 19.07
N LEU A 39 -5.99 1.37 18.83
CA LEU A 39 -6.43 0.15 19.47
C LEU A 39 -6.48 -0.97 18.43
N ALA A 40 -5.55 -1.89 18.54
CA ALA A 40 -5.48 -3.02 17.62
C ALA A 40 -6.67 -3.93 17.81
N GLU A 41 -7.20 -3.89 19.02
CA GLU A 41 -8.41 -4.61 19.35
C GLU A 41 -9.54 -3.60 19.48
N VAL A 42 -10.52 -3.67 18.60
CA VAL A 42 -11.60 -2.71 18.59
C VAL A 42 -12.74 -3.21 19.46
N ASN A 43 -13.13 -2.39 20.43
CA ASN A 43 -14.23 -2.72 21.30
C ASN A 43 -15.51 -2.11 20.75
N ILE A 44 -16.37 -2.95 20.21
CA ILE A 44 -17.65 -2.50 19.71
C ILE A 44 -18.74 -2.87 20.69
N ASN A 45 -18.81 -2.11 21.79
CA ASN A 45 -19.79 -2.33 22.86
C ASN A 45 -19.56 -3.66 23.57
N ASN A 46 -20.05 -4.74 22.98
CA ASN A 46 -19.91 -6.06 23.60
C ASN A 46 -19.26 -7.04 22.62
N SER A 47 -18.42 -6.53 21.75
CA SER A 47 -17.71 -7.38 20.79
C SER A 47 -16.34 -6.81 20.49
N VAL A 48 -15.30 -7.55 20.87
CA VAL A 48 -13.93 -7.12 20.64
C VAL A 48 -13.33 -7.85 19.45
N PHE A 49 -12.90 -7.09 18.45
CA PHE A 49 -12.28 -7.66 17.26
C PHE A 49 -10.87 -7.12 17.10
N ARG A 50 -9.90 -8.00 16.97
CA ARG A 50 -8.51 -7.58 16.81
C ARG A 50 -8.06 -7.73 15.36
N GLN A 51 -7.28 -6.77 14.90
CA GLN A 51 -6.74 -6.81 13.54
C GLN A 51 -5.25 -6.48 13.57
N TYR A 52 -4.60 -6.58 12.42
CA TYR A 52 -3.19 -6.28 12.31
C TYR A 52 -3.00 -5.17 11.28
N PHE A 53 -2.16 -4.20 11.61
CA PHE A 53 -1.94 -3.06 10.74
C PHE A 53 -0.72 -3.29 9.84
N PHE A 54 -0.94 -3.25 8.54
CA PHE A 54 0.12 -3.52 7.59
C PHE A 54 0.95 -2.27 7.32
N GLU A 55 2.15 -2.26 7.86
CA GLU A 55 3.07 -1.16 7.65
C GLU A 55 4.28 -1.64 6.87
N THR A 56 4.40 -1.16 5.64
CA THR A 56 5.53 -1.51 4.80
C THR A 56 6.50 -0.34 4.70
N LYS A 57 7.61 -0.46 5.41
CA LYS A 57 8.59 0.61 5.49
C LYS A 57 9.76 0.28 4.59
N CYS A 58 10.64 1.23 4.37
CA CYS A 58 11.79 1.01 3.51
C CYS A 58 13.07 0.93 4.34
N ARG A 59 13.65 -0.27 4.37
CA ARG A 59 14.87 -0.50 5.11
C ARG A 59 16.03 0.24 4.49
N ALA A 60 16.06 0.26 3.16
CA ALA A 60 17.11 0.94 2.43
C ALA A 60 16.53 2.01 1.53
N SER A 61 16.69 3.26 1.93
CA SER A 61 16.22 4.39 1.15
C SER A 61 17.09 4.58 -0.10
N ASN A 62 18.34 4.16 0.02
CA ASN A 62 19.29 4.19 -1.09
C ASN A 62 20.12 2.91 -1.09
N PRO A 63 19.55 1.77 -1.51
CA PRO A 63 20.26 0.49 -1.55
C PRO A 63 21.54 0.56 -2.41
N VAL A 64 21.47 1.34 -3.48
CA VAL A 64 22.63 1.55 -4.33
C VAL A 64 22.98 3.03 -4.35
N GLU A 65 24.20 3.36 -4.78
CA GLU A 65 24.68 4.75 -4.79
C GLU A 65 24.08 5.51 -5.97
N SER A 66 22.77 5.44 -6.09
CA SER A 66 22.02 6.09 -7.16
C SER A 66 20.56 6.21 -6.75
N GLY A 67 20.14 5.29 -5.88
CA GLY A 67 18.76 5.24 -5.45
C GLY A 67 18.26 3.82 -5.38
N CYS A 68 17.29 3.47 -6.22
CA CYS A 68 16.82 2.10 -6.29
C CYS A 68 17.62 1.33 -7.34
N ARG A 69 17.79 0.04 -7.13
CA ARG A 69 18.64 -0.77 -7.98
C ARG A 69 18.08 -0.91 -9.39
N GLY A 70 18.83 -0.42 -10.38
CA GLY A 70 18.41 -0.56 -11.76
C GLY A 70 18.45 0.75 -12.52
N ILE A 71 18.27 1.85 -11.79
CA ILE A 71 18.21 3.18 -12.39
C ILE A 71 19.57 3.63 -12.90
N ASP A 72 19.57 4.33 -14.02
CA ASP A 72 20.81 4.89 -14.58
C ASP A 72 21.25 6.10 -13.78
N SER A 73 22.47 6.03 -13.27
CA SER A 73 23.00 7.03 -12.36
C SER A 73 23.28 8.37 -13.06
N LYS A 74 23.41 8.33 -14.38
CA LYS A 74 23.81 9.51 -15.13
C LYS A 74 22.59 10.34 -15.54
N HIS A 75 21.55 9.66 -16.01
CA HIS A 75 20.36 10.35 -16.50
C HIS A 75 19.35 10.61 -15.40
N TRP A 76 19.37 9.78 -14.37
CA TRP A 76 18.37 9.87 -13.32
C TRP A 76 19.01 9.80 -11.94
N ASN A 77 18.32 10.38 -10.97
CA ASN A 77 18.65 10.20 -9.57
C ASN A 77 17.44 9.62 -8.88
N SER A 78 17.65 8.60 -8.06
CA SER A 78 16.55 7.85 -7.49
C SER A 78 16.57 7.89 -5.97
N TYR A 79 15.42 7.62 -5.38
CA TYR A 79 15.28 7.57 -3.94
C TYR A 79 14.09 6.69 -3.59
N CYS A 80 14.26 5.83 -2.60
CA CYS A 80 13.19 4.94 -2.18
C CYS A 80 12.37 5.59 -1.07
N THR A 81 11.13 5.93 -1.40
CA THR A 81 10.28 6.69 -0.49
C THR A 81 9.09 5.85 -0.03
N THR A 82 8.80 5.90 1.27
CA THR A 82 7.65 5.20 1.82
C THR A 82 6.38 6.00 1.63
N THR A 83 5.41 5.40 0.96
CA THR A 83 4.10 5.99 0.82
C THR A 83 3.30 5.78 2.10
N HIS A 84 2.30 6.61 2.33
CA HIS A 84 1.47 6.48 3.53
C HIS A 84 0.00 6.53 3.16
N THR A 85 -0.77 5.62 3.73
CA THR A 85 -2.19 5.54 3.45
C THR A 85 -2.98 5.69 4.75
N PHE A 86 -4.28 5.88 4.64
CA PHE A 86 -5.11 6.13 5.81
C PHE A 86 -6.10 4.99 6.02
N VAL A 87 -5.98 4.31 7.15
CA VAL A 87 -6.84 3.19 7.47
C VAL A 87 -7.77 3.52 8.63
N LYS A 88 -8.98 2.99 8.59
CA LYS A 88 -9.94 3.20 9.67
C LYS A 88 -9.64 2.29 10.85
N ALA A 89 -9.20 2.88 11.94
CA ALA A 89 -8.91 2.15 13.16
C ALA A 89 -9.62 2.80 14.34
N LEU A 90 -9.98 2.00 15.33
CA LEU A 90 -10.56 2.53 16.54
C LEU A 90 -9.44 3.12 17.38
N THR A 91 -9.40 4.43 17.46
CA THR A 91 -8.32 5.11 18.15
C THR A 91 -8.88 6.05 19.21
N THR A 92 -8.06 6.41 20.18
CA THR A 92 -8.49 7.34 21.20
C THR A 92 -7.51 8.51 21.29
N ASP A 93 -8.04 9.72 21.19
CA ASP A 93 -7.22 10.91 21.28
C ASP A 93 -6.90 11.25 22.73
N GLU A 94 -7.67 10.67 23.65
CA GLU A 94 -7.38 10.81 25.08
C GLU A 94 -8.16 9.79 25.91
N LYS A 95 -9.49 9.79 25.82
CA LYS A 95 -10.31 8.90 26.63
C LYS A 95 -11.29 8.10 25.78
N GLN A 96 -12.05 8.79 24.95
CA GLN A 96 -13.08 8.16 24.12
C GLN A 96 -12.44 7.47 22.92
N ALA A 97 -12.88 6.24 22.65
CA ALA A 97 -12.41 5.51 21.48
C ALA A 97 -13.34 5.76 20.30
N ALA A 98 -12.77 6.12 19.16
CA ALA A 98 -13.55 6.44 17.97
C ALA A 98 -12.86 5.95 16.72
N TRP A 99 -13.64 5.67 15.68
CA TRP A 99 -13.10 5.22 14.41
C TRP A 99 -12.47 6.37 13.65
N ARG A 100 -11.15 6.34 13.54
CA ARG A 100 -10.41 7.41 12.89
C ARG A 100 -9.56 6.85 11.77
N PHE A 101 -9.22 7.70 10.82
CA PHE A 101 -8.35 7.31 9.72
C PHE A 101 -6.91 7.68 10.04
N ILE A 102 -6.06 6.66 10.20
CA ILE A 102 -4.67 6.90 10.57
C ILE A 102 -3.73 6.52 9.45
N ARG A 103 -2.63 7.23 9.34
CA ARG A 103 -1.68 7.01 8.25
C ARG A 103 -0.66 5.94 8.63
N ILE A 104 -0.49 4.99 7.73
CA ILE A 104 0.50 3.93 7.89
C ILE A 104 1.34 3.80 6.63
N ASP A 105 2.56 3.29 6.78
CA ASP A 105 3.45 3.08 5.64
C ASP A 105 2.87 2.01 4.72
N THR A 106 2.70 2.38 3.47
CA THR A 106 2.02 1.53 2.52
C THR A 106 3.02 0.68 1.73
N ALA A 107 3.96 1.35 1.08
CA ALA A 107 4.98 0.66 0.28
C ALA A 107 6.15 1.59 0.00
N CYS A 108 7.30 1.02 -0.31
CA CYS A 108 8.46 1.81 -0.66
C CYS A 108 8.58 1.92 -2.18
N VAL A 109 8.53 3.14 -2.68
CA VAL A 109 8.53 3.37 -4.12
C VAL A 109 9.87 3.96 -4.57
N CYS A 110 10.23 3.70 -5.81
CA CYS A 110 11.43 4.27 -6.39
C CYS A 110 11.08 5.55 -7.15
N VAL A 111 11.50 6.69 -6.64
CA VAL A 111 11.22 7.96 -7.28
C VAL A 111 12.38 8.36 -8.18
N LEU A 112 12.11 9.15 -9.21
CA LEU A 112 13.15 9.55 -10.14
C LEU A 112 13.18 11.07 -10.32
N SER A 113 14.39 11.60 -10.38
CA SER A 113 14.62 12.99 -10.72
C SER A 113 15.62 13.06 -11.87
N ARG A 114 15.43 14.00 -12.79
CA ARG A 114 16.25 14.04 -14.00
C ARG A 114 17.60 14.71 -13.76
N LYS A 115 17.88 15.01 -12.49
CA LYS A 115 19.18 15.56 -12.07
C LYS A 115 19.36 17.00 -12.55
N ALA A 116 20.54 17.55 -12.25
CA ALA A 116 20.92 18.91 -12.63
C ALA A 116 20.10 19.96 -11.88
N THR A 117 18.85 20.14 -12.27
CA THR A 117 17.98 21.14 -11.68
C THR A 117 16.56 20.62 -11.53
N ARG A 118 15.72 21.38 -10.86
CA ARG A 118 14.33 21.00 -10.65
C ARG A 118 13.41 21.98 -11.38
N SER B 1 0.82 27.61 4.99
CA SER B 1 -0.04 26.42 4.84
C SER B 1 -0.16 26.05 3.37
N SER B 2 -0.68 24.86 3.10
CA SER B 2 -0.92 24.37 1.73
C SER B 2 0.41 24.18 0.99
N THR B 3 1.48 23.97 1.73
CA THR B 3 2.80 23.80 1.15
C THR B 3 2.99 22.36 0.70
N HIS B 4 3.58 22.19 -0.48
CA HIS B 4 3.80 20.86 -1.03
C HIS B 4 5.06 20.84 -1.89
N PRO B 5 6.19 20.36 -1.33
CA PRO B 5 7.45 20.27 -2.05
C PRO B 5 7.49 19.04 -2.96
N VAL B 6 6.55 18.98 -3.89
CA VAL B 6 6.38 17.84 -4.79
C VAL B 6 6.16 16.58 -3.97
N PHE B 7 5.41 16.75 -2.87
CA PHE B 7 5.14 15.66 -1.93
C PHE B 7 6.45 15.02 -1.45
N HIS B 8 7.41 15.88 -1.10
CA HIS B 8 8.73 15.43 -0.64
C HIS B 8 9.37 14.56 -1.72
N MET B 9 9.20 14.98 -2.99
CA MET B 9 9.63 14.24 -4.18
C MET B 9 9.22 12.76 -4.11
N GLY B 10 8.10 12.49 -3.44
CA GLY B 10 7.66 11.12 -3.27
C GLY B 10 6.46 10.78 -4.14
N GLU B 11 6.07 11.71 -5.00
CA GLU B 11 4.94 11.48 -5.89
C GLU B 11 5.39 11.09 -7.29
N PHE B 12 6.66 10.73 -7.41
CA PHE B 12 7.18 10.25 -8.68
C PHE B 12 6.99 8.73 -8.76
N SER B 13 6.79 8.22 -9.96
CA SER B 13 6.52 6.81 -10.13
C SER B 13 7.24 6.26 -11.36
N VAL B 14 7.97 5.16 -11.18
CA VAL B 14 8.60 4.47 -12.29
C VAL B 14 7.57 3.70 -13.12
N CYS B 15 6.41 3.48 -12.51
CA CYS B 15 5.29 2.82 -13.17
C CYS B 15 4.04 3.67 -13.04
N ASP B 16 3.33 3.86 -14.14
CA ASP B 16 2.10 4.65 -14.14
C ASP B 16 1.03 3.93 -13.31
N SER B 17 0.63 4.56 -12.22
CA SER B 17 -0.31 3.94 -11.30
C SER B 17 -1.52 4.83 -11.05
N VAL B 18 -2.63 4.19 -10.68
CA VAL B 18 -3.86 4.89 -10.39
C VAL B 18 -4.32 4.57 -8.96
N SER B 19 -4.36 5.58 -8.12
CA SER B 19 -4.79 5.40 -6.74
C SER B 19 -6.21 5.93 -6.57
N VAL B 20 -7.13 5.05 -6.24
CA VAL B 20 -8.53 5.40 -6.11
C VAL B 20 -9.03 5.16 -4.70
N TRP B 21 -9.82 6.09 -4.19
CA TRP B 21 -10.52 5.88 -2.94
C TRP B 21 -11.96 5.53 -3.24
N VAL B 22 -12.24 4.24 -3.27
CA VAL B 22 -13.53 3.73 -3.68
C VAL B 22 -14.53 3.82 -2.54
N GLY B 23 -15.51 4.70 -2.68
CA GLY B 23 -16.52 4.87 -1.66
C GLY B 23 -17.72 3.99 -1.90
N ASP B 24 -17.61 3.07 -2.86
CA ASP B 24 -18.71 2.17 -3.18
C ASP B 24 -18.18 0.89 -3.83
N LYS B 25 -17.33 0.16 -3.11
CA LYS B 25 -16.85 -1.12 -3.57
C LYS B 25 -17.90 -2.19 -3.28
N THR B 26 -18.25 -2.99 -4.28
CA THR B 26 -19.39 -3.89 -4.15
C THR B 26 -18.96 -5.33 -3.85
N THR B 27 -17.80 -5.74 -4.34
CA THR B 27 -17.33 -7.11 -4.10
C THR B 27 -15.82 -7.15 -3.97
N ALA B 28 -15.34 -8.06 -3.12
CA ALA B 28 -13.91 -8.25 -2.92
C ALA B 28 -13.62 -9.68 -2.52
N THR B 29 -12.35 -10.05 -2.55
CA THR B 29 -11.93 -11.38 -2.15
C THR B 29 -11.38 -11.35 -0.73
N ASP B 30 -12.02 -12.13 0.13
CA ASP B 30 -11.59 -12.27 1.52
C ASP B 30 -10.28 -13.05 1.59
N ILE B 31 -9.56 -12.89 2.70
CA ILE B 31 -8.25 -13.51 2.89
C ILE B 31 -8.33 -15.04 2.84
N LYS B 32 -9.51 -15.59 3.07
CA LYS B 32 -9.71 -17.02 3.02
C LYS B 32 -9.97 -17.49 1.59
N GLY B 33 -10.08 -16.53 0.68
CA GLY B 33 -10.30 -16.84 -0.72
C GLY B 33 -11.76 -16.85 -1.07
N LYS B 34 -12.55 -16.07 -0.35
CA LYS B 34 -13.99 -16.00 -0.60
C LYS B 34 -14.33 -14.72 -1.34
N GLU B 35 -15.44 -14.74 -2.07
CA GLU B 35 -15.95 -13.55 -2.73
C GLU B 35 -17.09 -12.98 -1.91
N VAL B 36 -16.90 -11.78 -1.41
CA VAL B 36 -17.88 -11.18 -0.51
C VAL B 36 -18.32 -9.81 -1.01
N THR B 37 -19.55 -9.46 -0.66
CA THR B 37 -20.11 -8.16 -1.00
C THR B 37 -19.64 -7.13 0.01
N VAL B 38 -18.95 -6.12 -0.48
CA VAL B 38 -18.35 -5.11 0.38
C VAL B 38 -19.36 -4.02 0.70
N LEU B 39 -19.40 -3.62 1.96
CA LEU B 39 -20.23 -2.50 2.38
C LEU B 39 -19.36 -1.32 2.72
N ALA B 40 -19.38 -0.30 1.86
CA ALA B 40 -18.58 0.90 2.08
C ALA B 40 -19.10 1.67 3.28
N GLU B 41 -20.38 1.47 3.55
CA GLU B 41 -21.00 2.01 4.74
C GLU B 41 -21.24 0.88 5.72
N VAL B 42 -20.57 0.93 6.85
CA VAL B 42 -20.67 -0.13 7.83
C VAL B 42 -21.79 0.16 8.82
N ASN B 43 -22.72 -0.77 8.92
CA ASN B 43 -23.82 -0.63 9.86
C ASN B 43 -23.47 -1.32 11.17
N ILE B 44 -23.19 -0.53 12.19
CA ILE B 44 -22.90 -1.07 13.50
C ILE B 44 -24.11 -0.90 14.40
N ASN B 45 -25.11 -1.75 14.18
CA ASN B 45 -26.36 -1.75 14.93
C ASN B 45 -27.15 -0.47 14.67
N ASN B 46 -26.80 0.61 15.37
CA ASN B 46 -27.50 1.88 15.22
C ASN B 46 -26.54 3.00 14.87
N SER B 47 -25.46 2.66 14.17
CA SER B 47 -24.49 3.66 13.75
C SER B 47 -23.88 3.27 12.42
N VAL B 48 -24.12 4.08 11.40
CA VAL B 48 -23.59 3.82 10.07
C VAL B 48 -22.38 4.71 9.79
N PHE B 49 -21.25 4.09 9.50
CA PHE B 49 -20.03 4.81 9.18
C PHE B 49 -19.54 4.44 7.79
N ARG B 50 -19.32 5.43 6.94
CA ARG B 50 -18.85 5.17 5.59
C ARG B 50 -17.36 5.48 5.46
N GLN B 51 -16.67 4.66 4.71
CA GLN B 51 -15.25 4.87 4.46
C GLN B 51 -14.96 4.69 2.97
N TYR B 52 -13.73 4.97 2.57
CA TYR B 52 -13.31 4.82 1.18
C TYR B 52 -12.15 3.83 1.12
N PHE B 53 -12.21 2.93 0.15
CA PHE B 53 -11.19 1.91 0.02
C PHE B 53 -10.11 2.34 -0.97
N PHE B 54 -8.88 2.39 -0.50
CA PHE B 54 -7.77 2.84 -1.32
C PHE B 54 -7.23 1.71 -2.18
N GLU B 55 -7.51 1.78 -3.48
CA GLU B 55 -7.02 0.80 -4.42
C GLU B 55 -6.06 1.48 -5.40
N THR B 56 -4.80 1.12 -5.31
CA THR B 56 -3.80 1.66 -6.21
C THR B 56 -3.40 0.61 -7.25
N LYS B 57 -3.89 0.78 -8.45
CA LYS B 57 -3.66 -0.18 -9.52
C LYS B 57 -2.60 0.35 -10.46
N CYS B 58 -2.12 -0.48 -11.36
CA CYS B 58 -1.08 -0.07 -12.28
C CYS B 58 -1.65 0.07 -13.68
N ARG B 59 -1.70 1.31 -14.16
CA ARG B 59 -2.22 1.62 -15.48
C ARG B 59 -1.29 1.07 -16.56
N ALA B 60 0.00 1.16 -16.32
CA ALA B 60 0.99 0.65 -17.25
C ALA B 60 1.87 -0.40 -16.60
N SER B 61 1.63 -1.65 -16.95
CA SER B 61 2.43 -2.75 -16.42
C SER B 61 3.83 -2.73 -17.03
N ASN B 62 3.91 -2.21 -18.25
CA ASN B 62 5.19 -2.04 -18.95
C ASN B 62 5.21 -0.68 -19.66
N PRO B 63 5.38 0.42 -18.91
CA PRO B 63 5.43 1.77 -19.49
C PRO B 63 6.51 1.90 -20.57
N VAL B 64 7.63 1.23 -20.36
CA VAL B 64 8.71 1.21 -21.33
C VAL B 64 8.96 -0.22 -21.79
N GLU B 65 9.63 -0.38 -22.92
CA GLU B 65 9.89 -1.71 -23.50
C GLU B 65 11.00 -2.43 -22.75
N SER B 66 10.86 -2.48 -21.45
CA SER B 66 11.83 -3.11 -20.56
C SER B 66 11.15 -3.42 -19.22
N GLY B 67 10.13 -2.63 -18.90
CA GLY B 67 9.44 -2.76 -17.65
C GLY B 67 9.13 -1.40 -17.06
N CYS B 68 9.73 -1.09 -15.91
CA CYS B 68 9.56 0.22 -15.32
C CYS B 68 10.65 1.15 -15.82
N ARG B 69 10.35 2.44 -15.90
CA ARG B 69 11.26 3.41 -16.51
C ARG B 69 12.52 3.59 -15.66
N GLY B 70 13.67 3.28 -16.24
CA GLY B 70 14.93 3.50 -15.55
C GLY B 70 15.81 2.26 -15.54
N ILE B 71 15.18 1.10 -15.60
CA ILE B 71 15.89 -0.17 -15.53
C ILE B 71 16.69 -0.44 -16.81
N ASP B 72 17.88 -1.03 -16.64
CA ASP B 72 18.71 -1.41 -17.77
C ASP B 72 18.13 -2.63 -18.47
N SER B 73 17.86 -2.47 -19.76
CA SER B 73 17.19 -3.50 -20.55
C SER B 73 18.07 -4.72 -20.80
N LYS B 74 19.38 -4.56 -20.65
CA LYS B 74 20.30 -5.63 -20.99
C LYS B 74 20.56 -6.54 -19.79
N HIS B 75 20.74 -5.94 -18.62
CA HIS B 75 21.07 -6.70 -17.42
C HIS B 75 19.82 -7.16 -16.68
N TRP B 76 18.74 -6.42 -16.83
CA TRP B 76 17.53 -6.71 -16.07
C TRP B 76 16.31 -6.69 -16.97
N ASN B 77 15.29 -7.42 -16.54
CA ASN B 77 13.97 -7.32 -17.14
C ASN B 77 12.99 -6.94 -16.04
N SER B 78 12.13 -5.98 -16.33
CA SER B 78 11.29 -5.40 -15.31
C SER B 78 9.81 -5.57 -15.64
N TYR B 79 8.98 -5.48 -14.61
CA TYR B 79 7.54 -5.56 -14.75
C TYR B 79 6.89 -4.84 -13.59
N CYS B 80 5.86 -4.06 -13.88
CA CYS B 80 5.15 -3.32 -12.84
C CYS B 80 3.98 -4.15 -12.32
N THR B 81 4.10 -4.60 -11.07
CA THR B 81 3.13 -5.51 -10.50
C THR B 81 2.36 -4.85 -9.36
N THR B 82 1.06 -5.03 -9.34
CA THR B 82 0.22 -4.52 -8.26
C THR B 82 0.24 -5.43 -7.05
N THR B 83 0.65 -4.87 -5.92
CA THR B 83 0.59 -5.58 -4.65
C THR B 83 -0.82 -5.57 -4.12
N HIS B 84 -1.16 -6.52 -3.26
CA HIS B 84 -2.49 -6.58 -2.69
C HIS B 84 -2.42 -6.75 -1.18
N THR B 85 -3.22 -5.97 -0.47
CA THR B 85 -3.23 -6.02 0.98
C THR B 85 -4.63 -6.35 1.47
N PHE B 86 -4.76 -6.68 2.76
CA PHE B 86 -6.03 -7.10 3.31
C PHE B 86 -6.54 -6.10 4.34
N VAL B 87 -7.69 -5.51 4.05
CA VAL B 87 -8.28 -4.52 4.92
C VAL B 87 -9.56 -5.04 5.56
N LYS B 88 -9.81 -4.65 6.80
CA LYS B 88 -11.03 -5.05 7.50
C LYS B 88 -12.21 -4.21 7.04
N ALA B 89 -13.14 -4.85 6.35
CA ALA B 89 -14.34 -4.20 5.88
C ALA B 89 -15.56 -5.01 6.29
N LEU B 90 -16.68 -4.34 6.51
CA LEU B 90 -17.93 -5.04 6.77
C LEU B 90 -18.46 -5.58 5.46
N THR B 91 -18.39 -6.89 5.30
CA THR B 91 -18.79 -7.51 4.05
C THR B 91 -19.83 -8.57 4.30
N THR B 92 -20.59 -8.93 3.28
CA THR B 92 -21.56 -9.98 3.41
C THR B 92 -21.35 -11.04 2.33
N ASP B 93 -21.22 -12.29 2.77
CA ASP B 93 -21.02 -13.40 1.85
C ASP B 93 -22.35 -13.82 1.22
N GLU B 94 -23.45 -13.42 1.83
CA GLU B 94 -24.77 -13.64 1.25
C GLU B 94 -25.84 -12.78 1.93
N LYS B 95 -26.01 -12.93 3.25
CA LYS B 95 -27.05 -12.19 3.95
C LYS B 95 -26.49 -11.44 5.16
N GLN B 96 -25.75 -12.13 6.00
CA GLN B 96 -25.21 -11.54 7.23
C GLN B 96 -23.98 -10.68 6.91
N ALA B 97 -23.92 -9.49 7.49
CA ALA B 97 -22.78 -8.62 7.33
C ALA B 97 -21.78 -8.85 8.46
N ALA B 98 -20.52 -9.05 8.10
CA ALA B 98 -19.48 -9.36 9.07
C ALA B 98 -18.17 -8.68 8.69
N TRP B 99 -17.34 -8.41 9.68
CA TRP B 99 -16.05 -7.78 9.46
C TRP B 99 -15.06 -8.80 8.89
N ARG B 100 -14.71 -8.63 7.63
CA ARG B 100 -13.82 -9.55 6.94
C ARG B 100 -12.62 -8.80 6.39
N PHE B 101 -11.54 -9.52 6.18
CA PHE B 101 -10.34 -8.95 5.59
C PHE B 101 -10.34 -9.19 4.09
N ILE B 102 -10.43 -8.12 3.31
CA ILE B 102 -10.51 -8.24 1.86
C ILE B 102 -9.27 -7.66 1.20
N ARG B 103 -8.87 -8.25 0.08
CA ARG B 103 -7.66 -7.84 -0.61
C ARG B 103 -7.94 -6.71 -1.60
N ILE B 104 -7.14 -5.65 -1.49
CA ILE B 104 -7.22 -4.52 -2.40
C ILE B 104 -5.84 -4.21 -2.96
N ASP B 105 -5.80 -3.58 -4.13
CA ASP B 105 -4.54 -3.18 -4.75
C ASP B 105 -3.87 -2.10 -3.91
N THR B 106 -2.64 -2.37 -3.52
CA THR B 106 -1.93 -1.52 -2.59
C THR B 106 -1.05 -0.51 -3.33
N ALA B 107 -0.17 -1.02 -4.19
CA ALA B 107 0.73 -0.16 -4.95
C ALA B 107 1.33 -0.94 -6.12
N CYS B 108 1.79 -0.22 -7.13
CA CYS B 108 2.44 -0.85 -8.27
C CYS B 108 3.95 -0.80 -8.08
N VAL B 109 4.56 -1.98 -8.03
CA VAL B 109 5.99 -2.10 -7.78
C VAL B 109 6.74 -2.50 -9.03
N CYS B 110 8.00 -2.10 -9.11
CA CYS B 110 8.86 -2.49 -10.23
C CYS B 110 9.67 -3.72 -9.84
N VAL B 111 9.35 -4.85 -10.44
CA VAL B 111 10.07 -6.09 -10.16
C VAL B 111 11.21 -6.28 -11.16
N LEU B 112 12.25 -7.01 -10.74
CA LEU B 112 13.41 -7.22 -11.60
C LEU B 112 13.75 -8.70 -11.72
N SER B 113 14.09 -9.09 -12.93
CA SER B 113 14.61 -10.41 -13.20
C SER B 113 15.93 -10.28 -13.96
N ARG B 114 16.89 -11.15 -13.66
CA ARG B 114 18.24 -11.00 -14.23
C ARG B 114 18.33 -11.56 -15.65
N LYS B 115 17.17 -11.93 -16.22
CA LYS B 115 17.07 -12.37 -17.61
C LYS B 115 17.72 -13.73 -17.82
N ALA B 116 17.71 -14.18 -19.08
CA ALA B 116 18.29 -15.46 -19.48
C ALA B 116 17.52 -16.65 -18.92
N THR B 117 17.69 -16.93 -17.64
CA THR B 117 17.03 -18.06 -17.01
C THR B 117 16.58 -17.70 -15.60
N ARG B 118 15.82 -18.61 -14.98
CA ARG B 118 15.32 -18.39 -13.64
C ARG B 118 15.96 -19.39 -12.68
N SER A 1 12.88 -23.57 3.82
CA SER A 1 12.22 -22.45 3.10
C SER A 1 12.97 -22.13 1.82
N SER A 2 12.62 -22.83 0.75
CA SER A 2 13.24 -22.60 -0.54
C SER A 2 12.18 -22.60 -1.66
N THR A 3 10.92 -22.60 -1.26
CA THR A 3 9.83 -22.61 -2.21
C THR A 3 9.41 -21.18 -2.58
N HIS A 4 9.95 -20.69 -3.68
CA HIS A 4 9.64 -19.35 -4.13
C HIS A 4 9.40 -19.32 -5.64
N PRO A 5 8.13 -19.21 -6.06
CA PRO A 5 7.76 -19.19 -7.48
C PRO A 5 8.03 -17.82 -8.11
N VAL A 6 9.30 -17.43 -8.13
CA VAL A 6 9.72 -16.14 -8.67
C VAL A 6 9.00 -15.00 -7.92
N PHE A 7 8.74 -15.24 -6.64
CA PHE A 7 7.99 -14.29 -5.80
C PHE A 7 6.67 -13.91 -6.44
N HIS A 8 6.01 -14.91 -7.05
CA HIS A 8 4.71 -14.71 -7.69
C HIS A 8 4.86 -13.77 -8.90
N MET A 9 6.12 -13.55 -9.31
CA MET A 9 6.49 -12.61 -10.38
C MET A 9 5.71 -11.31 -10.26
N GLY A 10 5.54 -10.86 -9.03
CA GLY A 10 4.77 -9.67 -8.76
C GLY A 10 5.14 -9.04 -7.44
N GLU A 11 5.51 -9.88 -6.48
CA GLU A 11 5.86 -9.41 -5.15
C GLU A 11 7.33 -9.03 -5.08
N PHE A 12 7.67 -7.93 -5.72
CA PHE A 12 9.05 -7.45 -5.76
C PHE A 12 9.14 -6.01 -5.32
N SER A 13 10.35 -5.57 -5.03
CA SER A 13 10.64 -4.19 -4.71
C SER A 13 12.07 -3.88 -5.13
N VAL A 14 12.31 -2.66 -5.62
CA VAL A 14 13.63 -2.27 -6.10
C VAL A 14 14.47 -1.69 -4.96
N CYS A 15 13.91 -1.74 -3.76
CA CYS A 15 14.61 -1.29 -2.56
C CYS A 15 14.25 -2.20 -1.39
N ASP A 16 15.16 -2.31 -0.43
CA ASP A 16 14.95 -3.19 0.73
C ASP A 16 13.72 -2.75 1.51
N SER A 17 12.71 -3.61 1.53
CA SER A 17 11.45 -3.30 2.16
C SER A 17 11.07 -4.40 3.17
N VAL A 18 10.33 -4.02 4.19
CA VAL A 18 9.81 -4.98 5.15
C VAL A 18 8.31 -4.79 5.33
N SER A 19 7.54 -5.84 5.05
CA SER A 19 6.10 -5.79 5.20
C SER A 19 5.69 -6.42 6.52
N VAL A 20 5.19 -5.60 7.43
CA VAL A 20 4.83 -6.06 8.76
C VAL A 20 3.35 -5.82 9.02
N TRP A 21 2.69 -6.78 9.62
CA TRP A 21 1.34 -6.60 10.10
C TRP A 21 1.38 -6.23 11.57
N VAL A 22 1.35 -4.93 11.83
CA VAL A 22 1.47 -4.41 13.18
C VAL A 22 0.14 -4.53 13.91
N GLY A 23 0.12 -5.25 15.01
CA GLY A 23 -1.09 -5.40 15.79
C GLY A 23 -0.95 -4.78 17.17
N ASP A 24 0.04 -3.91 17.32
CA ASP A 24 0.29 -3.24 18.60
C ASP A 24 0.68 -1.78 18.39
N LYS A 25 0.06 -1.15 17.40
CA LYS A 25 0.32 0.25 17.12
C LYS A 25 -0.33 1.12 18.20
N THR A 26 0.42 2.03 18.78
CA THR A 26 -0.06 2.79 19.93
C THR A 26 -0.52 4.19 19.55
N THR A 27 0.18 4.83 18.63
CA THR A 27 -0.16 6.18 18.22
C THR A 27 0.07 6.38 16.72
N ALA A 28 -0.86 7.08 16.09
CA ALA A 28 -0.76 7.33 14.66
C ALA A 28 -1.35 8.69 14.32
N THR A 29 -1.03 9.17 13.12
CA THR A 29 -1.52 10.45 12.66
C THR A 29 -2.75 10.27 11.79
N ASP A 30 -3.85 10.91 12.19
CA ASP A 30 -5.08 10.90 11.42
C ASP A 30 -4.94 11.76 10.18
N ILE A 31 -5.86 11.62 9.23
CA ILE A 31 -5.82 12.38 7.98
C ILE A 31 -5.87 13.89 8.26
N LYS A 32 -6.48 14.26 9.38
CA LYS A 32 -6.60 15.67 9.76
C LYS A 32 -5.30 16.17 10.40
N GLY A 33 -4.34 15.27 10.58
CA GLY A 33 -3.06 15.64 11.12
C GLY A 33 -3.00 15.47 12.62
N LYS A 34 -4.01 14.82 13.18
CA LYS A 34 -4.10 14.62 14.61
C LYS A 34 -3.36 13.37 15.05
N GLU A 35 -2.63 13.48 16.14
CA GLU A 35 -1.99 12.33 16.73
C GLU A 35 -2.99 11.64 17.66
N VAL A 36 -3.38 10.43 17.29
CA VAL A 36 -4.39 9.71 18.04
C VAL A 36 -3.84 8.39 18.57
N THR A 37 -4.42 7.94 19.66
CA THR A 37 -3.99 6.72 20.31
C THR A 37 -4.71 5.52 19.71
N VAL A 38 -3.95 4.66 19.06
CA VAL A 38 -4.50 3.50 18.40
C VAL A 38 -4.76 2.38 19.40
N LEU A 39 -5.90 1.74 19.27
CA LEU A 39 -6.25 0.63 20.15
C LEU A 39 -5.96 -0.67 19.43
N ALA A 40 -4.98 -1.41 19.95
CA ALA A 40 -4.60 -2.69 19.37
C ALA A 40 -5.74 -3.67 19.53
N GLU A 41 -6.43 -3.57 20.65
CA GLU A 41 -7.59 -4.38 20.93
C GLU A 41 -8.81 -3.47 21.00
N VAL A 42 -9.74 -3.63 20.08
CA VAL A 42 -10.89 -2.75 20.01
C VAL A 42 -12.14 -3.43 20.55
N ASN A 43 -12.86 -2.72 21.41
CA ASN A 43 -14.11 -3.23 21.96
C ASN A 43 -15.28 -2.70 21.14
N ILE A 44 -15.78 -3.51 20.23
CA ILE A 44 -16.90 -3.12 19.41
C ILE A 44 -18.11 -4.00 19.70
N ASN A 45 -19.03 -3.47 20.50
CA ASN A 45 -20.25 -4.18 20.89
C ASN A 45 -19.88 -5.49 21.58
N ASN A 46 -18.98 -5.39 22.57
CA ASN A 46 -18.52 -6.53 23.36
C ASN A 46 -17.77 -7.56 22.51
N SER A 47 -17.28 -7.11 21.36
CA SER A 47 -16.47 -7.94 20.50
C SER A 47 -15.09 -7.31 20.34
N VAL A 48 -14.05 -8.05 20.73
CA VAL A 48 -12.70 -7.52 20.73
C VAL A 48 -11.90 -8.03 19.55
N PHE A 49 -11.62 -7.14 18.61
CA PHE A 49 -10.78 -7.48 17.47
C PHE A 49 -9.44 -6.77 17.58
N ARG A 50 -8.40 -7.38 17.04
CA ARG A 50 -7.09 -6.77 17.03
C ARG A 50 -6.83 -6.09 15.70
N GLN A 51 -6.28 -4.89 15.76
CA GLN A 51 -6.03 -4.09 14.56
C GLN A 51 -4.69 -4.45 13.92
N TYR A 52 -4.76 -5.10 12.77
CA TYR A 52 -3.56 -5.42 12.01
C TYR A 52 -3.32 -4.32 10.98
N PHE A 53 -2.14 -3.72 11.02
CA PHE A 53 -1.77 -2.69 10.06
C PHE A 53 -0.63 -3.16 9.18
N PHE A 54 -0.84 -3.13 7.87
CA PHE A 54 0.16 -3.57 6.92
C PHE A 54 1.14 -2.45 6.62
N GLU A 55 2.27 -2.47 7.30
CA GLU A 55 3.29 -1.46 7.12
C GLU A 55 4.48 -2.03 6.34
N THR A 56 4.64 -1.58 5.11
CA THR A 56 5.80 -1.94 4.31
C THR A 56 6.83 -0.81 4.43
N LYS A 57 7.80 -1.02 5.30
CA LYS A 57 8.73 0.03 5.68
C LYS A 57 10.07 -0.17 5.00
N CYS A 58 10.79 0.92 4.82
CA CYS A 58 12.10 0.88 4.17
C CYS A 58 13.14 0.31 5.13
N ARG A 59 13.61 -0.89 4.84
CA ARG A 59 14.66 -1.53 5.63
C ARG A 59 15.97 -0.78 5.46
N ALA A 60 16.34 -0.55 4.21
CA ALA A 60 17.59 0.12 3.89
C ALA A 60 17.44 0.93 2.61
N SER A 61 17.16 2.21 2.77
CA SER A 61 17.02 3.10 1.62
C SER A 61 18.36 3.26 0.91
N ASN A 62 18.30 3.29 -0.42
CA ASN A 62 19.50 3.42 -1.26
C ASN A 62 20.34 2.15 -1.18
N PRO A 63 19.87 1.04 -1.78
CA PRO A 63 20.62 -0.22 -1.82
C PRO A 63 21.93 -0.07 -2.59
N VAL A 64 21.94 0.86 -3.52
CA VAL A 64 23.14 1.18 -4.29
C VAL A 64 23.63 2.58 -3.92
N GLU A 65 24.87 2.88 -4.27
CA GLU A 65 25.48 4.16 -3.89
C GLU A 65 25.05 5.28 -4.82
N SER A 66 23.74 5.49 -4.89
CA SER A 66 23.17 6.53 -5.72
C SER A 66 21.68 6.70 -5.41
N GLY A 67 20.91 5.66 -5.73
CA GLY A 67 19.50 5.68 -5.46
C GLY A 67 18.93 4.30 -5.25
N CYS A 68 18.60 3.62 -6.33
CA CYS A 68 18.02 2.29 -6.25
C CYS A 68 18.56 1.37 -7.33
N ARG A 69 18.21 0.09 -7.27
CA ARG A 69 18.72 -0.88 -8.25
C ARG A 69 18.05 -0.66 -9.60
N GLY A 70 18.85 -0.70 -10.65
CA GLY A 70 18.31 -0.49 -11.98
C GLY A 70 18.29 0.99 -12.36
N ILE A 71 17.82 1.81 -11.44
CA ILE A 71 17.75 3.25 -11.65
C ILE A 71 19.14 3.86 -11.48
N ASP A 72 19.23 5.18 -11.67
CA ASP A 72 20.46 5.92 -11.43
C ASP A 72 21.53 5.58 -12.45
N SER A 73 21.31 6.01 -13.67
CA SER A 73 22.26 5.78 -14.74
C SER A 73 22.80 7.11 -15.27
N LYS A 74 21.93 7.90 -15.90
CA LYS A 74 22.36 9.14 -16.53
C LYS A 74 21.52 10.33 -16.07
N HIS A 75 20.23 10.29 -16.32
CA HIS A 75 19.37 11.45 -16.06
C HIS A 75 18.38 11.22 -14.94
N TRP A 76 18.48 10.07 -14.27
CA TRP A 76 17.56 9.76 -13.17
C TRP A 76 18.32 9.48 -11.89
N ASN A 77 17.82 10.02 -10.80
CA ASN A 77 18.33 9.75 -9.47
C ASN A 77 17.18 9.26 -8.61
N SER A 78 17.41 8.20 -7.84
CA SER A 78 16.33 7.57 -7.09
C SER A 78 16.54 7.68 -5.58
N TYR A 79 15.53 7.26 -4.83
CA TYR A 79 15.57 7.25 -3.37
C TYR A 79 14.35 6.51 -2.83
N CYS A 80 14.56 5.73 -1.79
CA CYS A 80 13.49 4.91 -1.22
C CYS A 80 12.68 5.72 -0.20
N THR A 81 11.39 5.87 -0.48
CA THR A 81 10.50 6.58 0.42
C THR A 81 9.23 5.77 0.61
N THR A 82 8.78 5.63 1.85
CA THR A 82 7.55 4.94 2.12
C THR A 82 6.35 5.86 1.88
N THR A 83 5.48 5.45 0.98
CA THR A 83 4.25 6.17 0.77
C THR A 83 3.30 5.85 1.92
N HIS A 84 2.40 6.76 2.22
CA HIS A 84 1.54 6.61 3.40
C HIS A 84 0.08 6.61 3.02
N THR A 85 -0.65 5.62 3.51
CA THR A 85 -2.07 5.54 3.27
C THR A 85 -2.82 5.74 4.57
N PHE A 86 -4.09 6.11 4.48
CA PHE A 86 -4.88 6.36 5.68
C PHE A 86 -5.88 5.24 5.88
N VAL A 87 -5.73 4.51 6.97
CA VAL A 87 -6.58 3.37 7.25
C VAL A 87 -7.51 3.65 8.43
N LYS A 88 -8.75 3.21 8.29
CA LYS A 88 -9.73 3.38 9.36
C LYS A 88 -9.38 2.53 10.57
N ALA A 89 -9.06 3.20 11.67
CA ALA A 89 -8.74 2.53 12.92
C ALA A 89 -9.55 3.11 14.05
N LEU A 90 -9.98 2.26 14.98
CA LEU A 90 -10.66 2.74 16.16
C LEU A 90 -9.64 3.25 17.15
N THR A 91 -9.53 4.56 17.23
CA THR A 91 -8.53 5.18 18.08
C THR A 91 -9.20 6.00 19.17
N THR A 92 -8.53 6.15 20.30
CA THR A 92 -9.08 6.97 21.37
C THR A 92 -8.50 8.37 21.27
N ASP A 93 -9.37 9.32 20.98
CA ASP A 93 -8.98 10.72 20.80
C ASP A 93 -8.41 11.27 22.11
N GLU A 94 -8.97 10.79 23.20
CA GLU A 94 -8.47 11.09 24.54
C GLU A 94 -8.94 9.99 25.49
N LYS A 95 -10.26 9.89 25.66
CA LYS A 95 -10.87 8.81 26.43
C LYS A 95 -12.12 8.33 25.73
N GLN A 96 -12.15 8.49 24.41
CA GLN A 96 -13.30 8.13 23.60
C GLN A 96 -12.84 7.42 22.34
N ALA A 97 -13.27 6.17 22.19
CA ALA A 97 -12.94 5.39 20.99
C ALA A 97 -13.73 5.90 19.80
N ALA A 98 -13.00 6.30 18.76
CA ALA A 98 -13.62 6.81 17.55
C ALA A 98 -12.85 6.35 16.32
N TRP A 99 -13.56 6.12 15.23
CA TRP A 99 -12.95 5.68 13.98
C TRP A 99 -12.23 6.84 13.30
N ARG A 100 -10.92 6.73 13.22
CA ARG A 100 -10.09 7.71 12.53
C ARG A 100 -9.46 7.07 11.31
N PHE A 101 -8.80 7.87 10.51
CA PHE A 101 -8.07 7.38 9.35
C PHE A 101 -6.61 7.73 9.51
N ILE A 102 -5.79 6.74 9.80
CA ILE A 102 -4.41 7.00 10.21
C ILE A 102 -3.43 6.56 9.15
N ARG A 103 -2.37 7.34 9.00
CA ARG A 103 -1.35 7.09 7.99
C ARG A 103 -0.42 5.96 8.39
N ILE A 104 -0.30 4.98 7.51
CA ILE A 104 0.65 3.90 7.69
C ILE A 104 1.55 3.79 6.46
N ASP A 105 2.78 3.36 6.69
CA ASP A 105 3.74 3.13 5.61
C ASP A 105 3.26 1.99 4.75
N THR A 106 2.85 2.32 3.54
CA THR A 106 2.19 1.36 2.68
C THR A 106 3.18 0.63 1.80
N ALA A 107 4.14 1.36 1.25
CA ALA A 107 5.13 0.78 0.36
C ALA A 107 6.38 1.65 0.31
N CYS A 108 7.53 1.00 0.28
CA CYS A 108 8.80 1.70 0.15
C CYS A 108 9.15 1.82 -1.33
N VAL A 109 8.85 2.98 -1.90
CA VAL A 109 8.99 3.16 -3.34
C VAL A 109 10.28 3.90 -3.66
N CYS A 110 10.81 3.65 -4.85
CA CYS A 110 11.97 4.37 -5.32
C CYS A 110 11.53 5.51 -6.22
N VAL A 111 11.69 6.72 -5.70
CA VAL A 111 11.28 7.92 -6.42
C VAL A 111 12.21 8.19 -7.58
N LEU A 112 11.79 9.06 -8.49
CA LEU A 112 12.65 9.48 -9.57
C LEU A 112 12.87 10.99 -9.51
N SER A 113 14.09 11.39 -9.71
CA SER A 113 14.44 12.79 -9.81
C SER A 113 15.31 12.99 -11.03
N ARG A 114 15.09 14.09 -11.74
CA ARG A 114 15.82 14.38 -12.97
C ARG A 114 17.24 14.85 -12.65
N LYS A 115 17.62 14.76 -11.36
CA LYS A 115 18.94 15.14 -10.86
C LYS A 115 19.04 16.66 -10.71
N ALA A 116 18.48 17.38 -11.67
CA ALA A 116 18.38 18.82 -11.57
C ALA A 116 16.90 19.23 -11.51
N THR A 117 16.32 19.10 -10.34
CA THR A 117 14.90 19.39 -10.16
C THR A 117 14.70 20.65 -9.31
N ARG A 118 15.80 21.33 -9.02
CA ARG A 118 15.75 22.54 -8.21
C ARG A 118 16.35 23.70 -8.99
N SER B 1 -3.76 24.36 -11.27
CA SER B 1 -3.07 23.25 -10.58
C SER B 1 -1.64 23.12 -11.08
N SER B 2 -0.74 23.88 -10.47
CA SER B 2 0.67 23.83 -10.83
C SER B 2 1.55 23.81 -9.59
N THR B 3 0.91 23.64 -8.44
CA THR B 3 1.62 23.61 -7.17
C THR B 3 2.06 22.19 -6.82
N HIS B 4 3.29 21.85 -7.16
CA HIS B 4 3.83 20.53 -6.88
C HIS B 4 5.25 20.62 -6.33
N PRO B 5 5.42 20.40 -5.03
CA PRO B 5 6.73 20.45 -4.38
C PRO B 5 7.54 19.19 -4.63
N VAL B 6 7.85 18.94 -5.90
CA VAL B 6 8.59 17.75 -6.32
C VAL B 6 7.84 16.48 -5.87
N PHE B 7 6.51 16.58 -5.85
CA PHE B 7 5.65 15.49 -5.38
C PHE B 7 6.07 15.03 -3.98
N HIS B 8 6.44 16.00 -3.13
CA HIS B 8 6.83 15.72 -1.75
C HIS B 8 8.13 14.92 -1.73
N MET B 9 8.80 14.86 -2.90
CA MET B 9 10.00 14.06 -3.13
C MET B 9 9.88 12.69 -2.49
N GLY B 10 8.69 12.11 -2.63
CA GLY B 10 8.41 10.82 -2.04
C GLY B 10 7.25 10.13 -2.72
N GLU B 11 6.30 10.92 -3.19
CA GLU B 11 5.11 10.38 -3.84
C GLU B 11 5.38 10.15 -5.32
N PHE B 12 6.18 9.14 -5.63
CA PHE B 12 6.53 8.82 -7.01
C PHE B 12 6.27 7.36 -7.31
N SER B 13 6.27 7.04 -8.59
CA SER B 13 6.17 5.67 -9.05
C SER B 13 6.89 5.55 -10.39
N VAL B 14 7.54 4.42 -10.62
CA VAL B 14 8.29 4.20 -11.85
C VAL B 14 7.41 3.61 -12.95
N CYS B 15 6.12 3.51 -12.65
CA CYS B 15 5.14 3.03 -13.61
C CYS B 15 3.83 3.79 -13.41
N ASP B 16 3.05 3.92 -14.48
CA ASP B 16 1.80 4.66 -14.44
C ASP B 16 0.84 4.03 -13.44
N SER B 17 0.54 4.77 -12.38
CA SER B 17 -0.30 4.28 -11.31
C SER B 17 -1.46 5.24 -11.05
N VAL B 18 -2.57 4.70 -10.55
CA VAL B 18 -3.70 5.51 -10.16
C VAL B 18 -4.16 5.15 -8.75
N SER B 19 -4.12 6.13 -7.85
CA SER B 19 -4.55 5.92 -6.48
C SER B 19 -5.99 6.39 -6.30
N VAL B 20 -6.88 5.44 -6.07
CA VAL B 20 -8.29 5.75 -5.94
C VAL B 20 -8.81 5.33 -4.57
N TRP B 21 -9.62 6.17 -3.96
CA TRP B 21 -10.33 5.80 -2.75
C TRP B 21 -11.71 5.30 -3.12
N VAL B 22 -11.84 4.00 -3.26
CA VAL B 22 -13.08 3.39 -3.70
C VAL B 22 -14.06 3.29 -2.54
N GLY B 23 -15.22 3.92 -2.68
CA GLY B 23 -16.22 3.87 -1.65
C GLY B 23 -17.47 3.15 -2.11
N ASP B 24 -17.34 2.38 -3.18
CA ASP B 24 -18.48 1.63 -3.74
C ASP B 24 -18.04 0.25 -4.20
N LYS B 25 -17.13 -0.36 -3.46
CA LYS B 25 -16.65 -1.71 -3.78
C LYS B 25 -17.74 -2.72 -3.43
N THR B 26 -18.07 -3.59 -4.37
CA THR B 26 -19.21 -4.49 -4.20
C THR B 26 -18.77 -5.89 -3.79
N THR B 27 -17.67 -6.37 -4.34
CA THR B 27 -17.19 -7.71 -4.04
C THR B 27 -15.67 -7.75 -3.97
N ALA B 28 -15.15 -8.49 -3.01
CA ALA B 28 -13.71 -8.62 -2.84
C ALA B 28 -13.34 -9.99 -2.31
N THR B 29 -12.07 -10.33 -2.43
CA THR B 29 -11.59 -11.61 -1.96
C THR B 29 -10.99 -11.49 -0.57
N ASP B 30 -11.52 -12.27 0.36
CA ASP B 30 -11.02 -12.32 1.73
C ASP B 30 -9.68 -13.06 1.76
N ILE B 31 -8.95 -12.94 2.86
CA ILE B 31 -7.64 -13.58 3.00
C ILE B 31 -7.77 -15.11 2.89
N LYS B 32 -8.94 -15.63 3.22
CA LYS B 32 -9.18 -17.06 3.13
C LYS B 32 -9.51 -17.48 1.69
N GLY B 33 -9.58 -16.50 0.80
CA GLY B 33 -9.83 -16.78 -0.60
C GLY B 33 -11.30 -16.74 -0.94
N LYS B 34 -12.11 -16.24 -0.02
CA LYS B 34 -13.54 -16.18 -0.19
C LYS B 34 -13.95 -14.91 -0.91
N GLU B 35 -14.87 -15.03 -1.84
CA GLU B 35 -15.45 -13.86 -2.49
C GLU B 35 -16.61 -13.37 -1.64
N VAL B 36 -16.47 -12.19 -1.08
CA VAL B 36 -17.46 -11.64 -0.19
C VAL B 36 -18.01 -10.33 -0.71
N THR B 37 -19.25 -10.04 -0.33
CA THR B 37 -19.92 -8.84 -0.78
C THR B 37 -19.59 -7.68 0.15
N VAL B 38 -18.91 -6.68 -0.39
CA VAL B 38 -18.49 -5.54 0.40
C VAL B 38 -19.64 -4.56 0.53
N LEU B 39 -19.80 -4.02 1.73
CA LEU B 39 -20.83 -3.03 1.99
C LEU B 39 -20.22 -1.64 1.95
N ALA B 40 -20.61 -0.85 0.97
CA ALA B 40 -20.11 0.50 0.82
C ALA B 40 -20.58 1.35 1.99
N GLU B 41 -21.80 1.08 2.43
CA GLU B 41 -22.39 1.72 3.58
C GLU B 41 -22.60 0.69 4.67
N VAL B 42 -21.89 0.84 5.78
CA VAL B 42 -21.95 -0.16 6.84
C VAL B 42 -22.79 0.33 8.01
N ASN B 43 -23.68 -0.51 8.47
CA ASN B 43 -24.51 -0.19 9.62
C ASN B 43 -23.90 -0.77 10.88
N ILE B 44 -23.20 0.07 11.62
CA ILE B 44 -22.55 -0.37 12.86
C ILE B 44 -23.17 0.35 14.05
N ASN B 45 -24.07 -0.34 14.73
CA ASN B 45 -24.76 0.20 15.91
C ASN B 45 -25.50 1.48 15.52
N ASN B 46 -26.29 1.38 14.44
CA ASN B 46 -27.09 2.50 13.93
C ASN B 46 -26.22 3.66 13.45
N SER B 47 -24.95 3.37 13.17
CA SER B 47 -24.05 4.35 12.62
C SER B 47 -23.57 3.88 11.26
N VAL B 48 -23.82 4.69 10.24
CA VAL B 48 -23.51 4.30 8.87
C VAL B 48 -22.25 5.01 8.38
N PHE B 49 -21.19 4.24 8.21
CA PHE B 49 -19.95 4.76 7.66
C PHE B 49 -19.72 4.19 6.26
N ARG B 50 -19.06 4.95 5.41
CA ARG B 50 -18.73 4.48 4.08
C ARG B 50 -17.31 3.94 4.03
N GLN B 51 -17.14 2.81 3.38
CA GLN B 51 -15.85 2.15 3.31
C GLN B 51 -14.99 2.70 2.17
N TYR B 52 -13.96 3.44 2.53
CA TYR B 52 -13.02 3.94 1.53
C TYR B 52 -11.84 2.98 1.41
N PHE B 53 -11.59 2.50 0.20
CA PHE B 53 -10.47 1.61 -0.05
C PHE B 53 -9.44 2.27 -0.95
N PHE B 54 -8.22 2.33 -0.48
CA PHE B 54 -7.13 2.95 -1.23
C PHE B 54 -6.54 1.96 -2.22
N GLU B 55 -6.98 2.05 -3.46
CA GLU B 55 -6.50 1.17 -4.51
C GLU B 55 -5.58 1.92 -5.46
N THR B 56 -4.30 1.61 -5.41
CA THR B 56 -3.34 2.15 -6.35
C THR B 56 -3.13 1.14 -7.47
N LYS B 57 -3.81 1.36 -8.57
CA LYS B 57 -3.90 0.39 -9.64
C LYS B 57 -3.00 0.78 -10.80
N CYS B 58 -2.56 -0.21 -11.56
CA CYS B 58 -1.69 0.04 -12.71
C CYS B 58 -2.48 0.63 -13.87
N ARG B 59 -2.23 1.90 -14.15
CA ARG B 59 -2.87 2.57 -15.28
C ARG B 59 -2.37 1.98 -16.59
N ALA B 60 -1.05 1.91 -16.72
CA ALA B 60 -0.44 1.40 -17.94
C ALA B 60 0.87 0.68 -17.60
N SER B 61 0.81 -0.62 -17.48
CA SER B 61 1.99 -1.42 -17.18
C SER B 61 2.96 -1.39 -18.36
N ASN B 62 4.25 -1.31 -18.04
CA ASN B 62 5.31 -1.23 -19.04
C ASN B 62 5.26 0.10 -19.78
N PRO B 63 5.63 1.21 -19.09
CA PRO B 63 5.68 2.54 -19.71
C PRO B 63 6.69 2.59 -20.85
N VAL B 64 7.71 1.76 -20.75
CA VAL B 64 8.72 1.64 -21.79
C VAL B 64 8.60 0.27 -22.46
N GLU B 65 9.22 0.13 -23.62
CA GLU B 65 9.10 -1.09 -24.41
C GLU B 65 10.03 -2.18 -23.90
N SER B 66 9.89 -2.51 -22.62
CA SER B 66 10.70 -3.54 -21.99
C SER B 66 10.12 -3.88 -20.62
N GLY B 67 10.18 -2.92 -19.71
CA GLY B 67 9.65 -3.11 -18.39
C GLY B 67 9.18 -1.82 -17.76
N CYS B 68 10.11 -1.08 -17.16
CA CYS B 68 9.77 0.17 -16.49
C CYS B 68 10.84 1.23 -16.73
N ARG B 69 10.58 2.45 -16.29
CA ARG B 69 11.51 3.54 -16.50
C ARG B 69 12.72 3.37 -15.60
N GLY B 70 13.91 3.58 -16.16
CA GLY B 70 15.13 3.43 -15.39
C GLY B 70 15.65 2.01 -15.42
N ILE B 71 14.74 1.06 -15.21
CA ILE B 71 15.08 -0.36 -15.22
C ILE B 71 15.25 -0.84 -16.67
N ASP B 72 15.60 -2.10 -16.83
CA ASP B 72 15.67 -2.74 -18.15
C ASP B 72 16.84 -2.20 -18.96
N SER B 73 18.04 -2.55 -18.53
CA SER B 73 19.24 -2.13 -19.23
C SER B 73 20.00 -3.35 -19.76
N LYS B 74 20.53 -4.15 -18.86
CA LYS B 74 21.37 -5.28 -19.24
C LYS B 74 20.87 -6.59 -18.63
N HIS B 75 20.86 -6.66 -17.30
CA HIS B 75 20.57 -7.93 -16.62
C HIS B 75 19.25 -7.89 -15.85
N TRP B 76 18.50 -6.81 -15.99
CA TRP B 76 17.22 -6.70 -15.30
C TRP B 76 16.09 -6.44 -16.28
N ASN B 77 14.98 -7.13 -16.04
CA ASN B 77 13.75 -6.93 -16.80
C ASN B 77 12.64 -6.62 -15.81
N SER B 78 11.83 -5.63 -16.10
CA SER B 78 10.82 -5.17 -15.14
C SER B 78 9.39 -5.40 -15.66
N TYR B 79 8.42 -5.14 -14.79
CA TYR B 79 7.01 -5.27 -15.12
C TYR B 79 6.18 -4.70 -13.97
N CYS B 80 5.11 -3.99 -14.31
CA CYS B 80 4.26 -3.35 -13.32
C CYS B 80 3.19 -4.32 -12.80
N THR B 81 3.23 -4.58 -11.51
CA THR B 81 2.26 -5.46 -10.89
C THR B 81 1.75 -4.81 -9.60
N THR B 82 0.44 -4.82 -9.41
CA THR B 82 -0.15 -4.29 -8.21
C THR B 82 -0.04 -5.30 -7.08
N THR B 83 0.63 -4.91 -6.00
CA THR B 83 0.67 -5.75 -4.82
C THR B 83 -0.66 -5.62 -4.10
N HIS B 84 -1.04 -6.64 -3.35
CA HIS B 84 -2.36 -6.69 -2.75
C HIS B 84 -2.28 -6.80 -1.24
N THR B 85 -3.01 -5.95 -0.55
CA THR B 85 -3.04 -6.00 0.90
C THR B 85 -4.44 -6.38 1.35
N PHE B 86 -4.56 -6.89 2.57
CA PHE B 86 -5.85 -7.32 3.08
C PHE B 86 -6.35 -6.33 4.12
N VAL B 87 -7.47 -5.69 3.81
CA VAL B 87 -8.03 -4.67 4.68
C VAL B 87 -9.32 -5.15 5.32
N LYS B 88 -9.48 -4.83 6.60
CA LYS B 88 -10.69 -5.19 7.33
C LYS B 88 -11.90 -4.41 6.81
N ALA B 89 -12.84 -5.14 6.22
CA ALA B 89 -14.06 -4.55 5.71
C ALA B 89 -15.26 -5.31 6.23
N LEU B 90 -16.34 -4.59 6.53
CA LEU B 90 -17.57 -5.25 6.93
C LEU B 90 -18.28 -5.73 5.67
N THR B 91 -18.22 -7.02 5.44
CA THR B 91 -18.78 -7.60 4.24
C THR B 91 -19.89 -8.57 4.60
N THR B 92 -20.84 -8.75 3.70
CA THR B 92 -21.90 -9.71 3.96
C THR B 92 -21.55 -11.03 3.28
N ASP B 93 -21.34 -12.04 4.12
CA ASP B 93 -20.93 -13.37 3.65
C ASP B 93 -22.04 -13.98 2.79
N GLU B 94 -23.28 -13.64 3.14
CA GLU B 94 -24.44 -14.00 2.36
C GLU B 94 -25.58 -13.04 2.73
N LYS B 95 -26.01 -13.10 3.99
CA LYS B 95 -27.00 -12.16 4.51
C LYS B 95 -26.60 -11.75 5.93
N GLN B 96 -25.31 -11.81 6.20
CA GLN B 96 -24.78 -11.50 7.52
C GLN B 96 -23.53 -10.63 7.38
N ALA B 97 -23.59 -9.44 7.94
CA ALA B 97 -22.45 -8.54 7.93
C ALA B 97 -21.38 -9.01 8.90
N ALA B 98 -20.18 -9.24 8.37
CA ALA B 98 -19.07 -9.71 9.17
C ALA B 98 -17.77 -9.06 8.71
N TRP B 99 -16.87 -8.81 9.64
CA TRP B 99 -15.58 -8.21 9.33
C TRP B 99 -14.66 -9.22 8.68
N ARG B 100 -14.34 -8.97 7.42
CA ARG B 100 -13.40 -9.79 6.67
C ARG B 100 -12.16 -8.98 6.35
N PHE B 101 -11.16 -9.64 5.79
CA PHE B 101 -9.95 -8.98 5.37
C PHE B 101 -9.79 -9.20 3.88
N ILE B 102 -10.00 -8.14 3.10
CA ILE B 102 -10.11 -8.28 1.66
C ILE B 102 -8.93 -7.65 0.94
N ARG B 103 -8.51 -8.31 -0.13
CA ARG B 103 -7.35 -7.87 -0.89
C ARG B 103 -7.67 -6.68 -1.78
N ILE B 104 -6.90 -5.63 -1.64
CA ILE B 104 -7.00 -4.47 -2.51
C ILE B 104 -5.64 -4.16 -3.13
N ASP B 105 -5.67 -3.62 -4.34
CA ASP B 105 -4.46 -3.21 -5.04
C ASP B 105 -3.83 -2.05 -4.29
N THR B 106 -2.70 -2.31 -3.68
CA THR B 106 -2.09 -1.36 -2.77
C THR B 106 -1.12 -0.45 -3.50
N ALA B 107 -0.32 -1.03 -4.39
CA ALA B 107 0.68 -0.27 -5.13
C ALA B 107 1.06 -0.99 -6.41
N CYS B 108 1.25 -0.23 -7.48
CA CYS B 108 1.69 -0.77 -8.74
C CYS B 108 3.21 -0.73 -8.78
N VAL B 109 3.84 -1.86 -8.50
CA VAL B 109 5.28 -1.91 -8.35
C VAL B 109 5.93 -2.48 -9.60
N CYS B 110 7.15 -2.07 -9.85
CA CYS B 110 7.92 -2.62 -10.96
C CYS B 110 8.83 -3.72 -10.46
N VAL B 111 8.48 -4.95 -10.81
CA VAL B 111 9.23 -6.12 -10.37
C VAL B 111 10.57 -6.19 -11.08
N LEU B 112 11.46 -7.01 -10.55
CA LEU B 112 12.73 -7.25 -11.21
C LEU B 112 12.87 -8.72 -11.56
N SER B 113 13.34 -8.97 -12.76
CA SER B 113 13.66 -10.31 -13.20
C SER B 113 15.05 -10.31 -13.80
N ARG B 114 15.80 -11.37 -13.55
CA ARG B 114 17.17 -11.47 -14.04
C ARG B 114 17.19 -11.82 -15.53
N LYS B 115 16.00 -11.79 -16.15
CA LYS B 115 15.80 -12.08 -17.58
C LYS B 115 15.83 -13.59 -17.84
N ALA B 116 16.73 -14.28 -17.16
CA ALA B 116 16.77 -15.73 -17.20
C ALA B 116 16.47 -16.29 -15.82
N THR B 117 15.19 -16.31 -15.46
CA THR B 117 14.77 -16.77 -14.15
C THR B 117 14.05 -18.11 -14.23
N ARG B 118 14.04 -18.70 -15.41
CA ARG B 118 13.38 -19.97 -15.63
C ARG B 118 14.38 -20.98 -16.15
N SER A 1 -8.54 -24.83 -11.24
CA SER A 1 -7.50 -24.32 -12.15
C SER A 1 -7.35 -22.81 -12.01
N SER A 2 -6.13 -22.35 -11.81
CA SER A 2 -5.86 -20.92 -11.69
C SER A 2 -4.75 -20.51 -12.65
N THR A 3 -5.12 -19.78 -13.69
CA THR A 3 -4.15 -19.34 -14.70
C THR A 3 -3.42 -18.09 -14.24
N HIS A 4 -2.57 -18.25 -13.23
CA HIS A 4 -1.77 -17.16 -12.73
C HIS A 4 -0.32 -17.38 -13.12
N PRO A 5 0.23 -16.51 -13.99
CA PRO A 5 1.60 -16.65 -14.49
C PRO A 5 2.66 -16.30 -13.45
N VAL A 6 2.74 -17.10 -12.40
CA VAL A 6 3.77 -16.97 -11.36
C VAL A 6 3.78 -15.56 -10.76
N PHE A 7 2.95 -15.36 -9.75
CA PHE A 7 2.84 -14.06 -9.08
C PHE A 7 4.17 -13.63 -8.48
N HIS A 8 5.03 -14.60 -8.20
CA HIS A 8 6.33 -14.34 -7.60
C HIS A 8 7.19 -13.47 -8.51
N MET A 9 6.86 -13.43 -9.79
CA MET A 9 7.59 -12.58 -10.73
C MET A 9 7.22 -11.12 -10.51
N GLY A 10 6.14 -10.90 -9.79
CA GLY A 10 5.73 -9.56 -9.43
C GLY A 10 6.12 -9.22 -8.01
N GLU A 11 6.84 -10.13 -7.37
CA GLU A 11 7.32 -9.93 -6.01
C GLU A 11 8.78 -9.52 -6.03
N PHE A 12 9.29 -9.18 -7.21
CA PHE A 12 10.68 -8.77 -7.37
C PHE A 12 10.81 -7.27 -7.15
N SER A 13 10.60 -6.85 -5.92
CA SER A 13 10.74 -5.47 -5.53
C SER A 13 12.18 -5.00 -5.77
N VAL A 14 12.35 -4.00 -6.65
CA VAL A 14 13.66 -3.43 -6.91
C VAL A 14 14.30 -2.90 -5.64
N CYS A 15 13.46 -2.45 -4.72
CA CYS A 15 13.93 -1.98 -3.43
C CYS A 15 13.54 -2.96 -2.33
N ASP A 16 14.51 -3.34 -1.52
CA ASP A 16 14.26 -4.26 -0.42
C ASP A 16 13.38 -3.61 0.63
N SER A 17 12.20 -4.17 0.82
CA SER A 17 11.23 -3.61 1.74
C SER A 17 10.67 -4.69 2.65
N VAL A 18 10.19 -4.29 3.81
CA VAL A 18 9.62 -5.22 4.75
C VAL A 18 8.19 -4.84 5.11
N SER A 19 7.24 -5.69 4.75
CA SER A 19 5.85 -5.49 5.10
C SER A 19 5.57 -6.13 6.45
N VAL A 20 5.16 -5.32 7.41
CA VAL A 20 4.97 -5.79 8.77
C VAL A 20 3.52 -5.64 9.20
N TRP A 21 3.01 -6.65 9.88
CA TRP A 21 1.69 -6.59 10.46
C TRP A 21 1.82 -6.17 11.91
N VAL A 22 1.64 -4.88 12.15
CA VAL A 22 1.84 -4.28 13.45
C VAL A 22 0.64 -4.57 14.34
N GLY A 23 0.93 -4.95 15.58
CA GLY A 23 -0.12 -5.27 16.54
C GLY A 23 -0.82 -4.04 17.08
N ASP A 24 -1.51 -3.33 16.19
CA ASP A 24 -2.37 -2.20 16.56
C ASP A 24 -1.56 -0.96 16.94
N LYS A 25 -0.23 -1.09 16.89
CA LYS A 25 0.69 0.02 17.15
C LYS A 25 0.35 0.70 18.49
N THR A 26 0.40 2.02 18.54
CA THR A 26 0.02 2.74 19.75
C THR A 26 -0.60 4.09 19.41
N THR A 27 0.09 4.86 18.57
CA THR A 27 -0.39 6.17 18.15
C THR A 27 -0.25 6.33 16.65
N ALA A 28 -1.18 7.03 16.04
CA ALA A 28 -1.14 7.26 14.61
C ALA A 28 -1.59 8.67 14.27
N THR A 29 -1.31 9.11 13.06
CA THR A 29 -1.68 10.44 12.63
C THR A 29 -2.90 10.40 11.72
N ASP A 30 -3.97 11.05 12.14
CA ASP A 30 -5.19 11.14 11.37
C ASP A 30 -4.98 12.03 10.14
N ILE A 31 -5.87 11.93 9.17
CA ILE A 31 -5.76 12.71 7.94
C ILE A 31 -5.79 14.21 8.22
N LYS A 32 -6.40 14.60 9.33
CA LYS A 32 -6.47 16.00 9.71
C LYS A 32 -5.16 16.46 10.36
N GLY A 33 -4.26 15.52 10.58
CA GLY A 33 -2.97 15.84 11.18
C GLY A 33 -3.02 15.71 12.69
N LYS A 34 -3.98 14.96 13.18
CA LYS A 34 -4.14 14.74 14.61
C LYS A 34 -3.46 13.45 15.04
N GLU A 35 -2.67 13.52 16.10
CA GLU A 35 -2.08 12.33 16.66
C GLU A 35 -3.07 11.67 17.60
N VAL A 36 -3.51 10.48 17.24
CA VAL A 36 -4.53 9.78 17.99
C VAL A 36 -4.00 8.47 18.56
N THR A 37 -4.62 8.02 19.64
CA THR A 37 -4.23 6.79 20.28
C THR A 37 -5.02 5.62 19.71
N VAL A 38 -4.31 4.58 19.29
CA VAL A 38 -4.96 3.41 18.73
C VAL A 38 -5.26 2.40 19.81
N LEU A 39 -6.42 1.76 19.70
CA LEU A 39 -6.83 0.77 20.66
C LEU A 39 -6.25 -0.59 20.29
N ALA A 40 -5.57 -1.22 21.23
CA ALA A 40 -5.00 -2.54 21.02
C ALA A 40 -6.11 -3.56 20.82
N GLU A 41 -7.26 -3.24 21.37
CA GLU A 41 -8.47 -4.00 21.15
C GLU A 41 -9.63 -3.03 20.94
N VAL A 42 -10.32 -3.18 19.83
CA VAL A 42 -11.39 -2.26 19.49
C VAL A 42 -12.70 -2.75 20.08
N ASN A 43 -13.36 -1.88 20.82
CA ASN A 43 -14.63 -2.22 21.43
C ASN A 43 -15.77 -2.04 20.45
N ILE A 44 -16.18 -3.14 19.86
CA ILE A 44 -17.33 -3.16 18.96
C ILE A 44 -18.47 -3.84 19.70
N ASN A 45 -19.70 -3.50 19.36
CA ASN A 45 -20.86 -4.02 20.07
C ASN A 45 -20.85 -5.55 20.10
N ASN A 46 -20.58 -6.08 21.29
CA ASN A 46 -20.56 -7.53 21.52
C ASN A 46 -19.41 -8.20 20.77
N SER A 47 -18.32 -7.46 20.56
CA SER A 47 -17.14 -8.02 19.90
C SER A 47 -15.91 -7.15 20.17
N VAL A 48 -14.94 -7.70 20.88
CA VAL A 48 -13.69 -7.00 21.15
C VAL A 48 -12.52 -7.74 20.50
N PHE A 49 -11.89 -7.11 19.52
CA PHE A 49 -10.82 -7.75 18.77
C PHE A 49 -9.73 -6.76 18.39
N ARG A 50 -8.58 -7.28 17.99
CA ARG A 50 -7.48 -6.45 17.52
C ARG A 50 -7.70 -6.13 16.04
N GLN A 51 -7.29 -4.95 15.60
CA GLN A 51 -7.59 -4.55 14.25
C GLN A 51 -6.34 -4.50 13.36
N TYR A 52 -5.17 -4.54 14.01
CA TYR A 52 -3.86 -4.68 13.33
C TYR A 52 -3.56 -3.55 12.34
N PHE A 53 -2.30 -3.49 11.91
CA PHE A 53 -1.87 -2.57 10.86
C PHE A 53 -0.86 -3.26 9.95
N PHE A 54 -0.69 -2.73 8.75
CA PHE A 54 0.30 -3.23 7.82
C PHE A 54 1.21 -2.09 7.36
N GLU A 55 2.46 -2.16 7.76
CA GLU A 55 3.42 -1.11 7.39
C GLU A 55 4.59 -1.71 6.63
N THR A 56 4.82 -1.19 5.44
CA THR A 56 5.95 -1.62 4.62
C THR A 56 7.09 -0.62 4.74
N LYS A 57 8.18 -1.05 5.34
CA LYS A 57 9.31 -0.16 5.59
C LYS A 57 10.43 -0.44 4.60
N CYS A 58 11.08 0.61 4.14
CA CYS A 58 12.18 0.49 3.21
C CYS A 58 13.44 0.05 3.94
N ARG A 59 13.82 -1.22 3.74
CA ARG A 59 15.06 -1.73 4.30
C ARG A 59 16.24 -1.21 3.51
N ALA A 60 16.00 -1.02 2.22
CA ALA A 60 16.97 -0.39 1.34
C ALA A 60 16.70 1.11 1.28
N SER A 61 17.75 1.91 1.27
CA SER A 61 17.60 3.35 1.22
C SER A 61 18.75 4.02 0.48
N ASN A 62 19.56 3.22 -0.19
CA ASN A 62 20.71 3.76 -0.93
C ASN A 62 20.43 3.65 -2.42
N PRO A 63 20.70 4.71 -3.20
CA PRO A 63 20.37 4.80 -4.63
C PRO A 63 20.47 3.49 -5.39
N VAL A 64 21.66 2.91 -5.47
CA VAL A 64 21.86 1.69 -6.24
C VAL A 64 22.45 0.57 -5.38
N GLU A 65 23.58 0.85 -4.74
CA GLU A 65 24.32 -0.13 -3.94
C GLU A 65 23.41 -0.96 -3.04
N SER A 66 22.47 -0.28 -2.40
CA SER A 66 21.49 -0.97 -1.57
C SER A 66 20.12 -0.33 -1.81
N GLY A 67 19.64 -0.45 -3.04
CA GLY A 67 18.36 0.10 -3.39
C GLY A 67 17.94 -0.24 -4.81
N CYS A 68 17.78 0.78 -5.63
CA CYS A 68 17.23 0.61 -6.97
C CYS A 68 18.32 0.22 -7.96
N ARG A 69 18.74 -1.02 -7.89
CA ARG A 69 19.71 -1.58 -8.83
C ARG A 69 19.10 -1.67 -10.22
N GLY A 70 19.76 -1.09 -11.19
CA GLY A 70 19.21 -1.03 -12.53
C GLY A 70 19.27 0.39 -13.07
N ILE A 71 19.12 1.36 -12.17
CA ILE A 71 19.20 2.76 -12.56
C ILE A 71 20.65 3.16 -12.78
N ASP A 72 20.95 3.67 -13.97
CA ASP A 72 22.31 4.03 -14.32
C ASP A 72 22.33 5.28 -15.17
N SER A 73 22.34 6.43 -14.51
CA SER A 73 22.34 7.72 -15.19
C SER A 73 22.91 8.79 -14.27
N LYS A 74 23.53 9.81 -14.86
CA LYS A 74 24.08 10.91 -14.10
C LYS A 74 23.05 12.04 -14.03
N HIS A 75 21.88 11.78 -14.58
CA HIS A 75 20.79 12.76 -14.58
C HIS A 75 19.76 12.39 -13.52
N TRP A 76 19.91 11.21 -12.94
CA TRP A 76 18.93 10.70 -11.99
C TRP A 76 19.56 10.39 -10.66
N ASN A 77 18.82 10.69 -9.60
CA ASN A 77 19.15 10.23 -8.26
C ASN A 77 17.99 9.37 -7.77
N SER A 78 18.30 8.24 -7.18
CA SER A 78 17.25 7.29 -6.83
C SER A 78 17.32 6.93 -5.35
N TYR A 79 16.17 6.54 -4.81
CA TYR A 79 16.07 6.07 -3.44
C TYR A 79 14.66 5.56 -3.18
N CYS A 80 14.46 4.99 -2.01
CA CYS A 80 13.18 4.38 -1.66
C CYS A 80 12.38 5.29 -0.74
N THR A 81 11.08 5.39 -0.97
CA THR A 81 10.21 6.20 -0.14
C THR A 81 8.97 5.41 0.27
N THR A 82 8.62 5.47 1.54
CA THR A 82 7.42 4.80 2.02
C THR A 82 6.19 5.67 1.79
N THR A 83 5.20 5.11 1.12
CA THR A 83 3.97 5.83 0.85
C THR A 83 2.96 5.61 1.97
N HIS A 84 2.42 6.70 2.49
CA HIS A 84 1.47 6.60 3.59
C HIS A 84 0.03 6.72 3.07
N THR A 85 -0.81 5.81 3.49
CA THR A 85 -2.20 5.82 3.11
C THR A 85 -3.05 5.99 4.37
N PHE A 86 -4.31 6.38 4.20
CA PHE A 86 -5.16 6.63 5.34
C PHE A 86 -6.13 5.47 5.52
N VAL A 87 -6.00 4.79 6.65
CA VAL A 87 -6.81 3.61 6.92
C VAL A 87 -7.81 3.88 8.03
N LYS A 88 -8.97 3.25 7.92
CA LYS A 88 -10.02 3.33 8.92
C LYS A 88 -9.68 2.49 10.15
N ALA A 89 -9.32 3.17 11.22
CA ALA A 89 -8.99 2.50 12.47
C ALA A 89 -9.77 3.12 13.63
N LEU A 90 -10.29 2.28 14.51
CA LEU A 90 -10.99 2.77 15.68
C LEU A 90 -9.99 3.30 16.69
N THR A 91 -9.90 4.61 16.78
CA THR A 91 -8.92 5.24 17.63
C THR A 91 -9.59 6.25 18.55
N THR A 92 -8.90 6.65 19.60
CA THR A 92 -9.44 7.63 20.53
C THR A 92 -8.70 8.96 20.39
N ASP A 93 -9.40 9.96 19.87
CA ASP A 93 -8.83 11.29 19.69
C ASP A 93 -9.09 12.17 20.90
N GLU A 94 -9.71 11.60 21.93
CA GLU A 94 -10.04 12.33 23.13
C GLU A 94 -10.31 11.36 24.27
N LYS A 95 -11.49 10.74 24.24
CA LYS A 95 -11.84 9.70 25.21
C LYS A 95 -12.59 8.58 24.51
N GLN A 96 -13.70 8.94 23.87
CA GLN A 96 -14.48 7.98 23.10
C GLN A 96 -13.67 7.50 21.90
N ALA A 97 -14.05 6.36 21.35
CA ALA A 97 -13.34 5.79 20.22
C ALA A 97 -14.15 5.94 18.93
N ALA A 98 -13.47 6.29 17.86
CA ALA A 98 -14.11 6.49 16.57
C ALA A 98 -13.24 5.98 15.44
N TRP A 99 -13.87 5.55 14.36
CA TRP A 99 -13.14 5.08 13.19
C TRP A 99 -12.55 6.26 12.43
N ARG A 100 -11.26 6.50 12.66
CA ARG A 100 -10.56 7.61 12.04
C ARG A 100 -9.77 7.11 10.86
N PHE A 101 -9.34 8.02 10.00
CA PHE A 101 -8.52 7.67 8.86
C PHE A 101 -7.09 8.10 9.12
N ILE A 102 -6.24 7.14 9.44
CA ILE A 102 -4.89 7.43 9.90
C ILE A 102 -3.85 6.97 8.88
N ARG A 103 -2.76 7.74 8.79
CA ARG A 103 -1.72 7.47 7.81
C ARG A 103 -0.80 6.35 8.28
N ILE A 104 -0.74 5.29 7.49
CA ILE A 104 0.23 4.23 7.71
C ILE A 104 1.09 4.08 6.45
N ASP A 105 2.36 3.80 6.65
CA ASP A 105 3.28 3.59 5.54
C ASP A 105 3.04 2.20 4.95
N THR A 106 2.29 2.15 3.87
CA THR A 106 1.78 0.87 3.38
C THR A 106 2.69 0.27 2.30
N ALA A 107 3.52 1.08 1.67
CA ALA A 107 4.36 0.59 0.59
C ALA A 107 5.68 1.34 0.54
N CYS A 108 6.65 0.73 -0.14
CA CYS A 108 7.96 1.33 -0.32
C CYS A 108 8.25 1.42 -1.82
N VAL A 109 8.27 2.64 -2.33
CA VAL A 109 8.41 2.86 -3.75
C VAL A 109 9.82 3.31 -4.12
N CYS A 110 10.23 2.98 -5.33
CA CYS A 110 11.50 3.43 -5.87
C CYS A 110 11.27 4.70 -6.66
N VAL A 111 11.93 5.78 -6.28
CA VAL A 111 11.71 7.06 -6.93
C VAL A 111 12.96 7.53 -7.68
N LEU A 112 12.75 8.38 -8.67
CA LEU A 112 13.85 9.01 -9.38
C LEU A 112 13.72 10.53 -9.29
N SER A 113 14.83 11.20 -9.07
CA SER A 113 14.84 12.64 -9.00
C SER A 113 15.82 13.20 -10.03
N ARG A 114 15.44 14.31 -10.65
CA ARG A 114 16.26 14.96 -11.66
C ARG A 114 17.45 15.66 -11.01
N LYS A 115 17.44 15.69 -9.68
CA LYS A 115 18.51 16.29 -8.87
C LYS A 115 18.47 17.81 -8.92
N ALA A 116 18.41 18.35 -10.12
CA ALA A 116 18.35 19.79 -10.32
C ALA A 116 16.98 20.33 -9.92
N THR A 117 16.00 19.44 -9.88
CA THR A 117 14.64 19.81 -9.51
C THR A 117 14.49 19.83 -7.99
N ARG A 118 13.58 20.65 -7.50
CA ARG A 118 13.31 20.72 -6.07
C ARG A 118 11.82 20.50 -5.82
N SER B 1 6.86 24.56 12.79
CA SER B 1 8.00 24.25 11.92
C SER B 1 8.04 22.76 11.60
N SER B 2 8.13 22.42 10.33
CA SER B 2 8.22 21.02 9.91
C SER B 2 9.40 20.81 8.99
N THR B 3 10.43 20.14 9.49
CA THR B 3 11.64 19.90 8.70
C THR B 3 11.45 18.70 7.78
N HIS B 4 10.62 18.86 6.77
CA HIS B 4 10.38 17.81 5.80
C HIS B 4 11.02 18.22 4.48
N PRO B 5 12.06 17.49 4.04
CA PRO B 5 12.80 17.83 2.81
C PRO B 5 12.03 17.50 1.54
N VAL B 6 10.93 18.22 1.32
CA VAL B 6 10.13 18.11 0.10
C VAL B 6 9.68 16.67 -0.16
N PHE B 7 8.54 16.30 0.43
CA PHE B 7 8.01 14.94 0.30
C PHE B 7 7.72 14.62 -1.16
N HIS B 8 7.51 15.66 -1.97
CA HIS B 8 7.21 15.48 -3.38
C HIS B 8 8.35 14.79 -4.12
N MET B 9 9.54 14.81 -3.54
CA MET B 9 10.69 14.13 -4.15
C MET B 9 10.55 12.62 -3.96
N GLY B 10 9.65 12.23 -3.07
CA GLY B 10 9.37 10.83 -2.86
C GLY B 10 8.09 10.41 -3.56
N GLU B 11 7.51 11.35 -4.30
CA GLU B 11 6.30 11.08 -5.06
C GLU B 11 6.65 10.84 -6.53
N PHE B 12 7.92 10.65 -6.81
CA PHE B 12 8.38 10.40 -8.16
C PHE B 12 8.35 8.91 -8.48
N SER B 13 7.14 8.38 -8.56
CA SER B 13 6.93 6.99 -8.90
C SER B 13 7.48 6.70 -10.30
N VAL B 14 8.47 5.80 -10.37
CA VAL B 14 9.05 5.40 -11.66
C VAL B 14 7.97 4.85 -12.58
N CYS B 15 6.96 4.24 -11.99
CA CYS B 15 5.85 3.71 -12.74
C CYS B 15 4.60 4.54 -12.49
N ASP B 16 3.96 4.96 -13.56
CA ASP B 16 2.74 5.75 -13.46
C ASP B 16 1.61 4.92 -12.86
N SER B 17 1.14 5.34 -11.71
CA SER B 17 0.11 4.61 -11.00
C SER B 17 -0.99 5.55 -10.54
N VAL B 18 -2.18 5.00 -10.33
CA VAL B 18 -3.30 5.79 -9.88
C VAL B 18 -3.88 5.22 -8.58
N SER B 19 -3.80 6.00 -7.52
CA SER B 19 -4.39 5.61 -6.25
C SER B 19 -5.83 6.11 -6.19
N VAL B 20 -6.76 5.19 -6.04
CA VAL B 20 -8.17 5.52 -6.09
C VAL B 20 -8.85 5.18 -4.78
N TRP B 21 -9.71 6.07 -4.33
CA TRP B 21 -10.53 5.82 -3.16
C TRP B 21 -11.88 5.29 -3.61
N VAL B 22 -12.00 3.98 -3.60
CA VAL B 22 -13.18 3.30 -4.11
C VAL B 22 -14.31 3.39 -3.09
N GLY B 23 -15.51 3.68 -3.59
CA GLY B 23 -16.66 3.82 -2.72
C GLY B 23 -17.20 2.48 -2.26
N ASP B 24 -16.40 1.77 -1.48
CA ASP B 24 -16.80 0.53 -0.81
C ASP B 24 -16.91 -0.64 -1.79
N LYS B 25 -16.61 -0.37 -3.06
CA LYS B 25 -16.58 -1.39 -4.11
C LYS B 25 -17.88 -2.21 -4.11
N THR B 26 -17.79 -3.52 -4.30
CA THR B 26 -18.97 -4.37 -4.23
C THR B 26 -18.61 -5.74 -3.66
N THR B 27 -17.60 -6.36 -4.24
CA THR B 27 -17.14 -7.68 -3.80
C THR B 27 -15.64 -7.69 -3.66
N ALA B 28 -15.14 -8.44 -2.69
CA ALA B 28 -13.71 -8.55 -2.46
C ALA B 28 -13.33 -9.97 -2.09
N THR B 29 -12.05 -10.27 -2.15
CA THR B 29 -11.56 -11.60 -1.83
C THR B 29 -10.90 -11.62 -0.46
N ASP B 30 -11.46 -12.41 0.44
CA ASP B 30 -10.92 -12.57 1.79
C ASP B 30 -9.60 -13.33 1.73
N ILE B 31 -8.82 -13.24 2.81
CA ILE B 31 -7.52 -13.90 2.90
C ILE B 31 -7.64 -15.42 2.72
N LYS B 32 -8.81 -15.96 3.06
CA LYS B 32 -9.07 -17.39 2.93
C LYS B 32 -9.40 -17.74 1.48
N GLY B 33 -9.53 -16.74 0.64
CA GLY B 33 -9.85 -16.97 -0.76
C GLY B 33 -11.34 -16.96 -1.01
N LYS B 34 -12.08 -16.37 -0.09
CA LYS B 34 -13.53 -16.28 -0.20
C LYS B 34 -13.94 -14.97 -0.85
N GLU B 35 -14.82 -15.04 -1.83
CA GLU B 35 -15.38 -13.84 -2.42
C GLU B 35 -16.55 -13.37 -1.56
N VAL B 36 -16.40 -12.21 -0.96
CA VAL B 36 -17.40 -11.68 -0.05
C VAL B 36 -17.98 -10.38 -0.57
N THR B 37 -19.19 -10.08 -0.14
CA THR B 37 -19.87 -8.88 -0.55
C THR B 37 -19.59 -7.76 0.44
N VAL B 38 -19.16 -6.63 -0.07
CA VAL B 38 -18.84 -5.49 0.78
C VAL B 38 -20.06 -4.61 0.95
N LEU B 39 -20.25 -4.09 2.15
CA LEU B 39 -21.36 -3.22 2.46
C LEU B 39 -21.02 -1.79 2.09
N ALA B 40 -21.89 -1.17 1.30
CA ALA B 40 -21.71 0.22 0.90
C ALA B 40 -21.82 1.13 2.10
N GLU B 41 -22.55 0.64 3.10
CA GLU B 41 -22.64 1.29 4.38
C GLU B 41 -22.55 0.23 5.48
N VAL B 42 -21.61 0.38 6.38
CA VAL B 42 -21.39 -0.61 7.41
C VAL B 42 -22.27 -0.32 8.63
N ASN B 43 -23.03 -1.31 9.03
CA ASN B 43 -23.91 -1.16 10.18
C ASN B 43 -23.15 -1.40 11.48
N ILE B 44 -22.76 -0.31 12.09
CA ILE B 44 -22.11 -0.32 13.39
C ILE B 44 -23.12 0.16 14.41
N ASN B 45 -22.99 -0.28 15.65
CA ASN B 45 -23.95 0.06 16.70
C ASN B 45 -24.12 1.57 16.81
N ASN B 46 -25.29 2.03 16.36
CA ASN B 46 -25.66 3.45 16.43
C ASN B 46 -24.78 4.30 15.51
N SER B 47 -24.29 3.70 14.43
CA SER B 47 -23.49 4.44 13.46
C SER B 47 -23.42 3.68 12.12
N VAL B 48 -23.98 4.28 11.08
CA VAL B 48 -23.93 3.69 9.75
C VAL B 48 -23.16 4.60 8.82
N PHE B 49 -22.02 4.13 8.32
CA PHE B 49 -21.14 4.95 7.49
C PHE B 49 -20.47 4.12 6.42
N ARG B 50 -19.90 4.79 5.42
CA ARG B 50 -19.15 4.11 4.37
C ARG B 50 -17.72 3.90 4.84
N GLN B 51 -17.10 2.81 4.43
CA GLN B 51 -15.78 2.47 4.96
C GLN B 51 -14.68 2.65 3.90
N TYR B 52 -15.09 2.75 2.63
CA TYR B 52 -14.20 3.10 1.52
C TYR B 52 -13.06 2.09 1.31
N PHE B 53 -12.39 2.19 0.16
CA PHE B 53 -11.19 1.42 -0.13
C PHE B 53 -10.18 2.28 -0.86
N PHE B 54 -8.92 1.87 -0.83
CA PHE B 54 -7.88 2.55 -1.57
C PHE B 54 -7.14 1.57 -2.47
N GLU B 55 -7.28 1.72 -3.77
CA GLU B 55 -6.65 0.83 -4.72
C GLU B 55 -5.72 1.61 -5.66
N THR B 56 -4.47 1.21 -5.70
CA THR B 56 -3.51 1.83 -6.59
C THR B 56 -3.31 0.95 -7.82
N LYS B 57 -3.73 1.44 -8.97
CA LYS B 57 -3.67 0.68 -10.20
C LYS B 57 -2.52 1.15 -11.06
N CYS B 58 -1.84 0.21 -11.69
CA CYS B 58 -0.74 0.53 -12.58
C CYS B 58 -1.24 1.05 -13.91
N ARG B 59 -1.11 2.35 -14.13
CA ARG B 59 -1.47 2.95 -15.40
C ARG B 59 -0.41 2.62 -16.44
N ALA B 60 0.82 2.52 -15.98
CA ALA B 60 1.92 2.07 -16.80
C ALA B 60 2.08 0.57 -16.66
N SER B 61 2.37 -0.12 -17.76
CA SER B 61 2.53 -1.57 -17.72
C SER B 61 3.54 -2.04 -18.77
N ASN B 62 4.28 -1.10 -19.35
CA ASN B 62 5.26 -1.45 -20.36
C ASN B 62 6.66 -1.25 -19.79
N PRO B 63 7.59 -2.21 -20.00
CA PRO B 63 8.93 -2.23 -19.39
C PRO B 63 9.56 -0.84 -19.21
N VAL B 64 9.80 -0.14 -20.31
CA VAL B 64 10.46 1.16 -20.25
C VAL B 64 9.63 2.25 -20.88
N GLU B 65 9.24 2.04 -22.14
CA GLU B 65 8.51 3.03 -22.94
C GLU B 65 7.37 3.68 -22.16
N SER B 66 6.63 2.87 -21.43
CA SER B 66 5.56 3.37 -20.57
C SER B 66 5.61 2.62 -19.25
N GLY B 67 6.70 2.78 -18.52
CA GLY B 67 6.85 2.12 -17.26
C GLY B 67 8.12 2.53 -16.54
N CYS B 68 9.00 1.56 -16.30
CA CYS B 68 10.18 1.78 -15.48
C CYS B 68 11.34 2.37 -16.31
N ARG B 69 11.20 3.65 -16.64
CA ARG B 69 12.25 4.37 -17.34
C ARG B 69 13.47 4.51 -16.45
N GLY B 70 14.62 4.09 -16.96
CA GLY B 70 15.82 4.08 -16.17
C GLY B 70 16.51 2.73 -16.23
N ILE B 71 15.71 1.67 -16.35
CA ILE B 71 16.24 0.32 -16.49
C ILE B 71 16.77 0.11 -17.89
N ASP B 72 18.04 -0.27 -17.99
CA ASP B 72 18.68 -0.45 -19.28
C ASP B 72 19.65 -1.63 -19.24
N SER B 73 19.12 -2.82 -19.48
CA SER B 73 19.91 -4.03 -19.47
C SER B 73 19.23 -5.11 -20.30
N LYS B 74 20.02 -6.00 -20.87
CA LYS B 74 19.50 -7.10 -21.66
C LYS B 74 19.35 -8.33 -20.77
N HIS B 75 19.64 -8.17 -19.49
CA HIS B 75 19.52 -9.24 -18.52
C HIS B 75 18.26 -9.08 -17.69
N TRP B 76 17.60 -7.94 -17.85
CA TRP B 76 16.44 -7.62 -17.04
C TRP B 76 15.21 -7.35 -17.89
N ASN B 77 14.08 -7.82 -17.41
CA ASN B 77 12.79 -7.43 -17.96
C ASN B 77 12.00 -6.76 -16.84
N SER B 78 11.36 -5.64 -17.16
CA SER B 78 10.73 -4.84 -16.13
C SER B 78 9.27 -4.59 -16.46
N TYR B 79 8.48 -4.38 -15.42
CA TYR B 79 7.07 -4.04 -15.55
C TYR B 79 6.50 -3.70 -14.18
N CYS B 80 5.26 -3.26 -14.16
CA CYS B 80 4.62 -2.83 -12.93
C CYS B 80 3.65 -3.88 -12.43
N THR B 81 3.64 -4.10 -11.12
CA THR B 81 2.74 -5.07 -10.51
C THR B 81 2.03 -4.45 -9.30
N THR B 82 0.73 -4.65 -9.22
CA THR B 82 -0.03 -4.15 -8.08
C THR B 82 0.05 -5.13 -6.91
N THR B 83 0.45 -4.63 -5.76
CA THR B 83 0.55 -5.45 -4.57
C THR B 83 -0.76 -5.44 -3.79
N HIS B 84 -1.26 -6.61 -3.47
CA HIS B 84 -2.52 -6.71 -2.75
C HIS B 84 -2.27 -6.95 -1.27
N THR B 85 -2.94 -6.17 -0.44
CA THR B 85 -2.83 -6.30 1.00
C THR B 85 -4.20 -6.67 1.55
N PHE B 86 -4.24 -7.17 2.78
CA PHE B 86 -5.49 -7.60 3.37
C PHE B 86 -5.98 -6.57 4.37
N VAL B 87 -7.11 -5.97 4.09
CA VAL B 87 -7.66 -4.91 4.93
C VAL B 87 -8.90 -5.38 5.66
N LYS B 88 -9.07 -4.86 6.87
CA LYS B 88 -10.24 -5.15 7.68
C LYS B 88 -11.46 -4.38 7.18
N ALA B 89 -12.37 -5.10 6.56
CA ALA B 89 -13.61 -4.51 6.05
C ALA B 89 -14.82 -5.30 6.51
N LEU B 90 -15.87 -4.60 6.92
CA LEU B 90 -17.09 -5.25 7.34
C LEU B 90 -17.83 -5.74 6.11
N THR B 91 -17.77 -7.05 5.88
CA THR B 91 -18.35 -7.64 4.70
C THR B 91 -19.27 -8.78 5.08
N THR B 92 -20.13 -9.20 4.16
CA THR B 92 -21.02 -10.30 4.42
C THR B 92 -20.63 -11.52 3.60
N ASP B 93 -20.15 -12.55 4.30
CA ASP B 93 -19.72 -13.79 3.66
C ASP B 93 -20.87 -14.79 3.59
N GLU B 94 -22.04 -14.36 4.04
CA GLU B 94 -23.22 -15.22 4.05
C GLU B 94 -24.48 -14.38 4.18
N LYS B 95 -24.75 -13.89 5.39
CA LYS B 95 -25.85 -12.98 5.64
C LYS B 95 -25.44 -11.91 6.62
N GLN B 96 -24.98 -12.33 7.79
CA GLN B 96 -24.46 -11.40 8.78
C GLN B 96 -23.19 -10.74 8.28
N ALA B 97 -22.83 -9.60 8.87
CA ALA B 97 -21.67 -8.86 8.45
C ALA B 97 -20.55 -8.99 9.47
N ALA B 98 -19.33 -9.18 9.00
CA ALA B 98 -18.18 -9.35 9.87
C ALA B 98 -16.96 -8.66 9.28
N TRP B 99 -16.07 -8.20 10.15
CA TRP B 99 -14.83 -7.56 9.73
C TRP B 99 -13.87 -8.62 9.19
N ARG B 100 -13.82 -8.72 7.87
CA ARG B 100 -12.96 -9.70 7.22
C ARG B 100 -11.70 -9.01 6.73
N PHE B 101 -10.70 -9.81 6.38
CA PHE B 101 -9.46 -9.28 5.85
C PHE B 101 -9.41 -9.58 4.35
N ILE B 102 -9.65 -8.55 3.55
CA ILE B 102 -9.80 -8.74 2.11
C ILE B 102 -8.66 -8.09 1.35
N ARG B 103 -8.29 -8.72 0.25
CA ARG B 103 -7.17 -8.26 -0.56
C ARG B 103 -7.55 -7.10 -1.46
N ILE B 104 -6.89 -5.97 -1.25
CA ILE B 104 -7.01 -4.84 -2.15
C ILE B 104 -5.64 -4.49 -2.72
N ASP B 105 -5.62 -4.10 -3.98
CA ASP B 105 -4.38 -3.69 -4.64
C ASP B 105 -4.00 -2.30 -4.17
N THR B 106 -3.09 -2.23 -3.21
CA THR B 106 -2.83 -0.99 -2.50
C THR B 106 -1.67 -0.20 -3.11
N ALA B 107 -0.81 -0.87 -3.87
CA ALA B 107 0.35 -0.20 -4.43
C ALA B 107 0.73 -0.79 -5.78
N CYS B 108 1.51 -0.03 -6.54
CA CYS B 108 2.00 -0.47 -7.83
C CYS B 108 3.52 -0.40 -7.82
N VAL B 109 4.15 -1.57 -7.85
CA VAL B 109 5.59 -1.65 -7.72
C VAL B 109 6.26 -1.91 -9.06
N CYS B 110 7.49 -1.45 -9.19
CA CYS B 110 8.30 -1.72 -10.37
C CYS B 110 9.16 -2.93 -10.09
N VAL B 111 9.02 -3.97 -10.92
CA VAL B 111 9.75 -5.20 -10.68
C VAL B 111 10.77 -5.47 -11.79
N LEU B 112 11.78 -6.26 -11.46
CA LEU B 112 12.76 -6.71 -12.45
C LEU B 112 12.79 -8.23 -12.47
N SER B 113 12.85 -8.80 -13.66
CA SER B 113 12.94 -10.23 -13.81
C SER B 113 14.18 -10.60 -14.62
N ARG B 114 14.82 -11.68 -14.22
CA ARG B 114 16.04 -12.16 -14.88
C ARG B 114 15.70 -12.78 -16.23
N LYS B 115 14.39 -12.92 -16.50
CA LYS B 115 13.87 -13.45 -17.77
C LYS B 115 14.07 -14.96 -17.85
N ALA B 116 15.29 -15.41 -17.59
CA ALA B 116 15.62 -16.82 -17.62
C ALA B 116 15.04 -17.55 -16.41
N THR B 117 14.71 -16.78 -15.39
CA THR B 117 14.12 -17.31 -14.17
C THR B 117 12.61 -17.47 -14.33
N ARG B 118 12.03 -18.42 -13.60
CA ARG B 118 10.59 -18.63 -13.64
C ARG B 118 10.03 -18.60 -12.23
N SER A 1 18.34 -27.32 5.02
CA SER A 1 17.70 -26.97 3.75
C SER A 1 18.34 -25.72 3.16
N SER A 2 18.40 -25.63 1.84
CA SER A 2 18.96 -24.47 1.16
C SER A 2 18.20 -24.15 -0.12
N THR A 3 16.97 -24.62 -0.20
CA THR A 3 16.13 -24.38 -1.37
C THR A 3 15.35 -23.07 -1.22
N HIS A 4 16.00 -21.97 -1.56
CA HIS A 4 15.38 -20.66 -1.44
C HIS A 4 15.37 -19.94 -2.79
N PRO A 5 14.20 -19.83 -3.43
CA PRO A 5 14.08 -19.16 -4.73
C PRO A 5 13.95 -17.65 -4.59
N VAL A 6 14.92 -17.05 -3.91
CA VAL A 6 14.89 -15.61 -3.61
C VAL A 6 13.59 -15.29 -2.88
N PHE A 7 13.41 -15.92 -1.73
CA PHE A 7 12.15 -15.91 -1.00
C PHE A 7 11.06 -16.57 -1.84
N HIS A 8 10.45 -15.78 -2.73
CA HIS A 8 9.53 -16.33 -3.72
C HIS A 8 9.63 -15.54 -5.03
N MET A 9 10.78 -14.88 -5.19
CA MET A 9 11.11 -14.06 -6.37
C MET A 9 9.92 -13.25 -6.87
N GLY A 10 9.27 -12.57 -5.95
CA GLY A 10 8.13 -11.71 -6.31
C GLY A 10 8.23 -10.37 -5.63
N GLU A 11 9.10 -10.29 -4.63
CA GLU A 11 9.31 -9.08 -3.87
C GLU A 11 10.56 -8.36 -4.35
N PHE A 12 10.74 -8.31 -5.67
CA PHE A 12 11.86 -7.59 -6.27
C PHE A 12 11.59 -6.09 -6.28
N SER A 13 11.63 -5.49 -5.10
CA SER A 13 11.46 -4.06 -4.98
C SER A 13 12.74 -3.34 -5.39
N VAL A 14 12.58 -2.29 -6.20
CA VAL A 14 13.72 -1.51 -6.66
C VAL A 14 14.41 -0.79 -5.51
N CYS A 15 13.67 -0.61 -4.43
CA CYS A 15 14.21 -0.03 -3.21
C CYS A 15 14.06 -0.99 -2.04
N ASP A 16 15.13 -1.15 -1.27
CA ASP A 16 15.12 -2.02 -0.11
C ASP A 16 14.15 -1.51 0.95
N SER A 17 13.11 -2.29 1.20
CA SER A 17 12.07 -1.90 2.13
C SER A 17 11.62 -3.08 2.97
N VAL A 18 11.01 -2.78 4.12
CA VAL A 18 10.53 -3.81 5.02
C VAL A 18 9.04 -3.61 5.31
N SER A 19 8.24 -4.61 5.00
CA SER A 19 6.81 -4.56 5.29
C SER A 19 6.53 -5.19 6.65
N VAL A 20 5.94 -4.42 7.54
CA VAL A 20 5.69 -4.88 8.89
C VAL A 20 4.19 -4.89 9.19
N TRP A 21 3.75 -5.94 9.86
CA TRP A 21 2.39 -6.00 10.36
C TRP A 21 2.38 -5.67 11.84
N VAL A 22 2.12 -4.41 12.15
CA VAL A 22 2.16 -3.94 13.52
C VAL A 22 0.90 -4.35 14.27
N GLY A 23 1.07 -5.22 15.26
CA GLY A 23 -0.05 -5.69 16.03
C GLY A 23 -0.29 -4.86 17.27
N ASP A 24 0.62 -3.94 17.54
CA ASP A 24 0.52 -3.07 18.69
C ASP A 24 1.04 -1.69 18.36
N LYS A 25 0.33 -1.00 17.48
CA LYS A 25 0.67 0.38 17.15
C LYS A 25 0.02 1.31 18.17
N THR A 26 0.78 1.70 19.19
CA THR A 26 0.21 2.41 20.33
C THR A 26 -0.22 3.82 19.96
N THR A 27 0.43 4.43 18.98
CA THR A 27 0.09 5.78 18.56
C THR A 27 0.18 5.93 17.06
N ALA A 28 -0.69 6.76 16.52
CA ALA A 28 -0.67 7.07 15.10
C ALA A 28 -1.08 8.51 14.86
N THR A 29 -0.84 8.99 13.65
CA THR A 29 -1.17 10.36 13.30
C THR A 29 -2.55 10.42 12.64
N ASP A 30 -3.43 11.17 13.25
CA ASP A 30 -4.79 11.35 12.76
C ASP A 30 -4.79 12.20 11.50
N ILE A 31 -5.84 12.05 10.69
CA ILE A 31 -5.98 12.81 9.46
C ILE A 31 -6.14 14.31 9.75
N LYS A 32 -6.48 14.63 11.00
CA LYS A 32 -6.61 16.01 11.44
C LYS A 32 -5.27 16.55 11.93
N GLY A 33 -4.26 15.70 11.96
CA GLY A 33 -2.95 16.12 12.41
C GLY A 33 -2.77 15.93 13.90
N LYS A 34 -3.53 15.00 14.45
CA LYS A 34 -3.47 14.70 15.87
C LYS A 34 -2.64 13.46 16.11
N GLU A 35 -2.25 13.24 17.35
CA GLU A 35 -1.59 12.02 17.75
C GLU A 35 -2.56 11.20 18.59
N VAL A 36 -2.96 10.05 18.07
CA VAL A 36 -3.99 9.26 18.71
C VAL A 36 -3.45 7.92 19.19
N THR A 37 -4.01 7.44 20.28
CA THR A 37 -3.63 6.17 20.85
C THR A 37 -4.45 5.05 20.23
N VAL A 38 -3.79 4.22 19.44
CA VAL A 38 -4.46 3.14 18.73
C VAL A 38 -4.54 1.91 19.60
N LEU A 39 -5.73 1.30 19.67
CA LEU A 39 -5.97 0.16 20.54
C LEU A 39 -5.61 -1.14 19.84
N ALA A 40 -5.54 -1.09 18.50
CA ALA A 40 -5.23 -2.26 17.65
C ALA A 40 -6.39 -3.25 17.61
N GLU A 41 -7.15 -3.30 18.70
CA GLU A 41 -8.32 -4.13 18.79
C GLU A 41 -9.56 -3.25 18.70
N VAL A 42 -10.67 -3.81 18.26
CA VAL A 42 -11.88 -3.04 18.15
C VAL A 42 -12.97 -3.58 19.08
N ASN A 43 -13.37 -2.75 20.02
CA ASN A 43 -14.43 -3.10 20.95
C ASN A 43 -15.74 -2.54 20.45
N ILE A 44 -16.54 -3.37 19.81
CA ILE A 44 -17.81 -2.92 19.27
C ILE A 44 -18.93 -3.15 20.28
N ASN A 45 -19.48 -4.36 20.29
CA ASN A 45 -20.52 -4.71 21.26
C ASN A 45 -20.09 -5.96 22.01
N ASN A 46 -20.05 -7.07 21.31
CA ASN A 46 -19.65 -8.34 21.90
C ASN A 46 -18.64 -9.04 20.99
N SER A 47 -17.66 -8.27 20.54
CA SER A 47 -16.66 -8.79 19.61
C SER A 47 -15.44 -7.87 19.61
N VAL A 48 -14.27 -8.45 19.85
CA VAL A 48 -13.03 -7.70 19.87
C VAL A 48 -12.01 -8.35 18.93
N PHE A 49 -11.91 -7.84 17.72
CA PHE A 49 -10.99 -8.40 16.73
C PHE A 49 -9.97 -7.37 16.27
N ARG A 50 -8.75 -7.84 16.05
CA ARG A 50 -7.63 -6.99 15.65
C ARG A 50 -7.61 -6.76 14.15
N GLN A 51 -6.48 -6.27 13.65
CA GLN A 51 -6.32 -5.97 12.23
C GLN A 51 -4.86 -6.14 11.82
N TYR A 52 -3.96 -5.58 12.63
CA TYR A 52 -2.53 -5.51 12.30
C TYR A 52 -2.30 -4.48 11.20
N PHE A 53 -1.44 -3.52 11.49
CA PHE A 53 -1.22 -2.41 10.58
C PHE A 53 -0.01 -2.67 9.71
N PHE A 54 -0.25 -2.75 8.41
CA PHE A 54 0.78 -3.04 7.45
C PHE A 54 1.54 -1.77 7.07
N GLU A 55 2.76 -1.66 7.54
CA GLU A 55 3.60 -0.51 7.25
C GLU A 55 4.88 -0.94 6.56
N THR A 56 5.05 -0.51 5.32
CA THR A 56 6.26 -0.78 4.59
C THR A 56 7.23 0.39 4.72
N LYS A 57 8.34 0.16 5.37
CA LYS A 57 9.30 1.21 5.66
C LYS A 57 10.54 1.06 4.79
N CYS A 58 11.05 2.19 4.31
CA CYS A 58 12.28 2.18 3.53
C CYS A 58 13.47 1.92 4.45
N ARG A 59 14.05 0.73 4.34
CA ARG A 59 15.17 0.36 5.18
C ARG A 59 16.47 0.88 4.57
N ALA A 60 16.33 1.54 3.43
CA ALA A 60 17.45 2.19 2.75
C ALA A 60 16.91 3.29 1.86
N SER A 61 17.54 4.45 1.90
CA SER A 61 17.15 5.56 1.06
C SER A 61 17.81 5.42 -0.32
N ASN A 62 18.99 4.81 -0.31
CA ASN A 62 19.72 4.49 -1.54
C ASN A 62 20.38 3.13 -1.37
N PRO A 63 19.66 2.03 -1.70
CA PRO A 63 20.18 0.67 -1.55
C PRO A 63 21.50 0.47 -2.28
N VAL A 64 21.65 1.15 -3.42
CA VAL A 64 22.89 1.11 -4.18
C VAL A 64 23.49 2.49 -4.25
N GLU A 65 24.80 2.57 -4.44
CA GLU A 65 25.51 3.85 -4.44
C GLU A 65 25.33 4.56 -5.78
N SER A 66 24.09 4.91 -6.06
CA SER A 66 23.71 5.56 -7.31
C SER A 66 22.22 5.89 -7.28
N GLY A 67 21.48 5.15 -6.45
CA GLY A 67 20.05 5.35 -6.33
C GLY A 67 19.36 4.09 -5.89
N CYS A 68 18.50 3.55 -6.75
CA CYS A 68 17.81 2.30 -6.46
C CYS A 68 18.32 1.19 -7.37
N ARG A 69 17.88 -0.04 -7.12
CA ARG A 69 18.38 -1.19 -7.86
C ARG A 69 17.96 -1.10 -9.34
N GLY A 70 18.94 -1.13 -10.23
CA GLY A 70 18.65 -1.22 -11.64
C GLY A 70 18.37 0.12 -12.30
N ILE A 71 18.42 1.19 -11.52
CA ILE A 71 18.19 2.52 -12.05
C ILE A 71 19.42 3.04 -12.77
N ASP A 72 19.20 3.67 -13.92
CA ASP A 72 20.26 4.25 -14.75
C ASP A 72 21.15 5.21 -13.97
N SER A 73 20.53 5.98 -13.07
CA SER A 73 21.24 6.88 -12.16
C SER A 73 21.70 8.17 -12.86
N LYS A 74 22.18 8.04 -14.09
CA LYS A 74 22.70 9.19 -14.83
C LYS A 74 21.56 10.08 -15.30
N HIS A 75 20.49 9.44 -15.76
CA HIS A 75 19.31 10.15 -16.23
C HIS A 75 18.29 10.31 -15.11
N TRP A 76 18.46 9.54 -14.04
CA TRP A 76 17.49 9.52 -12.96
C TRP A 76 18.18 9.40 -11.60
N ASN A 77 18.08 10.41 -10.76
CA ASN A 77 18.52 10.29 -9.38
C ASN A 77 17.39 9.70 -8.58
N SER A 78 17.70 8.74 -7.70
CA SER A 78 16.68 7.97 -7.02
C SER A 78 16.61 8.29 -5.54
N TYR A 79 15.42 8.29 -5.00
CA TYR A 79 15.20 8.47 -3.57
C TYR A 79 13.97 7.68 -3.13
N CYS A 80 14.10 6.97 -2.02
CA CYS A 80 13.00 6.15 -1.52
C CYS A 80 12.08 6.95 -0.61
N THR A 81 10.79 6.87 -0.88
CA THR A 81 9.78 7.57 -0.10
C THR A 81 8.59 6.65 0.15
N THR A 82 8.11 6.59 1.37
CA THR A 82 6.96 5.75 1.69
C THR A 82 5.67 6.44 1.32
N THR A 83 4.81 5.73 0.59
CA THR A 83 3.49 6.24 0.28
C THR A 83 2.54 5.88 1.42
N HIS A 84 1.66 6.80 1.77
CA HIS A 84 0.86 6.65 2.96
C HIS A 84 -0.63 6.72 2.64
N THR A 85 -1.41 5.97 3.40
CA THR A 85 -2.85 5.95 3.24
C THR A 85 -3.51 6.18 4.61
N PHE A 86 -4.84 6.33 4.61
CA PHE A 86 -5.56 6.56 5.84
C PHE A 86 -6.53 5.43 6.13
N VAL A 87 -6.31 4.73 7.23
CA VAL A 87 -7.16 3.63 7.65
C VAL A 87 -7.88 3.98 8.95
N LYS A 88 -9.15 3.62 9.05
CA LYS A 88 -9.90 3.92 10.25
C LYS A 88 -9.73 2.81 11.28
N ALA A 89 -9.13 3.17 12.40
CA ALA A 89 -8.86 2.23 13.47
C ALA A 89 -9.43 2.75 14.78
N LEU A 90 -9.75 1.84 15.69
CA LEU A 90 -10.30 2.23 16.97
C LEU A 90 -9.20 2.82 17.84
N THR A 91 -9.32 4.11 18.10
CA THR A 91 -8.36 4.83 18.92
C THR A 91 -9.04 5.30 20.20
N THR A 92 -8.25 5.60 21.22
CA THR A 92 -8.82 6.06 22.46
C THR A 92 -8.47 7.53 22.72
N ASP A 93 -9.51 8.33 22.90
CA ASP A 93 -9.37 9.73 23.23
C ASP A 93 -9.72 9.93 24.69
N GLU A 94 -8.69 9.98 25.53
CA GLU A 94 -8.85 10.07 26.99
C GLU A 94 -9.44 8.77 27.55
N LYS A 95 -10.76 8.63 27.45
CA LYS A 95 -11.43 7.42 27.91
C LYS A 95 -12.33 6.86 26.81
N GLN A 96 -12.56 7.65 25.77
CA GLN A 96 -13.48 7.26 24.70
C GLN A 96 -12.75 6.42 23.66
N ALA A 97 -13.49 5.61 22.93
CA ALA A 97 -12.94 4.81 21.85
C ALA A 97 -13.66 5.14 20.54
N ALA A 98 -12.92 5.67 19.57
CA ALA A 98 -13.52 6.11 18.33
C ALA A 98 -12.70 5.65 17.13
N TRP A 99 -13.38 5.32 16.04
CA TRP A 99 -12.72 4.89 14.81
C TRP A 99 -12.14 6.10 14.08
N ARG A 100 -10.85 6.30 14.19
CA ARG A 100 -10.20 7.44 13.59
C ARG A 100 -9.34 7.02 12.41
N PHE A 101 -9.28 7.90 11.40
CA PHE A 101 -8.49 7.65 10.21
C PHE A 101 -7.05 8.04 10.46
N ILE A 102 -6.17 7.04 10.49
CA ILE A 102 -4.77 7.26 10.76
C ILE A 102 -3.94 6.89 9.53
N ARG A 103 -2.82 7.58 9.37
CA ARG A 103 -1.98 7.37 8.20
C ARG A 103 -0.99 6.23 8.44
N ILE A 104 -0.89 5.34 7.46
CA ILE A 104 0.10 4.27 7.49
C ILE A 104 0.84 4.20 6.17
N ASP A 105 2.08 3.73 6.21
CA ASP A 105 2.90 3.61 5.01
C ASP A 105 2.64 2.27 4.34
N THR A 106 2.17 2.30 3.11
CA THR A 106 1.79 1.09 2.42
C THR A 106 2.96 0.49 1.64
N ALA A 107 3.76 1.35 1.01
CA ALA A 107 4.85 0.89 0.19
C ALA A 107 5.97 1.94 0.13
N CYS A 108 7.16 1.48 -0.17
CA CYS A 108 8.30 2.37 -0.34
C CYS A 108 8.61 2.52 -1.82
N VAL A 109 8.35 3.72 -2.34
CA VAL A 109 8.53 3.96 -3.77
C VAL A 109 9.87 4.64 -4.02
N CYS A 110 10.41 4.42 -5.21
CA CYS A 110 11.67 5.05 -5.58
C CYS A 110 11.40 6.15 -6.60
N VAL A 111 11.47 7.40 -6.15
CA VAL A 111 11.22 8.52 -7.02
C VAL A 111 12.45 8.78 -7.90
N LEU A 112 12.22 9.00 -9.18
CA LEU A 112 13.32 9.21 -10.11
C LEU A 112 13.33 10.64 -10.64
N SER A 113 14.52 11.22 -10.70
CA SER A 113 14.72 12.52 -11.31
C SER A 113 16.19 12.92 -11.22
N ARG A 114 16.86 13.02 -12.34
CA ARG A 114 18.18 13.66 -12.37
C ARG A 114 18.01 15.08 -12.86
N LYS A 115 17.04 15.25 -13.74
CA LYS A 115 16.71 16.54 -14.32
C LYS A 115 15.27 16.89 -13.99
N ALA A 116 15.00 18.18 -13.89
CA ALA A 116 13.66 18.67 -13.55
C ALA A 116 12.71 18.50 -14.72
N THR A 117 13.27 18.26 -15.89
CA THR A 117 12.47 18.00 -17.08
C THR A 117 12.37 16.50 -17.33
N ARG A 118 11.20 16.05 -17.76
CA ARG A 118 10.95 14.64 -17.99
C ARG A 118 9.90 14.44 -19.07
N SER B 1 -4.21 28.59 -16.52
CA SER B 1 -3.05 28.27 -15.67
C SER B 1 -2.23 27.14 -16.30
N SER B 2 -0.93 27.17 -16.08
CA SER B 2 -0.04 26.15 -16.60
C SER B 2 1.10 25.86 -15.64
N THR B 3 0.90 26.19 -14.37
CA THR B 3 1.91 25.97 -13.35
C THR B 3 1.75 24.58 -12.74
N HIS B 4 2.31 23.58 -13.39
CA HIS B 4 2.22 22.21 -12.91
C HIS B 4 3.61 21.61 -12.71
N PRO B 5 4.03 21.43 -11.45
CA PRO B 5 5.35 20.88 -11.12
C PRO B 5 5.34 19.35 -11.16
N VAL B 6 4.91 18.79 -12.29
CA VAL B 6 4.79 17.35 -12.44
C VAL B 6 3.84 16.83 -11.35
N PHE B 7 2.62 17.34 -11.36
CA PHE B 7 1.67 17.12 -10.28
C PHE B 7 2.22 17.73 -8.98
N HIS B 8 3.05 16.97 -8.28
CA HIS B 8 3.78 17.50 -7.14
C HIS B 8 5.15 16.84 -7.03
N MET B 9 5.60 16.31 -8.19
CA MET B 9 6.90 15.64 -8.34
C MET B 9 7.25 14.75 -7.15
N GLY B 10 6.30 13.93 -6.75
CA GLY B 10 6.52 13.00 -5.66
C GLY B 10 6.00 11.63 -6.00
N GLU B 11 5.21 11.56 -7.06
CA GLU B 11 4.65 10.30 -7.52
C GLU B 11 5.43 9.76 -8.71
N PHE B 12 6.75 9.84 -8.62
CA PHE B 12 7.61 9.30 -9.66
C PHE B 12 7.73 7.79 -9.52
N SER B 13 6.66 7.10 -9.86
CA SER B 13 6.65 5.65 -9.83
C SER B 13 7.37 5.11 -11.06
N VAL B 14 8.24 4.12 -10.84
CA VAL B 14 9.00 3.51 -11.93
C VAL B 14 8.08 2.78 -12.89
N CYS B 15 6.89 2.43 -12.40
CA CYS B 15 5.87 1.81 -13.23
C CYS B 15 4.61 2.64 -13.22
N ASP B 16 4.04 2.84 -14.41
CA ASP B 16 2.81 3.61 -14.55
C ASP B 16 1.65 2.90 -13.86
N SER B 17 1.12 3.55 -12.84
CA SER B 17 0.06 2.96 -12.05
C SER B 17 -0.98 4.02 -11.67
N VAL B 18 -2.17 3.56 -11.33
CA VAL B 18 -3.24 4.45 -10.95
C VAL B 18 -3.80 4.07 -9.58
N SER B 19 -3.75 5.01 -8.64
CA SER B 19 -4.30 4.78 -7.31
C SER B 19 -5.75 5.27 -7.25
N VAL B 20 -6.66 4.36 -6.92
CA VAL B 20 -8.07 4.67 -6.91
C VAL B 20 -8.66 4.50 -5.51
N TRP B 21 -9.51 5.44 -5.12
CA TRP B 21 -10.25 5.31 -3.89
C TRP B 21 -11.66 4.86 -4.20
N VAL B 22 -11.89 3.56 -4.12
CA VAL B 22 -13.16 2.98 -4.48
C VAL B 22 -14.18 3.18 -3.37
N GLY B 23 -15.20 3.98 -3.65
CA GLY B 23 -16.22 4.26 -2.66
C GLY B 23 -17.39 3.31 -2.76
N ASP B 24 -17.37 2.47 -3.78
CA ASP B 24 -18.44 1.49 -3.99
C ASP B 24 -17.86 0.21 -4.56
N LYS B 25 -17.07 -0.48 -3.75
CA LYS B 25 -16.53 -1.77 -4.12
C LYS B 25 -17.56 -2.84 -3.78
N THR B 26 -18.37 -3.24 -4.75
CA THR B 26 -19.52 -4.10 -4.49
C THR B 26 -19.10 -5.52 -4.11
N THR B 27 -17.95 -5.96 -4.61
CA THR B 27 -17.47 -7.30 -4.31
C THR B 27 -15.97 -7.32 -4.12
N ALA B 28 -15.51 -8.18 -3.23
CA ALA B 28 -14.09 -8.37 -2.98
C ALA B 28 -13.79 -9.82 -2.66
N THR B 29 -12.52 -10.16 -2.69
CA THR B 29 -12.10 -11.52 -2.42
C THR B 29 -11.71 -11.67 -0.96
N ASP B 30 -12.39 -12.57 -0.28
CA ASP B 30 -12.16 -12.85 1.14
C ASP B 30 -10.84 -13.58 1.31
N ILE B 31 -10.26 -13.47 2.50
CA ILE B 31 -9.01 -14.14 2.83
C ILE B 31 -9.18 -15.67 2.78
N LYS B 32 -10.42 -16.12 2.84
CA LYS B 32 -10.72 -17.54 2.76
C LYS B 32 -10.88 -17.98 1.31
N GLY B 33 -10.83 -17.03 0.40
CA GLY B 33 -10.97 -17.34 -1.02
C GLY B 33 -12.41 -17.26 -1.47
N LYS B 34 -13.19 -16.47 -0.75
CA LYS B 34 -14.60 -16.29 -1.07
C LYS B 34 -14.80 -14.98 -1.83
N GLU B 35 -15.95 -14.84 -2.44
CA GLU B 35 -16.34 -13.60 -3.05
C GLU B 35 -17.43 -12.95 -2.20
N VAL B 36 -17.13 -11.82 -1.61
CA VAL B 36 -18.03 -11.19 -0.66
C VAL B 36 -18.53 -9.85 -1.17
N THR B 37 -19.75 -9.53 -0.79
CA THR B 37 -20.38 -8.28 -1.18
C THR B 37 -20.04 -7.20 -0.15
N VAL B 38 -19.23 -6.24 -0.57
CA VAL B 38 -18.77 -5.19 0.32
C VAL B 38 -19.77 -4.04 0.34
N LEU B 39 -20.12 -3.58 1.53
CA LEU B 39 -21.14 -2.55 1.70
C LEU B 39 -20.52 -1.16 1.60
N ALA B 40 -19.20 -1.09 1.79
CA ALA B 40 -18.43 0.17 1.76
C ALA B 40 -18.72 1.03 2.99
N GLU B 41 -19.93 0.91 3.51
CA GLU B 41 -20.33 1.61 4.71
C GLU B 41 -20.38 0.61 5.85
N VAL B 42 -20.23 1.09 7.09
CA VAL B 42 -20.27 0.21 8.22
C VAL B 42 -21.44 0.55 9.14
N ASN B 43 -22.35 -0.39 9.27
CA ASN B 43 -23.49 -0.24 10.15
C ASN B 43 -23.19 -0.91 11.49
N ILE B 44 -22.81 -0.10 12.47
CA ILE B 44 -22.48 -0.63 13.78
C ILE B 44 -23.71 -0.61 14.69
N ASN B 45 -23.95 0.52 15.33
CA ASN B 45 -25.13 0.68 16.17
C ASN B 45 -25.92 1.89 15.72
N ASN B 46 -25.33 3.06 15.91
CA ASN B 46 -25.97 4.31 15.51
C ASN B 46 -24.97 5.18 14.77
N SER B 47 -24.24 4.57 13.84
CA SER B 47 -23.21 5.26 13.10
C SER B 47 -22.87 4.49 11.83
N VAL B 48 -22.95 5.16 10.68
CA VAL B 48 -22.66 4.54 9.40
C VAL B 48 -21.61 5.38 8.65
N PHE B 49 -20.35 4.99 8.76
CA PHE B 49 -19.27 5.73 8.10
C PHE B 49 -18.51 4.85 7.11
N ARG B 50 -18.12 5.47 6.00
CA ARG B 50 -17.43 4.77 4.91
C ARG B 50 -15.94 4.67 5.19
N GLN B 51 -15.18 4.36 4.14
CA GLN B 51 -13.74 4.19 4.24
C GLN B 51 -13.07 4.53 2.91
N TYR B 52 -13.63 4.02 1.82
CA TYR B 52 -13.04 4.13 0.49
C TYR B 52 -11.81 3.24 0.39
N PHE B 53 -11.83 2.35 -0.59
CA PHE B 53 -10.78 1.36 -0.71
C PHE B 53 -9.72 1.81 -1.70
N PHE B 54 -8.51 1.98 -1.21
CA PHE B 54 -7.40 2.46 -1.99
C PHE B 54 -6.75 1.30 -2.76
N GLU B 55 -6.98 1.28 -4.06
CA GLU B 55 -6.41 0.26 -4.93
C GLU B 55 -5.53 0.89 -5.99
N THR B 56 -4.26 0.58 -5.95
CA THR B 56 -3.33 1.05 -6.97
C THR B 56 -3.15 -0.03 -8.03
N LYS B 57 -3.59 0.26 -9.23
CA LYS B 57 -3.59 -0.70 -10.31
C LYS B 57 -2.52 -0.35 -11.33
N CYS B 58 -1.85 -1.37 -11.85
CA CYS B 58 -0.84 -1.17 -12.89
C CYS B 58 -1.53 -0.86 -14.21
N ARG B 59 -1.45 0.39 -14.65
CA ARG B 59 -2.09 0.80 -15.88
C ARG B 59 -1.19 0.47 -17.07
N ALA B 60 -0.04 -0.09 -16.76
CA ALA B 60 0.91 -0.55 -17.77
C ALA B 60 1.79 -1.64 -17.16
N SER B 61 1.99 -2.72 -17.89
CA SER B 61 2.87 -3.79 -17.44
C SER B 61 4.31 -3.46 -17.78
N ASN B 62 4.47 -2.73 -18.89
CA ASN B 62 5.76 -2.24 -19.32
C ASN B 62 5.59 -0.83 -19.89
N PRO B 63 5.66 0.21 -19.03
CA PRO B 63 5.47 1.60 -19.44
C PRO B 63 6.42 2.01 -20.56
N VAL B 64 7.62 1.45 -20.55
CA VAL B 64 8.59 1.69 -21.59
C VAL B 64 8.92 0.37 -22.29
N GLU B 65 9.37 0.45 -23.55
CA GLU B 65 9.64 -0.73 -24.34
C GLU B 65 10.98 -1.35 -23.96
N SER B 66 11.05 -1.81 -22.72
CA SER B 66 12.27 -2.38 -22.16
C SER B 66 12.00 -2.86 -20.73
N GLY B 67 10.97 -2.29 -20.12
CA GLY B 67 10.60 -2.64 -18.77
C GLY B 67 9.90 -1.50 -18.06
N CYS B 68 10.52 -0.98 -17.02
CA CYS B 68 9.97 0.15 -16.29
C CYS B 68 10.85 1.38 -16.51
N ARG B 69 10.39 2.53 -16.02
CA ARG B 69 11.09 3.79 -16.25
C ARG B 69 12.45 3.79 -15.56
N GLY B 70 13.51 3.99 -16.34
CA GLY B 70 14.83 4.17 -15.76
C GLY B 70 15.56 2.87 -15.48
N ILE B 71 14.92 1.75 -15.77
CA ILE B 71 15.52 0.45 -15.55
C ILE B 71 16.53 0.13 -16.67
N ASP B 72 17.67 -0.43 -16.27
CA ASP B 72 18.75 -0.81 -17.19
C ASP B 72 18.25 -1.73 -18.30
N SER B 73 17.33 -2.64 -17.94
CA SER B 73 16.67 -3.54 -18.89
C SER B 73 17.58 -4.71 -19.31
N LYS B 74 18.86 -4.42 -19.53
CA LYS B 74 19.80 -5.45 -19.98
C LYS B 74 20.14 -6.40 -18.85
N HIS B 75 20.32 -5.84 -17.67
CA HIS B 75 20.62 -6.63 -16.49
C HIS B 75 19.35 -6.99 -15.73
N TRP B 76 18.26 -6.30 -16.03
CA TRP B 76 17.01 -6.48 -15.31
C TRP B 76 15.81 -6.41 -16.24
N ASN B 77 15.07 -7.49 -16.39
CA ASN B 77 13.80 -7.43 -17.10
C ASN B 77 12.73 -7.03 -16.10
N SER B 78 11.85 -6.14 -16.50
CA SER B 78 10.90 -5.53 -15.57
C SER B 78 9.47 -6.00 -15.83
N TYR B 79 8.71 -6.17 -14.76
CA TYR B 79 7.30 -6.48 -14.86
C TYR B 79 6.55 -5.87 -13.68
N CYS B 80 5.42 -5.25 -13.96
CA CYS B 80 4.64 -4.60 -12.92
C CYS B 80 3.66 -5.56 -12.27
N THR B 81 3.68 -5.60 -10.95
CA THR B 81 2.78 -6.45 -10.19
C THR B 81 2.23 -5.69 -8.99
N THR B 82 0.93 -5.79 -8.76
CA THR B 82 0.31 -5.11 -7.64
C THR B 82 0.49 -5.91 -6.36
N THR B 83 0.97 -5.23 -5.32
CA THR B 83 1.07 -5.84 -4.01
C THR B 83 -0.25 -5.68 -3.28
N HIS B 84 -0.67 -6.72 -2.58
CA HIS B 84 -2.00 -6.77 -2.01
C HIS B 84 -1.97 -6.96 -0.50
N THR B 85 -2.94 -6.36 0.17
CA THR B 85 -3.06 -6.48 1.61
C THR B 85 -4.48 -6.90 1.97
N PHE B 86 -4.73 -7.17 3.24
CA PHE B 86 -6.05 -7.59 3.69
C PHE B 86 -6.64 -6.60 4.68
N VAL B 87 -7.74 -5.99 4.29
CA VAL B 87 -8.42 -5.02 5.13
C VAL B 87 -9.79 -5.56 5.54
N LYS B 88 -10.17 -5.33 6.79
CA LYS B 88 -11.46 -5.81 7.27
C LYS B 88 -12.55 -4.78 6.98
N ALA B 89 -13.49 -5.17 6.15
CA ALA B 89 -14.58 -4.30 5.75
C ALA B 89 -15.91 -4.99 5.99
N LEU B 90 -16.96 -4.20 6.21
CA LEU B 90 -18.27 -4.76 6.45
C LEU B 90 -18.85 -5.30 5.15
N THR B 91 -18.99 -6.61 5.11
CA THR B 91 -19.53 -7.28 3.95
C THR B 91 -20.86 -7.93 4.31
N THR B 92 -21.67 -8.24 3.32
CA THR B 92 -22.94 -8.86 3.58
C THR B 92 -22.97 -10.30 3.06
N ASP B 93 -23.27 -11.21 3.98
CA ASP B 93 -23.42 -12.62 3.63
C ASP B 93 -24.90 -12.98 3.67
N GLU B 94 -25.51 -12.98 2.50
CA GLU B 94 -26.95 -13.21 2.34
C GLU B 94 -27.75 -12.05 2.92
N LYS B 95 -27.92 -12.04 4.24
CA LYS B 95 -28.61 -10.95 4.91
C LYS B 95 -27.78 -10.39 6.06
N GLN B 96 -26.72 -11.11 6.43
CA GLN B 96 -25.89 -10.73 7.56
C GLN B 96 -24.83 -9.73 7.14
N ALA B 97 -24.34 -8.94 8.08
CA ALA B 97 -23.26 -8.01 7.83
C ALA B 97 -22.09 -8.30 8.76
N ALA B 98 -20.95 -8.67 8.19
CA ALA B 98 -19.80 -9.05 8.99
C ALA B 98 -18.52 -8.41 8.47
N TRP B 99 -17.63 -8.06 9.38
CA TRP B 99 -16.34 -7.46 9.02
C TRP B 99 -15.40 -8.54 8.51
N ARG B 100 -15.23 -8.60 7.20
CA ARG B 100 -14.40 -9.62 6.58
C ARG B 100 -13.12 -9.01 6.02
N PHE B 101 -12.06 -9.78 6.08
CA PHE B 101 -10.76 -9.36 5.57
C PHE B 101 -10.68 -9.61 4.07
N ILE B 102 -10.65 -8.53 3.31
CA ILE B 102 -10.62 -8.61 1.87
C ILE B 102 -9.31 -8.06 1.33
N ARG B 103 -8.86 -8.62 0.21
CA ARG B 103 -7.58 -8.22 -0.35
C ARG B 103 -7.73 -7.00 -1.26
N ILE B 104 -6.86 -6.03 -1.09
CA ILE B 104 -6.82 -4.86 -1.96
C ILE B 104 -5.39 -4.60 -2.42
N ASP B 105 -5.25 -4.01 -3.60
CA ASP B 105 -3.93 -3.70 -4.15
C ASP B 105 -3.47 -2.35 -3.64
N THR B 106 -2.35 -2.32 -2.95
CA THR B 106 -1.87 -1.10 -2.33
C THR B 106 -0.94 -0.32 -3.26
N ALA B 107 -0.11 -1.04 -3.98
CA ALA B 107 0.86 -0.39 -4.86
C ALA B 107 1.24 -1.30 -6.02
N CYS B 108 1.72 -0.70 -7.09
CA CYS B 108 2.20 -1.45 -8.24
C CYS B 108 3.72 -1.44 -8.26
N VAL B 109 4.30 -2.61 -8.01
CA VAL B 109 5.75 -2.71 -7.92
C VAL B 109 6.32 -3.21 -9.23
N CYS B 110 7.57 -2.85 -9.50
CA CYS B 110 8.23 -3.30 -10.71
C CYS B 110 9.28 -4.32 -10.34
N VAL B 111 9.00 -5.60 -10.61
CA VAL B 111 9.92 -6.66 -10.29
C VAL B 111 11.04 -6.71 -11.33
N LEU B 112 12.27 -6.84 -10.87
CA LEU B 112 13.40 -6.86 -11.78
C LEU B 112 14.06 -8.22 -11.80
N SER B 113 14.42 -8.67 -13.00
CA SER B 113 15.18 -9.90 -13.20
C SER B 113 15.42 -10.14 -14.68
N ARG B 114 16.66 -10.08 -15.12
CA ARG B 114 16.99 -10.56 -16.46
C ARG B 114 17.59 -11.96 -16.32
N LYS B 115 18.28 -12.15 -15.20
CA LYS B 115 18.92 -13.40 -14.89
C LYS B 115 18.35 -13.94 -13.58
N ALA B 116 18.34 -15.26 -13.45
CA ALA B 116 17.81 -15.91 -12.25
C ALA B 116 18.75 -15.74 -11.07
N THR B 117 19.98 -15.34 -11.35
CA THR B 117 20.95 -15.06 -10.32
C THR B 117 21.03 -13.57 -10.04
N ARG B 118 21.17 -13.21 -8.77
CA ARG B 118 21.20 -11.82 -8.37
C ARG B 118 22.03 -11.65 -7.10
N SER A 1 -4.63 -25.06 -9.34
CA SER A 1 -5.01 -23.67 -9.00
C SER A 1 -3.93 -22.70 -9.44
N SER A 2 -4.32 -21.69 -10.21
CA SER A 2 -3.37 -20.71 -10.71
C SER A 2 -3.65 -19.32 -10.11
N THR A 3 -3.89 -19.29 -8.81
CA THR A 3 -4.15 -18.03 -8.12
C THR A 3 -2.87 -17.21 -7.99
N HIS A 4 -1.75 -17.90 -7.95
CA HIS A 4 -0.45 -17.25 -7.86
C HIS A 4 0.57 -17.94 -8.75
N PRO A 5 0.48 -17.72 -10.07
CA PRO A 5 1.38 -18.35 -11.04
C PRO A 5 2.78 -17.72 -10.99
N VAL A 6 3.63 -18.26 -10.13
CA VAL A 6 4.96 -17.71 -9.88
C VAL A 6 4.83 -16.26 -9.41
N PHE A 7 3.90 -16.03 -8.51
CA PHE A 7 3.60 -14.69 -8.03
C PHE A 7 4.62 -14.27 -6.97
N HIS A 8 5.57 -15.16 -6.73
CA HIS A 8 6.71 -14.85 -5.85
C HIS A 8 7.53 -13.72 -6.45
N MET A 9 7.43 -13.57 -7.76
CA MET A 9 8.12 -12.48 -8.45
C MET A 9 7.52 -11.14 -8.06
N GLY A 10 6.28 -11.18 -7.54
CA GLY A 10 5.61 -9.97 -7.11
C GLY A 10 6.13 -9.48 -5.78
N GLU A 11 7.07 -10.22 -5.20
CA GLU A 11 7.68 -9.84 -3.94
C GLU A 11 8.98 -9.08 -4.20
N PHE A 12 9.25 -8.80 -5.47
CA PHE A 12 10.44 -8.07 -5.85
C PHE A 12 10.15 -6.59 -5.98
N SER A 13 11.07 -5.77 -5.52
CA SER A 13 10.92 -4.34 -5.60
C SER A 13 12.28 -3.70 -5.88
N VAL A 14 12.25 -2.50 -6.41
CA VAL A 14 13.48 -1.76 -6.74
C VAL A 14 14.17 -1.27 -5.46
N CYS A 15 13.48 -1.42 -4.35
CA CYS A 15 14.03 -1.08 -3.04
C CYS A 15 13.65 -2.14 -2.02
N ASP A 16 14.61 -2.49 -1.17
CA ASP A 16 14.41 -3.53 -0.15
C ASP A 16 13.26 -3.16 0.78
N SER A 17 12.22 -3.97 0.75
CA SER A 17 11.01 -3.70 1.51
C SER A 17 10.81 -4.72 2.61
N VAL A 18 10.32 -4.26 3.76
CA VAL A 18 10.02 -5.14 4.87
C VAL A 18 8.53 -5.09 5.21
N SER A 19 7.85 -6.21 5.03
CA SER A 19 6.42 -6.30 5.33
C SER A 19 6.20 -6.78 6.77
N VAL A 20 5.61 -5.92 7.59
CA VAL A 20 5.38 -6.22 8.99
C VAL A 20 3.90 -6.19 9.31
N TRP A 21 3.45 -7.15 10.11
CA TRP A 21 2.10 -7.13 10.65
C TRP A 21 2.16 -6.55 12.05
N VAL A 22 1.89 -5.25 12.15
CA VAL A 22 2.06 -4.53 13.39
C VAL A 22 0.81 -4.63 14.25
N GLY A 23 0.96 -5.32 15.38
CA GLY A 23 -0.10 -5.39 16.35
C GLY A 23 0.25 -4.63 17.61
N ASP A 24 1.32 -3.83 17.50
CA ASP A 24 1.80 -3.03 18.62
C ASP A 24 1.89 -1.57 18.22
N LYS A 25 1.01 -1.16 17.31
CA LYS A 25 0.98 0.21 16.84
C LYS A 25 0.09 1.03 17.75
N THR A 26 0.69 1.81 18.64
CA THR A 26 -0.07 2.58 19.60
C THR A 26 -0.13 4.06 19.21
N THR A 27 0.59 4.43 18.16
CA THR A 27 0.59 5.80 17.68
C THR A 27 0.61 5.85 16.16
N ALA A 28 -0.25 6.68 15.59
CA ALA A 28 -0.27 6.87 14.15
C ALA A 28 -0.76 8.25 13.79
N THR A 29 -0.64 8.61 12.53
CA THR A 29 -1.08 9.90 12.05
C THR A 29 -2.45 9.81 11.42
N ASP A 30 -3.38 10.59 11.96
CA ASP A 30 -4.73 10.71 11.43
C ASP A 30 -4.68 11.35 10.05
N ILE A 31 -5.73 11.18 9.26
CA ILE A 31 -5.79 11.73 7.91
C ILE A 31 -5.64 13.25 7.94
N LYS A 32 -6.02 13.87 9.04
CA LYS A 32 -5.92 15.31 9.20
C LYS A 32 -4.50 15.74 9.54
N GLY A 33 -3.65 14.78 9.84
CA GLY A 33 -2.27 15.07 10.16
C GLY A 33 -2.00 15.10 11.65
N LYS A 34 -2.95 14.59 12.43
CA LYS A 34 -2.82 14.55 13.87
C LYS A 34 -2.14 13.27 14.32
N GLU A 35 -1.51 13.30 15.47
CA GLU A 35 -0.89 12.11 16.03
C GLU A 35 -1.80 11.55 17.11
N VAL A 36 -2.31 10.36 16.88
CA VAL A 36 -3.29 9.77 17.77
C VAL A 36 -2.88 8.39 18.24
N THR A 37 -3.46 7.98 19.37
CA THR A 37 -3.17 6.69 19.97
C THR A 37 -4.01 5.60 19.32
N VAL A 38 -3.35 4.72 18.60
CA VAL A 38 -4.02 3.62 17.93
C VAL A 38 -4.21 2.46 18.90
N LEU A 39 -5.40 1.89 18.87
CA LEU A 39 -5.71 0.77 19.73
C LEU A 39 -5.70 -0.52 18.92
N ALA A 40 -4.81 -1.43 19.28
CA ALA A 40 -4.71 -2.72 18.63
C ALA A 40 -5.88 -3.60 19.05
N GLU A 41 -6.55 -3.17 20.10
CA GLU A 41 -7.74 -3.81 20.59
C GLU A 41 -8.93 -2.94 20.21
N VAL A 42 -9.80 -3.44 19.35
CA VAL A 42 -10.91 -2.63 18.88
C VAL A 42 -12.17 -2.92 19.69
N ASN A 43 -12.54 -1.95 20.50
CA ASN A 43 -13.76 -2.02 21.29
C ASN A 43 -14.90 -1.43 20.49
N ILE A 44 -15.70 -2.29 19.87
CA ILE A 44 -16.80 -1.83 19.05
C ILE A 44 -18.03 -1.58 19.91
N ASN A 45 -18.56 -2.63 20.50
CA ASN A 45 -19.70 -2.54 21.41
C ASN A 45 -19.83 -3.81 22.23
N ASN A 46 -19.12 -3.82 23.36
CA ASN A 46 -19.05 -4.99 24.24
C ASN A 46 -18.48 -6.19 23.48
N SER A 47 -17.46 -5.92 22.67
CA SER A 47 -16.83 -6.94 21.86
C SER A 47 -15.49 -6.43 21.34
N VAL A 48 -14.42 -7.09 21.71
CA VAL A 48 -13.07 -6.68 21.33
C VAL A 48 -12.47 -7.68 20.35
N PHE A 49 -11.89 -7.17 19.28
CA PHE A 49 -11.22 -8.01 18.30
C PHE A 49 -9.78 -7.57 18.10
N ARG A 50 -8.89 -8.52 17.89
CA ARG A 50 -7.48 -8.22 17.65
C ARG A 50 -7.14 -8.44 16.19
N GLN A 51 -6.43 -7.48 15.61
CA GLN A 51 -5.97 -7.59 14.24
C GLN A 51 -4.79 -6.66 14.02
N TYR A 52 -3.89 -7.03 13.12
CA TYR A 52 -2.63 -6.33 12.94
C TYR A 52 -2.64 -5.53 11.65
N PHE A 53 -1.76 -4.54 11.56
CA PHE A 53 -1.68 -3.68 10.39
C PHE A 53 -0.54 -4.12 9.47
N PHE A 54 -0.83 -4.20 8.19
CA PHE A 54 0.18 -4.60 7.21
C PHE A 54 1.00 -3.39 6.76
N GLU A 55 2.18 -3.25 7.34
CA GLU A 55 3.05 -2.13 7.01
C GLU A 55 4.33 -2.63 6.34
N THR A 56 4.47 -2.33 5.06
CA THR A 56 5.68 -2.64 4.33
C THR A 56 6.56 -1.40 4.22
N LYS A 57 7.65 -1.40 4.98
CA LYS A 57 8.50 -0.23 5.07
C LYS A 57 9.77 -0.41 4.25
N CYS A 58 10.51 0.67 4.07
CA CYS A 58 11.77 0.64 3.36
C CYS A 58 12.90 0.26 4.31
N ARG A 59 13.65 -0.78 3.96
CA ARG A 59 14.78 -1.21 4.78
C ARG A 59 15.99 -0.30 4.54
N ALA A 60 15.88 0.54 3.54
CA ALA A 60 16.93 1.49 3.20
C ALA A 60 16.34 2.64 2.39
N SER A 61 17.01 3.79 2.44
CA SER A 61 16.62 4.92 1.62
C SER A 61 17.28 4.82 0.25
N ASN A 62 18.45 4.17 0.24
CA ASN A 62 19.19 3.87 -0.97
C ASN A 62 19.83 2.49 -0.85
N PRO A 63 19.16 1.43 -1.36
CA PRO A 63 19.66 0.05 -1.26
C PRO A 63 21.04 -0.10 -1.91
N VAL A 64 21.29 0.68 -2.94
CA VAL A 64 22.58 0.71 -3.59
C VAL A 64 23.18 2.10 -3.46
N GLU A 65 24.50 2.19 -3.47
CA GLU A 65 25.18 3.46 -3.25
C GLU A 65 25.15 4.32 -4.51
N SER A 66 23.96 4.80 -4.82
CA SER A 66 23.72 5.66 -5.98
C SER A 66 22.22 6.00 -6.05
N GLY A 67 21.40 5.01 -5.75
CA GLY A 67 19.96 5.21 -5.77
C GLY A 67 19.22 3.95 -5.40
N CYS A 68 18.53 3.35 -6.36
CA CYS A 68 17.79 2.12 -6.12
C CYS A 68 18.25 1.03 -7.08
N ARG A 69 17.73 -0.18 -6.88
CA ARG A 69 18.17 -1.33 -7.67
C ARG A 69 17.67 -1.24 -9.10
N GLY A 70 18.61 -1.25 -10.05
CA GLY A 70 18.23 -1.30 -11.45
C GLY A 70 18.02 0.07 -12.06
N ILE A 71 18.03 1.11 -11.24
CA ILE A 71 17.81 2.46 -11.71
C ILE A 71 19.05 3.02 -12.41
N ASP A 72 18.81 3.65 -13.56
CA ASP A 72 19.85 4.36 -14.31
C ASP A 72 20.66 5.28 -13.40
N SER A 73 19.94 6.06 -12.59
CA SER A 73 20.53 6.84 -11.51
C SER A 73 21.36 8.02 -12.01
N LYS A 74 21.48 8.16 -13.33
CA LYS A 74 22.22 9.27 -13.91
C LYS A 74 21.25 10.37 -14.35
N HIS A 75 20.14 9.95 -14.93
CA HIS A 75 19.10 10.88 -15.35
C HIS A 75 18.08 11.07 -14.24
N TRP A 76 18.27 10.35 -13.14
CA TRP A 76 17.34 10.39 -12.02
C TRP A 76 18.06 10.23 -10.69
N ASN A 77 17.69 11.03 -9.70
CA ASN A 77 18.07 10.73 -8.33
C ASN A 77 17.01 9.83 -7.74
N SER A 78 17.43 8.86 -6.95
CA SER A 78 16.50 7.87 -6.44
C SER A 78 16.42 7.90 -4.92
N TYR A 79 15.22 7.69 -4.40
CA TYR A 79 15.00 7.65 -2.97
C TYR A 79 13.81 6.76 -2.66
N CYS A 80 13.98 5.89 -1.67
CA CYS A 80 12.92 4.98 -1.27
C CYS A 80 11.90 5.70 -0.40
N THR A 81 10.66 5.72 -0.85
CA THR A 81 9.59 6.36 -0.14
C THR A 81 8.45 5.38 0.09
N THR A 82 7.96 5.33 1.31
CA THR A 82 6.88 4.44 1.65
C THR A 82 5.53 5.00 1.21
N THR A 83 4.72 4.14 0.61
CA THR A 83 3.38 4.53 0.20
C THR A 83 2.47 4.56 1.42
N HIS A 84 1.84 5.70 1.66
CA HIS A 84 1.01 5.87 2.83
C HIS A 84 -0.45 5.65 2.47
N THR A 85 -1.04 4.62 3.05
CA THR A 85 -2.45 4.35 2.82
C THR A 85 -3.22 4.61 4.11
N PHE A 86 -4.52 4.85 3.99
CA PHE A 86 -5.31 5.20 5.15
C PHE A 86 -6.21 4.04 5.55
N VAL A 87 -5.99 3.52 6.74
CA VAL A 87 -6.73 2.37 7.22
C VAL A 87 -7.65 2.73 8.37
N LYS A 88 -8.70 1.94 8.54
CA LYS A 88 -9.70 2.16 9.57
C LYS A 88 -9.21 1.59 10.90
N ALA A 89 -8.82 2.48 11.80
CA ALA A 89 -8.30 2.05 13.09
C ALA A 89 -9.03 2.74 14.23
N LEU A 90 -9.19 2.03 15.33
CA LEU A 90 -9.78 2.62 16.52
C LEU A 90 -8.72 3.41 17.26
N THR A 91 -8.90 4.71 17.35
CA THR A 91 -7.89 5.57 17.95
C THR A 91 -8.49 6.40 19.07
N THR A 92 -7.69 6.71 20.06
CA THR A 92 -8.12 7.58 21.14
C THR A 92 -7.23 8.82 21.20
N ASP A 93 -7.82 9.96 20.87
CA ASP A 93 -7.10 11.22 20.89
C ASP A 93 -6.86 11.67 22.33
N GLU A 94 -7.83 11.43 23.20
CA GLU A 94 -7.70 11.74 24.60
C GLU A 94 -8.21 10.59 25.47
N LYS A 95 -9.54 10.51 25.63
CA LYS A 95 -10.13 9.51 26.51
C LYS A 95 -11.18 8.67 25.77
N GLN A 96 -11.51 9.07 24.55
CA GLN A 96 -12.56 8.41 23.80
C GLN A 96 -12.00 7.70 22.58
N ALA A 97 -12.32 6.43 22.44
CA ALA A 97 -11.88 5.65 21.30
C ALA A 97 -12.86 5.79 20.15
N ALA A 98 -12.36 6.21 19.00
CA ALA A 98 -13.18 6.41 17.83
C ALA A 98 -12.48 5.89 16.59
N TRP A 99 -13.25 5.37 15.65
CA TRP A 99 -12.69 4.84 14.41
C TRP A 99 -12.27 5.98 13.49
N ARG A 100 -10.99 6.00 13.18
CA ARG A 100 -10.43 7.02 12.31
C ARG A 100 -9.60 6.37 11.21
N PHE A 101 -9.21 7.18 10.23
CA PHE A 101 -8.32 6.73 9.19
C PHE A 101 -6.90 7.16 9.49
N ILE A 102 -6.01 6.19 9.64
CA ILE A 102 -4.62 6.49 9.91
C ILE A 102 -3.75 6.05 8.75
N ARG A 103 -2.72 6.83 8.48
CA ARG A 103 -1.83 6.53 7.37
C ARG A 103 -0.76 5.54 7.80
N ILE A 104 -0.72 4.42 7.13
CA ILE A 104 0.30 3.42 7.38
C ILE A 104 1.22 3.28 6.17
N ASP A 105 2.45 2.88 6.43
CA ASP A 105 3.43 2.66 5.39
C ASP A 105 3.20 1.29 4.78
N THR A 106 2.42 1.23 3.72
CA THR A 106 1.94 -0.05 3.21
C THR A 106 2.85 -0.63 2.13
N ALA A 107 3.72 0.20 1.57
CA ALA A 107 4.60 -0.24 0.49
C ALA A 107 5.84 0.63 0.44
N CYS A 108 6.86 0.16 -0.27
CA CYS A 108 8.09 0.92 -0.44
C CYS A 108 8.40 1.07 -1.91
N VAL A 109 8.39 2.31 -2.38
CA VAL A 109 8.65 2.59 -3.78
C VAL A 109 9.90 3.44 -3.92
N CYS A 110 10.41 3.56 -5.13
CA CYS A 110 11.57 4.40 -5.36
C CYS A 110 11.19 5.56 -6.25
N VAL A 111 11.36 6.77 -5.73
CA VAL A 111 11.06 7.97 -6.48
C VAL A 111 12.24 8.34 -7.36
N LEU A 112 11.97 8.89 -8.53
CA LEU A 112 13.03 9.27 -9.44
C LEU A 112 12.94 10.74 -9.80
N SER A 113 14.08 11.42 -9.80
CA SER A 113 14.15 12.81 -10.24
C SER A 113 15.58 13.33 -10.16
N ARG A 114 16.20 13.54 -11.31
CA ARG A 114 17.43 14.33 -11.36
C ARG A 114 17.08 15.74 -11.83
N LYS A 115 15.87 15.87 -12.38
CA LYS A 115 15.50 17.08 -13.09
C LYS A 115 13.98 17.17 -13.26
N ALA A 116 13.24 16.67 -12.27
CA ALA A 116 11.79 16.66 -12.34
C ALA A 116 11.18 17.41 -11.17
N THR A 117 10.23 18.29 -11.49
CA THR A 117 9.51 19.13 -10.52
C THR A 117 10.45 19.98 -9.65
N ARG A 118 9.84 20.83 -8.82
CA ARG A 118 10.55 21.74 -7.94
C ARG A 118 11.45 22.69 -8.72
N SER B 1 5.61 25.19 8.51
CA SER B 1 5.34 23.75 8.71
C SER B 1 6.08 22.92 7.66
N SER B 2 6.86 21.95 8.10
CA SER B 2 7.64 21.12 7.20
C SER B 2 7.16 19.68 7.24
N THR B 3 5.83 19.50 7.21
CA THR B 3 5.25 18.16 7.21
C THR B 3 5.45 17.47 5.87
N HIS B 4 5.55 18.26 4.82
CA HIS B 4 5.79 17.74 3.49
C HIS B 4 6.78 18.62 2.74
N PRO B 5 8.08 18.50 3.06
CA PRO B 5 9.13 19.29 2.43
C PRO B 5 9.41 18.81 1.01
N VAL B 6 8.68 19.37 0.05
CA VAL B 6 8.75 18.95 -1.34
C VAL B 6 8.44 17.44 -1.43
N PHE B 7 7.39 17.04 -0.73
CA PHE B 7 7.01 15.65 -0.65
C PHE B 7 6.21 15.25 -1.88
N HIS B 8 6.06 16.20 -2.80
CA HIS B 8 5.46 15.95 -4.10
C HIS B 8 6.33 14.97 -4.88
N MET B 9 7.61 14.91 -4.53
CA MET B 9 8.53 13.96 -5.15
C MET B 9 8.17 12.54 -4.76
N GLY B 10 7.43 12.41 -3.66
CA GLY B 10 7.00 11.11 -3.19
C GLY B 10 5.86 10.55 -4.01
N GLU B 11 5.40 11.34 -4.97
CA GLU B 11 4.32 10.92 -5.87
C GLU B 11 4.91 10.33 -7.14
N PHE B 12 6.23 10.18 -7.17
CA PHE B 12 6.91 9.61 -8.32
C PHE B 12 7.13 8.12 -8.13
N SER B 13 6.95 7.37 -9.20
CA SER B 13 7.14 5.94 -9.16
C SER B 13 7.75 5.48 -10.48
N VAL B 14 8.40 4.32 -10.45
CA VAL B 14 9.02 3.75 -11.64
C VAL B 14 7.96 3.22 -12.61
N CYS B 15 6.71 3.21 -12.14
CA CYS B 15 5.59 2.81 -12.97
C CYS B 15 4.41 3.74 -12.72
N ASP B 16 3.73 4.11 -13.80
CA ASP B 16 2.59 5.02 -13.73
C ASP B 16 1.50 4.48 -12.83
N SER B 17 1.24 5.16 -11.74
CA SER B 17 0.30 4.71 -10.73
C SER B 17 -0.92 5.60 -10.67
N VAL B 18 -2.09 5.00 -10.47
CA VAL B 18 -3.32 5.74 -10.32
C VAL B 18 -3.95 5.52 -8.94
N SER B 19 -4.02 6.56 -8.14
CA SER B 19 -4.60 6.47 -6.81
C SER B 19 -6.09 6.80 -6.84
N VAL B 20 -6.91 5.83 -6.50
CA VAL B 20 -8.35 5.99 -6.54
C VAL B 20 -8.96 5.77 -5.16
N TRP B 21 -9.92 6.60 -4.81
CA TRP B 21 -10.71 6.40 -3.61
C TRP B 21 -12.00 5.70 -3.99
N VAL B 22 -12.00 4.39 -3.86
CA VAL B 22 -13.11 3.58 -4.34
C VAL B 22 -14.21 3.48 -3.29
N GLY B 23 -15.35 4.08 -3.60
CA GLY B 23 -16.52 3.96 -2.76
C GLY B 23 -17.59 3.12 -3.43
N ASP B 24 -17.19 2.46 -4.51
CA ASP B 24 -18.10 1.62 -5.28
C ASP B 24 -17.54 0.21 -5.40
N LYS B 25 -16.79 -0.20 -4.39
CA LYS B 25 -16.19 -1.52 -4.39
C LYS B 25 -17.16 -2.52 -3.76
N THR B 26 -17.83 -3.30 -4.61
CA THR B 26 -18.84 -4.23 -4.13
C THR B 26 -18.32 -5.66 -4.11
N THR B 27 -17.11 -5.86 -4.62
CA THR B 27 -16.50 -7.18 -4.64
C THR B 27 -15.01 -7.10 -4.36
N ALA B 28 -14.52 -7.96 -3.48
CA ALA B 28 -13.11 -8.02 -3.18
C ALA B 28 -12.72 -9.42 -2.74
N THR B 29 -11.42 -9.65 -2.64
CA THR B 29 -10.90 -10.94 -2.23
C THR B 29 -10.56 -10.93 -0.75
N ASP B 30 -11.19 -11.85 -0.02
CA ASP B 30 -10.92 -12.06 1.40
C ASP B 30 -9.49 -12.57 1.58
N ILE B 31 -8.95 -12.44 2.77
CA ILE B 31 -7.58 -12.87 3.06
C ILE B 31 -7.41 -14.37 2.78
N LYS B 32 -8.51 -15.12 2.88
CA LYS B 32 -8.49 -16.55 2.63
C LYS B 32 -8.50 -16.86 1.13
N GLY B 33 -8.74 -15.84 0.32
CA GLY B 33 -8.75 -16.01 -1.12
C GLY B 33 -10.15 -16.14 -1.68
N LYS B 34 -11.14 -15.81 -0.87
CA LYS B 34 -12.53 -15.87 -1.28
C LYS B 34 -12.96 -14.57 -1.93
N GLU B 35 -13.97 -14.64 -2.79
CA GLU B 35 -14.52 -13.44 -3.40
C GLU B 35 -15.81 -13.07 -2.68
N VAL B 36 -15.81 -11.92 -2.03
CA VAL B 36 -16.93 -11.53 -1.21
C VAL B 36 -17.45 -10.15 -1.58
N THR B 37 -18.71 -9.91 -1.21
CA THR B 37 -19.37 -8.65 -1.51
C THR B 37 -19.01 -7.60 -0.46
N VAL B 38 -18.27 -6.59 -0.89
CA VAL B 38 -17.86 -5.51 -0.02
C VAL B 38 -18.96 -4.47 0.08
N LEU B 39 -19.24 -4.02 1.28
CA LEU B 39 -20.25 -3.02 1.51
C LEU B 39 -19.60 -1.68 1.77
N ALA B 40 -19.88 -0.71 0.90
CA ALA B 40 -19.35 0.64 1.05
C ALA B 40 -20.08 1.35 2.18
N GLU B 41 -21.19 0.76 2.58
CA GLU B 41 -21.96 1.22 3.70
C GLU B 41 -21.73 0.28 4.87
N VAL B 42 -21.11 0.76 5.93
CA VAL B 42 -20.78 -0.11 7.04
C VAL B 42 -21.84 -0.03 8.13
N ASN B 43 -22.61 -1.10 8.24
CA ASN B 43 -23.62 -1.23 9.28
C ASN B 43 -23.00 -1.86 10.51
N ILE B 44 -22.65 -1.03 11.49
CA ILE B 44 -22.01 -1.53 12.69
C ILE B 44 -23.06 -1.99 13.70
N ASN B 45 -23.84 -1.04 14.18
CA ASN B 45 -24.94 -1.34 15.10
C ASN B 45 -25.90 -0.16 15.16
N ASN B 46 -26.87 -0.17 14.24
CA ASN B 46 -27.83 0.93 14.10
C ASN B 46 -27.11 2.23 13.80
N SER B 47 -26.09 2.14 12.95
CA SER B 47 -25.28 3.29 12.58
C SER B 47 -24.46 2.95 11.33
N VAL B 48 -24.70 3.70 10.27
CA VAL B 48 -24.02 3.46 9.00
C VAL B 48 -23.05 4.60 8.70
N PHE B 49 -21.84 4.24 8.30
CA PHE B 49 -20.85 5.23 7.91
C PHE B 49 -20.33 4.96 6.51
N ARG B 50 -20.04 6.02 5.77
CA ARG B 50 -19.51 5.89 4.43
C ARG B 50 -18.04 6.26 4.40
N GLN B 51 -17.23 5.44 3.74
CA GLN B 51 -15.81 5.71 3.58
C GLN B 51 -15.29 4.93 2.39
N TYR B 52 -14.26 5.47 1.75
CA TYR B 52 -13.78 4.92 0.49
C TYR B 52 -12.43 4.23 0.68
N PHE B 53 -12.07 3.35 -0.24
CA PHE B 53 -10.82 2.61 -0.15
C PHE B 53 -9.76 3.24 -1.05
N PHE B 54 -8.56 3.40 -0.50
CA PHE B 54 -7.45 3.99 -1.24
C PHE B 54 -6.74 2.92 -2.06
N GLU B 55 -7.06 2.84 -3.34
CA GLU B 55 -6.45 1.86 -4.22
C GLU B 55 -5.59 2.54 -5.28
N THR B 56 -4.29 2.36 -5.18
CA THR B 56 -3.37 2.86 -6.19
C THR B 56 -2.98 1.73 -7.13
N LYS B 57 -3.50 1.78 -8.35
CA LYS B 57 -3.30 0.70 -9.31
C LYS B 57 -2.27 1.09 -10.35
N CYS B 58 -1.86 0.10 -11.13
CA CYS B 58 -0.91 0.33 -12.22
C CYS B 58 -1.66 0.74 -13.48
N ARG B 59 -1.29 1.87 -14.05
CA ARG B 59 -1.90 2.34 -15.28
C ARG B 59 -1.35 1.58 -16.49
N ALA B 60 -0.29 0.83 -16.25
CA ALA B 60 0.33 0.03 -17.29
C ALA B 60 1.12 -1.10 -16.65
N SER B 61 1.34 -2.17 -17.40
CA SER B 61 2.18 -3.27 -16.95
C SER B 61 3.63 -2.97 -17.32
N ASN B 62 3.79 -2.21 -18.39
CA ASN B 62 5.09 -1.74 -18.84
C ASN B 62 4.96 -0.31 -19.38
N PRO B 63 5.21 0.71 -18.54
CA PRO B 63 5.06 2.12 -18.94
C PRO B 63 5.94 2.47 -20.13
N VAL B 64 7.08 1.81 -20.22
CA VAL B 64 7.97 1.98 -21.36
C VAL B 64 8.10 0.64 -22.09
N GLU B 65 8.37 0.69 -23.39
CA GLU B 65 8.43 -0.52 -24.19
C GLU B 65 9.75 -1.25 -23.99
N SER B 66 9.87 -1.84 -22.80
CA SER B 66 11.05 -2.60 -22.40
C SER B 66 10.86 -3.09 -20.97
N GLY B 67 10.30 -2.23 -20.14
CA GLY B 67 10.07 -2.57 -18.74
C GLY B 67 9.42 -1.43 -17.98
N CYS B 68 10.16 -0.83 -17.07
CA CYS B 68 9.65 0.29 -16.30
C CYS B 68 10.56 1.51 -16.46
N ARG B 69 10.15 2.63 -15.89
CA ARG B 69 10.87 3.89 -16.06
C ARG B 69 12.19 3.86 -15.29
N GLY B 70 13.29 4.06 -16.01
CA GLY B 70 14.58 4.20 -15.36
C GLY B 70 15.28 2.87 -15.14
N ILE B 71 14.59 1.77 -15.40
CA ILE B 71 15.15 0.44 -15.20
C ILE B 71 16.13 0.08 -16.32
N ASP B 72 17.27 -0.48 -15.91
CA ASP B 72 18.27 -1.00 -16.83
C ASP B 72 17.64 -1.91 -17.88
N SER B 73 16.80 -2.83 -17.40
CA SER B 73 15.94 -3.65 -18.27
C SER B 73 16.71 -4.69 -19.07
N LYS B 74 18.03 -4.69 -18.94
CA LYS B 74 18.86 -5.66 -19.64
C LYS B 74 19.22 -6.80 -18.71
N HIS B 75 19.52 -6.46 -17.47
CA HIS B 75 19.83 -7.46 -16.45
C HIS B 75 18.57 -7.85 -15.69
N TRP B 76 17.46 -7.20 -16.04
CA TRP B 76 16.19 -7.43 -15.35
C TRP B 76 15.01 -7.32 -16.32
N ASN B 77 14.06 -8.23 -16.22
CA ASN B 77 12.77 -8.03 -16.86
C ASN B 77 11.90 -7.29 -15.86
N SER B 78 11.10 -6.35 -16.34
CA SER B 78 10.33 -5.50 -15.46
C SER B 78 8.84 -5.69 -15.68
N TYR B 79 8.07 -5.64 -14.61
CA TYR B 79 6.63 -5.74 -14.67
C TYR B 79 6.00 -5.00 -13.50
N CYS B 80 4.97 -4.22 -13.80
CA CYS B 80 4.28 -3.46 -12.77
C CYS B 80 3.30 -4.34 -12.01
N THR B 81 3.51 -4.46 -10.71
CA THR B 81 2.67 -5.28 -9.87
C THR B 81 2.13 -4.44 -8.71
N THR B 82 0.84 -4.55 -8.47
CA THR B 82 0.21 -3.80 -7.41
C THR B 82 0.43 -4.46 -6.06
N THR B 83 0.77 -3.65 -5.06
CA THR B 83 0.96 -4.12 -3.72
C THR B 83 -0.41 -4.36 -3.08
N HIS B 84 -0.63 -5.57 -2.61
CA HIS B 84 -1.93 -5.93 -2.05
C HIS B 84 -1.89 -5.82 -0.54
N THR B 85 -2.68 -4.92 0.01
CA THR B 85 -2.75 -4.77 1.46
C THR B 85 -4.12 -5.23 1.93
N PHE B 86 -4.23 -5.59 3.19
CA PHE B 86 -5.49 -6.12 3.70
C PHE B 86 -6.17 -5.10 4.59
N VAL B 87 -7.35 -4.66 4.18
CA VAL B 87 -8.07 -3.63 4.90
C VAL B 87 -9.34 -4.20 5.54
N LYS B 88 -9.79 -3.53 6.60
CA LYS B 88 -10.97 -3.94 7.35
C LYS B 88 -12.23 -3.44 6.64
N ALA B 89 -12.94 -4.35 6.01
CA ALA B 89 -14.14 -3.98 5.27
C ALA B 89 -15.31 -4.84 5.69
N LEU B 90 -16.50 -4.25 5.69
CA LEU B 90 -17.71 -5.00 5.98
C LEU B 90 -18.14 -5.73 4.72
N THR B 91 -18.12 -7.06 4.78
CA THR B 91 -18.43 -7.85 3.60
C THR B 91 -19.55 -8.83 3.88
N THR B 92 -20.33 -9.15 2.87
CA THR B 92 -21.38 -10.14 3.01
C THR B 92 -21.14 -11.28 2.03
N ASP B 93 -20.81 -12.45 2.57
CA ASP B 93 -20.55 -13.62 1.75
C ASP B 93 -21.86 -14.16 1.18
N GLU B 94 -22.91 -14.10 1.98
CA GLU B 94 -24.24 -14.53 1.54
C GLU B 94 -25.30 -13.51 1.96
N LYS B 95 -25.72 -13.58 3.22
CA LYS B 95 -26.80 -12.72 3.71
C LYS B 95 -26.36 -11.94 4.95
N GLN B 96 -25.20 -12.26 5.49
CA GLN B 96 -24.75 -11.65 6.73
C GLN B 96 -23.51 -10.79 6.49
N ALA B 97 -23.58 -9.55 6.93
CA ALA B 97 -22.46 -8.63 6.80
C ALA B 97 -21.52 -8.77 7.98
N ALA B 98 -20.25 -9.04 7.69
CA ALA B 98 -19.25 -9.21 8.72
C ALA B 98 -17.96 -8.53 8.32
N TRP B 99 -17.24 -8.01 9.30
CA TRP B 99 -15.98 -7.32 9.06
C TRP B 99 -14.88 -8.31 8.73
N ARG B 100 -14.32 -8.18 7.54
CA ARG B 100 -13.27 -9.07 7.08
C ARG B 100 -12.10 -8.25 6.56
N PHE B 101 -10.99 -8.92 6.31
CA PHE B 101 -9.83 -8.29 5.69
C PHE B 101 -9.82 -8.60 4.21
N ILE B 102 -9.89 -7.55 3.40
CA ILE B 102 -9.86 -7.73 1.95
C ILE B 102 -8.60 -7.12 1.39
N ARG B 103 -8.05 -7.75 0.36
CA ARG B 103 -6.84 -7.28 -0.26
C ARG B 103 -7.15 -6.21 -1.31
N ILE B 104 -6.61 -5.03 -1.11
CA ILE B 104 -6.76 -3.97 -2.09
C ILE B 104 -5.42 -3.63 -2.72
N ASP B 105 -5.48 -3.12 -3.94
CA ASP B 105 -4.29 -2.71 -4.66
C ASP B 105 -3.89 -1.32 -4.19
N THR B 106 -3.01 -1.25 -3.22
CA THR B 106 -2.74 0.01 -2.54
C THR B 106 -1.57 0.77 -3.16
N ALA B 107 -0.77 0.08 -3.96
CA ALA B 107 0.40 0.69 -4.57
C ALA B 107 0.80 -0.04 -5.84
N CYS B 108 1.62 0.60 -6.65
CA CYS B 108 2.10 -0.01 -7.88
C CYS B 108 3.62 0.00 -7.90
N VAL B 109 4.21 -1.18 -7.89
CA VAL B 109 5.65 -1.32 -7.88
C VAL B 109 6.12 -2.02 -9.16
N CYS B 110 7.42 -1.98 -9.42
CA CYS B 110 7.96 -2.68 -10.57
C CYS B 110 8.87 -3.80 -10.11
N VAL B 111 8.52 -5.01 -10.49
CA VAL B 111 9.32 -6.17 -10.14
C VAL B 111 10.45 -6.33 -11.15
N LEU B 112 11.59 -6.82 -10.70
CA LEU B 112 12.73 -6.99 -11.58
C LEU B 112 13.21 -8.43 -11.54
N SER B 113 13.51 -8.99 -12.71
CA SER B 113 14.10 -10.32 -12.81
C SER B 113 14.35 -10.69 -14.26
N ARG B 114 15.61 -10.74 -14.65
CA ARG B 114 15.98 -11.40 -15.90
C ARG B 114 16.51 -12.79 -15.59
N LYS B 115 16.84 -12.99 -14.32
CA LYS B 115 17.59 -14.17 -13.90
C LYS B 115 17.45 -14.40 -12.39
N ALA B 116 16.31 -14.05 -11.83
CA ALA B 116 16.09 -14.19 -10.40
C ALA B 116 14.90 -15.10 -10.10
N THR B 117 15.13 -16.06 -9.19
CA THR B 117 14.13 -17.04 -8.76
C THR B 117 13.55 -17.86 -9.91
N ARG B 118 12.72 -18.84 -9.56
CA ARG B 118 12.09 -19.74 -10.52
C ARG B 118 13.12 -20.52 -11.32
N SER A 1 16.61 -25.02 5.43
CA SER A 1 15.53 -24.35 4.69
C SER A 1 15.96 -24.05 3.27
N SER A 2 15.14 -24.38 2.29
CA SER A 2 15.45 -24.15 0.90
C SER A 2 14.22 -23.67 0.15
N THR A 3 13.41 -22.87 0.81
CA THR A 3 12.21 -22.30 0.18
C THR A 3 12.55 -21.00 -0.52
N HIS A 4 13.00 -21.11 -1.76
CA HIS A 4 13.38 -19.94 -2.55
C HIS A 4 12.82 -20.04 -3.97
N PRO A 5 11.51 -19.83 -4.14
CA PRO A 5 10.85 -19.91 -5.45
C PRO A 5 11.01 -18.63 -6.25
N VAL A 6 12.23 -18.07 -6.23
CA VAL A 6 12.54 -16.84 -6.94
C VAL A 6 11.58 -15.72 -6.51
N PHE A 7 11.22 -15.74 -5.22
CA PHE A 7 10.27 -14.77 -4.67
C PHE A 7 8.99 -14.71 -5.49
N HIS A 8 8.61 -15.86 -6.06
CA HIS A 8 7.38 -15.99 -6.85
C HIS A 8 7.45 -15.09 -8.10
N MET A 9 8.67 -14.59 -8.37
CA MET A 9 8.94 -13.64 -9.47
C MET A 9 7.86 -12.56 -9.54
N GLY A 10 7.38 -12.14 -8.38
CA GLY A 10 6.31 -11.17 -8.33
C GLY A 10 6.41 -10.24 -7.14
N GLU A 11 7.02 -10.70 -6.06
CA GLU A 11 7.18 -9.87 -4.87
C GLU A 11 8.56 -9.22 -4.84
N PHE A 12 9.02 -8.80 -6.02
CA PHE A 12 10.30 -8.12 -6.15
C PHE A 12 10.08 -6.61 -6.16
N SER A 13 11.12 -5.87 -5.77
CA SER A 13 11.07 -4.43 -5.80
C SER A 13 12.48 -3.90 -6.03
N VAL A 14 12.58 -2.76 -6.73
CA VAL A 14 13.86 -2.11 -6.99
C VAL A 14 14.43 -1.52 -5.70
N CYS A 15 13.57 -1.43 -4.70
CA CYS A 15 13.95 -0.93 -3.39
C CYS A 15 13.86 -2.04 -2.36
N ASP A 16 14.85 -2.14 -1.49
CA ASP A 16 14.81 -3.12 -0.42
C ASP A 16 13.67 -2.78 0.53
N SER A 17 12.68 -3.66 0.56
CA SER A 17 11.47 -3.40 1.32
C SER A 17 11.30 -4.44 2.41
N VAL A 18 10.95 -3.99 3.60
CA VAL A 18 10.71 -4.89 4.70
C VAL A 18 9.25 -4.77 5.15
N SER A 19 8.50 -5.85 4.97
CA SER A 19 7.10 -5.87 5.37
C SER A 19 6.95 -6.50 6.75
N VAL A 20 6.42 -5.72 7.68
CA VAL A 20 6.25 -6.18 9.04
C VAL A 20 4.79 -6.15 9.42
N TRP A 21 4.35 -7.19 10.10
CA TRP A 21 3.01 -7.21 10.68
C TRP A 21 3.12 -6.85 12.15
N VAL A 22 2.92 -5.58 12.45
CA VAL A 22 3.05 -5.09 13.81
C VAL A 22 1.80 -5.44 14.61
N GLY A 23 2.00 -5.92 15.83
CA GLY A 23 0.87 -6.32 16.65
C GLY A 23 0.51 -5.27 17.68
N ASP A 24 1.33 -4.24 17.81
CA ASP A 24 1.08 -3.19 18.78
C ASP A 24 1.61 -1.85 18.27
N LYS A 25 0.70 -0.99 17.85
CA LYS A 25 1.04 0.36 17.44
C LYS A 25 0.14 1.33 18.19
N THR A 26 0.67 1.94 19.24
CA THR A 26 -0.14 2.71 20.18
C THR A 26 -0.46 4.12 19.68
N THR A 27 0.23 4.57 18.65
CA THR A 27 0.01 5.90 18.11
C THR A 27 0.12 5.92 16.60
N ALA A 28 -0.80 6.59 15.95
CA ALA A 28 -0.77 6.72 14.51
C ALA A 28 -1.35 8.06 14.08
N THR A 29 -1.21 8.38 12.81
CA THR A 29 -1.74 9.62 12.28
C THR A 29 -3.02 9.36 11.50
N ASP A 30 -4.10 9.99 11.94
CA ASP A 30 -5.39 9.91 11.24
C ASP A 30 -5.28 10.62 9.90
N ILE A 31 -6.18 10.30 8.97
CA ILE A 31 -6.19 10.89 7.64
C ILE A 31 -6.25 12.42 7.71
N LYS A 32 -6.83 12.95 8.78
CA LYS A 32 -6.99 14.39 8.95
C LYS A 32 -5.69 15.03 9.40
N GLY A 33 -4.73 14.20 9.81
CA GLY A 33 -3.45 14.70 10.26
C GLY A 33 -3.37 14.80 11.77
N LYS A 34 -4.16 13.98 12.45
CA LYS A 34 -4.19 13.98 13.91
C LYS A 34 -3.41 12.80 14.47
N GLU A 35 -2.74 13.03 15.59
CA GLU A 35 -2.06 11.96 16.29
C GLU A 35 -3.02 11.29 17.24
N VAL A 36 -3.31 10.02 17.00
CA VAL A 36 -4.29 9.31 17.78
C VAL A 36 -3.71 8.06 18.42
N THR A 37 -4.24 7.70 19.58
CA THR A 37 -3.83 6.50 20.28
C THR A 37 -4.55 5.29 19.72
N VAL A 38 -3.81 4.45 19.02
CA VAL A 38 -4.39 3.30 18.35
C VAL A 38 -4.43 2.10 19.28
N LEU A 39 -5.57 1.41 19.28
CA LEU A 39 -5.74 0.23 20.10
C LEU A 39 -5.62 -1.01 19.21
N ALA A 40 -4.65 -1.86 19.52
CA ALA A 40 -4.45 -3.10 18.76
C ALA A 40 -5.58 -4.07 19.04
N GLU A 41 -6.24 -3.86 20.17
CA GLU A 41 -7.39 -4.64 20.56
C GLU A 41 -8.64 -3.79 20.37
N VAL A 42 -9.51 -4.20 19.46
CA VAL A 42 -10.70 -3.41 19.19
C VAL A 42 -11.92 -4.04 19.88
N ASN A 43 -12.64 -3.23 20.64
CA ASN A 43 -13.82 -3.71 21.34
C ASN A 43 -15.09 -3.29 20.63
N ILE A 44 -15.84 -4.27 20.17
CA ILE A 44 -17.14 -4.02 19.56
C ILE A 44 -18.22 -4.70 20.39
N ASN A 45 -18.72 -3.97 21.39
CA ASN A 45 -19.76 -4.49 22.29
C ASN A 45 -19.20 -5.66 23.09
N ASN A 46 -18.08 -5.41 23.76
CA ASN A 46 -17.39 -6.39 24.61
C ASN A 46 -16.68 -7.47 23.78
N SER A 47 -16.97 -7.54 22.49
CA SER A 47 -16.28 -8.47 21.62
C SER A 47 -14.97 -7.84 21.17
N VAL A 48 -13.86 -8.42 21.60
CA VAL A 48 -12.56 -7.87 21.31
C VAL A 48 -11.78 -8.79 20.38
N PHE A 49 -11.23 -8.21 19.32
CA PHE A 49 -10.32 -8.94 18.45
C PHE A 49 -9.18 -8.03 18.05
N ARG A 50 -8.04 -8.62 17.73
CA ARG A 50 -6.83 -7.84 17.48
C ARG A 50 -6.64 -7.61 15.99
N GLN A 51 -5.95 -6.52 15.67
CA GLN A 51 -5.61 -6.21 14.29
C GLN A 51 -4.10 -6.20 14.11
N TYR A 52 -3.66 -6.38 12.88
CA TYR A 52 -2.24 -6.37 12.57
C TYR A 52 -1.92 -5.21 11.64
N PHE A 53 -0.81 -4.53 11.89
CA PHE A 53 -0.43 -3.40 11.07
C PHE A 53 0.61 -3.83 10.04
N PHE A 54 0.21 -3.89 8.78
CA PHE A 54 1.10 -4.28 7.70
C PHE A 54 1.91 -3.08 7.24
N GLU A 55 3.14 -2.99 7.71
CA GLU A 55 4.01 -1.87 7.37
C GLU A 55 5.17 -2.34 6.51
N THR A 56 5.18 -1.92 5.26
CA THR A 56 6.29 -2.21 4.36
C THR A 56 7.19 -0.99 4.29
N LYS A 57 8.37 -1.09 4.87
CA LYS A 57 9.24 0.04 5.03
C LYS A 57 10.47 -0.07 4.14
N CYS A 58 11.00 1.08 3.77
CA CYS A 58 12.20 1.13 2.95
C CYS A 58 13.43 0.99 3.83
N ARG A 59 13.92 -0.23 3.98
CA ARG A 59 15.09 -0.49 4.80
C ARG A 59 16.33 0.07 4.12
N ALA A 60 16.25 0.23 2.81
CA ALA A 60 17.31 0.88 2.05
C ALA A 60 16.69 1.88 1.07
N SER A 61 16.78 3.15 1.42
CA SER A 61 16.21 4.21 0.59
C SER A 61 17.09 4.43 -0.64
N ASN A 62 18.36 4.10 -0.50
CA ASN A 62 19.31 4.17 -1.60
C ASN A 62 20.13 2.89 -1.64
N PRO A 63 19.59 1.81 -2.25
CA PRO A 63 20.31 0.54 -2.37
C PRO A 63 21.65 0.70 -3.09
N VAL A 64 21.71 1.61 -4.05
CA VAL A 64 22.97 1.89 -4.73
C VAL A 64 23.51 3.27 -4.34
N GLU A 65 24.62 3.67 -4.94
CA GLU A 65 25.34 4.88 -4.57
C GLU A 65 24.43 6.11 -4.47
N SER A 66 23.51 6.27 -5.41
CA SER A 66 22.64 7.45 -5.42
C SER A 66 21.27 7.14 -6.02
N GLY A 67 20.61 6.10 -5.52
CA GLY A 67 19.26 5.83 -5.98
C GLY A 67 18.90 4.36 -5.90
N CYS A 68 18.02 3.95 -6.80
CA CYS A 68 17.57 2.56 -6.86
C CYS A 68 18.40 1.76 -7.86
N ARG A 69 18.28 0.44 -7.80
CA ARG A 69 19.08 -0.43 -8.66
C ARG A 69 18.61 -0.32 -10.11
N GLY A 70 19.53 0.03 -10.99
CA GLY A 70 19.22 0.15 -12.41
C GLY A 70 19.07 1.59 -12.84
N ILE A 71 18.70 2.44 -11.91
CA ILE A 71 18.44 3.84 -12.20
C ILE A 71 19.74 4.61 -12.44
N ASP A 72 19.74 5.44 -13.48
CA ASP A 72 20.88 6.28 -13.79
C ASP A 72 20.78 7.58 -13.00
N SER A 73 21.59 7.70 -11.96
CA SER A 73 21.56 8.85 -11.07
C SER A 73 21.85 10.15 -11.81
N LYS A 74 22.51 10.06 -12.96
CA LYS A 74 22.81 11.22 -13.77
C LYS A 74 21.57 11.71 -14.51
N HIS A 75 20.67 10.79 -14.82
CA HIS A 75 19.44 11.14 -15.53
C HIS A 75 18.29 11.36 -14.55
N TRP A 76 18.38 10.71 -13.39
CA TRP A 76 17.34 10.81 -12.38
C TRP A 76 17.95 10.81 -10.98
N ASN A 77 17.59 11.78 -10.15
CA ASN A 77 17.92 11.69 -8.74
C ASN A 77 16.86 10.80 -8.10
N SER A 78 17.28 9.86 -7.28
CA SER A 78 16.39 8.78 -6.90
C SER A 78 16.53 8.42 -5.43
N TYR A 79 15.42 7.99 -4.86
CA TYR A 79 15.38 7.46 -3.51
C TYR A 79 14.06 6.73 -3.30
N CYS A 80 14.01 5.86 -2.32
CA CYS A 80 12.82 5.07 -2.06
C CYS A 80 12.01 5.67 -0.92
N THR A 81 10.70 5.80 -1.14
CA THR A 81 9.81 6.37 -0.16
C THR A 81 8.59 5.46 0.01
N THR A 82 8.06 5.42 1.22
CA THR A 82 6.95 4.55 1.53
C THR A 82 5.61 5.17 1.15
N THR A 83 4.69 4.34 0.71
CA THR A 83 3.33 4.77 0.40
C THR A 83 2.42 4.44 1.59
N HIS A 84 1.68 5.43 2.05
CA HIS A 84 0.82 5.23 3.22
C HIS A 84 -0.64 5.10 2.81
N THR A 85 -1.32 4.14 3.40
CA THR A 85 -2.74 3.94 3.18
C THR A 85 -3.47 4.18 4.49
N PHE A 86 -4.79 4.22 4.46
CA PHE A 86 -5.57 4.55 5.65
C PHE A 86 -6.46 3.40 6.06
N VAL A 87 -6.20 2.87 7.24
CA VAL A 87 -6.94 1.72 7.74
C VAL A 87 -7.82 2.11 8.93
N LYS A 88 -8.95 1.42 9.06
CA LYS A 88 -9.88 1.67 10.16
C LYS A 88 -9.33 1.08 11.46
N ALA A 89 -9.03 1.94 12.41
CA ALA A 89 -8.52 1.50 13.69
C ALA A 89 -9.34 2.10 14.82
N LEU A 90 -9.48 1.35 15.90
CA LEU A 90 -10.14 1.87 17.08
C LEU A 90 -9.16 2.70 17.88
N THR A 91 -9.38 3.99 17.88
CA THR A 91 -8.43 4.90 18.51
C THR A 91 -9.09 5.62 19.68
N THR A 92 -8.28 6.18 20.55
CA THR A 92 -8.77 6.96 21.65
C THR A 92 -7.93 8.23 21.79
N ASP A 93 -8.59 9.35 22.03
CA ASP A 93 -7.89 10.62 22.19
C ASP A 93 -7.83 11.00 23.67
N GLU A 94 -8.58 10.27 24.49
CA GLU A 94 -8.57 10.48 25.93
C GLU A 94 -9.15 9.26 26.66
N LYS A 95 -10.41 8.92 26.35
CA LYS A 95 -11.08 7.81 27.02
C LYS A 95 -12.01 7.08 26.05
N GLN A 96 -12.91 7.83 25.42
CA GLN A 96 -13.89 7.25 24.50
C GLN A 96 -13.21 6.74 23.24
N ALA A 97 -13.22 5.42 23.07
CA ALA A 97 -12.66 4.80 21.88
C ALA A 97 -13.59 5.02 20.70
N ALA A 98 -13.00 5.34 19.55
CA ALA A 98 -13.77 5.60 18.34
C ALA A 98 -13.00 5.12 17.11
N TRP A 99 -13.73 4.75 16.09
CA TRP A 99 -13.13 4.23 14.86
C TRP A 99 -12.65 5.36 13.96
N ARG A 100 -11.36 5.37 13.66
CA ARG A 100 -10.78 6.38 12.80
C ARG A 100 -9.98 5.72 11.68
N PHE A 101 -9.44 6.54 10.78
CA PHE A 101 -8.67 6.06 9.66
C PHE A 101 -7.23 6.52 9.80
N ILE A 102 -6.32 5.57 10.02
CA ILE A 102 -4.93 5.93 10.30
C ILE A 102 -4.03 5.48 9.16
N ARG A 103 -2.98 6.25 8.92
CA ARG A 103 -2.03 5.95 7.87
C ARG A 103 -1.06 4.87 8.30
N ILE A 104 -0.90 3.89 7.45
CA ILE A 104 0.17 2.91 7.59
C ILE A 104 0.96 2.82 6.30
N ASP A 105 2.27 2.79 6.43
CA ASP A 105 3.14 2.68 5.27
C ASP A 105 3.12 1.24 4.77
N THR A 106 2.44 1.04 3.66
CA THR A 106 2.10 -0.30 3.20
C THR A 106 2.99 -0.75 2.04
N ALA A 107 3.79 0.16 1.50
CA ALA A 107 4.65 -0.16 0.35
C ALA A 107 5.83 0.78 0.27
N CYS A 108 6.82 0.40 -0.51
CA CYS A 108 8.01 1.22 -0.72
C CYS A 108 8.24 1.40 -2.22
N VAL A 109 8.24 2.65 -2.66
CA VAL A 109 8.35 2.96 -4.09
C VAL A 109 9.61 3.75 -4.38
N CYS A 110 10.02 3.75 -5.64
CA CYS A 110 11.24 4.42 -6.06
C CYS A 110 10.90 5.69 -6.84
N VAL A 111 11.38 6.83 -6.37
CA VAL A 111 11.12 8.10 -7.04
C VAL A 111 12.26 8.44 -7.99
N LEU A 112 11.93 9.13 -9.08
CA LEU A 112 12.95 9.59 -10.02
C LEU A 112 12.78 11.08 -10.28
N SER A 113 13.89 11.81 -10.30
CA SER A 113 13.85 13.24 -10.63
C SER A 113 15.24 13.86 -10.67
N ARG A 114 15.92 13.81 -11.80
CA ARG A 114 17.06 14.69 -12.00
C ARG A 114 16.68 15.85 -12.92
N LYS A 115 15.93 15.52 -13.96
CA LYS A 115 15.57 16.50 -14.97
C LYS A 115 14.12 16.92 -14.81
N ALA A 116 13.53 16.52 -13.69
CA ALA A 116 12.16 16.89 -13.37
C ALA A 116 12.13 18.05 -12.40
N THR A 117 13.24 18.23 -11.69
CA THR A 117 13.35 19.28 -10.70
C THR A 117 13.48 20.65 -11.36
N ARG A 118 13.33 21.71 -10.58
CA ARG A 118 13.43 23.06 -11.11
C ARG A 118 14.75 23.68 -10.67
N SER B 1 -4.75 26.05 -15.13
CA SER B 1 -4.17 25.33 -13.98
C SER B 1 -2.66 25.20 -14.17
N SER B 2 -1.91 25.54 -13.13
CA SER B 2 -0.46 25.44 -13.18
C SER B 2 0.09 24.90 -11.86
N THR B 3 -0.63 23.96 -11.27
CA THR B 3 -0.19 23.35 -10.03
C THR B 3 0.70 22.15 -10.33
N HIS B 4 1.98 22.41 -10.51
CA HIS B 4 2.95 21.36 -10.83
C HIS B 4 4.22 21.52 -10.00
N PRO B 5 4.16 21.19 -8.69
CA PRO B 5 5.30 21.32 -7.78
C PRO B 5 6.26 20.14 -7.89
N VAL B 6 6.52 19.71 -9.12
CA VAL B 6 7.40 18.58 -9.39
C VAL B 6 6.91 17.34 -8.64
N PHE B 7 5.59 17.20 -8.53
CA PHE B 7 4.97 16.10 -7.81
C PHE B 7 5.53 15.97 -6.40
N HIS B 8 5.88 17.12 -5.81
CA HIS B 8 6.42 17.18 -4.46
C HIS B 8 7.74 16.42 -4.35
N MET B 9 8.30 16.07 -5.52
CA MET B 9 9.51 15.25 -5.65
C MET B 9 9.50 14.08 -4.67
N GLY B 10 8.31 13.51 -4.46
CA GLY B 10 8.16 12.43 -3.51
C GLY B 10 7.12 11.41 -3.94
N GLU B 11 6.12 11.84 -4.70
CA GLU B 11 5.08 10.92 -5.17
C GLU B 11 5.40 10.43 -6.59
N PHE B 12 6.67 10.17 -6.84
CA PHE B 12 7.12 9.63 -8.11
C PHE B 12 7.24 8.12 -8.04
N SER B 13 7.14 7.47 -9.18
CA SER B 13 7.31 6.03 -9.27
C SER B 13 7.85 5.67 -10.64
N VAL B 14 8.68 4.63 -10.69
CA VAL B 14 9.24 4.14 -11.94
C VAL B 14 8.16 3.50 -12.80
N CYS B 15 7.02 3.22 -12.17
CA CYS B 15 5.88 2.66 -12.85
C CYS B 15 4.74 3.67 -12.87
N ASP B 16 4.07 3.79 -14.00
CA ASP B 16 2.92 4.66 -14.09
C ASP B 16 1.81 4.13 -13.20
N SER B 17 1.50 4.88 -12.17
CA SER B 17 0.55 4.45 -11.18
C SER B 17 -0.66 5.37 -11.14
N VAL B 18 -1.84 4.78 -11.06
CA VAL B 18 -3.06 5.55 -10.96
C VAL B 18 -3.75 5.24 -9.64
N SER B 19 -3.84 6.24 -8.79
CA SER B 19 -4.50 6.09 -7.50
C SER B 19 -5.94 6.56 -7.58
N VAL B 20 -6.87 5.66 -7.32
CA VAL B 20 -8.28 5.99 -7.39
C VAL B 20 -8.93 5.77 -6.04
N TRP B 21 -9.80 6.70 -5.65
CA TRP B 21 -10.61 6.52 -4.46
C TRP B 21 -11.99 6.05 -4.89
N VAL B 22 -12.19 4.74 -4.86
CA VAL B 22 -13.43 4.16 -5.30
C VAL B 22 -14.49 4.31 -4.22
N GLY B 23 -15.69 4.69 -4.62
CA GLY B 23 -16.75 4.90 -3.64
C GLY B 23 -17.72 3.74 -3.60
N ASP B 24 -17.57 2.79 -4.50
CA ASP B 24 -18.46 1.64 -4.55
C ASP B 24 -17.72 0.42 -5.08
N LYS B 25 -17.40 -0.50 -4.18
CA LYS B 25 -16.78 -1.76 -4.54
C LYS B 25 -17.59 -2.90 -3.89
N THR B 26 -18.44 -3.54 -4.68
CA THR B 26 -19.43 -4.45 -4.14
C THR B 26 -18.86 -5.84 -3.85
N THR B 27 -17.68 -6.13 -4.35
CA THR B 27 -17.05 -7.43 -4.14
C THR B 27 -15.55 -7.29 -3.95
N ALA B 28 -15.03 -8.00 -2.98
CA ALA B 28 -13.60 -8.00 -2.72
C ALA B 28 -13.16 -9.35 -2.18
N THR B 29 -11.85 -9.55 -2.11
CA THR B 29 -11.30 -10.79 -1.60
C THR B 29 -10.81 -10.61 -0.16
N ASP B 30 -11.38 -11.38 0.75
CA ASP B 30 -10.96 -11.36 2.14
C ASP B 30 -9.56 -11.94 2.26
N ILE B 31 -8.86 -11.65 3.35
CA ILE B 31 -7.50 -12.12 3.58
C ILE B 31 -7.42 -13.65 3.48
N LYS B 32 -8.51 -14.32 3.80
CA LYS B 32 -8.56 -15.77 3.79
C LYS B 32 -8.69 -16.31 2.36
N GLY B 33 -8.99 -15.42 1.43
CA GLY B 33 -9.13 -15.83 0.04
C GLY B 33 -10.58 -16.04 -0.35
N LYS B 34 -11.48 -15.38 0.37
CA LYS B 34 -12.91 -15.51 0.10
C LYS B 34 -13.43 -14.31 -0.67
N GLU B 35 -14.36 -14.55 -1.57
CA GLU B 35 -15.03 -13.48 -2.30
C GLU B 35 -16.22 -13.00 -1.49
N VAL B 36 -16.17 -11.76 -1.05
CA VAL B 36 -17.19 -11.23 -0.18
C VAL B 36 -17.84 -9.97 -0.77
N THR B 37 -19.11 -9.78 -0.45
CA THR B 37 -19.85 -8.61 -0.90
C THR B 37 -19.57 -7.44 0.03
N VAL B 38 -18.83 -6.46 -0.47
CA VAL B 38 -18.41 -5.33 0.32
C VAL B 38 -19.45 -4.23 0.29
N LEU B 39 -19.74 -3.66 1.44
CA LEU B 39 -20.69 -2.58 1.55
C LEU B 39 -19.93 -1.26 1.73
N ALA B 40 -20.13 -0.34 0.79
CA ALA B 40 -19.49 0.97 0.86
C ALA B 40 -20.08 1.79 1.98
N GLU B 41 -21.29 1.42 2.38
CA GLU B 41 -21.97 2.04 3.49
C GLU B 41 -21.93 1.07 4.67
N VAL B 42 -21.26 1.46 5.74
CA VAL B 42 -21.14 0.59 6.89
C VAL B 42 -22.11 1.03 7.99
N ASN B 43 -22.89 0.08 8.48
CA ASN B 43 -23.87 0.37 9.52
C ASN B 43 -23.36 -0.12 10.87
N ILE B 44 -23.17 0.81 11.79
CA ILE B 44 -22.79 0.49 13.15
C ILE B 44 -23.88 0.98 14.09
N ASN B 45 -24.87 0.11 14.33
CA ASN B 45 -26.00 0.44 15.20
C ASN B 45 -26.81 1.58 14.60
N ASN B 46 -27.21 1.39 13.35
CA ASN B 46 -28.01 2.37 12.58
C ASN B 46 -27.19 3.57 12.15
N SER B 47 -25.99 3.72 12.71
CA SER B 47 -25.11 4.80 12.27
C SER B 47 -24.35 4.36 11.04
N VAL B 48 -24.62 5.01 9.92
CA VAL B 48 -24.03 4.62 8.65
C VAL B 48 -23.06 5.69 8.15
N PHE B 49 -21.87 5.28 7.79
CA PHE B 49 -20.92 6.16 7.15
C PHE B 49 -20.22 5.42 6.03
N ARG B 50 -19.74 6.15 5.04
CA ARG B 50 -19.18 5.53 3.85
C ARG B 50 -17.67 5.45 3.93
N GLN B 51 -17.12 4.47 3.23
CA GLN B 51 -15.67 4.31 3.15
C GLN B 51 -15.21 4.48 1.71
N TYR B 52 -13.94 4.80 1.53
CA TYR B 52 -13.37 4.97 0.21
C TYR B 52 -12.28 3.95 0.00
N PHE B 53 -12.24 3.37 -1.19
CA PHE B 53 -11.24 2.35 -1.50
C PHE B 53 -10.10 2.98 -2.27
N PHE B 54 -8.95 3.09 -1.63
CA PHE B 54 -7.77 3.67 -2.24
C PHE B 54 -7.02 2.61 -3.05
N GLU B 55 -7.25 2.61 -4.35
CA GLU B 55 -6.62 1.63 -5.22
C GLU B 55 -5.61 2.29 -6.15
N THR B 56 -4.34 1.98 -5.94
CA THR B 56 -3.28 2.46 -6.81
C THR B 56 -2.91 1.35 -7.79
N LYS B 57 -3.27 1.53 -9.03
CA LYS B 57 -3.14 0.47 -10.02
C LYS B 57 -2.05 0.80 -11.04
N CYS B 58 -1.47 -0.25 -11.59
CA CYS B 58 -0.43 -0.12 -12.60
C CYS B 58 -1.06 0.08 -13.96
N ARG B 59 -1.25 1.33 -14.36
CA ARG B 59 -1.85 1.64 -15.65
C ARG B 59 -0.89 1.27 -16.78
N ALA B 60 0.39 1.22 -16.44
CA ALA B 60 1.41 0.76 -17.37
C ALA B 60 2.34 -0.21 -16.66
N SER B 61 2.15 -1.51 -16.92
CA SER B 61 2.97 -2.53 -16.30
C SER B 61 4.36 -2.55 -16.92
N ASN B 62 4.43 -2.12 -18.17
CA ASN B 62 5.70 -1.98 -18.87
C ASN B 62 5.77 -0.63 -19.56
N PRO B 63 6.13 0.44 -18.82
CA PRO B 63 6.26 1.78 -19.38
C PRO B 63 7.22 1.83 -20.56
N VAL B 64 8.27 1.01 -20.52
CA VAL B 64 9.22 0.92 -21.62
C VAL B 64 9.08 -0.41 -22.35
N GLU B 65 9.91 -0.63 -23.35
CA GLU B 65 9.82 -1.80 -24.23
C GLU B 65 9.68 -3.12 -23.47
N SER B 66 10.43 -3.29 -22.40
CA SER B 66 10.40 -4.55 -21.65
C SER B 66 10.70 -4.34 -20.16
N GLY B 67 9.98 -3.43 -19.53
CA GLY B 67 10.13 -3.26 -18.10
C GLY B 67 9.84 -1.85 -17.63
N CYS B 68 10.50 -1.45 -16.56
CA CYS B 68 10.33 -0.13 -15.99
C CYS B 68 11.37 0.84 -16.53
N ARG B 69 11.16 2.13 -16.31
CA ARG B 69 12.05 3.17 -16.83
C ARG B 69 13.38 3.13 -16.11
N GLY B 70 14.47 2.94 -16.86
CA GLY B 70 15.80 2.92 -16.28
C GLY B 70 16.34 1.52 -16.17
N ILE B 71 15.45 0.55 -16.07
CA ILE B 71 15.84 -0.84 -15.88
C ILE B 71 16.40 -1.45 -17.16
N ASP B 72 17.51 -2.17 -17.02
CA ASP B 72 18.11 -2.87 -18.15
C ASP B 72 17.46 -4.22 -18.31
N SER B 73 16.61 -4.35 -19.33
CA SER B 73 15.86 -5.56 -19.58
C SER B 73 16.77 -6.77 -19.82
N LYS B 74 18.01 -6.50 -20.22
CA LYS B 74 18.98 -7.56 -20.47
C LYS B 74 19.52 -8.10 -19.14
N HIS B 75 19.56 -7.26 -18.12
CA HIS B 75 20.05 -7.67 -16.81
C HIS B 75 18.90 -8.09 -15.91
N TRP B 76 17.71 -7.54 -16.16
CA TRP B 76 16.54 -7.84 -15.36
C TRP B 76 15.28 -7.89 -16.24
N ASN B 77 14.51 -8.97 -16.14
CA ASN B 77 13.18 -8.96 -16.74
C ASN B 77 12.27 -8.26 -15.76
N SER B 78 11.46 -7.34 -16.24
CA SER B 78 10.79 -6.41 -15.36
C SER B 78 9.35 -6.15 -15.77
N TYR B 79 8.53 -5.90 -14.76
CA TYR B 79 7.16 -5.48 -14.95
C TYR B 79 6.62 -4.93 -13.64
N CYS B 80 5.55 -4.15 -13.71
CA CYS B 80 5.00 -3.52 -12.53
C CYS B 80 3.80 -4.30 -12.02
N THR B 81 3.77 -4.53 -10.72
CA THR B 81 2.70 -5.29 -10.09
C THR B 81 2.19 -4.54 -8.86
N THR B 82 0.91 -4.66 -8.57
CA THR B 82 0.31 -3.93 -7.48
C THR B 82 0.48 -4.66 -6.14
N THR B 83 0.66 -3.89 -5.09
CA THR B 83 0.74 -4.43 -3.74
C THR B 83 -0.62 -4.29 -3.06
N HIS B 84 -1.12 -5.39 -2.51
CA HIS B 84 -2.43 -5.40 -1.90
C HIS B 84 -2.33 -5.38 -0.38
N THR B 85 -3.14 -4.54 0.25
CA THR B 85 -3.22 -4.49 1.69
C THR B 85 -4.62 -4.91 2.13
N PHE B 86 -4.83 -5.09 3.42
CA PHE B 86 -6.10 -5.61 3.91
C PHE B 86 -6.80 -4.58 4.80
N VAL B 87 -7.95 -4.13 4.36
CA VAL B 87 -8.71 -3.11 5.08
C VAL B 87 -9.99 -3.69 5.66
N LYS B 88 -10.41 -3.14 6.79
CA LYS B 88 -11.64 -3.58 7.46
C LYS B 88 -12.86 -3.05 6.72
N ALA B 89 -13.63 -3.96 6.16
CA ALA B 89 -14.84 -3.58 5.43
C ALA B 89 -16.03 -4.36 5.96
N LEU B 90 -17.18 -3.73 5.94
CA LEU B 90 -18.41 -4.40 6.32
C LEU B 90 -18.91 -5.19 5.13
N THR B 91 -18.82 -6.50 5.21
CA THR B 91 -19.18 -7.35 4.11
C THR B 91 -20.36 -8.23 4.44
N THR B 92 -20.98 -8.77 3.42
CA THR B 92 -22.08 -9.71 3.61
C THR B 92 -21.91 -10.88 2.66
N ASP B 93 -22.17 -12.08 3.16
CA ASP B 93 -22.06 -13.28 2.34
C ASP B 93 -23.45 -13.77 1.96
N GLU B 94 -24.47 -13.20 2.58
CA GLU B 94 -25.85 -13.54 2.26
C GLU B 94 -26.80 -12.46 2.79
N LYS B 95 -26.77 -12.21 4.10
CA LYS B 95 -27.67 -11.25 4.72
C LYS B 95 -26.98 -10.54 5.88
N GLN B 96 -26.46 -11.32 6.82
CA GLN B 96 -25.80 -10.78 8.01
C GLN B 96 -24.50 -10.08 7.65
N ALA B 97 -24.48 -8.77 7.81
CA ALA B 97 -23.28 -7.99 7.56
C ALA B 97 -22.27 -8.20 8.68
N ALA B 98 -21.01 -8.37 8.31
CA ALA B 98 -19.95 -8.60 9.28
C ALA B 98 -18.66 -7.94 8.81
N TRP B 99 -17.82 -7.55 9.77
CA TRP B 99 -16.57 -6.87 9.47
C TRP B 99 -15.49 -7.87 9.09
N ARG B 100 -14.94 -7.70 7.89
CA ARG B 100 -13.88 -8.58 7.40
C ARG B 100 -12.71 -7.75 6.91
N PHE B 101 -11.65 -8.42 6.50
CA PHE B 101 -10.44 -7.76 6.01
C PHE B 101 -10.27 -8.08 4.53
N ILE B 102 -10.41 -7.07 3.68
CA ILE B 102 -10.37 -7.30 2.24
C ILE B 102 -9.14 -6.65 1.62
N ARG B 103 -8.62 -7.30 0.59
CA ARG B 103 -7.44 -6.81 -0.11
C ARG B 103 -7.80 -5.66 -1.04
N ILE B 104 -7.03 -4.60 -0.95
CA ILE B 104 -7.08 -3.53 -1.93
C ILE B 104 -5.67 -3.26 -2.45
N ASP B 105 -5.55 -3.10 -3.75
CA ASP B 105 -4.26 -2.79 -4.36
C ASP B 105 -3.93 -1.33 -4.10
N THR B 106 -2.99 -1.10 -3.20
CA THR B 106 -2.75 0.23 -2.66
C THR B 106 -1.49 0.87 -3.26
N ALA B 107 -0.72 0.10 -4.01
CA ALA B 107 0.52 0.60 -4.58
C ALA B 107 0.93 -0.21 -5.80
N CYS B 108 1.84 0.35 -6.59
CA CYS B 108 2.36 -0.33 -7.77
C CYS B 108 3.89 -0.36 -7.71
N VAL B 109 4.45 -1.56 -7.73
CA VAL B 109 5.89 -1.72 -7.57
C VAL B 109 6.51 -2.35 -8.83
N CYS B 110 7.81 -2.19 -8.97
CA CYS B 110 8.53 -2.70 -10.13
C CYS B 110 9.36 -3.92 -9.74
N VAL B 111 9.11 -5.04 -10.41
CA VAL B 111 9.85 -6.26 -10.14
C VAL B 111 11.03 -6.41 -11.08
N LEU B 112 12.11 -7.03 -10.61
CA LEU B 112 13.27 -7.30 -11.45
C LEU B 112 13.64 -8.77 -11.35
N SER B 113 13.95 -9.38 -12.49
CA SER B 113 14.42 -10.76 -12.51
C SER B 113 14.78 -11.24 -13.93
N ARG B 114 16.01 -11.01 -14.36
CA ARG B 114 16.52 -11.75 -15.51
C ARG B 114 17.47 -12.85 -15.05
N LYS B 115 18.30 -12.51 -14.08
CA LYS B 115 19.32 -13.43 -13.61
C LYS B 115 18.93 -14.02 -12.26
N ALA B 116 17.68 -13.78 -11.87
CA ALA B 116 17.15 -14.32 -10.63
C ALA B 116 16.32 -15.56 -10.90
N THR B 117 15.85 -15.69 -12.13
CA THR B 117 15.01 -16.80 -12.53
C THR B 117 15.84 -18.08 -12.64
N ARG B 118 15.15 -19.21 -12.74
CA ARG B 118 15.83 -20.49 -12.85
C ARG B 118 15.72 -21.01 -14.28
N SER A 1 9.27 -32.28 -2.42
CA SER A 1 8.57 -30.99 -2.31
C SER A 1 9.49 -29.94 -1.70
N SER A 2 10.32 -29.33 -2.55
CA SER A 2 11.23 -28.28 -2.11
C SER A 2 11.33 -27.20 -3.19
N THR A 3 10.21 -26.93 -3.84
CA THR A 3 10.16 -25.97 -4.92
C THR A 3 10.17 -24.54 -4.38
N HIS A 4 11.16 -23.78 -4.81
CA HIS A 4 11.28 -22.37 -4.43
C HIS A 4 11.61 -21.52 -5.64
N PRO A 5 10.57 -21.10 -6.40
CA PRO A 5 10.76 -20.33 -7.63
C PRO A 5 11.05 -18.86 -7.35
N VAL A 6 11.97 -18.62 -6.42
CA VAL A 6 12.33 -17.28 -5.98
C VAL A 6 11.08 -16.53 -5.55
N PHE A 7 10.33 -17.16 -4.63
CA PHE A 7 9.02 -16.67 -4.16
C PHE A 7 8.17 -16.14 -5.32
N HIS A 8 8.13 -16.91 -6.41
CA HIS A 8 7.34 -16.60 -7.60
C HIS A 8 7.80 -15.29 -8.24
N MET A 9 9.05 -14.92 -7.97
CA MET A 9 9.68 -13.70 -8.48
C MET A 9 8.73 -12.50 -8.45
N GLY A 10 8.04 -12.37 -7.32
CA GLY A 10 7.14 -11.25 -7.12
C GLY A 10 7.51 -10.48 -5.88
N GLU A 11 6.78 -9.40 -5.60
CA GLU A 11 7.02 -8.57 -4.42
C GLU A 11 8.39 -7.89 -4.46
N PHE A 12 9.12 -8.05 -5.57
CA PHE A 12 10.42 -7.40 -5.73
C PHE A 12 10.25 -5.90 -5.73
N SER A 13 11.06 -5.23 -4.92
CA SER A 13 11.03 -3.79 -4.84
C SER A 13 12.44 -3.25 -5.05
N VAL A 14 12.60 -2.43 -6.10
CA VAL A 14 13.89 -1.78 -6.37
C VAL A 14 14.32 -0.94 -5.17
N CYS A 15 13.33 -0.51 -4.42
CA CYS A 15 13.55 0.12 -3.13
C CYS A 15 13.07 -0.84 -2.04
N ASP A 16 14.01 -1.46 -1.34
CA ASP A 16 13.69 -2.49 -0.36
C ASP A 16 12.70 -1.98 0.68
N SER A 17 11.51 -2.58 0.68
CA SER A 17 10.46 -2.20 1.61
C SER A 17 9.99 -3.43 2.37
N VAL A 18 9.67 -3.25 3.65
CA VAL A 18 9.22 -4.35 4.48
C VAL A 18 7.77 -4.15 4.93
N SER A 19 6.91 -5.08 4.56
CA SER A 19 5.51 -5.01 4.93
C SER A 19 5.25 -5.77 6.23
N VAL A 20 4.85 -5.05 7.27
CA VAL A 20 4.65 -5.65 8.58
C VAL A 20 3.21 -5.49 9.03
N TRP A 21 2.67 -6.52 9.66
CA TRP A 21 1.36 -6.43 10.29
C TRP A 21 1.53 -6.04 11.75
N VAL A 22 1.39 -4.77 12.03
CA VAL A 22 1.66 -4.24 13.35
C VAL A 22 0.39 -4.14 14.19
N GLY A 23 0.39 -4.84 15.31
CA GLY A 23 -0.71 -4.74 16.24
C GLY A 23 -0.21 -4.48 17.65
N ASP A 24 1.01 -3.99 17.74
CA ASP A 24 1.65 -3.76 19.03
C ASP A 24 1.87 -2.28 19.31
N LYS A 25 1.88 -1.46 18.26
CA LYS A 25 2.11 -0.03 18.44
C LYS A 25 0.90 0.62 19.11
N THR A 26 1.14 1.64 19.90
CA THR A 26 0.09 2.25 20.70
C THR A 26 -0.16 3.70 20.29
N THR A 27 0.53 4.17 19.27
CA THR A 27 0.36 5.54 18.79
C THR A 27 0.48 5.61 17.28
N ALA A 28 -0.23 6.56 16.68
CA ALA A 28 -0.14 6.83 15.25
C ALA A 28 -0.55 8.26 14.95
N THR A 29 -0.27 8.70 13.73
CA THR A 29 -0.60 10.04 13.32
C THR A 29 -1.92 10.05 12.54
N ASP A 30 -2.87 10.81 13.06
CA ASP A 30 -4.19 10.97 12.45
C ASP A 30 -4.07 11.70 11.11
N ILE A 31 -5.11 11.66 10.30
CA ILE A 31 -5.13 12.33 9.01
C ILE A 31 -4.97 13.85 9.19
N LYS A 32 -5.45 14.35 10.34
CA LYS A 32 -5.37 15.77 10.65
C LYS A 32 -3.97 16.16 11.12
N GLY A 33 -3.14 15.15 11.36
CA GLY A 33 -1.79 15.41 11.80
C GLY A 33 -1.64 15.29 13.30
N LYS A 34 -2.65 14.74 13.95
CA LYS A 34 -2.64 14.54 15.39
C LYS A 34 -1.93 13.24 15.73
N GLU A 35 -1.48 13.14 16.97
CA GLU A 35 -0.91 11.91 17.47
C GLU A 35 -1.89 11.26 18.42
N VAL A 36 -2.39 10.09 18.05
CA VAL A 36 -3.42 9.43 18.83
C VAL A 36 -2.97 8.07 19.31
N THR A 37 -3.53 7.65 20.43
CA THR A 37 -3.24 6.36 21.02
C THR A 37 -4.06 5.28 20.33
N VAL A 38 -3.40 4.45 19.54
CA VAL A 38 -4.07 3.46 18.74
C VAL A 38 -4.30 2.19 19.52
N LEU A 39 -5.54 1.75 19.56
CA LEU A 39 -5.90 0.52 20.21
C LEU A 39 -6.04 -0.58 19.15
N ALA A 40 -5.16 -1.57 19.22
CA ALA A 40 -5.18 -2.67 18.27
C ALA A 40 -6.41 -3.54 18.49
N GLU A 41 -6.98 -3.41 19.68
CA GLU A 41 -8.18 -4.12 20.04
C GLU A 41 -9.36 -3.16 20.04
N VAL A 42 -10.30 -3.38 19.13
CA VAL A 42 -11.48 -2.53 19.03
C VAL A 42 -12.63 -3.13 19.81
N ASN A 43 -13.35 -2.30 20.54
CA ASN A 43 -14.42 -2.76 21.40
C ASN A 43 -15.76 -2.40 20.79
N ILE A 44 -16.40 -3.36 20.15
CA ILE A 44 -17.71 -3.14 19.54
C ILE A 44 -18.77 -3.95 20.29
N ASN A 45 -19.52 -3.28 21.15
CA ASN A 45 -20.58 -3.91 21.95
C ASN A 45 -20.01 -5.04 22.80
N ASN A 46 -18.90 -4.74 23.49
CA ASN A 46 -18.23 -5.71 24.35
C ASN A 46 -17.62 -6.85 23.54
N SER A 47 -17.53 -6.67 22.23
CA SER A 47 -16.90 -7.65 21.38
C SER A 47 -15.60 -7.06 20.84
N VAL A 48 -14.49 -7.67 21.21
CA VAL A 48 -13.19 -7.16 20.86
C VAL A 48 -12.63 -7.84 19.61
N PHE A 49 -12.18 -7.03 18.67
CA PHE A 49 -11.54 -7.54 17.47
C PHE A 49 -10.19 -6.86 17.28
N ARG A 50 -9.20 -7.62 16.84
CA ARG A 50 -7.86 -7.09 16.64
C ARG A 50 -7.60 -6.81 15.16
N GLN A 51 -7.15 -5.62 14.87
CA GLN A 51 -6.83 -5.24 13.51
C GLN A 51 -5.35 -4.92 13.36
N TYR A 52 -4.60 -5.88 12.84
CA TYR A 52 -3.18 -5.69 12.62
C TYR A 52 -2.99 -4.78 11.41
N PHE A 53 -2.19 -3.75 11.56
CA PHE A 53 -2.03 -2.75 10.53
C PHE A 53 -0.94 -3.16 9.56
N PHE A 54 -1.26 -3.11 8.28
CA PHE A 54 -0.30 -3.43 7.25
C PHE A 54 0.55 -2.21 6.95
N GLU A 55 1.69 -2.13 7.59
CA GLU A 55 2.56 -0.99 7.48
C GLU A 55 3.86 -1.37 6.80
N THR A 56 4.16 -0.72 5.70
CA THR A 56 5.37 -0.99 4.97
C THR A 56 6.44 0.04 5.32
N LYS A 57 7.57 -0.43 5.80
CA LYS A 57 8.66 0.44 6.19
C LYS A 57 9.74 0.41 5.12
N CYS A 58 10.47 1.50 5.00
CA CYS A 58 11.51 1.62 4.00
C CYS A 58 12.82 1.06 4.54
N ARG A 59 13.19 -0.12 4.04
CA ARG A 59 14.40 -0.81 4.49
C ARG A 59 15.64 -0.08 3.99
N ALA A 60 15.65 0.23 2.70
CA ALA A 60 16.80 0.88 2.09
C ALA A 60 16.33 1.93 1.10
N SER A 61 16.53 3.20 1.45
CA SER A 61 16.10 4.30 0.60
C SER A 61 17.15 4.60 -0.48
N ASN A 62 18.37 4.16 -0.24
CA ASN A 62 19.45 4.32 -1.22
C ASN A 62 20.37 3.13 -1.18
N PRO A 63 19.89 1.95 -1.66
CA PRO A 63 20.71 0.73 -1.73
C PRO A 63 22.05 0.96 -2.43
N VAL A 64 22.05 1.82 -3.44
CA VAL A 64 23.28 2.22 -4.11
C VAL A 64 23.43 3.73 -4.08
N GLU A 65 24.54 4.24 -4.62
CA GLU A 65 24.81 5.68 -4.59
C GLU A 65 23.74 6.45 -5.37
N SER A 66 23.44 5.99 -6.58
CA SER A 66 22.47 6.68 -7.44
C SER A 66 21.04 6.52 -6.91
N GLY A 67 20.87 5.61 -5.95
CA GLY A 67 19.56 5.36 -5.39
C GLY A 67 19.18 3.91 -5.51
N CYS A 68 18.41 3.59 -6.54
CA CYS A 68 17.96 2.22 -6.76
C CYS A 68 18.83 1.53 -7.81
N ARG A 69 19.21 0.28 -7.54
CA ARG A 69 20.12 -0.46 -8.41
C ARG A 69 19.43 -0.79 -9.73
N GLY A 70 19.80 -0.09 -10.77
CA GLY A 70 19.23 -0.34 -12.08
C GLY A 70 18.91 0.94 -12.79
N ILE A 71 18.54 1.96 -12.02
CA ILE A 71 18.17 3.26 -12.56
C ILE A 71 19.36 3.92 -13.27
N ASP A 72 19.08 4.55 -14.40
CA ASP A 72 20.11 5.26 -15.17
C ASP A 72 20.59 6.48 -14.40
N SER A 73 21.80 6.39 -13.88
CA SER A 73 22.34 7.40 -12.98
C SER A 73 22.77 8.67 -13.72
N LYS A 74 22.83 8.61 -15.04
CA LYS A 74 23.28 9.74 -15.82
C LYS A 74 22.09 10.63 -16.20
N HIS A 75 20.95 10.01 -16.45
CA HIS A 75 19.76 10.74 -16.86
C HIS A 75 18.84 10.98 -15.68
N TRP A 76 18.84 10.08 -14.72
CA TRP A 76 17.92 10.14 -13.60
C TRP A 76 18.64 10.05 -12.26
N ASN A 77 17.98 10.57 -11.23
CA ASN A 77 18.41 10.37 -9.85
C ASN A 77 17.28 9.69 -9.10
N SER A 78 17.59 8.69 -8.30
CA SER A 78 16.56 7.93 -7.61
C SER A 78 16.75 7.99 -6.11
N TYR A 79 15.64 8.16 -5.40
CA TYR A 79 15.62 8.10 -3.95
C TYR A 79 14.23 7.69 -3.50
N CYS A 80 14.13 7.21 -2.28
CA CYS A 80 12.88 6.62 -1.81
C CYS A 80 12.09 7.55 -0.91
N THR A 81 10.77 7.46 -1.04
CA THR A 81 9.86 8.15 -0.15
C THR A 81 8.61 7.29 0.04
N THR A 82 8.08 7.26 1.25
CA THR A 82 6.97 6.38 1.54
C THR A 82 5.63 7.03 1.19
N THR A 83 4.78 6.27 0.51
CA THR A 83 3.43 6.71 0.25
C THR A 83 2.51 6.17 1.33
N HIS A 84 1.48 6.91 1.69
CA HIS A 84 0.70 6.61 2.88
C HIS A 84 -0.79 6.63 2.61
N THR A 85 -1.52 5.83 3.38
CA THR A 85 -2.97 5.81 3.32
C THR A 85 -3.53 6.08 4.72
N PHE A 86 -4.84 6.17 4.84
CA PHE A 86 -5.48 6.49 6.11
C PHE A 86 -6.52 5.43 6.45
N VAL A 87 -6.31 4.73 7.55
CA VAL A 87 -7.21 3.67 7.97
C VAL A 87 -7.86 4.03 9.31
N LYS A 88 -9.14 3.71 9.46
CA LYS A 88 -9.84 4.03 10.70
C LYS A 88 -9.57 2.95 11.76
N ALA A 89 -9.06 3.40 12.89
CA ALA A 89 -8.79 2.54 14.01
C ALA A 89 -9.41 3.12 15.26
N LEU A 90 -9.68 2.28 16.24
CA LEU A 90 -10.17 2.77 17.52
C LEU A 90 -9.02 3.39 18.28
N THR A 91 -8.98 4.71 18.32
CA THR A 91 -7.88 5.41 18.94
C THR A 91 -8.41 6.37 19.99
N THR A 92 -7.56 6.75 20.93
CA THR A 92 -7.93 7.73 21.92
C THR A 92 -6.91 8.85 21.98
N ASP A 93 -7.39 10.08 22.06
CA ASP A 93 -6.52 11.25 22.15
C ASP A 93 -6.34 11.65 23.61
N GLU A 94 -7.08 11.01 24.50
CA GLU A 94 -7.00 11.32 25.92
C GLU A 94 -7.56 10.16 26.74
N LYS A 95 -8.88 10.10 26.89
CA LYS A 95 -9.52 9.01 27.65
C LYS A 95 -10.79 8.51 26.96
N GLN A 96 -11.05 8.99 25.75
CA GLN A 96 -12.21 8.56 24.99
C GLN A 96 -11.78 7.88 23.70
N ALA A 97 -12.25 6.66 23.51
CA ALA A 97 -11.90 5.88 22.33
C ALA A 97 -12.87 6.17 21.18
N ALA A 98 -12.32 6.45 20.01
CA ALA A 98 -13.12 6.73 18.84
C ALA A 98 -12.40 6.28 17.58
N TRP A 99 -13.18 5.97 16.54
CA TRP A 99 -12.62 5.51 15.28
C TRP A 99 -12.05 6.68 14.50
N ARG A 100 -10.73 6.81 14.53
CA ARG A 100 -10.05 7.88 13.83
C ARG A 100 -9.24 7.32 12.68
N PHE A 101 -9.00 8.13 11.67
CA PHE A 101 -8.22 7.71 10.52
C PHE A 101 -6.75 8.01 10.74
N ILE A 102 -5.93 6.97 10.79
CA ILE A 102 -4.51 7.13 11.01
C ILE A 102 -3.73 6.73 9.76
N ARG A 103 -2.59 7.36 9.58
CA ARG A 103 -1.82 7.17 8.37
C ARG A 103 -0.85 6.00 8.51
N ILE A 104 -0.85 5.15 7.51
CA ILE A 104 0.10 4.06 7.43
C ILE A 104 0.76 4.05 6.06
N ASP A 105 2.06 3.77 6.03
CA ASP A 105 2.80 3.75 4.78
C ASP A 105 2.56 2.45 4.04
N THR A 106 2.17 2.55 2.78
CA THR A 106 1.83 1.38 2.00
C THR A 106 3.04 0.84 1.25
N ALA A 107 3.96 1.74 0.90
CA ALA A 107 5.15 1.36 0.16
C ALA A 107 6.17 2.49 0.14
N CYS A 108 7.44 2.15 0.02
CA CYS A 108 8.49 3.13 -0.14
C CYS A 108 8.85 3.20 -1.62
N VAL A 109 8.45 4.28 -2.27
CA VAL A 109 8.58 4.38 -3.71
C VAL A 109 9.91 4.99 -4.11
N CYS A 110 10.47 4.46 -5.20
CA CYS A 110 11.73 4.95 -5.75
C CYS A 110 11.42 6.02 -6.79
N VAL A 111 11.54 7.27 -6.39
CA VAL A 111 11.19 8.37 -7.26
C VAL A 111 12.34 8.73 -8.18
N LEU A 112 12.02 9.28 -9.33
CA LEU A 112 13.05 9.69 -10.28
C LEU A 112 13.09 11.21 -10.38
N SER A 113 14.29 11.75 -10.41
CA SER A 113 14.50 13.17 -10.58
C SER A 113 15.45 13.40 -11.75
N ARG A 114 15.36 14.58 -12.35
CA ARG A 114 16.17 14.92 -13.53
C ARG A 114 17.61 15.27 -13.15
N LYS A 115 17.95 15.03 -11.88
CA LYS A 115 19.28 15.35 -11.34
C LYS A 115 19.44 16.86 -11.20
N ALA A 116 18.31 17.51 -10.91
CA ALA A 116 18.26 18.95 -10.74
C ALA A 116 17.07 19.31 -9.87
N THR A 117 17.21 20.35 -9.05
CA THR A 117 16.14 20.77 -8.17
C THR A 117 15.47 22.04 -8.70
N ARG A 118 14.40 22.45 -8.05
CA ARG A 118 13.66 23.64 -8.48
C ARG A 118 13.56 24.67 -7.34
N SER B 1 0.77 33.16 -5.80
CA SER B 1 0.64 31.79 -5.25
C SER B 1 0.35 30.80 -6.37
N SER B 2 1.39 30.35 -7.06
CA SER B 2 1.25 29.37 -8.12
C SER B 2 2.43 28.40 -8.10
N THR B 3 2.88 28.08 -6.89
CA THR B 3 4.03 27.21 -6.71
C THR B 3 3.67 25.75 -6.95
N HIS B 4 4.34 25.13 -7.90
CA HIS B 4 4.13 23.73 -8.21
C HIS B 4 5.47 23.02 -8.36
N PRO B 5 6.05 22.56 -7.24
CA PRO B 5 7.37 21.92 -7.23
C PRO B 5 7.31 20.47 -7.70
N VAL B 6 6.60 20.26 -8.81
CA VAL B 6 6.39 18.92 -9.35
C VAL B 6 5.80 18.02 -8.28
N PHE B 7 4.69 18.48 -7.68
CA PHE B 7 4.04 17.82 -6.53
C PHE B 7 5.06 17.31 -5.52
N HIS B 8 6.04 18.16 -5.21
CA HIS B 8 7.09 17.86 -4.22
C HIS B 8 7.94 16.67 -4.64
N MET B 9 7.94 16.41 -5.96
CA MET B 9 8.69 15.30 -6.58
C MET B 9 8.60 14.03 -5.76
N GLY B 10 7.39 13.72 -5.32
CA GLY B 10 7.14 12.50 -4.59
C GLY B 10 6.07 11.67 -5.26
N GLU B 11 5.77 10.50 -4.69
CA GLU B 11 4.75 9.60 -5.23
C GLU B 11 5.13 9.07 -6.63
N PHE B 12 6.33 9.40 -7.09
CA PHE B 12 6.80 8.91 -8.38
C PHE B 12 6.94 7.40 -8.36
N SER B 13 6.37 6.76 -9.35
CA SER B 13 6.43 5.33 -9.46
C SER B 13 6.97 4.94 -10.84
N VAL B 14 8.10 4.25 -10.87
CA VAL B 14 8.69 3.76 -12.13
C VAL B 14 7.69 2.87 -12.86
N CYS B 15 6.80 2.27 -12.08
CA CYS B 15 5.65 1.56 -12.62
C CYS B 15 4.41 2.37 -12.28
N ASP B 16 3.83 3.03 -13.30
CA ASP B 16 2.71 3.93 -13.08
C ASP B 16 1.56 3.24 -12.36
N SER B 17 1.28 3.70 -11.16
CA SER B 17 0.20 3.13 -10.35
C SER B 17 -0.76 4.24 -9.93
N VAL B 18 -2.05 3.91 -9.89
CA VAL B 18 -3.06 4.89 -9.52
C VAL B 18 -3.75 4.51 -8.22
N SER B 19 -3.66 5.37 -7.22
CA SER B 19 -4.28 5.13 -5.93
C SER B 19 -5.68 5.74 -5.89
N VAL B 20 -6.69 4.88 -5.76
CA VAL B 20 -8.07 5.34 -5.77
C VAL B 20 -8.78 4.99 -4.47
N TRP B 21 -9.61 5.90 -3.98
CA TRP B 21 -10.45 5.63 -2.84
C TRP B 21 -11.81 5.14 -3.33
N VAL B 22 -11.97 3.83 -3.37
CA VAL B 22 -13.15 3.22 -3.93
C VAL B 22 -14.20 2.92 -2.87
N GLY B 23 -15.37 3.51 -3.03
CA GLY B 23 -16.48 3.21 -2.15
C GLY B 23 -17.72 2.90 -2.95
N ASP B 24 -17.53 2.54 -4.20
CA ASP B 24 -18.65 2.27 -5.10
C ASP B 24 -18.71 0.80 -5.50
N LYS B 25 -17.62 0.07 -5.37
CA LYS B 25 -17.60 -1.34 -5.76
C LYS B 25 -18.41 -2.16 -4.76
N THR B 26 -19.03 -3.23 -5.25
CA THR B 26 -19.95 -4.00 -4.43
C THR B 26 -19.44 -5.43 -4.23
N THR B 27 -18.26 -5.73 -4.73
CA THR B 27 -17.68 -7.06 -4.58
C THR B 27 -16.18 -6.99 -4.41
N ALA B 28 -15.63 -7.96 -3.67
CA ALA B 28 -14.19 -8.08 -3.51
C ALA B 28 -13.82 -9.52 -3.18
N THR B 29 -12.53 -9.82 -3.24
CA THR B 29 -12.06 -11.16 -2.94
C THR B 29 -11.55 -11.24 -1.50
N ASP B 30 -12.16 -12.14 -0.74
CA ASP B 30 -11.80 -12.38 0.66
C ASP B 30 -10.40 -12.98 0.74
N ILE B 31 -9.81 -12.97 1.93
CA ILE B 31 -8.48 -13.53 2.15
C ILE B 31 -8.48 -15.04 1.83
N LYS B 32 -9.62 -15.68 2.01
CA LYS B 32 -9.76 -17.10 1.76
C LYS B 32 -9.92 -17.37 0.26
N GLY B 33 -10.09 -16.32 -0.51
CA GLY B 33 -10.24 -16.46 -1.95
C GLY B 33 -11.69 -16.44 -2.39
N LYS B 34 -12.57 -16.08 -1.47
CA LYS B 34 -13.99 -16.00 -1.76
C LYS B 34 -14.34 -14.68 -2.41
N GLU B 35 -15.46 -14.64 -3.08
CA GLU B 35 -15.97 -13.40 -3.63
C GLU B 35 -17.16 -12.93 -2.80
N VAL B 36 -17.01 -11.80 -2.15
CA VAL B 36 -18.04 -11.32 -1.24
C VAL B 36 -18.57 -9.96 -1.67
N THR B 37 -19.81 -9.71 -1.30
CA THR B 37 -20.46 -8.44 -1.59
C THR B 37 -20.06 -7.40 -0.56
N VAL B 38 -19.25 -6.45 -0.99
CA VAL B 38 -18.69 -5.46 -0.09
C VAL B 38 -19.64 -4.28 0.09
N LEU B 39 -19.96 -3.99 1.34
CA LEU B 39 -20.80 -2.86 1.67
C LEU B 39 -19.92 -1.71 2.11
N ALA B 40 -19.91 -0.64 1.32
CA ALA B 40 -19.10 0.54 1.62
C ALA B 40 -19.65 1.25 2.85
N GLU B 41 -20.90 0.96 3.16
CA GLU B 41 -21.56 1.50 4.33
C GLU B 41 -21.67 0.42 5.40
N VAL B 42 -21.00 0.63 6.51
CA VAL B 42 -21.03 -0.33 7.59
C VAL B 42 -22.08 0.08 8.63
N ASN B 43 -22.84 -0.89 9.10
CA ASN B 43 -23.94 -0.61 10.03
C ASN B 43 -23.57 -1.06 11.43
N ILE B 44 -23.16 -0.12 12.26
CA ILE B 44 -22.79 -0.42 13.64
C ILE B 44 -23.81 0.21 14.59
N ASN B 45 -24.72 -0.61 15.09
CA ASN B 45 -25.77 -0.17 16.02
C ASN B 45 -26.60 0.94 15.39
N ASN B 46 -27.03 0.70 14.15
CA ASN B 46 -27.85 1.66 13.40
C ASN B 46 -27.07 2.92 13.05
N SER B 47 -25.75 2.87 13.23
CA SER B 47 -24.89 3.98 12.86
C SER B 47 -24.05 3.58 11.66
N VAL B 48 -24.28 4.26 10.56
CA VAL B 48 -23.63 3.92 9.30
C VAL B 48 -22.37 4.76 9.07
N PHE B 49 -21.28 4.10 8.75
CA PHE B 49 -20.04 4.76 8.40
C PHE B 49 -19.52 4.24 7.06
N ARG B 50 -18.99 5.14 6.26
CA ARG B 50 -18.49 4.77 4.94
C ARG B 50 -16.97 4.65 4.97
N GLN B 51 -16.46 3.54 4.48
CA GLN B 51 -15.02 3.32 4.40
C GLN B 51 -14.58 3.17 2.95
N TYR B 52 -14.03 4.25 2.41
CA TYR B 52 -13.51 4.22 1.06
C TYR B 52 -12.21 3.45 1.04
N PHE B 53 -12.10 2.49 0.14
CA PHE B 53 -10.95 1.61 0.11
C PHE B 53 -9.83 2.20 -0.73
N PHE B 54 -8.64 2.24 -0.17
CA PHE B 54 -7.48 2.75 -0.87
C PHE B 54 -6.90 1.65 -1.74
N GLU B 55 -7.31 1.64 -2.99
CA GLU B 55 -6.92 0.60 -3.92
C GLU B 55 -6.05 1.18 -5.02
N THR B 56 -4.85 0.65 -5.14
CA THR B 56 -3.92 1.11 -6.15
C THR B 56 -3.95 0.17 -7.35
N LYS B 57 -4.27 0.72 -8.51
CA LYS B 57 -4.33 -0.06 -9.73
C LYS B 57 -3.09 0.18 -10.58
N CYS B 58 -2.74 -0.82 -11.35
CA CYS B 58 -1.54 -0.75 -12.17
C CYS B 58 -1.86 -0.09 -13.52
N ARG B 59 -1.43 1.15 -13.67
CA ARG B 59 -1.71 1.92 -14.89
C ARG B 59 -0.92 1.37 -16.06
N ALA B 60 0.38 1.17 -15.84
CA ALA B 60 1.26 0.70 -16.89
C ALA B 60 2.25 -0.31 -16.33
N SER B 61 2.08 -1.57 -16.71
CA SER B 61 2.95 -2.63 -16.20
C SER B 61 4.23 -2.72 -17.03
N ASN B 62 4.19 -2.18 -18.24
CA ASN B 62 5.36 -2.15 -19.10
C ASN B 62 5.38 -0.86 -19.92
N PRO B 63 5.63 0.30 -19.26
CA PRO B 63 5.72 1.60 -19.94
C PRO B 63 6.69 1.56 -21.12
N VAL B 64 7.77 0.80 -20.99
CA VAL B 64 8.69 0.59 -22.09
C VAL B 64 8.85 -0.90 -22.37
N GLU B 65 9.64 -1.24 -23.39
CA GLU B 65 9.82 -2.62 -23.78
C GLU B 65 10.46 -3.45 -22.65
N SER B 66 11.53 -2.92 -22.07
CA SER B 66 12.25 -3.63 -21.01
C SER B 66 11.45 -3.66 -19.71
N GLY B 67 10.38 -2.87 -19.67
CA GLY B 67 9.56 -2.80 -18.48
C GLY B 67 9.46 -1.40 -17.95
N CYS B 68 10.28 -1.07 -16.96
CA CYS B 68 10.27 0.26 -16.36
C CYS B 68 11.38 1.12 -16.94
N ARG B 69 11.05 2.37 -17.27
CA ARG B 69 12.00 3.28 -17.91
C ARG B 69 13.12 3.65 -16.95
N GLY B 70 14.29 3.08 -17.16
CA GLY B 70 15.43 3.38 -16.33
C GLY B 70 16.20 2.13 -15.97
N ILE B 71 15.48 1.03 -15.85
CA ILE B 71 16.08 -0.25 -15.51
C ILE B 71 17.07 -0.72 -16.57
N ASP B 72 18.18 -1.28 -16.13
CA ASP B 72 19.20 -1.81 -17.03
C ASP B 72 18.66 -3.03 -17.76
N SER B 73 18.38 -2.86 -19.05
CA SER B 73 17.71 -3.88 -19.83
C SER B 73 18.65 -5.03 -20.21
N LYS B 74 19.94 -4.85 -20.01
CA LYS B 74 20.91 -5.86 -20.38
C LYS B 74 21.15 -6.83 -19.23
N HIS B 75 21.12 -6.30 -18.01
CA HIS B 75 21.37 -7.13 -16.83
C HIS B 75 20.06 -7.56 -16.19
N TRP B 76 19.02 -6.74 -16.31
CA TRP B 76 17.75 -7.01 -15.64
C TRP B 76 16.58 -6.97 -16.60
N ASN B 77 15.51 -7.63 -16.21
CA ASN B 77 14.23 -7.51 -16.88
C ASN B 77 13.20 -7.02 -15.87
N SER B 78 12.38 -6.06 -16.26
CA SER B 78 11.44 -5.48 -15.33
C SER B 78 10.00 -5.64 -15.80
N TYR B 79 9.12 -5.99 -14.89
CA TYR B 79 7.69 -6.05 -15.15
C TYR B 79 6.93 -5.84 -13.84
N CYS B 80 5.68 -5.47 -13.95
CA CYS B 80 4.93 -5.06 -12.78
C CYS B 80 3.98 -6.13 -12.27
N THR B 81 3.86 -6.19 -10.96
CA THR B 81 2.88 -7.04 -10.30
C THR B 81 2.37 -6.33 -9.04
N THR B 82 1.09 -6.45 -8.77
CA THR B 82 0.50 -5.72 -7.65
C THR B 82 0.65 -6.48 -6.34
N THR B 83 1.07 -5.76 -5.30
CA THR B 83 1.12 -6.32 -3.97
C THR B 83 -0.18 -5.97 -3.25
N HIS B 84 -0.64 -6.84 -2.38
CA HIS B 84 -1.98 -6.72 -1.83
C HIS B 84 -2.00 -6.88 -0.32
N THR B 85 -2.98 -6.23 0.30
CA THR B 85 -3.20 -6.36 1.73
C THR B 85 -4.65 -6.79 1.97
N PHE B 86 -5.00 -7.05 3.23
CA PHE B 86 -6.33 -7.52 3.56
C PHE B 86 -6.97 -6.62 4.61
N VAL B 87 -8.08 -6.00 4.24
CA VAL B 87 -8.78 -5.08 5.13
C VAL B 87 -10.16 -5.61 5.46
N LYS B 88 -10.60 -5.45 6.71
CA LYS B 88 -11.91 -5.94 7.11
C LYS B 88 -12.99 -4.95 6.73
N ALA B 89 -13.95 -5.43 5.97
CA ALA B 89 -15.08 -4.64 5.55
C ALA B 89 -16.36 -5.39 5.85
N LEU B 90 -17.46 -4.67 6.00
CA LEU B 90 -18.74 -5.31 6.18
C LEU B 90 -19.20 -5.87 4.85
N THR B 91 -19.10 -7.18 4.70
CA THR B 91 -19.42 -7.82 3.44
C THR B 91 -20.45 -8.91 3.65
N THR B 92 -21.15 -9.28 2.60
CA THR B 92 -22.10 -10.37 2.69
C THR B 92 -21.86 -11.38 1.58
N ASP B 93 -21.88 -12.65 1.93
CA ASP B 93 -21.69 -13.72 0.96
C ASP B 93 -23.02 -14.23 0.45
N GLU B 94 -24.11 -13.75 1.05
CA GLU B 94 -25.44 -14.17 0.66
C GLU B 94 -26.48 -13.15 1.14
N LYS B 95 -26.88 -13.25 2.41
CA LYS B 95 -27.85 -12.31 2.97
C LYS B 95 -27.47 -11.89 4.40
N GLN B 96 -26.30 -12.28 4.85
CA GLN B 96 -25.83 -11.91 6.18
C GLN B 96 -24.57 -11.07 6.07
N ALA B 97 -24.59 -9.89 6.68
CA ALA B 97 -23.45 -8.99 6.64
C ALA B 97 -22.49 -9.28 7.79
N ALA B 98 -21.21 -9.39 7.45
CA ALA B 98 -20.19 -9.67 8.45
C ALA B 98 -18.86 -9.03 8.05
N TRP B 99 -18.04 -8.72 9.03
CA TRP B 99 -16.75 -8.09 8.78
C TRP B 99 -15.75 -9.12 8.28
N ARG B 100 -15.51 -9.12 6.98
CA ARG B 100 -14.59 -10.05 6.35
C ARG B 100 -13.37 -9.31 5.85
N PHE B 101 -12.25 -10.01 5.75
CA PHE B 101 -11.03 -9.40 5.25
C PHE B 101 -10.93 -9.57 3.75
N ILE B 102 -10.92 -8.45 3.03
CA ILE B 102 -10.86 -8.49 1.58
C ILE B 102 -9.54 -7.91 1.11
N ARG B 103 -9.07 -8.40 -0.02
CA ARG B 103 -7.77 -8.02 -0.52
C ARG B 103 -7.83 -6.77 -1.38
N ILE B 104 -6.95 -5.84 -1.11
CA ILE B 104 -6.81 -4.64 -1.93
C ILE B 104 -5.34 -4.45 -2.31
N ASP B 105 -5.10 -4.03 -3.53
CA ASP B 105 -3.74 -3.84 -4.02
C ASP B 105 -3.20 -2.51 -3.52
N THR B 106 -2.04 -2.55 -2.89
CA THR B 106 -1.46 -1.35 -2.30
C THR B 106 -0.54 -0.62 -3.28
N ALA B 107 0.06 -1.39 -4.19
CA ALA B 107 0.97 -0.82 -5.18
C ALA B 107 1.31 -1.84 -6.26
N CYS B 108 1.63 -1.35 -7.45
CA CYS B 108 2.09 -2.21 -8.53
C CYS B 108 3.61 -2.12 -8.59
N VAL B 109 4.28 -3.17 -8.15
CA VAL B 109 5.73 -3.12 -8.00
C VAL B 109 6.44 -3.55 -9.28
N CYS B 110 7.55 -2.88 -9.55
CA CYS B 110 8.37 -3.18 -10.71
C CYS B 110 9.44 -4.18 -10.30
N VAL B 111 9.21 -5.45 -10.62
CA VAL B 111 10.10 -6.51 -10.18
C VAL B 111 11.26 -6.66 -11.16
N LEU B 112 12.38 -7.14 -10.66
CA LEU B 112 13.54 -7.36 -11.51
C LEU B 112 13.80 -8.85 -11.65
N SER B 113 14.13 -9.25 -12.87
CA SER B 113 14.49 -10.62 -13.16
C SER B 113 15.83 -10.66 -13.88
N ARG B 114 16.52 -11.78 -13.78
CA ARG B 114 17.86 -11.93 -14.35
C ARG B 114 17.80 -12.16 -15.85
N LYS B 115 16.60 -12.00 -16.43
CA LYS B 115 16.36 -12.22 -17.86
C LYS B 115 16.42 -13.71 -18.16
N ALA B 116 15.98 -14.50 -17.18
CA ALA B 116 15.95 -15.95 -17.29
C ALA B 116 14.91 -16.50 -16.33
N THR B 117 14.26 -17.58 -16.72
CA THR B 117 13.24 -18.19 -15.90
C THR B 117 13.76 -19.46 -15.24
N ARG B 118 12.96 -20.05 -14.37
CA ARG B 118 13.36 -21.26 -13.66
C ARG B 118 12.34 -22.39 -13.89
N SER A 1 7.22 -26.96 -3.70
CA SER A 1 6.94 -26.24 -4.96
C SER A 1 5.47 -25.85 -5.04
N SER A 2 5.20 -24.77 -5.78
CA SER A 2 3.83 -24.25 -6.06
C SER A 2 3.12 -23.71 -4.82
N THR A 3 3.32 -24.32 -3.66
CA THR A 3 2.70 -23.86 -2.42
C THR A 3 3.18 -22.45 -2.07
N HIS A 4 4.47 -22.22 -2.25
CA HIS A 4 5.06 -20.91 -2.01
C HIS A 4 6.19 -20.67 -2.99
N PRO A 5 5.87 -20.18 -4.20
CA PRO A 5 6.88 -19.94 -5.25
C PRO A 5 7.74 -18.71 -4.95
N VAL A 6 8.46 -18.77 -3.84
CA VAL A 6 9.31 -17.68 -3.38
C VAL A 6 8.49 -16.40 -3.20
N PHE A 7 7.18 -16.59 -3.01
CA PHE A 7 6.24 -15.46 -2.88
C PHE A 7 6.26 -14.63 -4.17
N HIS A 8 5.90 -15.29 -5.28
CA HIS A 8 5.91 -14.65 -6.60
C HIS A 8 7.32 -14.22 -7.00
N MET A 9 8.30 -15.06 -6.61
CA MET A 9 9.74 -14.75 -6.78
C MET A 9 10.19 -13.65 -5.82
N GLY A 10 9.23 -13.01 -5.16
CA GLY A 10 9.52 -11.90 -4.31
C GLY A 10 9.26 -10.59 -5.00
N GLU A 11 8.33 -9.80 -4.48
CA GLU A 11 8.03 -8.50 -5.04
C GLU A 11 9.13 -7.49 -4.68
N PHE A 12 10.27 -7.66 -5.35
CA PHE A 12 11.45 -6.83 -5.12
C PHE A 12 11.13 -5.36 -5.37
N SER A 13 11.54 -4.53 -4.44
CA SER A 13 11.41 -3.10 -4.58
C SER A 13 12.77 -2.49 -4.93
N VAL A 14 12.77 -1.59 -5.92
CA VAL A 14 14.01 -0.94 -6.37
C VAL A 14 14.63 -0.10 -5.24
N CYS A 15 13.81 0.19 -4.24
CA CYS A 15 14.28 0.81 -3.02
C CYS A 15 13.83 -0.06 -1.85
N ASP A 16 14.78 -0.44 -0.99
CA ASP A 16 14.53 -1.43 0.06
C ASP A 16 13.34 -1.06 0.94
N SER A 17 12.32 -1.88 0.87
CA SER A 17 11.12 -1.69 1.66
C SER A 17 10.78 -2.98 2.40
N VAL A 18 10.24 -2.84 3.60
CA VAL A 18 9.89 -3.97 4.42
C VAL A 18 8.39 -4.01 4.68
N SER A 19 7.74 -5.10 4.30
CA SER A 19 6.31 -5.26 4.51
C SER A 19 6.05 -6.02 5.81
N VAL A 20 5.45 -5.35 6.77
CA VAL A 20 5.19 -5.94 8.07
C VAL A 20 3.70 -5.96 8.38
N TRP A 21 3.24 -7.05 8.94
CA TRP A 21 1.87 -7.14 9.42
C TRP A 21 1.84 -6.87 10.91
N VAL A 22 1.57 -5.62 11.27
CA VAL A 22 1.56 -5.19 12.65
C VAL A 22 0.23 -5.53 13.31
N GLY A 23 0.25 -6.52 14.19
CA GLY A 23 -0.97 -6.93 14.87
C GLY A 23 -1.05 -6.37 16.27
N ASP A 24 -0.10 -5.51 16.61
CA ASP A 24 -0.05 -4.90 17.94
C ASP A 24 0.28 -3.42 17.85
N LYS A 25 -0.33 -2.74 16.89
CA LYS A 25 -0.10 -1.31 16.71
C LYS A 25 -0.88 -0.54 17.78
N THR A 26 -0.20 0.38 18.46
CA THR A 26 -0.82 1.10 19.56
C THR A 26 -0.94 2.61 19.28
N THR A 27 -0.21 3.12 18.31
CA THR A 27 -0.28 4.53 17.99
C THR A 27 -0.29 4.77 16.49
N ALA A 28 -1.08 5.74 16.06
CA ALA A 28 -1.11 6.15 14.66
C ALA A 28 -1.56 7.59 14.54
N THR A 29 -1.31 8.19 13.39
CA THR A 29 -1.69 9.55 13.14
C THR A 29 -2.93 9.62 12.27
N ASP A 30 -3.97 10.25 12.79
CA ASP A 30 -5.25 10.41 12.09
C ASP A 30 -5.06 11.30 10.87
N ILE A 31 -6.02 11.26 9.95
CA ILE A 31 -5.95 12.03 8.72
C ILE A 31 -5.88 13.53 9.00
N LYS A 32 -6.41 13.96 10.13
CA LYS A 32 -6.39 15.36 10.50
C LYS A 32 -5.07 15.73 11.17
N GLY A 33 -4.27 14.73 11.48
CA GLY A 33 -2.97 14.97 12.08
C GLY A 33 -2.96 14.75 13.58
N LYS A 34 -3.93 14.00 14.07
CA LYS A 34 -4.02 13.69 15.49
C LYS A 34 -3.37 12.35 15.79
N GLU A 35 -2.44 12.33 16.73
CA GLU A 35 -1.83 11.09 17.14
C GLU A 35 -2.72 10.40 18.15
N VAL A 36 -3.23 9.25 17.78
CA VAL A 36 -4.21 8.55 18.58
C VAL A 36 -3.76 7.13 18.89
N THR A 37 -4.33 6.56 19.94
CA THR A 37 -4.01 5.21 20.37
C THR A 37 -4.85 4.20 19.63
N VAL A 38 -4.19 3.38 18.82
CA VAL A 38 -4.86 2.39 18.01
C VAL A 38 -5.13 1.13 18.82
N LEU A 39 -6.36 0.63 18.73
CA LEU A 39 -6.70 -0.62 19.37
C LEU A 39 -6.53 -1.75 18.37
N ALA A 40 -5.64 -2.68 18.69
CA ALA A 40 -5.35 -3.80 17.80
C ALA A 40 -6.50 -4.80 17.83
N GLU A 41 -7.40 -4.60 18.78
CA GLU A 41 -8.60 -5.39 18.89
C GLU A 41 -9.79 -4.46 19.08
N VAL A 42 -10.70 -4.46 18.12
CA VAL A 42 -11.84 -3.57 18.19
C VAL A 42 -12.99 -4.24 18.92
N ASN A 43 -13.56 -3.53 19.88
CA ASN A 43 -14.65 -4.05 20.69
C ASN A 43 -15.98 -3.52 20.17
N ILE A 44 -16.67 -4.34 19.39
CA ILE A 44 -17.92 -3.93 18.80
C ILE A 44 -19.07 -4.77 19.37
N ASN A 45 -19.67 -4.29 20.45
CA ASN A 45 -20.78 -4.96 21.10
C ASN A 45 -20.37 -6.36 21.56
N ASN A 46 -19.32 -6.40 22.38
CA ASN A 46 -18.78 -7.64 22.95
C ASN A 46 -17.99 -8.45 21.91
N SER A 47 -18.25 -8.19 20.64
CA SER A 47 -17.56 -8.89 19.57
C SER A 47 -16.25 -8.20 19.27
N VAL A 48 -15.15 -8.90 19.52
CA VAL A 48 -13.83 -8.35 19.33
C VAL A 48 -13.21 -8.83 18.04
N PHE A 49 -12.82 -7.89 17.18
CA PHE A 49 -12.14 -8.21 15.94
C PHE A 49 -10.75 -7.61 15.96
N ARG A 50 -9.73 -8.42 15.73
CA ARG A 50 -8.37 -7.92 15.69
C ARG A 50 -7.90 -7.78 14.25
N GLN A 51 -7.15 -6.75 13.96
CA GLN A 51 -6.65 -6.51 12.62
C GLN A 51 -5.13 -6.57 12.58
N TYR A 52 -4.60 -6.68 11.37
CA TYR A 52 -3.16 -6.66 11.16
C TYR A 52 -2.85 -5.55 10.17
N PHE A 53 -2.01 -4.62 10.56
CA PHE A 53 -1.70 -3.48 9.72
C PHE A 53 -0.52 -3.79 8.82
N PHE A 54 -0.77 -3.78 7.52
CA PHE A 54 0.25 -4.06 6.53
C PHE A 54 1.05 -2.80 6.24
N GLU A 55 2.16 -2.66 6.94
CA GLU A 55 3.01 -1.50 6.77
C GLU A 55 4.22 -1.85 5.92
N THR A 56 4.25 -1.33 4.71
CA THR A 56 5.41 -1.45 3.87
C THR A 56 6.30 -0.23 4.09
N LYS A 57 7.28 -0.39 4.95
CA LYS A 57 8.05 0.72 5.45
C LYS A 57 9.39 0.80 4.73
N CYS A 58 9.92 2.01 4.66
CA CYS A 58 11.15 2.24 3.92
C CYS A 58 12.36 1.88 4.78
N ARG A 59 13.11 0.88 4.33
CA ARG A 59 14.28 0.42 5.05
C ARG A 59 15.43 1.41 4.88
N ALA A 60 15.67 1.81 3.64
CA ALA A 60 16.75 2.75 3.34
C ALA A 60 16.52 3.40 1.98
N SER A 61 16.51 4.72 1.96
CA SER A 61 16.34 5.46 0.72
C SER A 61 17.66 5.50 -0.05
N ASN A 62 17.57 5.25 -1.35
CA ASN A 62 18.73 5.29 -2.24
C ASN A 62 19.73 4.19 -1.87
N PRO A 63 19.42 2.92 -2.20
CA PRO A 63 20.30 1.79 -1.92
C PRO A 63 21.66 1.91 -2.61
N VAL A 64 21.69 2.61 -3.74
CA VAL A 64 22.91 2.80 -4.49
C VAL A 64 23.18 4.29 -4.67
N GLU A 65 24.43 4.64 -5.00
CA GLU A 65 24.83 6.03 -5.12
C GLU A 65 24.61 6.56 -6.52
N SER A 66 23.49 6.16 -7.11
CA SER A 66 23.07 6.66 -8.42
C SER A 66 21.55 6.66 -8.50
N GLY A 67 20.92 6.68 -7.34
CA GLY A 67 19.47 6.62 -7.27
C GLY A 67 19.01 5.34 -6.62
N CYS A 68 18.52 4.42 -7.43
CA CYS A 68 18.04 3.13 -6.94
C CYS A 68 18.56 2.00 -7.80
N ARG A 69 18.38 0.76 -7.34
CA ARG A 69 18.93 -0.39 -8.05
C ARG A 69 18.22 -0.59 -9.38
N GLY A 70 19.00 -0.65 -10.45
CA GLY A 70 18.44 -0.83 -11.77
C GLY A 70 18.35 0.49 -12.53
N ILE A 71 18.18 1.58 -11.78
CA ILE A 71 18.08 2.90 -12.39
C ILE A 71 19.45 3.40 -12.81
N ASP A 72 19.87 3.01 -14.01
CA ASP A 72 21.15 3.44 -14.54
C ASP A 72 20.91 4.53 -15.57
N SER A 73 20.72 5.75 -15.07
CA SER A 73 20.45 6.88 -15.94
C SER A 73 21.03 8.15 -15.32
N LYS A 74 21.64 8.98 -16.15
CA LYS A 74 22.12 10.27 -15.72
C LYS A 74 21.03 11.31 -15.95
N HIS A 75 20.06 10.92 -16.75
CA HIS A 75 18.92 11.78 -17.05
C HIS A 75 17.93 11.75 -15.90
N TRP A 76 17.91 10.63 -15.18
CA TRP A 76 17.00 10.46 -14.08
C TRP A 76 17.74 10.39 -12.74
N ASN A 77 17.45 11.34 -11.88
CA ASN A 77 17.92 11.28 -10.50
C ASN A 77 16.79 10.71 -9.66
N SER A 78 17.12 9.80 -8.76
CA SER A 78 16.11 9.07 -8.02
C SER A 78 16.25 9.26 -6.52
N TYR A 79 15.11 9.22 -5.83
CA TYR A 79 15.09 9.19 -4.39
C TYR A 79 13.80 8.53 -3.92
N CYS A 80 13.82 8.00 -2.72
CA CYS A 80 12.73 7.19 -2.23
C CYS A 80 11.81 7.99 -1.32
N THR A 81 10.50 7.77 -1.48
CA THR A 81 9.52 8.43 -0.65
C THR A 81 8.41 7.43 -0.28
N THR A 82 7.86 7.58 0.91
CA THR A 82 6.89 6.64 1.42
C THR A 82 5.46 7.04 1.06
N THR A 83 4.75 6.13 0.42
CA THR A 83 3.33 6.29 0.19
C THR A 83 2.60 5.99 1.49
N HIS A 84 1.59 6.78 1.83
CA HIS A 84 0.87 6.57 3.08
C HIS A 84 -0.61 6.40 2.81
N THR A 85 -1.20 5.39 3.42
CA THR A 85 -2.61 5.09 3.22
C THR A 85 -3.37 5.31 4.53
N PHE A 86 -4.68 5.48 4.44
CA PHE A 86 -5.51 5.76 5.60
C PHE A 86 -6.57 4.69 5.78
N VAL A 87 -6.49 3.98 6.90
CA VAL A 87 -7.43 2.91 7.18
C VAL A 87 -8.31 3.27 8.37
N LYS A 88 -9.49 2.65 8.44
CA LYS A 88 -10.39 2.86 9.56
C LYS A 88 -10.02 1.94 10.71
N ALA A 89 -9.57 2.54 11.79
CA ALA A 89 -9.22 1.79 12.98
C ALA A 89 -9.92 2.37 14.19
N LEU A 90 -10.29 1.51 15.12
CA LEU A 90 -10.91 1.97 16.36
C LEU A 90 -9.82 2.51 17.27
N THR A 91 -9.74 3.81 17.36
CA THR A 91 -8.70 4.45 18.15
C THR A 91 -9.30 5.15 19.36
N THR A 92 -8.57 5.15 20.46
CA THR A 92 -9.05 5.78 21.66
C THR A 92 -8.34 7.11 21.89
N ASP A 93 -9.14 8.17 22.06
CA ASP A 93 -8.62 9.50 22.32
C ASP A 93 -8.04 9.57 23.72
N GLU A 94 -8.62 8.78 24.61
CA GLU A 94 -8.16 8.68 25.99
C GLU A 94 -8.90 7.55 26.67
N LYS A 95 -10.23 7.65 26.68
CA LYS A 95 -11.09 6.57 27.15
C LYS A 95 -12.11 6.19 26.09
N GLN A 96 -12.55 7.19 25.31
CA GLN A 96 -13.54 6.96 24.27
C GLN A 96 -12.87 6.45 22.99
N ALA A 97 -13.42 5.38 22.44
CA ALA A 97 -12.89 4.79 21.23
C ALA A 97 -13.77 5.15 20.03
N ALA A 98 -13.14 5.49 18.92
CA ALA A 98 -13.86 5.86 17.72
C ALA A 98 -13.11 5.41 16.47
N TRP A 99 -13.86 5.06 15.43
CA TRP A 99 -13.26 4.66 14.17
C TRP A 99 -12.68 5.87 13.44
N ARG A 100 -11.37 5.94 13.40
CA ARG A 100 -10.68 7.06 12.75
C ARG A 100 -9.90 6.57 11.54
N PHE A 101 -9.52 7.51 10.68
CA PHE A 101 -8.63 7.22 9.55
C PHE A 101 -7.19 7.40 9.99
N ILE A 102 -6.43 6.31 10.04
CA ILE A 102 -5.04 6.40 10.45
C ILE A 102 -4.11 6.08 9.28
N ARG A 103 -2.98 6.77 9.25
CA ARG A 103 -2.06 6.64 8.13
C ARG A 103 -0.97 5.62 8.43
N ILE A 104 -0.76 4.72 7.49
CA ILE A 104 0.32 3.74 7.59
C ILE A 104 1.12 3.69 6.30
N ASP A 105 2.34 3.17 6.40
CA ASP A 105 3.25 3.08 5.26
C ASP A 105 2.74 2.07 4.25
N THR A 106 2.55 2.52 3.02
CA THR A 106 2.02 1.69 1.97
C THR A 106 3.14 1.11 1.12
N ALA A 107 4.21 1.90 0.95
CA ALA A 107 5.37 1.50 0.17
C ALA A 107 6.42 2.61 0.18
N CYS A 108 7.66 2.26 -0.13
CA CYS A 108 8.70 3.27 -0.33
C CYS A 108 9.11 3.26 -1.78
N VAL A 109 8.61 4.21 -2.54
CA VAL A 109 8.80 4.21 -3.98
C VAL A 109 10.00 5.07 -4.36
N CYS A 110 10.61 4.73 -5.48
CA CYS A 110 11.76 5.47 -5.98
C CYS A 110 11.32 6.34 -7.14
N VAL A 111 11.29 7.65 -6.91
CA VAL A 111 10.80 8.57 -7.93
C VAL A 111 11.93 8.97 -8.88
N LEU A 112 11.57 9.32 -10.10
CA LEU A 112 12.55 9.75 -11.07
C LEU A 112 12.41 11.25 -11.31
N SER A 113 13.52 11.94 -11.38
CA SER A 113 13.53 13.36 -11.64
C SER A 113 14.53 13.71 -12.73
N ARG A 114 14.18 14.68 -13.56
CA ARG A 114 15.06 15.13 -14.63
C ARG A 114 16.13 16.08 -14.08
N LYS A 115 16.18 16.18 -12.74
CA LYS A 115 17.12 17.05 -12.04
C LYS A 115 16.74 18.51 -12.24
N ALA A 116 15.44 18.77 -12.29
CA ALA A 116 14.94 20.12 -12.49
C ALA A 116 15.01 20.93 -11.21
N THR A 117 14.15 20.60 -10.26
CA THR A 117 14.09 21.33 -9.01
C THR A 117 13.42 20.45 -7.95
N ARG A 118 13.69 20.75 -6.69
CA ARG A 118 13.07 20.03 -5.59
C ARG A 118 12.57 21.02 -4.54
N SER B 1 2.14 27.76 -4.00
CA SER B 1 3.40 27.13 -3.54
C SER B 1 3.23 26.61 -2.12
N SER B 2 4.02 25.57 -1.79
CA SER B 2 4.08 24.95 -0.45
C SER B 2 2.79 24.22 -0.05
N THR B 3 1.63 24.74 -0.43
CA THR B 3 0.36 24.11 -0.11
C THR B 3 0.26 22.73 -0.78
N HIS B 4 0.70 22.65 -2.02
CA HIS B 4 0.72 21.40 -2.75
C HIS B 4 1.92 21.38 -3.68
N PRO B 5 3.09 20.95 -3.17
CA PRO B 5 4.33 20.91 -3.96
C PRO B 5 4.34 19.76 -4.96
N VAL B 6 3.39 19.81 -5.88
CA VAL B 6 3.21 18.78 -6.91
C VAL B 6 3.01 17.40 -6.25
N PHE B 7 2.55 17.42 -5.00
CA PHE B 7 2.37 16.21 -4.20
C PHE B 7 3.72 15.49 -4.03
N HIS B 8 4.67 16.21 -3.40
CA HIS B 8 6.03 15.69 -3.19
C HIS B 8 6.72 15.45 -4.53
N MET B 9 6.44 16.34 -5.50
CA MET B 9 6.91 16.20 -6.88
C MET B 9 6.18 15.08 -7.61
N GLY B 10 5.43 14.29 -6.86
CA GLY B 10 4.76 13.14 -7.42
C GLY B 10 5.53 11.87 -7.14
N GLU B 11 4.93 10.96 -6.40
CA GLU B 11 5.56 9.68 -6.11
C GLU B 11 5.52 8.77 -7.33
N PHE B 12 6.37 9.12 -8.30
CA PHE B 12 6.46 8.39 -9.56
C PHE B 12 6.80 6.93 -9.35
N SER B 13 6.06 6.07 -10.01
CA SER B 13 6.32 4.64 -9.96
C SER B 13 6.99 4.22 -11.27
N VAL B 14 8.05 3.42 -11.15
CA VAL B 14 8.79 2.92 -12.32
C VAL B 14 7.91 2.08 -13.22
N CYS B 15 6.80 1.61 -12.65
CA CYS B 15 5.76 0.94 -13.40
C CYS B 15 4.45 1.66 -13.13
N ASP B 16 3.75 2.06 -14.20
CA ASP B 16 2.57 2.91 -14.09
C ASP B 16 1.53 2.34 -13.13
N SER B 17 1.31 3.06 -12.04
CA SER B 17 0.33 2.69 -11.04
C SER B 17 -0.59 3.85 -10.75
N VAL B 18 -1.86 3.55 -10.48
CA VAL B 18 -2.84 4.58 -10.20
C VAL B 18 -3.39 4.43 -8.79
N SER B 19 -3.25 5.47 -7.99
CA SER B 19 -3.75 5.47 -6.63
C SER B 19 -5.14 6.08 -6.56
N VAL B 20 -6.13 5.27 -6.24
CA VAL B 20 -7.51 5.71 -6.19
C VAL B 20 -8.09 5.55 -4.80
N TRP B 21 -8.85 6.54 -4.37
CA TRP B 21 -9.60 6.44 -3.12
C TRP B 21 -11.02 6.03 -3.42
N VAL B 22 -11.29 4.74 -3.33
CA VAL B 22 -12.60 4.20 -3.65
C VAL B 22 -13.54 4.34 -2.45
N GLY B 23 -14.49 5.24 -2.57
CA GLY B 23 -15.43 5.46 -1.48
C GLY B 23 -16.76 4.78 -1.72
N ASP B 24 -16.82 4.00 -2.80
CA ASP B 24 -18.04 3.27 -3.16
C ASP B 24 -17.72 1.85 -3.60
N LYS B 25 -16.84 1.20 -2.87
CA LYS B 25 -16.47 -0.18 -3.18
C LYS B 25 -17.58 -1.11 -2.70
N THR B 26 -18.01 -2.02 -3.57
CA THR B 26 -19.13 -2.90 -3.25
C THR B 26 -18.73 -4.37 -3.21
N THR B 27 -17.59 -4.72 -3.77
CA THR B 27 -17.14 -6.10 -3.76
C THR B 27 -15.65 -6.21 -3.46
N ALA B 28 -15.28 -7.21 -2.68
CA ALA B 28 -13.88 -7.49 -2.41
C ALA B 28 -13.69 -8.96 -2.07
N THR B 29 -12.46 -9.41 -2.14
CA THR B 29 -12.15 -10.80 -1.83
C THR B 29 -11.52 -10.91 -0.44
N ASP B 30 -12.17 -11.69 0.41
CA ASP B 30 -11.72 -11.93 1.77
C ASP B 30 -10.39 -12.69 1.77
N ILE B 31 -9.69 -12.67 2.89
CA ILE B 31 -8.39 -13.31 3.01
C ILE B 31 -8.48 -14.82 2.75
N LYS B 32 -9.65 -15.40 3.01
CA LYS B 32 -9.86 -16.82 2.79
C LYS B 32 -10.22 -17.11 1.34
N GLY B 33 -10.48 -16.05 0.58
CA GLY B 33 -10.79 -16.21 -0.83
C GLY B 33 -12.26 -16.12 -1.12
N LYS B 34 -13.02 -15.52 -0.21
CA LYS B 34 -14.45 -15.35 -0.38
C LYS B 34 -14.77 -13.98 -0.96
N GLU B 35 -15.49 -13.94 -2.06
CA GLU B 35 -15.91 -12.68 -2.64
C GLU B 35 -17.14 -12.18 -1.91
N VAL B 36 -17.00 -11.05 -1.23
CA VAL B 36 -18.05 -10.53 -0.38
C VAL B 36 -18.40 -9.10 -0.76
N THR B 37 -19.60 -8.69 -0.36
CA THR B 37 -20.10 -7.37 -0.66
C THR B 37 -19.64 -6.38 0.41
N VAL B 38 -18.82 -5.44 0.00
CA VAL B 38 -18.26 -4.45 0.90
C VAL B 38 -19.24 -3.30 1.10
N LEU B 39 -19.43 -2.93 2.36
CA LEU B 39 -20.26 -1.78 2.68
C LEU B 39 -19.38 -0.55 2.81
N ALA B 40 -19.61 0.43 1.95
CA ALA B 40 -18.81 1.65 1.95
C ALA B 40 -19.15 2.51 3.14
N GLU B 41 -20.24 2.14 3.81
CA GLU B 41 -20.66 2.79 5.03
C GLU B 41 -20.98 1.72 6.08
N VAL B 42 -20.22 1.72 7.16
CA VAL B 42 -20.40 0.70 8.19
C VAL B 42 -21.41 1.19 9.22
N ASN B 43 -22.38 0.33 9.52
CA ASN B 43 -23.44 0.68 10.46
C ASN B 43 -23.13 0.06 11.81
N ILE B 44 -22.59 0.85 12.71
CA ILE B 44 -22.21 0.37 14.04
C ILE B 44 -23.07 1.04 15.10
N ASN B 45 -24.19 0.40 15.43
CA ASN B 45 -25.12 0.89 16.45
C ASN B 45 -25.63 2.28 16.06
N ASN B 46 -26.23 2.36 14.87
CA ASN B 46 -26.82 3.60 14.34
C ASN B 46 -25.73 4.58 13.85
N SER B 47 -24.51 4.40 14.33
CA SER B 47 -23.41 5.27 13.94
C SER B 47 -22.79 4.74 12.65
N VAL B 48 -22.90 5.54 11.60
CA VAL B 48 -22.41 5.13 10.30
C VAL B 48 -21.07 5.79 9.98
N PHE B 49 -20.07 4.97 9.72
CA PHE B 49 -18.76 5.46 9.32
C PHE B 49 -18.45 5.00 7.91
N ARG B 50 -18.13 5.94 7.03
CA ARG B 50 -17.76 5.58 5.66
C ARG B 50 -16.25 5.63 5.49
N GLN B 51 -15.72 4.71 4.73
CA GLN B 51 -14.29 4.64 4.49
C GLN B 51 -13.97 4.87 3.02
N TYR B 52 -12.70 5.15 2.75
CA TYR B 52 -12.21 5.28 1.40
C TYR B 52 -11.06 4.31 1.20
N PHE B 53 -11.18 3.43 0.22
CA PHE B 53 -10.19 2.41 -0.01
C PHE B 53 -9.11 2.91 -0.96
N PHE B 54 -7.89 2.99 -0.45
CA PHE B 54 -6.76 3.47 -1.23
C PHE B 54 -6.19 2.33 -2.05
N GLU B 55 -6.64 2.24 -3.29
CA GLU B 55 -6.19 1.19 -4.19
C GLU B 55 -5.17 1.75 -5.16
N THR B 56 -3.93 1.33 -4.99
CA THR B 56 -2.89 1.66 -5.94
C THR B 56 -2.81 0.52 -6.96
N LYS B 57 -3.48 0.72 -8.08
CA LYS B 57 -3.71 -0.35 -9.03
C LYS B 57 -2.74 -0.24 -10.19
N CYS B 58 -2.44 -1.36 -10.81
CA CYS B 58 -1.46 -1.41 -11.88
C CYS B 58 -2.10 -1.00 -13.19
N ARG B 59 -1.62 0.10 -13.75
CA ARG B 59 -2.15 0.62 -15.01
C ARG B 59 -1.66 -0.22 -16.18
N ALA B 60 -0.35 -0.49 -16.20
CA ALA B 60 0.25 -1.27 -17.26
C ALA B 60 1.59 -1.82 -16.82
N SER B 61 1.75 -3.14 -16.92
CA SER B 61 3.01 -3.78 -16.58
C SER B 61 4.01 -3.61 -17.70
N ASN B 62 5.24 -3.27 -17.33
CA ASN B 62 6.34 -3.10 -18.29
C ASN B 62 6.05 -1.95 -19.25
N PRO B 63 6.19 -0.69 -18.77
CA PRO B 63 5.95 0.50 -19.59
C PRO B 63 6.90 0.59 -20.78
N VAL B 64 8.08 -0.01 -20.64
CA VAL B 64 9.07 -0.01 -21.71
C VAL B 64 9.46 -1.43 -22.07
N GLU B 65 10.04 -1.62 -23.24
CA GLU B 65 10.39 -2.95 -23.73
C GLU B 65 11.79 -3.38 -23.27
N SER B 66 12.10 -3.05 -22.02
CA SER B 66 13.35 -3.47 -21.40
C SER B 66 13.12 -3.61 -19.90
N GLY B 67 11.87 -3.81 -19.52
CA GLY B 67 11.53 -3.91 -18.12
C GLY B 67 10.67 -2.73 -17.68
N CYS B 68 11.27 -1.80 -16.96
CA CYS B 68 10.55 -0.63 -16.48
C CYS B 68 11.38 0.63 -16.72
N ARG B 69 10.77 1.79 -16.53
CA ARG B 69 11.44 3.05 -16.82
C ARG B 69 12.58 3.28 -15.85
N GLY B 70 13.76 3.52 -16.40
CA GLY B 70 14.93 3.75 -15.56
C GLY B 70 15.78 2.51 -15.44
N ILE B 71 15.15 1.34 -15.52
CA ILE B 71 15.86 0.08 -15.40
C ILE B 71 16.60 -0.25 -16.70
N ASP B 72 17.79 0.30 -16.83
CA ASP B 72 18.61 0.05 -18.01
C ASP B 72 19.68 -0.98 -17.68
N SER B 73 19.29 -2.24 -17.68
CA SER B 73 20.20 -3.31 -17.35
C SER B 73 19.84 -4.56 -18.15
N LYS B 74 20.86 -5.24 -18.64
CA LYS B 74 20.66 -6.53 -19.32
C LYS B 74 20.78 -7.65 -18.29
N HIS B 75 21.34 -7.30 -17.14
CA HIS B 75 21.51 -8.22 -16.04
C HIS B 75 20.18 -8.40 -15.31
N TRP B 76 19.37 -7.36 -15.34
CA TRP B 76 18.08 -7.38 -14.66
C TRP B 76 16.93 -7.34 -15.64
N ASN B 77 16.13 -8.39 -15.63
CA ASN B 77 14.87 -8.41 -16.34
C ASN B 77 13.77 -8.03 -15.37
N SER B 78 12.86 -7.18 -15.80
CA SER B 78 11.88 -6.61 -14.89
C SER B 78 10.46 -6.93 -15.34
N TYR B 79 9.56 -7.06 -14.38
CA TYR B 79 8.15 -7.17 -14.64
C TYR B 79 7.37 -6.68 -13.42
N CYS B 80 6.14 -6.25 -13.64
CA CYS B 80 5.36 -5.61 -12.60
C CYS B 80 4.39 -6.59 -11.94
N THR B 81 4.27 -6.50 -10.63
CA THR B 81 3.35 -7.32 -9.88
C THR B 81 2.66 -6.47 -8.81
N THR B 82 1.42 -6.79 -8.52
CA THR B 82 0.64 -6.00 -7.58
C THR B 82 0.76 -6.53 -6.16
N THR B 83 1.15 -5.64 -5.25
CA THR B 83 1.11 -5.92 -3.84
C THR B 83 -0.33 -5.81 -3.36
N HIS B 84 -0.76 -6.72 -2.51
CA HIS B 84 -2.15 -6.71 -2.04
C HIS B 84 -2.19 -6.67 -0.52
N THR B 85 -3.01 -5.78 0.02
CA THR B 85 -3.11 -5.62 1.45
C THR B 85 -4.51 -6.02 1.91
N PHE B 86 -4.66 -6.32 3.20
CA PHE B 86 -5.92 -6.79 3.74
C PHE B 86 -6.42 -5.85 4.82
N VAL B 87 -7.57 -5.24 4.59
CA VAL B 87 -8.14 -4.30 5.55
C VAL B 87 -9.43 -4.85 6.14
N LYS B 88 -9.79 -4.37 7.33
CA LYS B 88 -11.03 -4.76 7.95
C LYS B 88 -12.18 -3.92 7.44
N ALA B 89 -13.09 -4.56 6.73
CA ALA B 89 -14.26 -3.88 6.22
C ALA B 89 -15.51 -4.63 6.61
N LEU B 90 -16.59 -3.90 6.85
CA LEU B 90 -17.85 -4.53 7.16
C LEU B 90 -18.48 -5.02 5.87
N THR B 91 -18.42 -6.32 5.66
CA THR B 91 -18.92 -6.91 4.44
C THR B 91 -20.14 -7.76 4.72
N THR B 92 -21.07 -7.79 3.79
CA THR B 92 -22.28 -8.57 3.96
C THR B 92 -22.22 -9.83 3.11
N ASP B 93 -22.43 -10.97 3.77
CA ASP B 93 -22.44 -12.26 3.09
C ASP B 93 -23.69 -12.40 2.23
N GLU B 94 -24.76 -11.76 2.68
CA GLU B 94 -26.03 -11.73 1.97
C GLU B 94 -26.95 -10.74 2.66
N LYS B 95 -27.20 -10.99 3.95
CA LYS B 95 -27.94 -10.05 4.77
C LYS B 95 -27.14 -9.69 6.02
N GLN B 96 -26.36 -10.65 6.51
CA GLN B 96 -25.56 -10.43 7.71
C GLN B 96 -24.24 -9.76 7.36
N ALA B 97 -23.91 -8.70 8.10
CA ALA B 97 -22.69 -7.95 7.88
C ALA B 97 -21.66 -8.28 8.94
N ALA B 98 -20.42 -8.47 8.53
CA ALA B 98 -19.34 -8.81 9.44
C ALA B 98 -18.03 -8.17 8.99
N TRP B 99 -17.20 -7.82 9.96
CA TRP B 99 -15.89 -7.25 9.68
C TRP B 99 -14.94 -8.32 9.15
N ARG B 100 -14.64 -8.26 7.87
CA ARG B 100 -13.76 -9.23 7.23
C ARG B 100 -12.47 -8.56 6.76
N PHE B 101 -11.47 -9.39 6.48
CA PHE B 101 -10.23 -8.91 5.87
C PHE B 101 -10.37 -8.97 4.36
N ILE B 102 -10.37 -7.82 3.70
CA ILE B 102 -10.49 -7.79 2.25
C ILE B 102 -9.22 -7.28 1.61
N ARG B 103 -8.89 -7.84 0.46
CA ARG B 103 -7.64 -7.52 -0.21
C ARG B 103 -7.83 -6.41 -1.24
N ILE B 104 -6.96 -5.41 -1.19
CA ILE B 104 -6.96 -4.35 -2.17
C ILE B 104 -5.55 -4.11 -2.70
N ASP B 105 -5.46 -3.47 -3.86
CA ASP B 105 -4.19 -3.19 -4.51
C ASP B 105 -3.41 -2.15 -3.71
N THR B 106 -2.21 -2.52 -3.33
CA THR B 106 -1.36 -1.66 -2.52
C THR B 106 -0.38 -0.89 -3.40
N ALA B 107 0.07 -1.54 -4.47
CA ALA B 107 1.02 -0.96 -5.42
C ALA B 107 1.33 -1.94 -6.53
N CYS B 108 1.83 -1.45 -7.65
CA CYS B 108 2.32 -2.32 -8.71
C CYS B 108 3.83 -2.13 -8.82
N VAL B 109 4.57 -3.07 -8.26
CA VAL B 109 6.01 -2.93 -8.16
C VAL B 109 6.71 -3.62 -9.31
N CYS B 110 7.87 -3.12 -9.67
CA CYS B 110 8.65 -3.70 -10.75
C CYS B 110 9.80 -4.49 -10.17
N VAL B 111 9.72 -5.81 -10.29
CA VAL B 111 10.70 -6.69 -9.70
C VAL B 111 11.89 -6.88 -10.63
N LEU B 112 13.05 -7.15 -10.07
CA LEU B 112 14.23 -7.41 -10.87
C LEU B 112 14.61 -8.89 -10.80
N SER B 113 14.96 -9.45 -11.94
CA SER B 113 15.36 -10.84 -12.01
C SER B 113 16.65 -10.97 -12.80
N ARG B 114 17.49 -11.90 -12.39
CA ARG B 114 18.76 -12.16 -13.06
C ARG B 114 18.53 -13.04 -14.29
N LYS B 115 17.25 -13.25 -14.61
CA LYS B 115 16.82 -14.07 -15.75
C LYS B 115 17.11 -15.54 -15.47
N ALA B 116 16.93 -15.93 -14.21
CA ALA B 116 17.18 -17.30 -13.80
C ALA B 116 16.03 -18.21 -14.20
N THR B 117 14.91 -18.06 -13.51
CA THR B 117 13.74 -18.89 -13.76
C THR B 117 12.48 -18.19 -13.25
N ARG B 118 11.34 -18.56 -13.81
CA ARG B 118 10.08 -18.00 -13.37
C ARG B 118 9.07 -19.12 -13.18
N SER A 1 3.90 -27.46 -12.34
CA SER A 1 3.43 -26.28 -11.62
C SER A 1 2.25 -26.63 -10.71
N SER A 2 2.20 -26.02 -9.54
CA SER A 2 1.09 -26.21 -8.61
C SER A 2 0.62 -24.86 -8.10
N THR A 3 0.28 -23.98 -9.05
CA THR A 3 -0.16 -22.60 -8.80
C THR A 3 0.85 -21.79 -7.97
N HIS A 4 0.61 -20.47 -7.91
CA HIS A 4 1.48 -19.55 -7.18
C HIS A 4 2.93 -19.66 -7.68
N PRO A 5 3.19 -19.28 -8.95
CA PRO A 5 4.51 -19.39 -9.56
C PRO A 5 5.40 -18.19 -9.25
N VAL A 6 5.32 -17.71 -8.01
CA VAL A 6 6.07 -16.54 -7.57
C VAL A 6 5.72 -15.33 -8.42
N PHE A 7 4.45 -15.27 -8.82
CA PHE A 7 3.95 -14.22 -9.70
C PHE A 7 4.75 -14.20 -11.00
N HIS A 8 5.04 -15.41 -11.50
CA HIS A 8 5.91 -15.60 -12.68
C HIS A 8 7.29 -15.05 -12.40
N MET A 9 7.91 -15.57 -11.34
CA MET A 9 9.23 -15.11 -10.85
C MET A 9 9.32 -13.59 -10.84
N GLY A 10 8.35 -12.97 -10.18
CA GLY A 10 8.31 -11.53 -10.11
C GLY A 10 8.13 -11.03 -8.69
N GLU A 11 7.64 -9.79 -8.56
CA GLU A 11 7.45 -9.14 -7.26
C GLU A 11 8.77 -8.98 -6.51
N PHE A 12 9.88 -9.07 -7.23
CA PHE A 12 11.18 -8.83 -6.62
C PHE A 12 11.35 -7.34 -6.35
N SER A 13 11.78 -7.03 -5.14
CA SER A 13 11.84 -5.66 -4.67
C SER A 13 13.07 -4.93 -5.20
N VAL A 14 12.83 -3.78 -5.84
CA VAL A 14 13.90 -2.89 -6.28
C VAL A 14 14.69 -2.37 -5.08
N CYS A 15 13.99 -2.28 -3.96
CA CYS A 15 14.59 -1.93 -2.69
C CYS A 15 14.05 -2.88 -1.62
N ASP A 16 14.95 -3.50 -0.86
CA ASP A 16 14.55 -4.47 0.15
C ASP A 16 13.55 -3.88 1.14
N SER A 17 12.53 -4.64 1.46
CA SER A 17 11.44 -4.15 2.28
C SER A 17 10.97 -5.22 3.26
N VAL A 18 10.57 -4.78 4.45
CA VAL A 18 10.11 -5.70 5.48
C VAL A 18 8.67 -5.39 5.88
N SER A 19 7.78 -6.34 5.65
CA SER A 19 6.39 -6.19 6.04
C SER A 19 6.19 -6.70 7.47
N VAL A 20 5.69 -5.83 8.33
CA VAL A 20 5.51 -6.14 9.73
C VAL A 20 4.04 -6.02 10.11
N TRP A 21 3.58 -6.93 10.96
CA TRP A 21 2.24 -6.83 11.51
C TRP A 21 2.32 -6.36 12.95
N VAL A 22 2.13 -5.07 13.14
CA VAL A 22 2.23 -4.44 14.44
C VAL A 22 1.03 -4.83 15.30
N GLY A 23 1.30 -5.50 16.42
CA GLY A 23 0.24 -5.97 17.28
C GLY A 23 -0.18 -4.94 18.30
N ASP A 24 0.55 -3.83 18.36
CA ASP A 24 0.21 -2.73 19.26
C ASP A 24 0.85 -1.44 18.79
N LYS A 25 0.16 -0.76 17.87
CA LYS A 25 0.63 0.53 17.40
C LYS A 25 0.23 1.61 18.41
N THR A 26 1.14 2.54 18.66
CA THR A 26 0.94 3.55 19.68
C THR A 26 0.20 4.78 19.16
N THR A 27 0.82 5.49 18.23
CA THR A 27 0.24 6.72 17.72
C THR A 27 0.33 6.80 16.21
N ALA A 28 -0.63 7.48 15.60
CA ALA A 28 -0.63 7.68 14.16
C ALA A 28 -1.28 8.99 13.80
N THR A 29 -1.11 9.41 12.57
CA THR A 29 -1.68 10.67 12.09
C THR A 29 -2.94 10.41 11.29
N ASP A 30 -4.05 10.94 11.78
CA ASP A 30 -5.32 10.88 11.08
C ASP A 30 -5.28 11.80 9.86
N ILE A 31 -6.16 11.52 8.90
CA ILE A 31 -6.20 12.24 7.63
C ILE A 31 -6.49 13.73 7.84
N LYS A 32 -7.04 14.06 9.00
CA LYS A 32 -7.35 15.44 9.33
C LYS A 32 -6.16 16.12 10.03
N GLY A 33 -5.03 15.43 10.04
CA GLY A 33 -3.80 16.01 10.55
C GLY A 33 -3.67 15.89 12.05
N LYS A 34 -4.39 14.96 12.64
CA LYS A 34 -4.38 14.78 14.09
C LYS A 34 -3.56 13.57 14.50
N GLU A 35 -2.78 13.72 15.56
CA GLU A 35 -2.03 12.60 16.11
C GLU A 35 -2.88 11.91 17.16
N VAL A 36 -3.25 10.68 16.88
CA VAL A 36 -4.15 9.94 17.75
C VAL A 36 -3.52 8.63 18.21
N THR A 37 -4.02 8.13 19.33
CA THR A 37 -3.54 6.88 19.89
C THR A 37 -4.25 5.71 19.22
N VAL A 38 -3.46 4.80 18.68
CA VAL A 38 -3.99 3.71 17.87
C VAL A 38 -4.33 2.50 18.74
N LEU A 39 -5.48 1.89 18.45
CA LEU A 39 -5.89 0.68 19.13
C LEU A 39 -5.86 -0.49 18.17
N ALA A 40 -4.99 -1.47 18.47
CA ALA A 40 -4.87 -2.66 17.66
C ALA A 40 -6.11 -3.52 17.79
N GLU A 41 -6.80 -3.32 18.90
CA GLU A 41 -8.05 -4.01 19.17
C GLU A 41 -9.21 -3.04 18.99
N VAL A 42 -10.17 -3.41 18.16
CA VAL A 42 -11.29 -2.53 17.92
C VAL A 42 -12.41 -2.81 18.91
N ASN A 43 -12.46 -1.99 19.94
CA ASN A 43 -13.50 -2.10 20.95
C ASN A 43 -14.73 -1.35 20.49
N ILE A 44 -15.68 -2.09 19.93
CA ILE A 44 -16.93 -1.49 19.47
C ILE A 44 -17.98 -1.62 20.56
N ASN A 45 -18.43 -2.84 20.78
CA ASN A 45 -19.36 -3.14 21.85
C ASN A 45 -19.38 -4.64 22.09
N ASN A 46 -18.58 -5.08 23.07
CA ASN A 46 -18.43 -6.50 23.41
C ASN A 46 -17.59 -7.23 22.38
N SER A 47 -17.86 -7.00 21.11
CA SER A 47 -17.10 -7.61 20.03
C SER A 47 -15.77 -6.87 19.86
N VAL A 48 -14.68 -7.57 20.12
CA VAL A 48 -13.34 -7.00 20.01
C VAL A 48 -12.41 -7.99 19.32
N PHE A 49 -11.59 -7.51 18.41
CA PHE A 49 -10.63 -8.38 17.73
C PHE A 49 -9.41 -7.58 17.25
N ARG A 50 -8.29 -8.28 17.13
CA ARG A 50 -7.07 -7.69 16.60
C ARG A 50 -6.65 -8.39 15.32
N GLN A 51 -6.27 -7.61 14.32
CA GLN A 51 -5.74 -8.16 13.09
C GLN A 51 -4.32 -7.63 12.86
N TYR A 52 -3.91 -6.73 13.77
CA TYR A 52 -2.61 -6.07 13.72
C TYR A 52 -2.57 -5.07 12.57
N PHE A 53 -1.47 -4.34 12.48
CA PHE A 53 -1.32 -3.34 11.42
C PHE A 53 -0.16 -3.69 10.50
N PHE A 54 -0.44 -3.72 9.21
CA PHE A 54 0.55 -4.08 8.21
C PHE A 54 1.39 -2.87 7.82
N GLU A 55 2.65 -2.88 8.20
CA GLU A 55 3.56 -1.80 7.85
C GLU A 55 4.80 -2.37 7.16
N THR A 56 4.98 -2.00 5.90
CA THR A 56 6.13 -2.45 5.14
C THR A 56 7.19 -1.37 5.10
N LYS A 57 8.29 -1.62 5.79
CA LYS A 57 9.32 -0.62 5.97
C LYS A 57 10.51 -0.89 5.06
N CYS A 58 11.25 0.15 4.75
CA CYS A 58 12.40 0.03 3.87
C CYS A 58 13.61 -0.52 4.62
N ARG A 59 14.15 -1.62 4.11
CA ARG A 59 15.39 -2.17 4.63
C ARG A 59 16.57 -1.46 4.01
N ALA A 60 17.13 -0.50 4.75
CA ALA A 60 18.21 0.35 4.25
C ALA A 60 17.74 1.20 3.07
N SER A 61 18.67 1.78 2.34
CA SER A 61 18.33 2.61 1.21
C SER A 61 19.49 2.71 0.21
N ASN A 62 19.16 2.67 -1.07
CA ASN A 62 20.14 2.83 -2.15
C ASN A 62 21.17 1.72 -2.16
N PRO A 63 20.78 0.51 -2.61
CA PRO A 63 21.71 -0.62 -2.73
C PRO A 63 22.79 -0.38 -3.78
N VAL A 64 22.50 0.53 -4.70
CA VAL A 64 23.44 0.89 -5.76
C VAL A 64 23.60 2.40 -5.82
N GLU A 65 24.70 2.86 -6.39
CA GLU A 65 24.99 4.29 -6.48
C GLU A 65 24.27 4.90 -7.68
N SER A 66 22.98 5.17 -7.48
CA SER A 66 22.13 5.76 -8.51
C SER A 66 20.70 5.79 -7.99
N GLY A 67 20.34 4.74 -7.25
CA GLY A 67 19.02 4.64 -6.68
C GLY A 67 18.71 3.24 -6.22
N CYS A 68 18.04 2.48 -7.08
CA CYS A 68 17.70 1.10 -6.77
C CYS A 68 18.22 0.18 -7.86
N ARG A 69 18.21 -1.12 -7.62
CA ARG A 69 18.74 -2.08 -8.58
C ARG A 69 17.97 -2.01 -9.88
N GLY A 70 18.68 -1.72 -10.97
CA GLY A 70 18.04 -1.55 -12.25
C GLY A 70 18.12 -0.11 -12.73
N ILE A 71 18.10 0.82 -11.79
CA ILE A 71 18.18 2.24 -12.10
C ILE A 71 19.62 2.65 -12.37
N ASP A 72 19.86 3.25 -13.52
CA ASP A 72 21.17 3.78 -13.84
C ASP A 72 21.03 5.02 -14.72
N SER A 73 20.80 6.15 -14.07
CA SER A 73 20.54 7.38 -14.79
C SER A 73 21.14 8.56 -14.04
N LYS A 74 21.57 9.57 -14.79
CA LYS A 74 22.06 10.80 -14.21
C LYS A 74 20.93 11.83 -14.18
N HIS A 75 19.85 11.52 -14.88
CA HIS A 75 18.68 12.39 -14.95
C HIS A 75 17.76 12.11 -13.77
N TRP A 76 17.79 10.88 -13.30
CA TRP A 76 16.93 10.46 -12.21
C TRP A 76 17.75 10.06 -11.01
N ASN A 77 17.29 10.46 -9.84
CA ASN A 77 17.81 9.92 -8.60
C ASN A 77 16.71 9.17 -7.91
N SER A 78 16.99 7.99 -7.43
CA SER A 78 15.97 7.16 -6.83
C SER A 78 16.31 6.83 -5.39
N TYR A 79 15.29 6.66 -4.57
CA TYR A 79 15.47 6.27 -3.19
C TYR A 79 14.21 5.58 -2.68
N CYS A 80 14.37 4.86 -1.58
CA CYS A 80 13.32 4.02 -1.04
C CYS A 80 12.38 4.85 -0.17
N THR A 81 11.14 4.98 -0.60
CA THR A 81 10.16 5.75 0.13
C THR A 81 8.94 4.90 0.43
N THR A 82 8.47 4.95 1.66
CA THR A 82 7.30 4.20 2.05
C THR A 82 6.02 4.93 1.66
N THR A 83 5.12 4.20 1.03
CA THR A 83 3.83 4.74 0.67
C THR A 83 2.93 4.82 1.90
N HIS A 84 2.45 6.02 2.20
CA HIS A 84 1.66 6.23 3.39
C HIS A 84 0.20 6.37 3.02
N THR A 85 -0.62 5.44 3.47
CA THR A 85 -2.04 5.47 3.17
C THR A 85 -2.86 5.59 4.45
N PHE A 86 -4.11 5.98 4.32
CA PHE A 86 -4.95 6.21 5.49
C PHE A 86 -5.90 5.04 5.70
N VAL A 87 -5.75 4.35 6.82
CA VAL A 87 -6.56 3.19 7.11
C VAL A 87 -7.54 3.47 8.24
N LYS A 88 -8.74 2.93 8.12
CA LYS A 88 -9.79 3.10 9.11
C LYS A 88 -9.54 2.23 10.33
N ALA A 89 -9.05 2.84 11.39
CA ALA A 89 -8.76 2.15 12.62
C ALA A 89 -9.40 2.85 13.80
N LEU A 90 -9.80 2.08 14.81
CA LEU A 90 -10.32 2.66 16.03
C LEU A 90 -9.18 3.29 16.80
N THR A 91 -9.25 4.59 17.00
CA THR A 91 -8.22 5.32 17.68
C THR A 91 -8.81 6.13 18.82
N THR A 92 -7.99 6.47 19.79
CA THR A 92 -8.45 7.28 20.89
C THR A 92 -7.66 8.57 20.97
N ASP A 93 -8.39 9.68 20.87
CA ASP A 93 -7.80 11.01 20.96
C ASP A 93 -7.31 11.28 22.38
N GLU A 94 -8.13 10.91 23.37
CA GLU A 94 -7.77 11.07 24.77
C GLU A 94 -8.71 10.26 25.65
N LYS A 95 -9.95 10.71 25.75
CA LYS A 95 -10.94 10.04 26.60
C LYS A 95 -11.86 9.15 25.77
N GLN A 96 -12.09 9.53 24.52
CA GLN A 96 -13.00 8.80 23.66
C GLN A 96 -12.26 8.02 22.59
N ALA A 97 -12.86 6.92 22.16
CA ALA A 97 -12.32 6.13 21.06
C ALA A 97 -13.28 6.16 19.88
N ALA A 98 -12.74 6.35 18.69
CA ALA A 98 -13.56 6.47 17.49
C ALA A 98 -12.80 6.00 16.26
N TRP A 99 -13.52 5.65 15.21
CA TRP A 99 -12.90 5.19 13.98
C TRP A 99 -12.30 6.37 13.22
N ARG A 100 -10.99 6.37 13.10
CA ARG A 100 -10.29 7.41 12.37
C ARG A 100 -9.48 6.80 11.25
N PHE A 101 -8.90 7.64 10.42
CA PHE A 101 -8.21 7.19 9.24
C PHE A 101 -6.76 7.62 9.32
N ILE A 102 -5.88 6.68 9.62
CA ILE A 102 -4.52 7.02 9.97
C ILE A 102 -3.53 6.55 8.91
N ARG A 103 -2.51 7.36 8.69
CA ARG A 103 -1.51 7.06 7.67
C ARG A 103 -0.51 6.02 8.16
N ILE A 104 -0.32 4.98 7.37
CA ILE A 104 0.67 3.96 7.66
C ILE A 104 1.53 3.72 6.43
N ASP A 105 2.76 3.27 6.65
CA ASP A 105 3.66 2.91 5.56
C ASP A 105 3.36 1.48 5.09
N THR A 106 2.69 1.39 3.96
CA THR A 106 2.16 0.12 3.48
C THR A 106 3.15 -0.61 2.57
N ALA A 107 3.96 0.14 1.85
CA ALA A 107 4.93 -0.46 0.94
C ALA A 107 6.15 0.43 0.80
N CYS A 108 7.27 -0.17 0.44
CA CYS A 108 8.49 0.59 0.21
C CYS A 108 8.79 0.63 -1.27
N VAL A 109 8.61 1.80 -1.87
CA VAL A 109 8.74 1.94 -3.31
C VAL A 109 10.00 2.73 -3.63
N CYS A 110 10.49 2.58 -4.86
CA CYS A 110 11.63 3.35 -5.30
C CYS A 110 11.14 4.55 -6.09
N VAL A 111 11.24 5.72 -5.50
CA VAL A 111 10.71 6.92 -6.13
C VAL A 111 11.78 7.64 -6.94
N LEU A 112 11.34 8.37 -7.95
CA LEU A 112 12.26 9.09 -8.81
C LEU A 112 12.28 10.58 -8.44
N SER A 113 13.46 11.17 -8.50
CA SER A 113 13.61 12.60 -8.37
C SER A 113 14.30 13.13 -9.63
N ARG A 114 13.83 14.27 -10.12
CA ARG A 114 14.31 14.83 -11.38
C ARG A 114 15.63 15.56 -11.22
N LYS A 115 16.10 15.65 -9.97
CA LYS A 115 17.38 16.30 -9.66
C LYS A 115 17.40 17.74 -10.14
N ALA A 116 16.25 18.40 -10.05
CA ALA A 116 16.12 19.77 -10.56
C ALA A 116 16.69 20.77 -9.57
N THR A 117 17.15 21.89 -10.09
CA THR A 117 17.68 22.95 -9.26
C THR A 117 17.02 24.28 -9.63
N ARG A 118 16.93 25.19 -8.66
CA ARG A 118 16.31 26.49 -8.88
C ARG A 118 16.87 27.53 -7.93
N SER B 1 9.73 28.81 0.87
CA SER B 1 9.05 27.53 1.09
C SER B 1 7.91 27.68 2.09
N SER B 2 6.82 26.97 1.86
CA SER B 2 5.69 26.96 2.77
C SER B 2 5.25 25.52 3.02
N THR B 3 6.21 24.70 3.46
CA THR B 3 6.01 23.26 3.74
C THR B 3 5.50 22.49 2.53
N HIS B 4 5.54 21.16 2.64
CA HIS B 4 5.11 20.27 1.57
C HIS B 4 5.86 20.56 0.26
N PRO B 5 7.18 20.34 0.24
CA PRO B 5 8.02 20.63 -0.92
C PRO B 5 8.02 19.50 -1.94
N VAL B 6 6.85 18.90 -2.15
CA VAL B 6 6.69 17.78 -3.09
C VAL B 6 7.59 16.62 -2.66
N PHE B 7 7.74 16.46 -1.34
CA PHE B 7 8.61 15.46 -0.75
C PHE B 7 10.04 15.65 -1.28
N HIS B 8 10.45 16.92 -1.37
CA HIS B 8 11.74 17.29 -1.96
C HIS B 8 11.79 16.85 -3.41
N MET B 9 10.83 17.34 -4.20
CA MET B 9 10.66 16.97 -5.62
C MET B 9 10.83 15.47 -5.83
N GLY B 10 10.07 14.70 -5.07
CA GLY B 10 10.16 13.26 -5.15
C GLY B 10 8.78 12.62 -5.29
N GLU B 11 8.71 11.34 -4.95
CA GLU B 11 7.47 10.56 -5.07
C GLU B 11 7.01 10.46 -6.52
N PHE B 12 7.92 10.72 -7.46
CA PHE B 12 7.61 10.56 -8.88
C PHE B 12 7.53 9.08 -9.21
N SER B 13 6.46 8.71 -9.90
CA SER B 13 6.17 7.31 -10.16
C SER B 13 7.00 6.77 -11.31
N VAL B 14 7.70 5.65 -11.04
CA VAL B 14 8.45 4.93 -12.07
C VAL B 14 7.48 4.37 -13.12
N CYS B 15 6.26 4.11 -12.68
CA CYS B 15 5.18 3.71 -13.54
C CYS B 15 3.93 4.50 -13.15
N ASP B 16 3.29 5.12 -14.13
CA ASP B 16 2.12 5.96 -13.87
C ASP B 16 1.03 5.18 -13.15
N SER B 17 0.44 5.81 -12.14
CA SER B 17 -0.53 5.13 -11.29
C SER B 17 -1.69 6.05 -10.95
N VAL B 18 -2.87 5.48 -10.82
CA VAL B 18 -4.07 6.24 -10.53
C VAL B 18 -4.71 5.76 -9.21
N SER B 19 -4.75 6.62 -8.22
CA SER B 19 -5.38 6.31 -6.95
C SER B 19 -6.87 6.66 -7.00
N VAL B 20 -7.71 5.66 -6.77
CA VAL B 20 -9.15 5.83 -6.84
C VAL B 20 -9.79 5.53 -5.50
N TRP B 21 -10.80 6.29 -5.15
CA TRP B 21 -11.59 6.02 -3.97
C TRP B 21 -12.92 5.42 -4.37
N VAL B 22 -13.00 4.10 -4.32
CA VAL B 22 -14.18 3.37 -4.73
C VAL B 22 -15.30 3.57 -3.70
N GLY B 23 -16.40 4.14 -4.14
CA GLY B 23 -17.50 4.43 -3.25
C GLY B 23 -18.47 3.28 -3.12
N ASP B 24 -18.26 2.25 -3.92
CA ASP B 24 -19.09 1.05 -3.87
C ASP B 24 -18.36 -0.13 -4.49
N LYS B 25 -17.53 -0.79 -3.71
CA LYS B 25 -16.83 -1.98 -4.16
C LYS B 25 -17.77 -3.18 -4.06
N THR B 26 -17.74 -4.03 -5.07
CA THR B 26 -18.66 -5.15 -5.16
C THR B 26 -18.16 -6.39 -4.44
N THR B 27 -17.06 -6.95 -4.91
CA THR B 27 -16.53 -8.18 -4.35
C THR B 27 -15.03 -8.10 -4.14
N ALA B 28 -14.54 -8.82 -3.13
CA ALA B 28 -13.12 -8.88 -2.86
C ALA B 28 -12.76 -10.22 -2.24
N THR B 29 -11.47 -10.51 -2.20
CA THR B 29 -10.99 -11.77 -1.65
C THR B 29 -10.47 -11.56 -0.24
N ASP B 30 -11.11 -12.25 0.70
CA ASP B 30 -10.68 -12.24 2.10
C ASP B 30 -9.38 -13.03 2.23
N ILE B 31 -8.64 -12.76 3.29
CA ILE B 31 -7.33 -13.36 3.54
C ILE B 31 -7.43 -14.88 3.67
N LYS B 32 -8.63 -15.38 3.93
CA LYS B 32 -8.85 -16.81 4.06
C LYS B 32 -9.22 -17.43 2.71
N GLY B 33 -9.10 -16.62 1.66
CA GLY B 33 -9.30 -17.12 0.30
C GLY B 33 -10.76 -17.15 -0.11
N LYS B 34 -11.58 -16.34 0.54
CA LYS B 34 -13.00 -16.30 0.24
C LYS B 34 -13.37 -15.05 -0.54
N GLU B 35 -14.24 -15.22 -1.53
CA GLU B 35 -14.75 -14.09 -2.27
C GLU B 35 -16.01 -13.58 -1.60
N VAL B 36 -15.96 -12.36 -1.08
CA VAL B 36 -17.05 -11.81 -0.32
C VAL B 36 -17.52 -10.50 -0.92
N THR B 37 -18.77 -10.15 -0.61
CA THR B 37 -19.36 -8.91 -1.10
C THR B 37 -18.98 -7.76 -0.19
N VAL B 38 -18.39 -6.73 -0.77
CA VAL B 38 -17.83 -5.63 0.00
C VAL B 38 -18.87 -4.55 0.26
N LEU B 39 -18.88 -4.03 1.48
CA LEU B 39 -19.76 -2.95 1.84
C LEU B 39 -18.95 -1.67 2.08
N ALA B 40 -19.17 -0.66 1.26
CA ALA B 40 -18.48 0.61 1.41
C ALA B 40 -18.96 1.32 2.66
N GLU B 41 -20.14 0.96 3.10
CA GLU B 41 -20.72 1.49 4.32
C GLU B 41 -20.66 0.42 5.40
N VAL B 42 -20.08 0.77 6.53
CA VAL B 42 -19.97 -0.18 7.61
C VAL B 42 -21.18 -0.11 8.52
N ASN B 43 -22.10 -1.02 8.31
CA ASN B 43 -23.30 -1.11 9.12
C ASN B 43 -23.01 -1.94 10.36
N ILE B 44 -22.72 -1.26 11.46
CA ILE B 44 -22.45 -1.93 12.71
C ILE B 44 -23.72 -2.01 13.54
N ASN B 45 -24.17 -0.86 14.02
CA ASN B 45 -25.42 -0.75 14.75
C ASN B 45 -25.83 0.72 14.84
N ASN B 46 -26.68 1.13 13.89
CA ASN B 46 -27.13 2.52 13.79
C ASN B 46 -26.04 3.44 13.22
N SER B 47 -24.83 3.29 13.74
CA SER B 47 -23.70 4.07 13.26
C SER B 47 -23.18 3.49 11.94
N VAL B 48 -23.32 4.26 10.87
CA VAL B 48 -22.88 3.84 9.56
C VAL B 48 -22.14 4.98 8.87
N PHE B 49 -21.04 4.67 8.20
CA PHE B 49 -20.30 5.70 7.46
C PHE B 49 -19.51 5.07 6.30
N ARG B 50 -19.25 5.88 5.29
CA ARG B 50 -18.43 5.47 4.16
C ARG B 50 -17.18 6.32 4.07
N GLN B 51 -16.05 5.68 3.84
CA GLN B 51 -14.80 6.40 3.61
C GLN B 51 -14.25 6.01 2.25
N TYR B 52 -14.96 5.10 1.58
CA TYR B 52 -14.59 4.58 0.27
C TYR B 52 -13.35 3.69 0.38
N PHE B 53 -12.97 3.09 -0.73
CA PHE B 53 -11.79 2.21 -0.75
C PHE B 53 -10.72 2.76 -1.66
N PHE B 54 -9.51 2.89 -1.12
CA PHE B 54 -8.38 3.43 -1.86
C PHE B 54 -7.71 2.35 -2.69
N GLU B 55 -7.85 2.44 -4.01
CA GLU B 55 -7.21 1.51 -4.92
C GLU B 55 -6.36 2.26 -5.93
N THR B 56 -5.05 2.02 -5.89
CA THR B 56 -4.14 2.66 -6.82
C THR B 56 -3.78 1.69 -7.93
N LYS B 57 -4.27 1.99 -9.13
CA LYS B 57 -4.15 1.09 -10.25
C LYS B 57 -3.06 1.56 -11.20
N CYS B 58 -2.49 0.63 -11.95
CA CYS B 58 -1.42 0.93 -12.88
C CYS B 58 -1.98 1.53 -14.17
N ARG B 59 -1.49 2.73 -14.51
CA ARG B 59 -1.84 3.36 -15.78
C ARG B 59 -0.92 2.82 -16.86
N ALA B 60 -1.42 1.85 -17.63
CA ALA B 60 -0.64 1.18 -18.67
C ALA B 60 0.52 0.40 -18.03
N SER B 61 1.48 -0.01 -18.84
CA SER B 61 2.60 -0.77 -18.34
C SER B 61 3.80 -0.67 -19.29
N ASN B 62 4.99 -0.56 -18.70
CA ASN B 62 6.25 -0.51 -19.45
C ASN B 62 6.32 0.70 -20.37
N PRO B 63 6.55 1.90 -19.80
CA PRO B 63 6.72 3.13 -20.59
C PRO B 63 7.99 3.08 -21.46
N VAL B 64 8.93 2.24 -21.06
CA VAL B 64 10.18 2.07 -21.79
C VAL B 64 10.44 0.59 -22.06
N GLU B 65 11.26 0.31 -23.06
CA GLU B 65 11.56 -1.07 -23.43
C GLU B 65 12.66 -1.63 -22.53
N SER B 66 12.25 -2.04 -21.34
CA SER B 66 13.14 -2.63 -20.35
C SER B 66 12.36 -2.84 -19.06
N GLY B 67 11.46 -1.91 -18.78
CA GLY B 67 10.65 -1.99 -17.60
C GLY B 67 9.98 -0.68 -17.26
N CYS B 68 10.60 0.08 -16.38
CA CYS B 68 10.08 1.39 -16.00
C CYS B 68 11.16 2.45 -16.23
N ARG B 69 10.77 3.71 -16.14
CA ARG B 69 11.70 4.81 -16.40
C ARG B 69 12.84 4.78 -15.39
N GLY B 70 14.06 4.66 -15.89
CA GLY B 70 15.22 4.55 -15.02
C GLY B 70 15.86 3.18 -15.12
N ILE B 71 15.03 2.17 -15.36
CA ILE B 71 15.50 0.79 -15.49
C ILE B 71 16.09 0.57 -16.87
N ASP B 72 17.31 0.09 -16.92
CA ASP B 72 17.95 -0.26 -18.18
C ASP B 72 18.90 -1.43 -17.95
N SER B 73 18.36 -2.63 -17.95
CA SER B 73 19.15 -3.82 -17.66
C SER B 73 18.66 -4.99 -18.49
N LYS B 74 19.59 -5.88 -18.83
CA LYS B 74 19.26 -7.10 -19.52
C LYS B 74 19.13 -8.24 -18.51
N HIS B 75 19.56 -7.97 -17.29
CA HIS B 75 19.49 -8.94 -16.21
C HIS B 75 18.14 -8.87 -15.52
N TRP B 76 17.55 -7.69 -15.54
CA TRP B 76 16.28 -7.46 -14.89
C TRP B 76 15.22 -7.10 -15.91
N ASN B 77 14.03 -7.65 -15.72
CA ASN B 77 12.86 -7.18 -16.44
C ASN B 77 11.89 -6.60 -15.45
N SER B 78 11.35 -5.44 -15.73
CA SER B 78 10.48 -4.79 -14.78
C SER B 78 9.10 -4.56 -15.38
N TYR B 79 8.09 -4.57 -14.53
CA TYR B 79 6.73 -4.29 -14.95
C TYR B 79 5.92 -3.78 -13.78
N CYS B 80 4.80 -3.15 -14.09
CA CYS B 80 3.98 -2.47 -13.11
C CYS B 80 3.04 -3.46 -12.44
N THR B 81 3.24 -3.67 -11.15
CA THR B 81 2.42 -4.61 -10.39
C THR B 81 1.80 -3.91 -9.21
N THR B 82 0.51 -4.13 -9.00
CA THR B 82 -0.18 -3.54 -7.89
C THR B 82 0.05 -4.34 -6.60
N THR B 83 0.40 -3.66 -5.53
CA THR B 83 0.56 -4.29 -4.25
C THR B 83 -0.80 -4.57 -3.63
N HIS B 84 -1.05 -5.83 -3.32
CA HIS B 84 -2.34 -6.23 -2.80
C HIS B 84 -2.25 -6.49 -1.31
N THR B 85 -2.96 -5.68 -0.53
CA THR B 85 -2.93 -5.83 0.92
C THR B 85 -4.32 -6.15 1.45
N PHE B 86 -4.40 -6.65 2.67
CA PHE B 86 -5.67 -7.06 3.24
C PHE B 86 -6.17 -6.02 4.21
N VAL B 87 -7.31 -5.43 3.90
CA VAL B 87 -7.89 -4.38 4.71
C VAL B 87 -9.14 -4.88 5.43
N LYS B 88 -9.32 -4.43 6.67
CA LYS B 88 -10.47 -4.81 7.47
C LYS B 88 -11.71 -4.02 7.06
N ALA B 89 -12.58 -4.69 6.32
CA ALA B 89 -13.80 -4.07 5.83
C ALA B 89 -15.00 -4.95 6.18
N LEU B 90 -16.13 -4.32 6.41
CA LEU B 90 -17.37 -5.05 6.63
C LEU B 90 -17.83 -5.64 5.31
N THR B 91 -17.89 -6.95 5.24
CA THR B 91 -18.28 -7.63 4.03
C THR B 91 -19.41 -8.59 4.31
N THR B 92 -20.17 -8.94 3.29
CA THR B 92 -21.24 -9.90 3.46
C THR B 92 -21.02 -11.11 2.57
N ASP B 93 -20.94 -12.27 3.21
CA ASP B 93 -20.77 -13.54 2.51
C ASP B 93 -22.03 -13.88 1.72
N GLU B 94 -23.19 -13.69 2.36
CA GLU B 94 -24.47 -13.92 1.70
C GLU B 94 -25.60 -13.29 2.50
N LYS B 95 -25.89 -13.88 3.66
CA LYS B 95 -26.98 -13.40 4.51
C LYS B 95 -26.45 -12.53 5.64
N GLN B 96 -25.24 -12.82 6.09
CA GLN B 96 -24.65 -12.11 7.22
C GLN B 96 -23.54 -11.17 6.77
N ALA B 97 -23.35 -10.09 7.52
CA ALA B 97 -22.28 -9.16 7.28
C ALA B 97 -21.30 -9.18 8.46
N ALA B 98 -20.01 -9.21 8.16
CA ALA B 98 -19.00 -9.28 9.19
C ALA B 98 -17.71 -8.63 8.73
N TRP B 99 -16.87 -8.25 9.68
CA TRP B 99 -15.59 -7.64 9.36
C TRP B 99 -14.61 -8.67 8.84
N ARG B 100 -14.23 -8.52 7.58
CA ARG B 100 -13.27 -9.42 6.96
C ARG B 100 -12.08 -8.63 6.45
N PHE B 101 -11.08 -9.34 5.98
CA PHE B 101 -9.84 -8.71 5.58
C PHE B 101 -9.59 -9.00 4.11
N ILE B 102 -9.82 -8.01 3.27
CA ILE B 102 -9.87 -8.24 1.83
C ILE B 102 -8.69 -7.58 1.13
N ARG B 103 -8.19 -8.26 0.11
CA ARG B 103 -7.04 -7.76 -0.63
C ARG B 103 -7.44 -6.69 -1.64
N ILE B 104 -6.75 -5.56 -1.57
CA ILE B 104 -6.95 -4.48 -2.51
C ILE B 104 -5.60 -4.03 -3.08
N ASP B 105 -5.63 -3.48 -4.29
CA ASP B 105 -4.44 -2.94 -4.92
C ASP B 105 -4.20 -1.52 -4.43
N THR B 106 -3.23 -1.38 -3.53
CA THR B 106 -3.01 -0.14 -2.81
C THR B 106 -2.01 0.77 -3.54
N ALA B 107 -1.07 0.18 -4.25
CA ALA B 107 -0.06 0.94 -4.96
C ALA B 107 0.41 0.20 -6.20
N CYS B 108 0.90 0.94 -7.18
CA CYS B 108 1.45 0.33 -8.38
C CYS B 108 2.96 0.46 -8.37
N VAL B 109 3.63 -0.66 -8.16
CA VAL B 109 5.08 -0.66 -8.02
C VAL B 109 5.73 -1.29 -9.25
N CYS B 110 6.99 -0.98 -9.46
CA CYS B 110 7.74 -1.59 -10.55
C CYS B 110 8.54 -2.74 -10.01
N VAL B 111 8.11 -3.95 -10.32
CA VAL B 111 8.75 -5.15 -9.77
C VAL B 111 9.83 -5.66 -10.70
N LEU B 112 10.81 -6.34 -10.14
CA LEU B 112 11.91 -6.89 -10.91
C LEU B 112 11.72 -8.38 -11.13
N SER B 113 12.07 -8.85 -12.31
CA SER B 113 12.13 -10.27 -12.60
C SER B 113 13.53 -10.61 -13.07
N ARG B 114 14.05 -11.74 -12.60
CA ARG B 114 15.44 -12.13 -12.85
C ARG B 114 15.62 -12.73 -14.23
N LYS B 115 14.50 -12.89 -14.95
CA LYS B 115 14.52 -13.43 -16.31
C LYS B 115 15.15 -14.82 -16.36
N ALA B 116 14.91 -15.59 -15.31
CA ALA B 116 15.53 -16.91 -15.18
C ALA B 116 14.79 -17.94 -16.02
N THR B 117 15.51 -18.97 -16.46
CA THR B 117 14.92 -20.04 -17.23
C THR B 117 15.29 -21.39 -16.61
N ARG B 118 14.43 -22.38 -16.79
CA ARG B 118 14.67 -23.71 -16.24
C ARG B 118 13.96 -24.78 -17.07
#